data_4WSR
#
_entry.id   4WSR
#
_cell.length_a   252.545
_cell.length_b   134.822
_cell.length_c   123.093
_cell.angle_alpha   90.00
_cell.angle_beta   113.23
_cell.angle_gamma   90.00
#
_symmetry.space_group_name_H-M   'C 1 2 1'
#
loop_
_entity.id
_entity.type
_entity.pdbx_description
1 polymer Hemagglutinin
2 branched 2-acetamido-2-deoxy-beta-D-glucopyranose-(1-4)-2-acetamido-2-deoxy-beta-D-glucopyranose
3 non-polymer 2-acetamido-2-deoxy-beta-D-glucopyranose
4 water water
#
_entity_poly.entity_id   1
_entity_poly.type   'polypeptide(L)'
_entity_poly.pdbx_seq_one_letter_code
;ADPGDKICIGYHANNSTTQVDTILEKNVTVTHSVELLETQKESRFCRVLNKAPLDLGDCTTEGWILGNPRCDKLLGDRSW
SYIVERPDAQNGICYPGVLKEAEELKALIGSIDTIQRFEMFPKSTWTGVDTNSGVTSACTYNGGSSFYRNLLWIIKIRSD
PYSLIKGTYTNTGSQSILYFWGVHHPPDDVEQANLYGLGTRYVRMGTESMNFAKGPEIADRPPANGQRGRIDYYWSVLKP
GETLNVESNGNLIAPWYAYKFTSSRHKGAIFRSDLPIENCDAVCQTLTGAINTNKTFQNVSPIWIGECPKYVKSKSLKLA
TGLRNVPQVKTRGLFGAIAGFIEGGWTGMVDGWYGYHHENSQGSGYAADKESTQKAIDGITNKVNSIIDKMNTQFEAVEH
EFSNLEKRISNLNKRMEDGFLDVWTYNAELLVLLENERTLDMHDANVKNLHEKVKSQLRDNAKDLGNGCFEFWHKCDNEC
INSVKNGTYNYPKYQEESRLNRQEIKSGRLVPRG
;
_entity_poly.pdbx_strand_id   A,B,C,E,D,F
#
loop_
_chem_comp.id
_chem_comp.type
_chem_comp.name
_chem_comp.formula
NAG D-saccharide, beta linking 2-acetamido-2-deoxy-beta-D-glucopyranose 'C8 H15 N O6'
#
# COMPACT_ATOMS: atom_id res chain seq x y z
N ASP A 5 65.54 -24.91 -27.70
CA ASP A 5 64.13 -24.51 -27.99
C ASP A 5 63.16 -25.16 -27.01
N LYS A 6 62.24 -24.35 -26.46
CA LYS A 6 61.31 -24.83 -25.44
C LYS A 6 59.89 -24.22 -25.51
N ILE A 7 58.94 -24.95 -24.90
CA ILE A 7 57.56 -24.50 -24.71
C ILE A 7 57.12 -24.80 -23.28
N CYS A 8 56.51 -23.82 -22.63
CA CYS A 8 56.02 -24.03 -21.29
C CYS A 8 54.49 -23.91 -21.22
N ILE A 9 53.92 -24.56 -20.20
CA ILE A 9 52.52 -24.45 -19.85
C ILE A 9 52.40 -23.79 -18.47
N GLY A 10 51.57 -22.77 -18.40
CA GLY A 10 51.39 -22.07 -17.15
C GLY A 10 50.02 -21.43 -17.01
N TYR A 11 49.87 -20.69 -15.94
CA TYR A 11 48.62 -20.08 -15.59
C TYR A 11 48.86 -18.69 -15.06
N HIS A 12 47.76 -17.91 -15.09
CA HIS A 12 47.76 -16.49 -14.75
C HIS A 12 48.16 -16.24 -13.32
N ALA A 13 48.87 -15.15 -13.12
CA ALA A 13 49.08 -14.63 -11.79
C ALA A 13 48.89 -13.12 -11.85
N ASN A 14 48.79 -12.49 -10.68
CA ASN A 14 48.63 -11.06 -10.62
C ASN A 14 49.04 -10.57 -9.25
N ASN A 15 48.71 -9.32 -8.93
CA ASN A 15 49.14 -8.68 -7.68
C ASN A 15 48.12 -8.82 -6.55
N SER A 16 47.05 -9.60 -6.76
CA SER A 16 45.97 -9.78 -5.79
C SER A 16 46.46 -10.32 -4.46
N THR A 17 45.95 -9.73 -3.38
CA THR A 17 46.27 -10.19 -2.02
C THR A 17 45.04 -10.77 -1.32
N THR A 18 43.93 -10.89 -2.06
CA THR A 18 42.69 -11.40 -1.51
C THR A 18 42.85 -12.87 -1.19
N GLN A 19 42.43 -13.27 -0.01
CA GLN A 19 42.46 -14.68 0.37
C GLN A 19 41.06 -15.33 0.47
N VAL A 20 41.00 -16.65 0.30
CA VAL A 20 39.83 -17.43 0.61
C VAL A 20 40.20 -18.64 1.43
N ASP A 21 39.21 -19.28 2.05
CA ASP A 21 39.42 -20.55 2.76
C ASP A 21 38.81 -21.70 1.98
N THR A 22 39.35 -22.89 2.19
CA THR A 22 38.77 -24.11 1.63
C THR A 22 38.75 -25.17 2.72
N ILE A 23 38.11 -26.29 2.39
CA ILE A 23 37.99 -27.37 3.34
C ILE A 23 39.36 -27.95 3.76
N LEU A 24 40.33 -27.89 2.84
CA LEU A 24 41.68 -28.43 3.10
C LEU A 24 42.71 -27.42 3.55
N GLU A 25 42.52 -26.14 3.22
CA GLU A 25 43.54 -25.13 3.39
C GLU A 25 42.98 -23.76 3.71
N LYS A 26 43.60 -22.99 4.60
CA LYS A 26 43.11 -21.65 4.94
C LYS A 26 44.04 -20.59 4.40
N ASN A 27 43.54 -19.37 4.28
CA ASN A 27 44.35 -18.22 3.89
C ASN A 27 45.10 -18.49 2.59
N VAL A 28 44.34 -18.85 1.57
CA VAL A 28 44.89 -19.14 0.25
C VAL A 28 44.65 -17.94 -0.66
N THR A 29 45.74 -17.36 -1.15
CA THR A 29 45.64 -16.17 -1.98
C THR A 29 45.17 -16.58 -3.37
N VAL A 30 44.24 -15.82 -3.94
CA VAL A 30 43.71 -16.14 -5.24
C VAL A 30 43.64 -14.89 -6.07
N THR A 31 43.45 -15.08 -7.36
CA THR A 31 43.63 -14.03 -8.34
C THR A 31 42.36 -13.24 -8.56
N HIS A 32 41.23 -13.93 -8.44
CA HIS A 32 39.90 -13.33 -8.51
C HIS A 32 38.98 -14.03 -7.53
N SER A 33 38.01 -13.28 -7.03
CA SER A 33 37.12 -13.78 -6.02
C SER A 33 35.89 -12.92 -5.97
N VAL A 34 34.88 -13.38 -5.26
CA VAL A 34 33.67 -12.61 -5.07
C VAL A 34 33.20 -12.78 -3.63
N GLU A 35 32.85 -11.66 -3.00
CA GLU A 35 32.32 -11.67 -1.64
C GLU A 35 30.80 -11.81 -1.77
N LEU A 36 30.24 -12.84 -1.19
CA LEU A 36 28.79 -13.05 -1.26
C LEU A 36 28.05 -12.31 -0.13
N LEU A 37 28.77 -11.85 0.90
CA LEU A 37 28.18 -11.31 2.11
C LEU A 37 28.24 -9.81 2.17
N GLU A 38 27.08 -9.19 2.43
CA GLU A 38 27.03 -7.72 2.59
C GLU A 38 27.15 -7.39 4.05
N THR A 39 28.09 -6.53 4.41
CA THR A 39 28.27 -6.15 5.83
C THR A 39 27.93 -4.70 6.13
N GLN A 40 27.66 -3.91 5.10
CA GLN A 40 27.47 -2.47 5.30
C GLN A 40 26.01 -2.08 5.32
N LYS A 41 25.72 -1.02 6.06
CA LYS A 41 24.37 -0.44 6.13
C LYS A 41 24.49 1.01 6.54
N GLU A 42 23.50 1.79 6.14
CA GLU A 42 23.33 3.14 6.62
C GLU A 42 22.53 3.07 7.93
N SER A 43 23.03 3.67 8.98
CA SER A 43 22.34 3.69 10.25
C SER A 43 21.17 4.68 10.32
N ARG A 44 20.11 4.39 9.59
CA ARG A 44 18.96 5.27 9.58
C ARG A 44 17.77 4.55 8.98
N PHE A 45 16.60 5.18 9.11
CA PHE A 45 15.35 4.63 8.58
C PHE A 45 14.90 5.42 7.39
N CYS A 46 14.71 4.72 6.27
CA CYS A 46 14.28 5.30 5.01
C CYS A 46 12.88 4.87 4.61
N ARG A 47 12.37 5.48 3.54
CA ARG A 47 11.12 5.05 2.93
C ARG A 47 11.31 3.71 2.28
N VAL A 48 10.25 2.90 2.32
CA VAL A 48 10.23 1.63 1.62
C VAL A 48 9.03 1.59 0.61
N LEU A 49 9.30 1.24 -0.65
CA LEU A 49 8.31 1.42 -1.75
C LEU A 49 7.72 2.83 -1.73
N ASN A 50 8.59 3.79 -1.46
CA ASN A 50 8.24 5.18 -1.38
C ASN A 50 7.24 5.60 -0.31
N LYS A 51 7.11 4.78 0.71
CA LYS A 51 6.24 5.10 1.81
C LYS A 51 7.08 5.22 3.10
N ALA A 52 6.82 6.29 3.84
CA ALA A 52 7.62 6.66 4.97
C ALA A 52 7.19 5.85 6.19
N PRO A 53 8.14 5.61 7.12
CA PRO A 53 7.75 5.10 8.40
C PRO A 53 7.05 6.15 9.25
N LEU A 54 6.31 5.71 10.24
CA LEU A 54 5.66 6.59 11.17
C LEU A 54 6.50 6.61 12.44
N ASP A 55 6.94 7.79 12.83
CA ASP A 55 7.76 7.98 13.99
C ASP A 55 6.84 8.29 15.13
N LEU A 56 6.85 7.44 16.17
CA LEU A 56 5.98 7.67 17.29
C LEU A 56 6.53 8.69 18.28
N GLY A 57 7.75 9.17 18.07
CA GLY A 57 8.33 10.24 18.91
C GLY A 57 8.50 9.82 20.35
N ASP A 58 7.86 10.54 21.24
CA ASP A 58 7.90 10.21 22.67
C ASP A 58 6.68 9.37 23.10
N CYS A 59 6.00 8.75 22.15
CA CYS A 59 4.82 7.94 22.47
C CYS A 59 5.04 6.45 22.15
N THR A 60 4.47 5.59 22.99
CA THR A 60 4.48 4.18 22.72
C THR A 60 3.34 3.88 21.77
N THR A 61 3.36 2.67 21.24
CA THR A 61 2.33 2.25 20.36
C THR A 61 0.98 2.39 20.99
N GLU A 62 0.87 2.02 22.25
CA GLU A 62 -0.38 2.17 22.99
C GLU A 62 -0.72 3.62 23.25
N GLY A 63 0.24 4.46 23.59
CA GLY A 63 -0.06 5.87 23.77
C GLY A 63 -0.66 6.48 22.46
N TRP A 64 -0.07 6.14 21.34
CA TRP A 64 -0.50 6.62 20.04
C TRP A 64 -1.91 6.19 19.77
N ILE A 65 -2.11 4.89 19.82
CA ILE A 65 -3.37 4.34 19.33
C ILE A 65 -4.57 4.60 20.25
N LEU A 66 -4.34 4.71 21.52
CA LEU A 66 -5.40 5.13 22.44
C LEU A 66 -5.61 6.66 22.42
N GLY A 67 -4.67 7.41 21.90
CA GLY A 67 -4.77 8.88 21.87
C GLY A 67 -4.38 9.58 23.18
N ASN A 68 -3.34 9.10 23.84
CA ASN A 68 -2.73 9.84 25.00
C ASN A 68 -2.49 11.31 24.60
N PRO A 69 -2.94 12.27 25.40
CA PRO A 69 -3.02 13.65 24.88
C PRO A 69 -1.70 14.38 24.81
N ARG A 70 -0.64 13.72 25.19
CA ARG A 70 0.66 14.19 24.82
C ARG A 70 1.10 13.75 23.40
N CYS A 71 0.24 13.06 22.68
CA CYS A 71 0.64 12.45 21.43
C CYS A 71 -0.09 13.11 20.23
N ASP A 72 -0.53 14.35 20.39
CA ASP A 72 -1.32 15.06 19.39
C ASP A 72 -0.64 15.21 18.06
N LYS A 73 0.68 15.24 18.05
CA LYS A 73 1.36 15.27 16.76
C LYS A 73 1.02 14.06 15.91
N LEU A 74 0.47 12.99 16.50
CA LEU A 74 0.20 11.75 15.71
C LEU A 74 -1.27 11.58 15.38
N LEU A 75 -2.10 12.46 15.96
CA LEU A 75 -3.50 12.32 15.91
C LEU A 75 -4.04 12.40 14.48
N GLY A 76 -4.89 11.45 14.09
CA GLY A 76 -5.59 11.54 12.81
C GLY A 76 -5.19 10.47 11.83
N ASP A 77 -5.46 10.74 10.55
CA ASP A 77 -5.24 9.77 9.51
C ASP A 77 -3.78 9.64 9.25
N ARG A 78 -3.30 8.39 9.14
CA ARG A 78 -1.90 8.15 8.86
C ARG A 78 -1.74 6.95 7.99
N SER A 79 -0.59 6.89 7.35
CA SER A 79 -0.18 5.76 6.54
C SER A 79 1.27 5.50 6.72
N TRP A 80 1.70 4.25 6.64
CA TRP A 80 3.08 3.97 6.88
C TRP A 80 3.50 2.64 6.28
N SER A 81 4.81 2.53 6.01
CA SER A 81 5.40 1.29 5.57
C SER A 81 5.86 0.47 6.76
N TYR A 82 6.28 1.16 7.85
CA TYR A 82 6.57 0.53 9.12
C TYR A 82 6.55 1.57 10.22
N ILE A 83 6.61 1.11 11.47
CA ILE A 83 6.46 1.98 12.61
C ILE A 83 7.75 1.99 13.37
N VAL A 84 8.13 3.16 13.89
CA VAL A 84 9.35 3.30 14.67
C VAL A 84 9.00 3.82 16.03
N GLU A 85 9.18 2.96 17.05
CA GLU A 85 8.88 3.29 18.42
C GLU A 85 10.19 3.45 19.13
N ARG A 86 10.32 4.56 19.82
CA ARG A 86 11.56 4.91 20.50
C ARG A 86 11.60 4.15 21.83
N PRO A 87 12.70 3.49 22.16
CA PRO A 87 12.83 2.68 23.43
C PRO A 87 12.51 3.40 24.74
N ASP A 88 12.84 4.66 24.82
CA ASP A 88 12.54 5.44 26.01
C ASP A 88 11.26 6.27 25.96
N ALA A 89 10.35 5.93 25.06
CA ALA A 89 9.12 6.67 24.94
C ALA A 89 8.36 6.66 26.25
N GLN A 90 7.92 7.84 26.67
CA GLN A 90 7.33 8.04 28.00
C GLN A 90 5.82 8.10 28.01
N ASN A 91 5.22 8.33 26.85
CA ASN A 91 3.79 8.52 26.77
C ASN A 91 3.07 7.31 26.26
N GLY A 92 2.49 6.56 27.20
CA GLY A 92 1.81 5.30 26.89
C GLY A 92 0.50 5.25 27.59
N ILE A 93 0.31 4.22 28.40
CA ILE A 93 -0.94 4.05 29.12
C ILE A 93 -0.76 4.87 30.38
N CYS A 94 -1.34 6.07 30.40
CA CYS A 94 -1.05 7.00 31.48
C CYS A 94 -1.89 6.76 32.71
N TYR A 95 -3.19 6.55 32.52
CA TYR A 95 -4.02 6.10 33.67
C TYR A 95 -3.85 4.59 33.89
N PRO A 96 -3.44 4.18 35.08
CA PRO A 96 -2.90 2.83 35.23
C PRO A 96 -3.98 1.72 34.98
N GLY A 97 -3.53 0.63 34.37
CA GLY A 97 -4.34 -0.54 34.18
C GLY A 97 -3.76 -1.42 33.10
N VAL A 98 -4.53 -2.41 32.73
CA VAL A 98 -4.08 -3.41 31.71
C VAL A 98 -4.85 -3.30 30.42
N LEU A 99 -4.13 -3.39 29.30
CA LEU A 99 -4.77 -3.54 28.00
C LEU A 99 -4.85 -5.01 27.72
N LYS A 100 -6.07 -5.53 27.65
CA LYS A 100 -6.30 -6.92 27.29
C LYS A 100 -5.84 -7.28 25.87
N GLU A 101 -5.12 -8.39 25.77
CA GLU A 101 -4.51 -8.88 24.53
C GLU A 101 -3.63 -7.82 23.88
N ALA A 102 -2.80 -7.20 24.66
CA ALA A 102 -1.97 -6.14 24.13
C ALA A 102 -1.02 -6.59 23.03
N GLU A 103 -0.49 -7.79 23.18
CA GLU A 103 0.50 -8.25 22.27
C GLU A 103 -0.16 -8.57 20.91
N GLU A 104 -1.41 -9.08 20.93
CA GLU A 104 -2.13 -9.35 19.70
C GLU A 104 -2.54 -8.05 19.00
N LEU A 105 -2.83 -7.03 19.78
CA LEU A 105 -3.06 -5.70 19.22
C LEU A 105 -1.86 -5.22 18.42
N LYS A 106 -0.67 -5.35 18.97
CA LYS A 106 0.50 -4.90 18.25
C LYS A 106 0.72 -5.69 17.00
N ALA A 107 0.49 -6.99 17.06
CA ALA A 107 0.62 -7.78 15.84
C ALA A 107 -0.38 -7.33 14.75
N LEU A 108 -1.60 -6.99 15.17
CA LEU A 108 -2.55 -6.42 14.27
C LEU A 108 -2.02 -5.12 13.66
N ILE A 109 -1.54 -4.22 14.53
CA ILE A 109 -1.10 -2.91 14.08
C ILE A 109 0.06 -2.98 13.12
N GLY A 110 0.98 -3.91 13.38
CA GLY A 110 2.09 -4.13 12.44
C GLY A 110 1.64 -4.66 11.09
N SER A 111 0.42 -5.17 10.97
CA SER A 111 -0.08 -5.62 9.67
C SER A 111 -0.89 -4.57 8.92
N ILE A 112 -1.08 -3.42 9.54
CA ILE A 112 -1.93 -2.37 9.00
C ILE A 112 -1.07 -1.41 8.26
N ASP A 113 -1.73 -0.79 7.30
CA ASP A 113 -1.21 0.06 6.24
C ASP A 113 -1.61 1.53 6.37
N THR A 114 -2.91 1.75 6.58
CA THR A 114 -3.48 3.08 6.65
C THR A 114 -4.60 3.05 7.65
N ILE A 115 -4.79 4.16 8.33
CA ILE A 115 -5.92 4.31 9.23
C ILE A 115 -6.55 5.66 8.96
N GLN A 116 -7.86 5.71 9.15
CA GLN A 116 -8.59 6.94 9.16
C GLN A 116 -9.31 7.03 10.50
N ARG A 117 -9.04 8.11 11.20
CA ARG A 117 -9.69 8.34 12.48
C ARG A 117 -11.00 9.01 12.29
N PHE A 118 -12.01 8.59 13.03
CA PHE A 118 -13.35 9.22 12.90
C PHE A 118 -14.07 9.13 14.23
N GLU A 119 -15.00 10.04 14.46
CA GLU A 119 -15.79 10.04 15.67
C GLU A 119 -16.87 8.96 15.59
N MET A 120 -16.75 7.93 16.41
CA MET A 120 -17.65 6.76 16.30
C MET A 120 -18.92 7.00 17.14
N PHE A 121 -18.72 7.56 18.33
CA PHE A 121 -19.78 7.89 19.26
C PHE A 121 -19.53 9.32 19.81
N PRO A 122 -20.25 10.33 19.28
CA PRO A 122 -20.09 11.66 19.80
C PRO A 122 -20.63 11.77 21.22
N LYS A 123 -20.21 12.80 21.95
CA LYS A 123 -20.56 12.97 23.34
C LYS A 123 -22.08 13.00 23.47
N SER A 124 -22.74 13.59 22.51
CA SER A 124 -24.17 13.69 22.51
C SER A 124 -24.85 12.32 22.58
N THR A 125 -24.14 11.24 22.28
CA THR A 125 -24.81 9.95 22.31
C THR A 125 -25.24 9.58 23.73
N TRP A 126 -24.61 10.17 24.75
CA TRP A 126 -24.79 9.73 26.13
C TRP A 126 -25.57 10.79 26.90
N THR A 127 -26.86 10.51 27.16
CA THR A 127 -27.77 11.50 27.74
C THR A 127 -27.98 11.29 29.23
N GLY A 128 -28.04 12.40 29.97
CA GLY A 128 -28.28 12.38 31.39
C GLY A 128 -27.04 12.10 32.20
N VAL A 129 -25.89 12.41 31.63
CA VAL A 129 -24.63 12.20 32.31
C VAL A 129 -23.66 13.32 31.99
N ASP A 130 -22.55 13.36 32.71
CA ASP A 130 -21.50 14.35 32.46
C ASP A 130 -20.44 13.71 31.55
N THR A 131 -20.27 14.30 30.38
CA THR A 131 -19.31 13.85 29.43
C THR A 131 -18.12 14.79 29.37
N ASN A 132 -18.07 15.83 30.21
CA ASN A 132 -17.00 16.86 30.11
C ASN A 132 -16.08 16.95 31.28
N SER A 133 -16.10 15.94 32.14
CA SER A 133 -15.34 16.01 33.38
C SER A 133 -14.46 14.79 33.59
N GLY A 134 -14.35 13.94 32.57
CA GLY A 134 -13.58 12.70 32.71
C GLY A 134 -12.13 12.87 32.43
N VAL A 135 -11.42 13.54 33.35
CA VAL A 135 -10.02 13.86 33.18
C VAL A 135 -9.26 13.43 34.41
N THR A 136 -7.94 13.27 34.31
CA THR A 136 -7.14 12.86 35.43
C THR A 136 -5.72 13.44 35.35
N SER A 137 -5.12 13.71 36.51
CA SER A 137 -3.76 14.20 36.60
C SER A 137 -2.75 13.19 36.11
N ALA A 138 -3.15 11.95 36.00
CA ALA A 138 -2.29 10.93 35.37
C ALA A 138 -2.04 11.13 33.87
N CYS A 139 -2.94 11.83 33.19
CA CYS A 139 -2.86 12.02 31.75
C CYS A 139 -2.93 13.49 31.47
N THR A 140 -1.77 14.14 31.54
CA THR A 140 -1.73 15.59 31.53
C THR A 140 -1.55 16.10 30.16
N TYR A 141 -2.08 17.28 29.92
CA TYR A 141 -1.90 17.99 28.68
C TYR A 141 -1.61 19.42 29.10
N ASN A 142 -0.38 19.86 28.84
CA ASN A 142 0.09 21.21 29.23
C ASN A 142 -0.12 21.50 30.70
N GLY A 143 0.36 20.59 31.55
CA GLY A 143 0.15 20.70 32.99
C GLY A 143 -1.24 20.34 33.49
N GLY A 144 -2.26 20.40 32.64
CA GLY A 144 -3.62 20.23 33.11
C GLY A 144 -3.99 18.78 33.11
N SER A 145 -5.01 18.45 33.86
CA SER A 145 -5.59 17.13 33.80
C SER A 145 -6.36 16.90 32.47
N SER A 146 -6.14 15.76 31.89
CA SER A 146 -6.74 15.41 30.62
C SER A 146 -7.05 13.89 30.52
N PHE A 147 -7.18 13.38 29.31
CA PHE A 147 -7.51 11.98 29.08
C PHE A 147 -7.31 11.60 27.65
N TYR A 148 -7.30 10.30 27.40
CA TYR A 148 -7.18 9.74 26.05
C TYR A 148 -8.16 10.39 25.12
N ARG A 149 -7.69 10.81 23.98
CA ARG A 149 -8.55 11.39 23.00
C ARG A 149 -9.47 10.38 22.25
N ASN A 150 -9.23 9.09 22.37
CA ASN A 150 -10.06 8.11 21.71
C ASN A 150 -11.08 7.44 22.63
N LEU A 151 -11.07 7.85 23.90
CA LEU A 151 -11.92 7.23 24.87
C LEU A 151 -12.60 8.35 25.64
N LEU A 152 -13.78 8.06 26.18
CA LEU A 152 -14.54 9.05 26.90
C LEU A 152 -14.87 8.57 28.27
N TRP A 153 -14.35 9.24 29.29
CA TRP A 153 -14.62 8.91 30.67
C TRP A 153 -15.86 9.65 31.16
N ILE A 154 -16.96 8.89 31.17
CA ILE A 154 -18.27 9.40 31.50
C ILE A 154 -18.48 9.24 33.01
N ILE A 155 -18.98 10.30 33.64
CA ILE A 155 -19.39 10.23 35.00
C ILE A 155 -20.79 10.82 35.20
N LYS A 156 -21.33 10.55 36.38
CA LYS A 156 -22.64 11.03 36.74
C LYS A 156 -22.61 12.56 36.99
N ILE A 157 -23.74 13.21 36.80
CA ILE A 157 -23.92 14.60 37.18
C ILE A 157 -24.17 14.58 38.67
N ARG A 158 -23.62 15.54 39.41
CA ARG A 158 -23.61 15.43 40.90
C ARG A 158 -25.00 15.33 41.48
N SER A 159 -25.93 16.14 40.97
CA SER A 159 -27.31 16.16 41.49
C SER A 159 -28.12 14.90 41.14
N ASP A 160 -27.81 14.30 40.00
CA ASP A 160 -28.69 13.30 39.42
C ASP A 160 -28.07 11.94 39.45
N PRO A 161 -28.90 10.88 39.39
CA PRO A 161 -28.31 9.56 39.29
C PRO A 161 -27.81 9.27 37.86
N TYR A 162 -26.92 8.29 37.74
CA TYR A 162 -26.36 7.92 36.46
C TYR A 162 -27.45 7.22 35.63
N SER A 163 -27.92 7.88 34.57
CA SER A 163 -28.98 7.35 33.69
C SER A 163 -28.52 6.06 32.99
N LEU A 164 -29.43 5.14 32.67
CA LEU A 164 -29.06 4.07 31.74
C LEU A 164 -28.72 4.76 30.43
N ILE A 165 -27.53 4.50 29.90
CA ILE A 165 -27.14 5.13 28.63
C ILE A 165 -26.93 4.08 27.55
N LYS A 166 -27.22 4.47 26.33
CA LYS A 166 -27.16 3.58 25.16
C LYS A 166 -26.57 4.31 23.97
N GLY A 167 -25.89 3.54 23.12
CA GLY A 167 -25.36 4.04 21.89
C GLY A 167 -25.23 2.92 20.88
N THR A 168 -25.32 3.24 19.60
CA THR A 168 -25.12 2.23 18.58
C THR A 168 -24.39 2.79 17.39
N TYR A 169 -23.60 1.97 16.73
CA TYR A 169 -22.87 2.37 15.54
C TYR A 169 -22.85 1.16 14.58
N THR A 170 -23.01 1.42 13.30
CA THR A 170 -22.96 0.35 12.32
C THR A 170 -21.83 0.60 11.35
N ASN A 171 -21.03 -0.42 11.06
CA ASN A 171 -20.01 -0.30 10.05
C ASN A 171 -20.57 -0.55 8.63
N THR A 172 -20.78 0.53 7.87
CA THR A 172 -21.39 0.42 6.56
C THR A 172 -20.38 0.51 5.45
N GLY A 173 -19.10 0.56 5.79
CA GLY A 173 -18.05 0.63 4.77
C GLY A 173 -17.51 -0.75 4.45
N SER A 174 -16.50 -0.77 3.59
CA SER A 174 -15.81 -2.02 3.28
C SER A 174 -14.56 -2.26 4.16
N GLN A 175 -14.17 -1.29 4.95
CA GLN A 175 -13.04 -1.44 5.87
C GLN A 175 -13.46 -1.84 7.28
N SER A 176 -12.66 -2.70 7.90
CA SER A 176 -12.79 -2.97 9.30
C SER A 176 -12.49 -1.75 10.13
N ILE A 177 -13.02 -1.76 11.34
CA ILE A 177 -12.82 -0.67 12.27
C ILE A 177 -12.19 -1.19 13.56
N LEU A 178 -11.10 -0.55 13.97
CA LEU A 178 -10.45 -0.85 15.24
C LEU A 178 -10.96 0.18 16.24
N TYR A 179 -11.51 -0.27 17.36
CA TYR A 179 -11.99 0.64 18.41
C TYR A 179 -11.64 0.14 19.82
N PHE A 180 -11.89 0.98 20.81
CA PHE A 180 -11.42 0.73 22.17
C PHE A 180 -12.48 1.12 23.18
N TRP A 181 -12.49 0.43 24.31
CA TRP A 181 -13.28 0.88 25.47
C TRP A 181 -12.63 0.42 26.75
N GLY A 182 -13.27 0.70 27.87
CA GLY A 182 -12.73 0.21 29.11
C GLY A 182 -13.77 0.15 30.22
N VAL A 183 -13.38 -0.48 31.34
CA VAL A 183 -14.18 -0.51 32.54
C VAL A 183 -13.35 0.12 33.63
N HIS A 184 -13.90 1.11 34.31
CA HIS A 184 -13.19 1.74 35.39
C HIS A 184 -13.44 1.05 36.72
N HIS A 185 -12.38 0.79 37.47
CA HIS A 185 -12.45 0.18 38.79
C HIS A 185 -11.92 1.14 39.86
N PRO A 186 -12.81 1.87 40.55
CA PRO A 186 -12.38 2.72 41.65
C PRO A 186 -11.81 1.94 42.81
N PRO A 187 -11.03 2.61 43.66
CA PRO A 187 -10.36 1.92 44.77
C PRO A 187 -11.28 1.59 45.96
N ASP A 188 -12.40 2.29 46.07
CA ASP A 188 -13.32 2.10 47.22
C ASP A 188 -14.76 2.54 46.90
N ASP A 189 -15.68 2.22 47.80
CA ASP A 189 -17.10 2.47 47.56
C ASP A 189 -17.44 3.96 47.57
N VAL A 190 -16.64 4.75 48.28
CA VAL A 190 -16.88 6.18 48.33
C VAL A 190 -16.71 6.79 46.96
N GLU A 191 -15.61 6.44 46.30
CA GLU A 191 -15.36 6.91 44.96
C GLU A 191 -16.34 6.33 43.92
N GLN A 192 -16.68 5.05 44.05
CA GLN A 192 -17.71 4.45 43.21
C GLN A 192 -18.98 5.27 43.29
N ALA A 193 -19.41 5.59 44.50
CA ALA A 193 -20.68 6.33 44.71
C ALA A 193 -20.62 7.73 44.11
N ASN A 194 -19.49 8.38 44.34
CA ASN A 194 -19.27 9.69 43.84
C ASN A 194 -19.41 9.78 42.30
N LEU A 195 -18.75 8.85 41.62
CA LEU A 195 -18.65 8.90 40.17
C LEU A 195 -19.80 8.24 39.42
N TYR A 196 -20.28 7.12 39.96
CA TYR A 196 -21.30 6.33 39.26
C TYR A 196 -22.57 6.07 40.13
N GLY A 197 -22.36 5.64 41.36
CA GLY A 197 -23.45 5.31 42.28
C GLY A 197 -23.24 3.91 42.80
N LEU A 198 -23.95 3.58 43.89
CA LEU A 198 -23.83 2.22 44.46
C LEU A 198 -24.81 1.28 43.74
N GLY A 199 -24.77 0.02 44.12
CA GLY A 199 -25.64 -0.99 43.53
C GLY A 199 -24.86 -1.67 42.44
N THR A 200 -25.53 -2.58 41.76
CA THR A 200 -24.94 -3.30 40.66
C THR A 200 -24.78 -2.34 39.49
N ARG A 201 -23.62 -2.40 38.85
CA ARG A 201 -23.30 -1.54 37.71
C ARG A 201 -22.74 -2.41 36.58
N TYR A 202 -23.06 -2.06 35.33
CA TYR A 202 -22.56 -2.88 34.21
C TYR A 202 -22.12 -2.07 33.00
N VAL A 203 -21.22 -2.70 32.26
CA VAL A 203 -20.78 -2.22 30.98
C VAL A 203 -21.00 -3.35 30.00
N ARG A 204 -21.88 -3.11 29.03
CA ARG A 204 -22.23 -4.11 28.06
C ARG A 204 -21.96 -3.63 26.65
N MET A 205 -21.30 -4.49 25.87
CA MET A 205 -20.97 -4.24 24.52
C MET A 205 -21.41 -5.45 23.69
N GLY A 206 -22.08 -5.19 22.57
CA GLY A 206 -22.57 -6.28 21.74
C GLY A 206 -22.54 -6.08 20.26
N THR A 207 -22.16 -7.14 19.58
CA THR A 207 -21.94 -7.16 18.16
C THR A 207 -22.60 -8.45 17.63
N GLU A 208 -22.64 -8.64 16.31
CA GLU A 208 -23.12 -9.89 15.77
C GLU A 208 -22.27 -11.05 16.23
N SER A 209 -21.01 -10.78 16.54
CA SER A 209 -20.00 -11.82 16.79
C SER A 209 -19.15 -11.68 18.05
N MET A 210 -19.48 -10.75 18.95
CA MET A 210 -18.80 -10.64 20.22
C MET A 210 -19.75 -10.08 21.23
N ASN A 211 -19.61 -10.56 22.46
CA ASN A 211 -20.47 -10.15 23.54
C ASN A 211 -19.65 -9.88 24.81
N PHE A 212 -19.98 -8.83 25.53
CA PHE A 212 -19.16 -8.39 26.59
C PHE A 212 -20.09 -7.84 27.60
N ALA A 213 -19.90 -8.24 28.84
CA ALA A 213 -20.70 -7.73 29.95
C ALA A 213 -19.91 -7.86 31.23
N LYS A 214 -19.60 -6.74 31.85
CA LYS A 214 -18.69 -6.72 33.00
C LYS A 214 -19.05 -5.60 33.94
N GLY A 215 -18.61 -5.74 35.18
CA GLY A 215 -18.82 -4.74 36.21
C GLY A 215 -17.54 -4.31 36.91
N PRO A 216 -17.64 -3.31 37.78
CA PRO A 216 -16.51 -2.86 38.59
C PRO A 216 -16.04 -3.94 39.51
N GLU A 217 -14.74 -4.17 39.56
CA GLU A 217 -14.06 -5.00 40.57
C GLU A 217 -13.30 -4.06 41.53
N ILE A 218 -14.04 -3.45 42.44
CA ILE A 218 -13.52 -2.48 43.40
C ILE A 218 -12.51 -3.02 44.41
N ALA A 219 -11.36 -2.34 44.54
CA ALA A 219 -10.31 -2.76 45.47
C ALA A 219 -9.32 -1.63 45.66
N ASP A 220 -8.83 -1.45 46.89
CA ASP A 220 -7.79 -0.46 47.15
C ASP A 220 -6.40 -1.01 46.78
N ARG A 221 -5.72 -0.36 45.85
CA ARG A 221 -4.44 -0.85 45.37
C ARG A 221 -3.39 0.25 45.48
N PRO A 222 -2.12 -0.13 45.43
CA PRO A 222 -1.13 0.90 45.61
C PRO A 222 -1.23 1.91 44.47
N PRO A 223 -0.84 3.17 44.73
CA PRO A 223 -0.98 4.17 43.66
C PRO A 223 0.01 3.90 42.56
N ALA A 224 -0.43 4.12 41.33
CA ALA A 224 0.44 4.06 40.16
C ALA A 224 0.14 5.32 39.37
N ASN A 225 1.18 6.05 38.97
CA ASN A 225 1.04 7.39 38.39
C ASN A 225 0.05 8.21 39.21
N GLY A 226 0.15 8.10 40.53
CA GLY A 226 -0.70 8.88 41.42
C GLY A 226 -2.13 8.45 41.58
N GLN A 227 -2.47 7.29 41.06
CA GLN A 227 -3.87 6.83 41.10
C GLN A 227 -4.06 5.47 41.76
N ARG A 228 -5.05 5.41 42.60
CA ARG A 228 -5.40 4.15 43.25
C ARG A 228 -6.45 3.37 42.42
N GLY A 229 -7.14 4.07 41.52
CA GLY A 229 -8.04 3.42 40.54
C GLY A 229 -7.30 2.74 39.41
N ARG A 230 -8.05 1.95 38.64
CA ARG A 230 -7.51 1.29 37.45
C ARG A 230 -8.58 1.23 36.36
N ILE A 231 -8.14 1.09 35.13
CA ILE A 231 -9.01 0.83 34.04
C ILE A 231 -8.55 -0.45 33.36
N ASP A 232 -9.51 -1.32 33.07
CA ASP A 232 -9.28 -2.44 32.15
C ASP A 232 -9.62 -1.92 30.75
N TYR A 233 -8.61 -1.84 29.92
CA TYR A 233 -8.77 -1.40 28.60
C TYR A 233 -9.05 -2.59 27.68
N TYR A 234 -9.97 -2.43 26.74
CA TYR A 234 -10.23 -3.45 25.74
C TYR A 234 -10.19 -2.90 24.33
N TRP A 235 -9.89 -3.78 23.37
CA TRP A 235 -9.97 -3.44 21.97
C TRP A 235 -10.70 -4.50 21.17
N SER A 236 -11.15 -4.12 19.98
CA SER A 236 -11.82 -5.05 19.11
C SER A 236 -11.94 -4.48 17.72
N VAL A 237 -12.41 -5.30 16.81
CA VAL A 237 -12.50 -4.94 15.45
C VAL A 237 -13.96 -5.17 15.01
N LEU A 238 -14.61 -4.11 14.57
CA LEU A 238 -15.99 -4.19 14.11
C LEU A 238 -15.90 -4.40 12.62
N LYS A 239 -16.38 -5.54 12.17
CA LYS A 239 -16.20 -5.95 10.77
C LYS A 239 -17.17 -5.22 9.86
N PRO A 240 -16.86 -5.16 8.56
CA PRO A 240 -17.82 -4.57 7.61
C PRO A 240 -19.19 -5.21 7.72
N GLY A 241 -20.23 -4.40 7.87
CA GLY A 241 -21.61 -4.86 8.02
C GLY A 241 -22.11 -4.94 9.46
N GLU A 242 -21.18 -5.08 10.41
CA GLU A 242 -21.57 -5.36 11.80
C GLU A 242 -22.02 -4.11 12.49
N THR A 243 -22.82 -4.30 13.54
CA THR A 243 -23.23 -3.15 14.30
C THR A 243 -22.87 -3.39 15.80
N LEU A 244 -22.51 -2.30 16.47
CA LEU A 244 -22.15 -2.34 17.88
C LEU A 244 -23.21 -1.64 18.71
N ASN A 245 -23.65 -2.29 19.80
CA ASN A 245 -24.51 -1.64 20.78
C ASN A 245 -23.79 -1.55 22.12
N VAL A 246 -23.93 -0.40 22.76
CA VAL A 246 -23.31 -0.12 24.02
C VAL A 246 -24.43 0.21 24.99
N GLU A 247 -24.40 -0.41 26.16
CA GLU A 247 -25.26 -0.03 27.29
C GLU A 247 -24.45 0.01 28.60
N SER A 248 -24.75 1.00 29.43
CA SER A 248 -24.19 1.05 30.74
C SER A 248 -24.99 1.90 31.71
N ASN A 249 -24.93 1.54 32.98
CA ASN A 249 -25.42 2.39 34.05
C ASN A 249 -24.28 2.86 34.95
N GLY A 250 -23.06 2.74 34.46
CA GLY A 250 -21.88 3.25 35.17
C GLY A 250 -20.61 2.46 34.89
N ASN A 251 -19.47 3.11 35.12
CA ASN A 251 -18.14 2.50 34.98
C ASN A 251 -17.66 2.28 33.55
N LEU A 252 -18.35 2.92 32.61
CA LEU A 252 -18.00 2.83 31.24
C LEU A 252 -16.96 3.88 30.84
N ILE A 253 -15.90 3.41 30.18
CA ILE A 253 -14.99 4.27 29.48
C ILE A 253 -15.34 4.00 28.04
N ALA A 254 -16.05 4.95 27.41
CA ALA A 254 -16.66 4.69 26.14
C ALA A 254 -15.69 4.89 24.99
N PRO A 255 -15.82 4.09 23.93
CA PRO A 255 -15.18 4.51 22.71
C PRO A 255 -15.68 5.90 22.30
N TRP A 256 -14.75 6.73 21.83
CA TRP A 256 -15.11 8.03 21.31
C TRP A 256 -14.76 8.14 19.84
N TYR A 257 -13.47 8.08 19.54
CA TYR A 257 -13.01 8.00 18.16
C TYR A 257 -12.40 6.64 17.93
N ALA A 258 -12.42 6.22 16.68
CA ALA A 258 -11.92 4.92 16.27
C ALA A 258 -11.27 5.01 14.90
N TYR A 259 -10.82 3.89 14.35
CA TYR A 259 -10.03 3.88 13.14
C TYR A 259 -10.55 2.92 12.10
N LYS A 260 -10.97 3.44 10.96
CA LYS A 260 -11.15 2.58 9.81
C LYS A 260 -9.78 2.25 9.29
N PHE A 261 -9.53 1.00 8.92
CA PHE A 261 -8.17 0.66 8.51
C PHE A 261 -8.12 -0.26 7.36
N THR A 262 -6.97 -0.28 6.70
CA THR A 262 -6.69 -1.25 5.64
C THR A 262 -5.51 -2.14 6.09
N SER A 263 -5.51 -3.39 5.64
CA SER A 263 -4.43 -4.33 5.93
C SER A 263 -3.43 -4.28 4.81
N SER A 264 -2.16 -4.22 5.16
CA SER A 264 -1.15 -4.05 4.15
C SER A 264 -1.06 -5.29 3.27
N ARG A 265 -0.64 -5.06 2.02
CA ARG A 265 -0.28 -6.13 1.11
C ARG A 265 1.16 -6.62 1.38
N HIS A 266 1.91 -5.82 2.13
CA HIS A 266 3.32 -6.08 2.35
C HIS A 266 3.52 -6.38 3.79
N LYS A 267 4.60 -7.09 4.07
CA LYS A 267 5.02 -7.26 5.44
C LYS A 267 5.44 -5.90 6.04
N GLY A 268 4.93 -5.61 7.23
CA GLY A 268 5.31 -4.41 7.97
C GLY A 268 6.07 -4.80 9.22
N ALA A 269 6.22 -3.86 10.12
CA ALA A 269 6.92 -4.10 11.36
C ALA A 269 6.76 -2.91 12.31
N ILE A 270 6.98 -3.19 13.59
CA ILE A 270 7.25 -2.17 14.57
C ILE A 270 8.69 -2.31 15.00
N PHE A 271 9.54 -1.34 14.65
CA PHE A 271 10.93 -1.34 15.07
C PHE A 271 11.10 -0.51 16.35
N ARG A 272 11.80 -1.04 17.35
CA ARG A 272 12.12 -0.32 18.56
C ARG A 272 13.56 0.13 18.52
N SER A 273 13.79 1.41 18.25
CA SER A 273 15.09 1.89 17.85
C SER A 273 15.20 3.36 18.02
N ASP A 274 16.42 3.84 18.21
CA ASP A 274 16.68 5.26 18.30
C ASP A 274 17.25 5.84 17.03
N LEU A 275 17.35 5.04 15.97
CA LEU A 275 17.95 5.50 14.74
C LEU A 275 17.13 6.59 14.09
N PRO A 276 17.81 7.54 13.45
CA PRO A 276 17.08 8.66 12.87
C PRO A 276 16.34 8.31 11.60
N ILE A 277 15.20 8.95 11.40
CA ILE A 277 14.45 8.84 10.14
C ILE A 277 14.86 9.96 9.23
N GLU A 278 15.19 9.65 7.99
CA GLU A 278 15.74 10.65 7.08
C GLU A 278 15.06 10.59 5.74
N ASN A 279 15.38 11.57 4.90
CA ASN A 279 14.80 11.68 3.60
C ASN A 279 15.58 10.82 2.63
N CYS A 280 15.21 9.54 2.54
CA CYS A 280 15.97 8.57 1.75
C CYS A 280 15.07 7.41 1.40
N ASP A 281 15.57 6.55 0.51
CA ASP A 281 14.82 5.39 0.07
C ASP A 281 15.65 4.17 0.28
N ALA A 282 15.02 3.06 0.62
CA ALA A 282 15.71 1.78 0.71
C ALA A 282 14.88 0.65 0.12
N VAL A 283 15.52 -0.18 -0.67
CA VAL A 283 14.96 -1.44 -1.14
C VAL A 283 14.83 -2.40 0.04
N CYS A 284 15.88 -2.42 0.86
CA CYS A 284 15.96 -3.28 2.05
C CYS A 284 16.14 -2.42 3.29
N GLN A 285 15.22 -2.53 4.25
CA GLN A 285 15.34 -1.76 5.47
C GLN A 285 15.30 -2.68 6.70
N THR A 286 16.44 -2.77 7.41
CA THR A 286 16.51 -3.65 8.56
C THR A 286 16.36 -2.81 9.81
N LEU A 287 16.18 -3.50 10.93
CA LEU A 287 16.07 -2.86 12.21
C LEU A 287 17.26 -2.00 12.59
N THR A 288 18.44 -2.31 12.07
CA THR A 288 19.63 -1.57 12.42
C THR A 288 20.17 -0.77 11.25
N GLY A 289 19.40 -0.66 10.17
CA GLY A 289 19.74 0.24 9.10
C GLY A 289 19.40 -0.25 7.71
N ALA A 290 19.52 0.66 6.75
CA ALA A 290 19.19 0.40 5.38
C ALA A 290 20.36 -0.22 4.62
N ILE A 291 20.06 -1.17 3.74
CA ILE A 291 21.04 -1.89 2.97
C ILE A 291 20.78 -1.69 1.50
N ASN A 292 21.84 -1.32 0.78
CA ASN A 292 21.76 -1.23 -0.69
C ASN A 292 22.87 -2.06 -1.32
N THR A 293 22.48 -3.17 -1.92
CA THR A 293 23.40 -4.21 -2.24
C THR A 293 22.78 -5.09 -3.26
N ASN A 294 23.61 -5.77 -4.04
CA ASN A 294 23.09 -6.83 -4.89
C ASN A 294 23.61 -8.22 -4.44
N LYS A 295 24.22 -8.25 -3.26
CA LYS A 295 24.71 -9.49 -2.69
C LYS A 295 23.57 -10.32 -2.13
N THR A 296 23.83 -11.60 -1.91
CA THR A 296 22.75 -12.54 -1.58
C THR A 296 22.68 -12.87 -0.11
N PHE A 297 23.73 -12.57 0.64
CA PHE A 297 23.74 -12.76 2.10
C PHE A 297 24.06 -11.44 2.79
N GLN A 298 23.87 -11.43 4.09
CA GLN A 298 23.89 -10.19 4.84
C GLN A 298 24.07 -10.56 6.30
N ASN A 299 24.91 -9.84 7.04
CA ASN A 299 25.08 -10.10 8.50
C ASN A 299 24.75 -8.91 9.35
N VAL A 300 23.87 -8.06 8.84
CA VAL A 300 23.45 -6.85 9.54
C VAL A 300 22.33 -7.05 10.57
N SER A 301 21.20 -7.60 10.14
CA SER A 301 20.10 -7.89 11.03
C SER A 301 19.14 -8.91 10.45
N PRO A 302 18.57 -9.79 11.30
CA PRO A 302 17.53 -10.73 10.90
C PRO A 302 16.15 -10.13 10.79
N ILE A 303 15.98 -8.88 11.20
CA ILE A 303 14.67 -8.26 11.21
C ILE A 303 14.64 -7.17 10.21
N TRP A 304 13.69 -7.23 9.30
CA TRP A 304 13.59 -6.25 8.23
C TRP A 304 12.24 -6.20 7.53
N ILE A 305 12.07 -5.18 6.70
CA ILE A 305 11.02 -5.16 5.71
C ILE A 305 11.62 -4.77 4.38
N GLY A 306 10.86 -4.94 3.28
CA GLY A 306 11.43 -4.76 1.93
C GLY A 306 12.04 -6.05 1.44
N GLU A 307 12.92 -5.96 0.46
CA GLU A 307 13.60 -7.12 -0.13
C GLU A 307 15.07 -7.14 0.28
N CYS A 308 15.40 -8.04 1.20
CA CYS A 308 16.69 -8.12 1.78
C CYS A 308 17.36 -9.45 1.54
N PRO A 309 18.69 -9.46 1.63
CA PRO A 309 19.37 -10.72 1.48
C PRO A 309 19.22 -11.55 2.74
N LYS A 310 19.51 -12.83 2.61
CA LYS A 310 19.43 -13.77 3.73
C LYS A 310 20.40 -13.40 4.86
N TYR A 311 19.93 -13.42 6.09
CA TYR A 311 20.77 -13.12 7.24
C TYR A 311 21.56 -14.31 7.70
N VAL A 312 22.83 -14.12 8.01
CA VAL A 312 23.70 -15.17 8.52
C VAL A 312 24.65 -14.57 9.52
N LYS A 313 25.26 -15.39 10.37
CA LYS A 313 26.21 -14.91 11.35
C LYS A 313 27.61 -14.64 10.81
N SER A 314 27.93 -15.17 9.64
CA SER A 314 29.27 -15.07 9.07
C SER A 314 29.84 -13.64 9.00
N LYS A 315 31.16 -13.52 9.08
CA LYS A 315 31.83 -12.25 8.90
C LYS A 315 32.23 -12.07 7.47
N SER A 316 32.35 -13.18 6.74
CA SER A 316 32.69 -13.16 5.30
C SER A 316 32.30 -14.46 4.61
N LEU A 317 32.01 -14.36 3.32
CA LEU A 317 31.75 -15.52 2.51
C LEU A 317 32.38 -15.31 1.14
N LYS A 318 33.69 -15.51 1.10
CA LYS A 318 34.51 -15.19 -0.07
C LYS A 318 34.66 -16.41 -0.94
N LEU A 319 34.12 -16.32 -2.14
CA LEU A 319 34.08 -17.44 -3.07
C LEU A 319 35.14 -17.24 -4.12
N ALA A 320 36.03 -18.20 -4.25
CA ALA A 320 37.09 -18.10 -5.22
C ALA A 320 36.50 -18.29 -6.58
N THR A 321 36.90 -17.43 -7.49
CA THR A 321 36.58 -17.58 -8.90
C THR A 321 37.84 -17.85 -9.72
N GLY A 322 38.91 -17.12 -9.43
CA GLY A 322 40.19 -17.28 -10.12
C GLY A 322 41.08 -18.38 -9.57
N LEU A 323 42.39 -18.24 -9.78
CA LEU A 323 43.35 -19.30 -9.50
C LEU A 323 44.05 -19.06 -8.22
N ARG A 324 44.75 -20.08 -7.71
CA ARG A 324 45.77 -19.84 -6.68
C ARG A 324 46.75 -18.83 -7.23
N ASN A 325 47.06 -17.79 -6.47
CA ASN A 325 47.99 -16.77 -6.89
C ASN A 325 49.38 -17.09 -6.33
N VAL A 326 50.23 -17.63 -7.18
CA VAL A 326 51.59 -17.99 -6.76
C VAL A 326 52.59 -17.45 -7.80
N PRO A 327 53.06 -16.18 -7.60
CA PRO A 327 54.01 -15.61 -8.56
C PRO A 327 55.47 -15.97 -8.26
N GLN A 328 56.28 -16.01 -9.31
CA GLN A 328 57.76 -15.96 -9.16
C GLN A 328 58.37 -14.94 -10.14
N GLY A 344 55.16 -22.15 -10.16
CA GLY A 344 54.26 -21.01 -9.98
C GLY A 344 53.47 -20.49 -11.20
N GLY A 345 52.88 -19.29 -11.06
CA GLY A 345 52.11 -18.66 -12.15
C GLY A 345 52.88 -17.57 -12.87
N TRP A 346 52.29 -17.07 -13.96
CA TRP A 346 52.93 -16.07 -14.77
C TRP A 346 52.24 -14.71 -14.72
N THR A 347 52.80 -13.79 -13.95
CA THR A 347 52.32 -12.41 -13.98
C THR A 347 52.30 -11.85 -15.42
N GLY A 348 53.19 -12.37 -16.26
CA GLY A 348 53.28 -11.94 -17.64
C GLY A 348 52.13 -12.36 -18.55
N MET A 349 51.28 -13.32 -18.14
CA MET A 349 50.29 -13.83 -19.10
C MET A 349 49.19 -12.82 -19.42
N VAL A 350 48.43 -12.37 -18.42
CA VAL A 350 47.51 -11.20 -18.58
C VAL A 350 46.30 -11.38 -19.52
N ASP A 351 46.49 -12.08 -20.62
CA ASP A 351 45.43 -12.40 -21.58
C ASP A 351 44.27 -13.28 -21.09
N GLY A 352 44.58 -14.24 -20.22
CA GLY A 352 43.62 -15.26 -19.82
C GLY A 352 44.09 -16.01 -18.58
N TRP A 353 43.47 -17.16 -18.31
CA TRP A 353 43.78 -17.91 -17.09
C TRP A 353 44.86 -18.96 -17.33
N TYR A 354 44.74 -19.68 -18.43
CA TYR A 354 45.69 -20.72 -18.78
C TYR A 354 46.37 -20.39 -20.10
N GLY A 355 47.61 -20.86 -20.28
CA GLY A 355 48.27 -20.68 -21.57
C GLY A 355 49.72 -21.16 -21.68
N TYR A 356 50.46 -20.52 -22.59
CA TYR A 356 51.76 -21.01 -23.04
C TYR A 356 52.83 -19.94 -23.00
N HIS A 357 54.09 -20.36 -22.82
CA HIS A 357 55.27 -19.52 -23.09
C HIS A 357 56.29 -20.29 -23.93
N HIS A 358 56.66 -19.71 -25.07
CA HIS A 358 57.55 -20.36 -26.03
C HIS A 358 58.88 -19.59 -26.17
N GLU A 359 59.93 -20.31 -26.58
CA GLU A 359 61.20 -19.68 -26.93
C GLU A 359 61.87 -20.42 -28.10
N ASN A 360 62.17 -19.66 -29.15
CA ASN A 360 62.81 -20.19 -30.36
C ASN A 360 63.72 -19.10 -30.96
N SER A 361 64.25 -19.33 -32.16
CA SER A 361 65.13 -18.35 -32.82
C SER A 361 64.37 -17.04 -33.15
N GLN A 362 63.08 -17.13 -33.47
CA GLN A 362 62.27 -15.92 -33.76
C GLN A 362 61.93 -15.06 -32.53
N GLY A 363 62.14 -15.60 -31.32
CA GLY A 363 61.91 -14.83 -30.09
C GLY A 363 61.16 -15.65 -29.03
N SER A 364 60.45 -14.94 -28.16
CA SER A 364 59.79 -15.56 -27.03
C SER A 364 58.55 -14.75 -26.64
N GLY A 365 57.73 -15.31 -25.75
CA GLY A 365 56.51 -14.63 -25.29
C GLY A 365 55.42 -15.51 -24.73
N TYR A 366 54.42 -14.85 -24.11
CA TYR A 366 53.27 -15.49 -23.50
C TYR A 366 52.04 -15.35 -24.39
N ALA A 367 51.15 -16.35 -24.33
CA ALA A 367 49.88 -16.31 -25.06
C ALA A 367 48.86 -17.23 -24.39
N ALA A 368 47.71 -16.68 -23.99
CA ALA A 368 46.67 -17.45 -23.30
C ALA A 368 45.98 -18.38 -24.27
N ASP A 369 45.54 -19.54 -23.76
CA ASP A 369 44.71 -20.46 -24.53
C ASP A 369 43.24 -20.03 -24.37
N LYS A 370 42.64 -19.52 -25.43
CA LYS A 370 41.30 -18.94 -25.37
C LYS A 370 40.22 -19.97 -25.03
N GLU A 371 40.29 -21.13 -25.65
CA GLU A 371 39.27 -22.15 -25.52
C GLU A 371 39.11 -22.59 -24.07
N SER A 372 40.20 -23.04 -23.47
CA SER A 372 40.15 -23.61 -22.13
C SER A 372 39.87 -22.54 -21.09
N THR A 373 40.38 -21.34 -21.34
CA THR A 373 40.07 -20.20 -20.50
C THR A 373 38.57 -19.87 -20.49
N GLN A 374 37.94 -19.86 -21.65
CA GLN A 374 36.53 -19.53 -21.71
C GLN A 374 35.67 -20.60 -21.05
N LYS A 375 36.03 -21.86 -21.26
CA LYS A 375 35.27 -22.96 -20.66
C LYS A 375 35.27 -22.84 -19.13
N ALA A 376 36.41 -22.48 -18.57
CA ALA A 376 36.52 -22.27 -17.14
C ALA A 376 35.70 -21.06 -16.70
N ILE A 377 35.78 -19.95 -17.43
CA ILE A 377 34.92 -18.80 -17.15
C ILE A 377 33.45 -19.22 -17.14
N ASP A 378 33.02 -19.98 -18.13
CA ASP A 378 31.59 -20.33 -18.24
C ASP A 378 31.11 -21.20 -17.07
N GLY A 379 31.94 -22.15 -16.65
CA GLY A 379 31.63 -23.00 -15.51
C GLY A 379 31.59 -22.27 -14.16
N ILE A 380 32.59 -21.44 -13.91
CA ILE A 380 32.62 -20.69 -12.67
C ILE A 380 31.46 -19.73 -12.61
N THR A 381 31.22 -19.01 -13.70
CA THR A 381 30.08 -18.09 -13.76
C THR A 381 28.77 -18.82 -13.45
N ASN A 382 28.61 -19.97 -14.07
CA ASN A 382 27.43 -20.78 -13.81
C ASN A 382 27.32 -21.27 -12.36
N LYS A 383 28.45 -21.59 -11.75
CA LYS A 383 28.47 -22.01 -10.37
C LYS A 383 28.01 -20.88 -9.45
N VAL A 384 28.58 -19.70 -9.66
CA VAL A 384 28.24 -18.54 -8.85
C VAL A 384 26.74 -18.25 -8.96
N ASN A 385 26.25 -18.18 -10.19
CA ASN A 385 24.84 -17.91 -10.38
C ASN A 385 23.95 -18.97 -9.80
N SER A 386 24.39 -20.22 -9.86
CA SER A 386 23.58 -21.32 -9.33
C SER A 386 23.48 -21.21 -7.82
N ILE A 387 24.61 -20.88 -7.19
CA ILE A 387 24.62 -20.68 -5.75
C ILE A 387 23.73 -19.51 -5.37
N ILE A 388 23.88 -18.39 -6.08
CA ILE A 388 23.03 -17.23 -5.87
C ILE A 388 21.57 -17.60 -6.01
N ASP A 389 21.24 -18.36 -7.05
CA ASP A 389 19.86 -18.73 -7.33
C ASP A 389 19.29 -19.56 -6.19
N LYS A 390 20.03 -20.58 -5.76
CA LYS A 390 19.55 -21.49 -4.73
C LYS A 390 19.51 -20.87 -3.34
N MET A 391 20.25 -19.78 -3.15
CA MET A 391 20.23 -19.06 -1.88
C MET A 391 19.24 -17.90 -1.88
N ASN A 392 18.39 -17.83 -2.90
CA ASN A 392 17.47 -16.70 -3.06
C ASN A 392 16.13 -16.83 -2.33
N THR A 393 16.19 -17.24 -1.08
CA THR A 393 15.01 -17.23 -0.20
C THR A 393 15.54 -16.68 1.13
N GLN A 394 14.65 -16.16 1.97
CA GLN A 394 15.07 -15.73 3.32
C GLN A 394 14.12 -16.24 4.37
N PHE A 395 14.67 -16.75 5.45
CA PHE A 395 13.90 -16.98 6.65
C PHE A 395 13.69 -15.60 7.30
N GLU A 396 12.47 -15.30 7.73
CA GLU A 396 12.15 -13.97 8.26
C GLU A 396 11.78 -14.02 9.72
N ALA A 397 12.69 -13.54 10.58
CA ALA A 397 12.40 -13.38 12.00
C ALA A 397 11.42 -12.21 12.17
N VAL A 398 10.65 -12.24 13.25
CA VAL A 398 9.63 -11.22 13.48
C VAL A 398 9.73 -10.73 14.91
N GLU A 399 9.33 -9.50 15.18
CA GLU A 399 9.50 -8.94 16.50
C GLU A 399 8.18 -8.87 17.24
N HIS A 400 7.37 -9.91 17.11
CA HIS A 400 6.17 -9.96 17.89
C HIS A 400 6.57 -9.99 19.33
N GLU A 401 5.71 -9.49 20.20
CA GLU A 401 5.94 -9.53 21.63
C GLU A 401 5.16 -10.61 22.35
N PHE A 402 5.65 -10.97 23.54
CA PHE A 402 5.07 -12.00 24.37
C PHE A 402 4.99 -11.51 25.80
N SER A 403 3.91 -11.79 26.50
CA SER A 403 3.76 -11.37 27.86
C SER A 403 4.64 -12.20 28.81
N ASN A 404 4.59 -11.83 30.07
CA ASN A 404 5.30 -12.53 31.12
C ASN A 404 4.72 -13.91 31.36
N LEU A 405 3.48 -14.14 30.94
CA LEU A 405 2.87 -15.46 31.04
C LEU A 405 2.93 -16.23 29.71
N GLU A 406 3.88 -15.91 28.86
CA GLU A 406 4.05 -16.54 27.57
C GLU A 406 5.51 -16.85 27.32
N LYS A 407 6.20 -17.30 28.37
CA LYS A 407 7.60 -17.64 28.23
C LYS A 407 7.82 -18.84 27.36
N ARG A 408 6.95 -19.82 27.48
CA ARG A 408 7.08 -21.05 26.64
C ARG A 408 6.97 -20.75 25.12
N ILE A 409 5.95 -20.02 24.68
CA ILE A 409 5.91 -19.67 23.25
C ILE A 409 7.01 -18.69 22.86
N SER A 410 7.40 -17.81 23.77
CA SER A 410 8.49 -16.88 23.47
C SER A 410 9.72 -17.65 23.26
N ASN A 411 9.95 -18.64 24.07
CA ASN A 411 11.16 -19.49 23.91
C ASN A 411 11.09 -20.36 22.68
N LEU A 412 9.87 -20.81 22.37
CA LEU A 412 9.66 -21.57 21.13
C LEU A 412 10.00 -20.72 19.90
N ASN A 413 9.53 -19.46 19.88
CA ASN A 413 9.90 -18.57 18.77
C ASN A 413 11.40 -18.33 18.71
N LYS A 414 12.03 -18.10 19.84
CA LYS A 414 13.47 -17.87 19.83
C LYS A 414 14.26 -19.09 19.33
N ARG A 415 13.94 -20.29 19.81
CA ARG A 415 14.70 -21.48 19.40
C ARG A 415 14.53 -21.74 17.94
N MET A 416 13.34 -21.50 17.45
CA MET A 416 13.10 -21.67 16.04
C MET A 416 13.93 -20.69 15.19
N GLU A 417 13.86 -19.40 15.52
CA GLU A 417 14.60 -18.39 14.76
C GLU A 417 16.08 -18.65 14.83
N ASP A 418 16.60 -18.99 16.01
CA ASP A 418 18.03 -19.34 16.08
C ASP A 418 18.33 -20.64 15.33
N GLY A 419 17.36 -21.56 15.35
CA GLY A 419 17.49 -22.80 14.62
C GLY A 419 17.75 -22.58 13.15
N PHE A 420 16.94 -21.76 12.50
CA PHE A 420 17.12 -21.59 11.05
C PHE A 420 18.37 -20.78 10.76
N LEU A 421 18.70 -19.86 11.66
CA LEU A 421 19.88 -19.06 11.50
C LEU A 421 21.11 -19.97 11.48
N ASP A 422 21.14 -20.92 12.40
CA ASP A 422 22.26 -21.83 12.45
C ASP A 422 22.30 -22.73 11.27
N VAL A 423 21.15 -23.20 10.78
CA VAL A 423 21.18 -24.03 9.60
C VAL A 423 21.65 -23.24 8.41
N TRP A 424 21.16 -22.04 8.22
CA TRP A 424 21.59 -21.29 7.03
C TRP A 424 23.03 -20.82 7.08
N THR A 425 23.50 -20.50 8.26
CA THR A 425 24.86 -20.07 8.41
C THR A 425 25.77 -21.26 8.08
N TYR A 426 25.46 -22.43 8.64
CA TYR A 426 26.19 -23.63 8.30
C TYR A 426 26.17 -23.92 6.81
N ASN A 427 24.99 -23.95 6.21
CA ASN A 427 24.92 -24.22 4.76
C ASN A 427 25.74 -23.25 3.92
N ALA A 428 25.77 -21.97 4.28
CA ALA A 428 26.52 -20.99 3.52
C ALA A 428 28.01 -21.16 3.70
N GLU A 429 28.45 -21.28 4.94
CA GLU A 429 29.87 -21.40 5.22
C GLU A 429 30.46 -22.68 4.70
N LEU A 430 29.77 -23.78 4.89
CA LEU A 430 30.28 -25.06 4.43
C LEU A 430 30.35 -25.08 2.90
N LEU A 431 29.37 -24.52 2.24
CA LEU A 431 29.33 -24.58 0.79
C LEU A 431 30.50 -23.81 0.22
N VAL A 432 30.78 -22.67 0.82
CA VAL A 432 31.88 -21.86 0.37
C VAL A 432 33.20 -22.61 0.55
N LEU A 433 33.43 -23.24 1.68
CA LEU A 433 34.64 -24.02 1.87
C LEU A 433 34.78 -25.16 0.86
N LEU A 434 33.71 -25.89 0.63
CA LEU A 434 33.79 -27.01 -0.24
C LEU A 434 33.94 -26.63 -1.71
N GLU A 435 33.21 -25.63 -2.17
CA GLU A 435 33.27 -25.28 -3.57
C GLU A 435 34.54 -24.51 -3.89
N ASN A 436 35.11 -23.85 -2.89
CA ASN A 436 36.39 -23.21 -3.09
C ASN A 436 37.46 -24.26 -3.42
N GLU A 437 37.43 -25.38 -2.71
CA GLU A 437 38.36 -26.44 -2.98
C GLU A 437 38.14 -26.97 -4.35
N ARG A 438 36.89 -27.13 -4.75
CA ARG A 438 36.60 -27.66 -6.06
C ARG A 438 37.04 -26.72 -7.17
N THR A 439 36.76 -25.45 -6.99
CA THR A 439 37.08 -24.46 -7.97
C THR A 439 38.58 -24.42 -8.23
N LEU A 440 39.37 -24.42 -7.17
CA LEU A 440 40.84 -24.40 -7.31
C LEU A 440 41.39 -25.72 -7.86
N ASP A 441 40.76 -26.83 -7.54
CA ASP A 441 41.11 -28.10 -8.16
C ASP A 441 40.79 -28.10 -9.64
N MET A 442 39.66 -27.54 -10.05
CA MET A 442 39.30 -27.50 -11.45
C MET A 442 40.42 -26.78 -12.24
N HIS A 443 40.90 -25.66 -11.73
CA HIS A 443 42.00 -24.96 -12.36
C HIS A 443 43.26 -25.84 -12.54
N ASP A 444 43.70 -26.50 -11.47
CA ASP A 444 44.81 -27.45 -11.52
C ASP A 444 44.60 -28.45 -12.64
N ALA A 445 43.40 -29.00 -12.74
CA ALA A 445 43.11 -30.03 -13.72
C ALA A 445 43.17 -29.44 -15.13
N ASN A 446 42.68 -28.22 -15.29
CA ASN A 446 42.68 -27.57 -16.61
C ASN A 446 44.10 -27.33 -17.13
N VAL A 447 44.96 -26.82 -16.26
CA VAL A 447 46.39 -26.65 -16.53
C VAL A 447 47.03 -28.00 -16.90
N LYS A 448 46.80 -29.04 -16.08
CA LYS A 448 47.35 -30.39 -16.30
C LYS A 448 46.91 -30.93 -17.63
N ASN A 449 45.67 -30.69 -18.00
CA ASN A 449 45.15 -31.12 -19.25
C ASN A 449 45.94 -30.59 -20.46
N LEU A 450 46.18 -29.28 -20.50
CA LEU A 450 46.96 -28.66 -21.56
C LEU A 450 48.38 -29.21 -21.67
N HIS A 451 49.03 -29.37 -20.51
CA HIS A 451 50.38 -29.92 -20.42
C HIS A 451 50.43 -31.33 -20.92
N GLU A 452 49.43 -32.13 -20.59
CA GLU A 452 49.37 -33.48 -21.11
C GLU A 452 49.07 -33.51 -22.62
N LYS A 453 48.25 -32.59 -23.15
CA LYS A 453 47.97 -32.62 -24.60
C LYS A 453 49.23 -32.36 -25.41
N VAL A 454 50.10 -31.52 -24.86
CA VAL A 454 51.42 -31.23 -25.43
C VAL A 454 52.34 -32.45 -25.27
N LYS A 455 52.41 -33.03 -24.08
CA LYS A 455 53.13 -34.29 -23.84
C LYS A 455 52.86 -35.35 -24.90
N SER A 456 51.59 -35.75 -24.99
CA SER A 456 51.18 -36.83 -25.89
C SER A 456 51.60 -36.55 -27.34
N GLN A 457 51.62 -35.29 -27.72
CA GLN A 457 51.91 -34.91 -29.07
C GLN A 457 53.40 -35.12 -29.44
N LEU A 458 54.28 -34.57 -28.59
CA LEU A 458 55.71 -34.51 -28.86
C LEU A 458 56.46 -35.82 -28.59
N ARG A 459 55.87 -36.70 -27.79
CA ARG A 459 56.49 -37.96 -27.45
C ARG A 459 57.96 -37.73 -27.10
N ASP A 460 58.90 -38.37 -27.81
CA ASP A 460 60.33 -38.24 -27.52
C ASP A 460 61.09 -37.34 -28.51
N ASN A 461 60.39 -36.41 -29.16
CA ASN A 461 61.02 -35.29 -29.85
C ASN A 461 61.20 -34.07 -28.94
N ALA A 462 60.82 -34.21 -27.67
CA ALA A 462 61.12 -33.22 -26.65
C ALA A 462 61.37 -33.89 -25.30
N LYS A 463 62.07 -33.19 -24.42
CA LYS A 463 62.35 -33.63 -23.04
C LYS A 463 61.41 -32.95 -22.02
N ASP A 464 60.85 -33.74 -21.10
CA ASP A 464 59.89 -33.23 -20.11
C ASP A 464 60.47 -32.12 -19.23
N LEU A 465 61.63 -32.36 -18.63
CA LEU A 465 62.21 -31.44 -17.61
C LEU A 465 61.52 -31.40 -16.24
N GLY A 466 60.37 -32.06 -16.08
CA GLY A 466 59.63 -32.12 -14.78
C GLY A 466 59.33 -30.74 -14.22
N ASN A 467 58.98 -29.84 -15.14
CA ASN A 467 59.10 -28.39 -14.98
C ASN A 467 57.82 -27.64 -15.42
N GLY A 468 56.97 -28.29 -16.22
CA GLY A 468 55.91 -27.62 -16.95
C GLY A 468 56.35 -27.34 -18.37
N CYS A 469 57.66 -27.34 -18.59
CA CYS A 469 58.21 -26.95 -19.87
C CYS A 469 58.76 -28.15 -20.61
N PHE A 470 58.94 -27.99 -21.91
CA PHE A 470 59.52 -29.04 -22.77
C PHE A 470 60.68 -28.49 -23.60
N GLU A 471 61.87 -29.06 -23.44
CA GLU A 471 62.97 -28.75 -24.37
C GLU A 471 62.86 -29.61 -25.62
N PHE A 472 62.64 -28.94 -26.75
CA PHE A 472 62.61 -29.61 -28.04
C PHE A 472 63.98 -30.19 -28.41
N TRP A 473 63.97 -31.43 -28.89
CA TRP A 473 65.15 -32.05 -29.48
C TRP A 473 65.44 -31.53 -30.90
N HIS A 474 64.65 -30.56 -31.36
CA HIS A 474 64.82 -29.96 -32.68
C HIS A 474 64.47 -28.47 -32.64
N LYS A 475 64.63 -27.83 -33.79
CA LYS A 475 64.23 -26.44 -33.98
C LYS A 475 62.70 -26.37 -34.22
N CYS A 476 62.03 -25.52 -33.43
CA CYS A 476 60.58 -25.35 -33.53
C CYS A 476 60.26 -23.87 -33.80
N ASP A 477 60.04 -23.59 -35.09
CA ASP A 477 59.66 -22.26 -35.59
C ASP A 477 58.28 -21.77 -35.10
N ASN A 478 57.96 -20.50 -35.37
CA ASN A 478 56.67 -19.92 -35.01
C ASN A 478 55.47 -20.58 -35.68
N GLU A 479 55.69 -21.47 -36.64
CA GLU A 479 54.57 -22.25 -37.17
C GLU A 479 54.53 -23.66 -36.58
N CYS A 480 55.67 -24.18 -36.16
CA CYS A 480 55.74 -25.41 -35.38
C CYS A 480 55.03 -25.22 -34.04
N ILE A 481 55.23 -24.05 -33.44
CA ILE A 481 54.69 -23.73 -32.11
C ILE A 481 53.15 -23.57 -32.16
N ASN A 482 52.67 -22.82 -33.17
CA ASN A 482 51.23 -22.65 -33.42
C ASN A 482 50.59 -23.95 -33.90
N SER A 483 51.40 -24.84 -34.44
CA SER A 483 50.98 -26.20 -34.73
C SER A 483 50.68 -26.99 -33.44
N VAL A 484 51.33 -26.63 -32.35
CA VAL A 484 51.02 -27.23 -31.04
C VAL A 484 49.71 -26.60 -30.47
N LYS A 485 49.53 -25.28 -30.60
CA LYS A 485 48.36 -24.58 -30.00
C LYS A 485 47.03 -24.97 -30.62
N ASN A 486 47.05 -25.42 -31.87
CA ASN A 486 45.84 -25.88 -32.51
C ASN A 486 45.73 -27.42 -32.46
N GLY A 487 46.75 -28.09 -31.90
CA GLY A 487 46.72 -29.52 -31.68
C GLY A 487 47.08 -30.40 -32.89
N THR A 488 47.79 -29.85 -33.89
CA THR A 488 48.19 -30.58 -35.14
C THR A 488 49.72 -30.47 -35.35
N TYR A 489 50.50 -31.38 -34.76
CA TYR A 489 51.97 -31.19 -34.63
C TYR A 489 52.82 -31.87 -35.70
N ASN A 490 52.51 -33.12 -36.02
CA ASN A 490 53.31 -33.92 -36.98
C ASN A 490 54.68 -34.30 -36.40
N TYR A 491 54.71 -35.48 -35.79
CA TYR A 491 55.89 -36.05 -35.17
C TYR A 491 56.95 -36.55 -36.17
N PRO A 492 56.55 -37.34 -37.21
CA PRO A 492 57.54 -37.83 -38.19
C PRO A 492 58.40 -36.78 -38.89
N LYS A 493 57.85 -35.59 -39.09
CA LYS A 493 58.56 -34.49 -39.69
C LYS A 493 59.87 -34.14 -38.94
N TYR A 494 59.87 -34.25 -37.61
CA TYR A 494 61.05 -33.94 -36.79
C TYR A 494 61.64 -35.16 -36.09
N GLN A 495 61.10 -36.33 -36.37
CA GLN A 495 61.51 -37.56 -35.71
C GLN A 495 62.99 -37.91 -35.90
N GLU A 496 63.44 -37.91 -37.14
CA GLU A 496 64.85 -38.13 -37.48
C GLU A 496 65.76 -37.12 -36.75
N GLU A 497 65.44 -35.84 -36.89
CA GLU A 497 66.26 -34.77 -36.35
C GLU A 497 66.44 -34.89 -34.84
N SER A 498 65.39 -35.39 -34.18
CA SER A 498 65.34 -35.47 -32.74
C SER A 498 66.22 -36.63 -32.30
N ARG A 499 66.03 -37.80 -32.92
CA ARG A 499 66.76 -39.01 -32.50
C ARG A 499 68.28 -38.88 -32.57
N LEU A 500 68.77 -38.06 -33.51
CA LEU A 500 70.23 -37.87 -33.60
C LEU A 500 70.84 -37.25 -32.35
N ASN A 501 70.20 -36.22 -31.78
CA ASN A 501 70.73 -35.56 -30.59
C ASN A 501 70.66 -36.46 -29.33
N ARG A 502 71.61 -37.40 -29.22
CA ARG A 502 71.66 -38.41 -28.11
C ARG A 502 72.93 -39.25 -28.14
N ASP B 5 68.36 -53.91 -10.43
CA ASP B 5 68.15 -52.70 -9.57
C ASP B 5 66.78 -52.09 -9.81
N LYS B 6 66.04 -51.81 -8.74
CA LYS B 6 64.66 -51.30 -8.85
C LYS B 6 64.24 -50.27 -7.78
N ILE B 7 63.21 -49.50 -8.12
CA ILE B 7 62.55 -48.54 -7.21
C ILE B 7 61.03 -48.65 -7.34
N CYS B 8 60.33 -48.72 -6.22
CA CYS B 8 58.89 -48.83 -6.22
C CYS B 8 58.24 -47.62 -5.55
N ILE B 9 56.99 -47.36 -5.94
CA ILE B 9 56.11 -46.37 -5.29
C ILE B 9 54.92 -47.08 -4.63
N GLY B 10 54.66 -46.76 -3.37
CA GLY B 10 53.55 -47.37 -2.66
C GLY B 10 53.02 -46.50 -1.53
N TYR B 11 52.09 -47.09 -0.79
CA TYR B 11 51.40 -46.38 0.25
C TYR B 11 51.24 -47.27 1.45
N HIS B 12 50.99 -46.62 2.59
CA HIS B 12 50.91 -47.25 3.88
C HIS B 12 49.79 -48.26 3.98
N ALA B 13 50.04 -49.33 4.71
CA ALA B 13 48.99 -50.24 5.14
C ALA B 13 49.24 -50.58 6.60
N ASN B 14 48.26 -51.20 7.23
CA ASN B 14 48.41 -51.63 8.61
C ASN B 14 47.39 -52.72 8.93
N ASN B 15 47.21 -53.02 10.22
CA ASN B 15 46.32 -54.10 10.67
C ASN B 15 44.91 -53.64 11.01
N SER B 16 44.59 -52.37 10.72
CA SER B 16 43.28 -51.79 11.02
C SER B 16 42.12 -52.56 10.37
N THR B 17 41.06 -52.76 11.14
CA THR B 17 39.84 -53.38 10.66
C THR B 17 38.68 -52.39 10.64
N THR B 18 38.96 -51.14 10.95
CA THR B 18 37.93 -50.11 11.03
C THR B 18 37.39 -49.84 9.64
N GLN B 19 36.08 -49.81 9.50
CA GLN B 19 35.47 -49.48 8.22
C GLN B 19 34.75 -48.14 8.20
N VAL B 20 34.62 -47.54 7.02
CA VAL B 20 33.79 -46.36 6.81
C VAL B 20 32.90 -46.57 5.61
N ASP B 21 31.88 -45.73 5.46
CA ASP B 21 31.07 -45.72 4.26
C ASP B 21 31.34 -44.46 3.43
N THR B 22 31.11 -44.57 2.13
CA THR B 22 31.16 -43.42 1.25
C THR B 22 29.94 -43.43 0.37
N ILE B 23 29.79 -42.36 -0.40
CA ILE B 23 28.66 -42.24 -1.29
C ILE B 23 28.62 -43.34 -2.35
N LEU B 24 29.80 -43.82 -2.75
CA LEU B 24 29.90 -44.85 -3.82
C LEU B 24 30.01 -46.27 -3.32
N GLU B 25 30.47 -46.49 -2.10
CA GLU B 25 30.67 -47.85 -1.62
C GLU B 25 30.67 -47.94 -0.09
N LYS B 26 30.25 -49.10 0.41
CA LYS B 26 30.06 -49.32 1.84
C LYS B 26 31.07 -50.30 2.37
N ASN B 27 31.26 -50.29 3.68
CA ASN B 27 32.15 -51.21 4.34
C ASN B 27 33.54 -51.20 3.71
N VAL B 28 34.16 -50.03 3.67
CA VAL B 28 35.51 -49.87 3.14
C VAL B 28 36.48 -49.77 4.30
N THR B 29 37.44 -50.71 4.37
CA THR B 29 38.42 -50.71 5.44
C THR B 29 39.44 -49.62 5.20
N VAL B 30 39.80 -48.88 6.24
CA VAL B 30 40.77 -47.79 6.11
C VAL B 30 41.75 -47.86 7.24
N THR B 31 42.85 -47.12 7.09
CA THR B 31 44.00 -47.27 7.95
C THR B 31 43.90 -46.41 9.18
N HIS B 32 43.26 -45.26 9.01
CA HIS B 32 42.99 -44.35 10.11
C HIS B 32 41.63 -43.73 9.91
N SER B 33 40.99 -43.39 11.01
CA SER B 33 39.67 -42.81 10.96
C SER B 33 39.39 -42.11 12.26
N VAL B 34 38.32 -41.35 12.30
CA VAL B 34 37.92 -40.68 13.51
C VAL B 34 36.40 -40.79 13.62
N GLU B 35 35.93 -41.13 14.81
CA GLU B 35 34.49 -41.21 15.11
C GLU B 35 34.05 -39.84 15.60
N LEU B 36 33.13 -39.20 14.90
CA LEU B 36 32.69 -37.85 15.29
C LEU B 36 31.55 -37.89 16.31
N LEU B 37 30.93 -39.06 16.48
CA LEU B 37 29.76 -39.21 17.31
C LEU B 37 30.08 -39.79 18.67
N GLU B 38 29.62 -39.13 19.73
CA GLU B 38 29.74 -39.66 21.10
C GLU B 38 28.49 -40.46 21.45
N THR B 39 28.65 -41.71 21.87
CA THR B 39 27.52 -42.54 22.25
C THR B 39 27.51 -42.89 23.70
N GLN B 40 28.55 -42.57 24.45
CA GLN B 40 28.62 -42.96 25.86
C GLN B 40 28.18 -41.81 26.83
N LYS B 41 27.66 -42.21 27.97
CA LYS B 41 27.30 -41.30 29.03
C LYS B 41 27.35 -42.05 30.33
N GLU B 42 27.53 -41.31 31.41
CA GLU B 42 27.37 -41.85 32.76
C GLU B 42 25.92 -41.67 33.16
N SER B 43 25.28 -42.76 33.58
CA SER B 43 23.88 -42.71 33.97
C SER B 43 23.65 -42.12 35.34
N ARG B 44 23.90 -40.82 35.46
CA ARG B 44 23.68 -40.15 36.72
C ARG B 44 23.62 -38.65 36.53
N PHE B 45 23.27 -37.93 37.59
CA PHE B 45 23.18 -36.49 37.58
C PHE B 45 24.30 -35.86 38.40
N CYS B 46 25.06 -35.00 37.75
CA CYS B 46 26.21 -34.35 38.33
C CYS B 46 25.97 -32.86 38.52
N ARG B 47 26.92 -32.21 39.18
CA ARG B 47 26.93 -30.76 39.30
C ARG B 47 27.28 -30.13 38.00
N VAL B 48 26.71 -28.97 37.73
CA VAL B 48 26.99 -28.20 36.53
C VAL B 48 27.40 -26.76 36.94
N LEU B 49 28.54 -26.31 36.43
CA LEU B 49 29.16 -25.07 36.92
C LEU B 49 29.17 -25.02 38.44
N ASN B 50 29.61 -26.12 39.01
CA ASN B 50 29.83 -26.15 40.46
C ASN B 50 28.57 -26.24 41.29
N LYS B 51 27.38 -26.33 40.69
CA LYS B 51 26.15 -26.32 41.47
C LYS B 51 25.34 -27.58 41.25
N ALA B 52 24.84 -28.07 42.34
CA ALA B 52 24.21 -29.36 42.41
C ALA B 52 22.76 -29.22 42.02
N PRO B 53 22.21 -30.29 41.52
CA PRO B 53 20.78 -30.28 41.30
C PRO B 53 20.02 -30.40 42.60
N LEU B 54 18.75 -30.05 42.58
CA LEU B 54 17.85 -30.22 43.68
C LEU B 54 16.99 -31.44 43.41
N ASP B 55 17.03 -32.39 44.31
CA ASP B 55 16.26 -33.60 44.25
C ASP B 55 14.97 -33.41 45.01
N LEU B 56 13.85 -33.50 44.34
CA LEU B 56 12.54 -33.26 44.96
C LEU B 56 12.01 -34.51 45.70
N GLY B 57 12.72 -35.62 45.60
CA GLY B 57 12.35 -36.80 46.37
C GLY B 57 10.99 -37.35 46.00
N ASP B 58 10.09 -37.44 46.99
CA ASP B 58 8.71 -37.88 46.80
C ASP B 58 7.74 -36.72 46.59
N CYS B 59 8.27 -35.54 46.26
CA CYS B 59 7.43 -34.38 45.99
C CYS B 59 7.48 -33.98 44.52
N THR B 60 6.35 -33.49 44.03
CA THR B 60 6.30 -32.84 42.70
C THR B 60 6.73 -31.39 42.88
N THR B 61 7.03 -30.77 41.77
CA THR B 61 7.37 -29.40 41.76
C THR B 61 6.34 -28.59 42.51
N GLU B 62 5.07 -28.85 42.29
CA GLU B 62 4.05 -28.11 42.97
C GLU B 62 4.00 -28.38 44.45
N GLY B 63 4.19 -29.64 44.84
CA GLY B 63 4.16 -29.96 46.26
C GLY B 63 5.26 -29.26 47.01
N TRP B 64 6.43 -29.23 46.40
CA TRP B 64 7.55 -28.49 46.90
C TRP B 64 7.19 -27.01 47.07
N ILE B 65 6.82 -26.35 45.98
CA ILE B 65 6.80 -24.91 45.95
C ILE B 65 5.62 -24.33 46.69
N LEU B 66 4.54 -25.10 46.79
CA LEU B 66 3.41 -24.65 47.66
C LEU B 66 3.66 -24.97 49.12
N GLY B 67 4.60 -25.86 49.41
CA GLY B 67 4.87 -26.27 50.79
C GLY B 67 3.94 -27.35 51.32
N ASN B 68 3.60 -28.32 50.50
CA ASN B 68 2.90 -29.49 50.99
C ASN B 68 3.67 -30.00 52.20
N PRO B 69 2.99 -30.19 53.33
CA PRO B 69 3.69 -30.51 54.55
C PRO B 69 4.38 -31.85 54.59
N ARG B 70 4.16 -32.71 53.60
CA ARG B 70 4.95 -33.94 53.49
C ARG B 70 6.26 -33.66 52.76
N CYS B 71 6.55 -32.40 52.41
CA CYS B 71 7.78 -32.05 51.69
C CYS B 71 8.79 -31.24 52.52
N ASP B 72 8.72 -31.36 53.85
CA ASP B 72 9.56 -30.56 54.74
C ASP B 72 11.07 -30.79 54.51
N LYS B 73 11.47 -31.92 53.99
CA LYS B 73 12.86 -32.10 53.55
C LYS B 73 13.40 -31.00 52.64
N LEU B 74 12.49 -30.31 51.97
CA LEU B 74 12.88 -29.31 51.02
C LEU B 74 12.71 -27.91 51.56
N LEU B 75 12.12 -27.76 52.73
CA LEU B 75 11.60 -26.47 53.19
C LEU B 75 12.72 -25.47 53.42
N GLY B 76 12.54 -24.26 52.92
CA GLY B 76 13.47 -23.15 53.19
C GLY B 76 14.27 -22.75 51.98
N ASP B 77 15.42 -22.19 52.25
CA ASP B 77 16.24 -21.63 51.20
C ASP B 77 16.87 -22.78 50.45
N ARG B 78 16.87 -22.69 49.12
CA ARG B 78 17.58 -23.65 48.29
C ARG B 78 18.16 -23.04 47.04
N SER B 79 19.09 -23.74 46.46
CA SER B 79 19.74 -23.29 45.29
C SER B 79 20.08 -24.50 44.43
N TRP B 80 20.11 -24.32 43.11
CA TRP B 80 20.30 -25.44 42.21
C TRP B 80 20.66 -25.05 40.78
N SER B 81 21.35 -25.95 40.09
CA SER B 81 21.64 -25.77 38.69
C SER B 81 20.50 -26.34 37.81
N TYR B 82 19.82 -27.37 38.30
CA TYR B 82 18.65 -27.90 37.67
C TYR B 82 17.86 -28.70 38.70
N ILE B 83 16.65 -29.08 38.35
CA ILE B 83 15.76 -29.78 39.28
C ILE B 83 15.53 -31.17 38.80
N VAL B 84 15.49 -32.13 39.71
CA VAL B 84 15.21 -33.50 39.37
C VAL B 84 13.93 -33.91 40.09
N GLU B 85 12.90 -34.15 39.30
CA GLU B 85 11.60 -34.59 39.82
C GLU B 85 11.45 -36.06 39.48
N ARG B 86 11.12 -36.84 40.50
CA ARG B 86 11.02 -38.27 40.36
C ARG B 86 9.62 -38.62 39.76
N PRO B 87 9.55 -39.55 38.79
CA PRO B 87 8.32 -39.86 38.05
C PRO B 87 7.16 -40.34 38.92
N ASP B 88 7.47 -41.07 39.96
CA ASP B 88 6.42 -41.55 40.84
C ASP B 88 6.15 -40.68 42.06
N ALA B 89 6.64 -39.45 42.09
CA ALA B 89 6.39 -38.55 43.21
C ALA B 89 4.91 -38.37 43.52
N GLN B 90 4.54 -38.54 44.77
CA GLN B 90 3.12 -38.54 45.18
C GLN B 90 2.65 -37.24 45.84
N ASN B 91 3.57 -36.44 46.36
CA ASN B 91 3.18 -35.29 47.20
C ASN B 91 3.20 -33.99 46.40
N GLY B 92 1.99 -33.59 46.00
CA GLY B 92 1.78 -32.51 45.07
C GLY B 92 0.68 -31.65 45.61
N ILE B 93 -0.34 -31.43 44.80
CA ILE B 93 -1.46 -30.62 45.23
C ILE B 93 -2.41 -31.52 45.99
N CYS B 94 -2.42 -31.47 47.30
CA CYS B 94 -3.15 -32.46 48.10
C CYS B 94 -4.60 -32.10 48.26
N TYR B 95 -4.93 -30.83 48.55
CA TYR B 95 -6.34 -30.43 48.56
C TYR B 95 -6.78 -30.12 47.11
N PRO B 96 -7.81 -30.81 46.62
CA PRO B 96 -8.02 -30.83 45.18
C PRO B 96 -8.35 -29.46 44.58
N GLY B 97 -7.83 -29.25 43.39
CA GLY B 97 -8.12 -28.04 42.61
C GLY B 97 -7.03 -27.80 41.60
N VAL B 98 -7.10 -26.66 40.95
CA VAL B 98 -6.22 -26.39 39.80
C VAL B 98 -5.31 -25.23 40.13
N LEU B 99 -4.06 -25.35 39.72
CA LEU B 99 -3.14 -24.25 39.75
C LEU B 99 -3.21 -23.54 38.39
N LYS B 100 -3.68 -22.30 38.38
CA LYS B 100 -3.72 -21.46 37.18
C LYS B 100 -2.33 -21.15 36.62
N GLU B 101 -2.20 -21.35 35.32
CA GLU B 101 -0.94 -21.20 34.60
C GLU B 101 0.16 -22.06 35.23
N ALA B 102 -0.16 -23.31 35.49
CA ALA B 102 0.80 -24.20 36.08
C ALA B 102 2.03 -24.39 35.23
N GLU B 103 1.84 -24.42 33.91
CA GLU B 103 2.94 -24.78 33.04
C GLU B 103 3.90 -23.62 32.96
N GLU B 104 3.37 -22.41 33.02
CA GLU B 104 4.20 -21.23 32.97
C GLU B 104 4.96 -21.07 34.33
N LEU B 105 4.35 -21.48 35.44
CA LEU B 105 5.06 -21.55 36.72
C LEU B 105 6.28 -22.43 36.65
N LYS B 106 6.13 -23.60 36.04
CA LYS B 106 7.27 -24.49 35.91
C LYS B 106 8.34 -23.93 35.03
N ALA B 107 7.98 -23.25 33.95
CA ALA B 107 9.00 -22.61 33.12
C ALA B 107 9.74 -21.57 33.92
N LEU B 108 9.00 -20.82 34.74
CA LEU B 108 9.63 -19.81 35.60
C LEU B 108 10.60 -20.49 36.56
N ILE B 109 10.12 -21.53 37.24
CA ILE B 109 10.93 -22.20 38.19
C ILE B 109 12.18 -22.77 37.58
N GLY B 110 12.09 -23.28 36.37
CA GLY B 110 13.29 -23.79 35.71
C GLY B 110 14.30 -22.72 35.44
N SER B 111 13.87 -21.46 35.40
CA SER B 111 14.79 -20.38 35.07
C SER B 111 15.38 -19.73 36.32
N ILE B 112 14.98 -20.21 37.48
CA ILE B 112 15.41 -19.68 38.76
C ILE B 112 16.61 -20.49 39.22
N ASP B 113 17.45 -19.80 39.98
CA ASP B 113 18.58 -20.48 40.53
C ASP B 113 18.72 -20.49 42.06
N THR B 114 18.17 -19.49 42.76
CA THR B 114 18.19 -19.55 44.21
C THR B 114 16.87 -19.00 44.69
N ILE B 115 16.39 -19.53 45.80
CA ILE B 115 15.25 -18.95 46.49
C ILE B 115 15.53 -18.79 47.99
N GLN B 116 14.94 -17.77 48.58
CA GLN B 116 14.99 -17.54 50.01
C GLN B 116 13.57 -17.43 50.53
N ARG B 117 13.18 -18.36 51.43
CA ARG B 117 11.82 -18.41 51.91
C ARG B 117 11.64 -17.46 53.06
N PHE B 118 10.55 -16.71 53.08
CA PHE B 118 10.34 -15.73 54.19
C PHE B 118 8.85 -15.57 54.47
N GLU B 119 8.51 -15.19 55.68
CA GLU B 119 7.11 -14.95 56.03
C GLU B 119 6.63 -13.62 55.46
N MET B 120 5.72 -13.68 54.50
CA MET B 120 5.28 -12.48 53.79
C MET B 120 4.14 -11.80 54.55
N PHE B 121 3.22 -12.61 55.07
CA PHE B 121 2.04 -12.14 55.81
C PHE B 121 1.85 -13.01 57.01
N PRO B 122 2.20 -12.51 58.18
CA PRO B 122 2.07 -13.39 59.33
C PRO B 122 0.63 -13.53 59.68
N LYS B 123 0.32 -14.51 60.52
CA LYS B 123 -1.05 -14.75 60.94
C LYS B 123 -1.68 -13.51 61.57
N SER B 124 -0.89 -12.75 62.32
CA SER B 124 -1.36 -11.54 63.00
C SER B 124 -1.89 -10.53 62.01
N THR B 125 -1.58 -10.66 60.71
CA THR B 125 -2.10 -9.64 59.76
C THR B 125 -3.60 -9.70 59.62
N TRP B 126 -4.21 -10.83 59.97
CA TRP B 126 -5.65 -11.04 59.73
C TRP B 126 -6.45 -11.06 61.04
N THR B 127 -7.19 -9.99 61.30
CA THR B 127 -7.79 -9.75 62.62
C THR B 127 -9.27 -10.04 62.61
N GLY B 128 -9.74 -10.64 63.70
CA GLY B 128 -11.15 -10.96 63.83
C GLY B 128 -11.55 -12.23 63.08
N VAL B 129 -10.59 -13.13 62.87
CA VAL B 129 -10.83 -14.39 62.20
C VAL B 129 -9.97 -15.48 62.81
N ASP B 130 -10.27 -16.72 62.45
CA ASP B 130 -9.54 -17.88 62.93
C ASP B 130 -8.47 -18.21 61.91
N THR B 131 -7.22 -18.13 62.34
CA THR B 131 -6.09 -18.42 61.51
C THR B 131 -5.45 -19.73 61.95
N ASN B 132 -6.01 -20.44 62.92
CA ASN B 132 -5.40 -21.66 63.45
C ASN B 132 -6.20 -22.94 63.25
N SER B 133 -7.18 -22.92 62.36
CA SER B 133 -8.03 -24.08 62.14
C SER B 133 -8.12 -24.49 60.68
N GLY B 134 -7.29 -23.89 59.82
CA GLY B 134 -7.34 -24.20 58.39
C GLY B 134 -6.53 -25.42 57.99
N VAL B 135 -7.00 -26.60 58.37
CA VAL B 135 -6.35 -27.85 58.08
C VAL B 135 -7.32 -28.84 57.46
N THR B 136 -6.81 -29.85 56.74
CA THR B 136 -7.63 -30.85 56.13
C THR B 136 -6.95 -32.18 56.18
N SER B 137 -7.79 -33.21 56.22
CA SER B 137 -7.33 -34.58 56.06
C SER B 137 -6.74 -34.91 54.69
N ALA B 138 -7.02 -34.08 53.70
CA ALA B 138 -6.40 -34.23 52.38
C ALA B 138 -4.90 -33.92 52.37
N CYS B 139 -4.43 -33.11 53.33
CA CYS B 139 -3.02 -32.69 53.39
C CYS B 139 -2.46 -33.06 54.80
N THR B 140 -1.97 -34.29 54.94
CA THR B 140 -1.66 -34.81 56.23
C THR B 140 -0.23 -34.56 56.54
N TYR B 141 0.08 -34.39 57.82
CA TYR B 141 1.43 -34.33 58.29
C TYR B 141 1.48 -35.20 59.55
N ASN B 142 2.31 -36.25 59.49
CA ASN B 142 2.40 -37.24 60.59
C ASN B 142 1.03 -37.82 61.01
N GLY B 143 0.25 -38.29 60.05
CA GLY B 143 -1.13 -38.72 60.34
C GLY B 143 -2.17 -37.63 60.66
N GLY B 144 -1.74 -36.44 61.05
CA GLY B 144 -2.68 -35.39 61.39
C GLY B 144 -3.14 -34.56 60.18
N SER B 145 -4.27 -33.89 60.33
CA SER B 145 -4.73 -32.93 59.34
C SER B 145 -3.84 -31.70 59.33
N SER B 146 -3.46 -31.24 58.15
CA SER B 146 -2.54 -30.12 58.03
C SER B 146 -2.85 -29.34 56.76
N PHE B 147 -1.88 -28.56 56.28
CA PHE B 147 -2.07 -27.71 55.13
C PHE B 147 -0.76 -27.21 54.61
N TYR B 148 -0.80 -26.70 53.38
CA TYR B 148 0.35 -26.13 52.77
C TYR B 148 1.02 -25.15 53.71
N ARG B 149 2.34 -25.23 53.79
CA ARG B 149 3.09 -24.32 54.66
C ARG B 149 3.22 -22.93 54.09
N ASN B 150 2.89 -22.71 52.81
CA ASN B 150 3.08 -21.42 52.21
C ASN B 150 1.77 -20.67 52.01
N LEU B 151 0.67 -21.28 52.46
CA LEU B 151 -0.64 -20.71 52.31
C LEU B 151 -1.37 -20.80 53.63
N LEU B 152 -2.31 -19.90 53.84
CA LEU B 152 -3.03 -19.89 55.11
C LEU B 152 -4.53 -19.92 54.90
N TRP B 153 -5.16 -20.96 55.42
CA TRP B 153 -6.61 -21.18 55.22
C TRP B 153 -7.36 -20.57 56.37
N ILE B 154 -7.84 -19.37 56.13
CA ILE B 154 -8.50 -18.53 57.11
C ILE B 154 -9.98 -18.84 57.11
N ILE B 155 -10.51 -19.03 58.31
CA ILE B 155 -11.97 -19.18 58.49
C ILE B 155 -12.49 -18.26 59.58
N LYS B 156 -13.79 -18.14 59.60
CA LYS B 156 -14.50 -17.31 60.58
C LYS B 156 -14.44 -17.96 61.95
N ILE B 157 -14.49 -17.14 62.99
CA ILE B 157 -14.63 -17.66 64.37
C ILE B 157 -16.10 -18.03 64.50
N ARG B 158 -16.41 -19.12 65.21
CA ARG B 158 -17.81 -19.62 65.18
C ARG B 158 -18.83 -18.60 65.68
N SER B 159 -18.50 -17.93 66.79
CA SER B 159 -19.41 -16.97 67.43
C SER B 159 -19.56 -15.64 66.65
N ASP B 160 -18.55 -15.28 65.86
CA ASP B 160 -18.50 -13.96 65.22
C ASP B 160 -18.62 -14.05 63.70
N PRO B 161 -19.00 -12.95 63.05
CA PRO B 161 -18.97 -12.93 61.59
C PRO B 161 -17.56 -12.72 61.08
N TYR B 162 -17.33 -13.09 59.83
CA TYR B 162 -16.03 -12.94 59.20
C TYR B 162 -15.84 -11.46 58.94
N SER B 163 -14.90 -10.86 59.66
CA SER B 163 -14.60 -9.42 59.50
C SER B 163 -13.97 -9.15 58.13
N LEU B 164 -14.15 -7.94 57.60
CA LEU B 164 -13.34 -7.51 56.47
C LEU B 164 -11.88 -7.57 56.95
N ILE B 165 -11.02 -8.29 56.21
CA ILE B 165 -9.62 -8.38 56.56
C ILE B 165 -8.73 -7.79 55.47
N LYS B 166 -7.60 -7.21 55.90
CA LYS B 166 -6.69 -6.50 55.00
C LYS B 166 -5.28 -6.81 55.39
N GLY B 167 -4.41 -6.75 54.39
CA GLY B 167 -2.98 -6.93 54.59
C GLY B 167 -2.22 -6.28 53.47
N THR B 168 -0.99 -5.87 53.73
CA THR B 168 -0.15 -5.32 52.69
C THR B 168 1.31 -5.71 52.90
N TYR B 169 2.05 -5.81 51.80
CA TYR B 169 3.48 -6.12 51.85
C TYR B 169 4.15 -5.36 50.72
N THR B 170 5.35 -4.83 50.99
CA THR B 170 6.09 -4.10 49.98
C THR B 170 7.42 -4.74 49.74
N ASN B 171 7.79 -4.94 48.49
CA ASN B 171 9.04 -5.54 48.14
C ASN B 171 10.10 -4.45 48.11
N THR B 172 10.91 -4.37 49.17
CA THR B 172 11.92 -3.35 49.29
C THR B 172 13.29 -3.87 48.94
N GLY B 173 13.39 -5.09 48.41
CA GLY B 173 14.67 -5.62 47.96
C GLY B 173 14.90 -5.46 46.49
N SER B 174 16.01 -5.98 46.03
CA SER B 174 16.33 -5.99 44.62
C SER B 174 15.89 -7.27 43.89
N GLN B 175 15.43 -8.29 44.61
CA GLN B 175 14.97 -9.52 44.00
C GLN B 175 13.46 -9.54 43.88
N SER B 176 12.99 -10.16 42.81
CA SER B 176 11.56 -10.45 42.67
C SER B 176 11.11 -11.49 43.70
N ILE B 177 9.81 -11.51 43.97
CA ILE B 177 9.23 -12.40 44.91
C ILE B 177 8.17 -13.26 44.26
N LEU B 178 8.28 -14.59 44.42
CA LEU B 178 7.28 -15.51 43.92
C LEU B 178 6.36 -15.85 45.07
N TYR B 179 5.05 -15.62 44.92
CA TYR B 179 4.09 -15.91 45.98
C TYR B 179 2.80 -16.57 45.45
N PHE B 180 1.97 -17.06 46.36
CA PHE B 180 0.82 -17.89 46.03
C PHE B 180 -0.38 -17.53 46.85
N TRP B 181 -1.55 -17.74 46.28
CA TRP B 181 -2.80 -17.62 47.05
C TRP B 181 -3.86 -18.50 46.43
N GLY B 182 -5.05 -18.46 47.00
CA GLY B 182 -6.12 -19.20 46.41
C GLY B 182 -7.47 -18.73 46.82
N VAL B 183 -8.47 -19.27 46.13
CA VAL B 183 -9.91 -19.02 46.47
C VAL B 183 -10.56 -20.36 46.74
N HIS B 184 -11.20 -20.46 47.90
CA HIS B 184 -11.81 -21.71 48.26
C HIS B 184 -13.25 -21.76 47.76
N HIS B 185 -13.64 -22.88 47.15
CA HIS B 185 -15.03 -23.09 46.65
C HIS B 185 -15.70 -24.25 47.37
N PRO B 186 -16.50 -23.97 48.41
CA PRO B 186 -17.15 -25.04 49.12
C PRO B 186 -18.21 -25.70 48.26
N PRO B 187 -18.62 -26.93 48.63
CA PRO B 187 -19.53 -27.72 47.77
C PRO B 187 -20.99 -27.30 47.89
N ASP B 188 -21.36 -26.63 48.99
CA ASP B 188 -22.72 -26.19 49.20
C ASP B 188 -22.80 -24.95 50.13
N ASP B 189 -24.00 -24.39 50.24
CA ASP B 189 -24.22 -23.16 51.01
C ASP B 189 -24.10 -23.37 52.51
N VAL B 190 -24.34 -24.60 52.96
CA VAL B 190 -24.22 -24.91 54.38
C VAL B 190 -22.77 -24.74 54.81
N GLU B 191 -21.86 -25.31 54.04
CA GLU B 191 -20.45 -25.20 54.31
C GLU B 191 -19.94 -23.75 54.11
N GLN B 192 -20.38 -23.07 53.06
CA GLN B 192 -20.06 -21.66 52.88
C GLN B 192 -20.41 -20.83 54.13
N ALA B 193 -21.61 -21.00 54.65
CA ALA B 193 -22.08 -20.29 55.83
C ALA B 193 -21.27 -20.65 57.06
N ASN B 194 -21.01 -21.93 57.24
CA ASN B 194 -20.22 -22.42 58.34
C ASN B 194 -18.81 -21.76 58.41
N LEU B 195 -18.14 -21.68 57.27
CA LEU B 195 -16.74 -21.28 57.22
C LEU B 195 -16.56 -19.78 57.04
N TYR B 196 -17.41 -19.16 56.24
CA TYR B 196 -17.24 -17.77 55.86
C TYR B 196 -18.51 -16.93 56.18
N GLY B 197 -19.66 -17.41 55.74
CA GLY B 197 -20.92 -16.68 55.90
C GLY B 197 -21.58 -16.52 54.54
N LEU B 198 -22.86 -16.18 54.57
CA LEU B 198 -23.59 -16.05 53.32
C LEU B 198 -23.46 -14.64 52.79
N GLY B 199 -24.04 -14.39 51.64
CA GLY B 199 -23.93 -13.08 51.01
C GLY B 199 -22.80 -13.12 50.03
N THR B 200 -22.60 -12.02 49.33
CA THR B 200 -21.51 -11.88 48.37
C THR B 200 -20.17 -11.81 49.13
N ARG B 201 -19.18 -12.55 48.63
CA ARG B 201 -17.89 -12.70 49.26
C ARG B 201 -16.84 -12.50 48.19
N TYR B 202 -15.74 -11.86 48.56
CA TYR B 202 -14.68 -11.59 47.58
C TYR B 202 -13.26 -11.76 48.10
N VAL B 203 -12.37 -12.05 47.14
CA VAL B 203 -10.96 -12.11 47.36
C VAL B 203 -10.38 -11.11 46.35
N ARG B 204 -9.76 -10.06 46.88
CA ARG B 204 -9.15 -9.04 46.04
C ARG B 204 -7.64 -8.88 46.35
N MET B 205 -6.84 -8.90 45.29
CA MET B 205 -5.40 -8.80 45.37
C MET B 205 -4.99 -7.69 44.41
N GLY B 206 -4.17 -6.76 44.88
CA GLY B 206 -3.74 -5.64 44.05
C GLY B 206 -2.29 -5.23 44.15
N THR B 207 -1.74 -4.89 43.01
CA THR B 207 -0.39 -4.46 42.85
C THR B 207 -0.34 -3.20 41.93
N GLU B 208 0.83 -2.60 41.74
CA GLU B 208 0.95 -1.48 40.83
C GLU B 208 0.60 -1.92 39.43
N SER B 209 0.75 -3.22 39.14
CA SER B 209 0.67 -3.73 37.79
C SER B 209 -0.27 -4.93 37.55
N MET B 210 -1.03 -5.37 38.54
CA MET B 210 -1.94 -6.49 38.42
C MET B 210 -3.06 -6.30 39.40
N ASN B 211 -4.24 -6.74 38.98
CA ASN B 211 -5.42 -6.66 39.83
C ASN B 211 -6.17 -8.01 39.72
N PHE B 212 -6.81 -8.43 40.80
CA PHE B 212 -7.41 -9.73 40.87
C PHE B 212 -8.57 -9.52 41.77
N ALA B 213 -9.71 -10.07 41.36
CA ALA B 213 -10.91 -9.98 42.16
C ALA B 213 -11.82 -11.13 41.77
N LYS B 214 -12.13 -12.02 42.73
CA LYS B 214 -12.93 -13.18 42.48
C LYS B 214 -13.70 -13.62 43.70
N GLY B 215 -14.73 -14.42 43.46
CA GLY B 215 -15.61 -14.94 44.55
C GLY B 215 -15.78 -16.43 44.45
N PRO B 216 -16.44 -17.02 45.44
CA PRO B 216 -16.71 -18.43 45.48
C PRO B 216 -17.64 -18.80 44.36
N GLU B 217 -17.30 -19.86 43.65
CA GLU B 217 -18.15 -20.50 42.64
C GLU B 217 -18.62 -21.85 43.24
N ILE B 218 -19.58 -21.79 44.14
CA ILE B 218 -20.07 -22.94 44.89
C ILE B 218 -20.77 -24.00 44.05
N ALA B 219 -20.39 -25.26 44.25
CA ALA B 219 -20.95 -26.39 43.48
C ALA B 219 -20.58 -27.71 44.15
N ASP B 220 -21.48 -28.68 44.17
CA ASP B 220 -21.16 -30.00 44.69
C ASP B 220 -20.47 -30.82 43.59
N ARG B 221 -19.26 -31.27 43.88
CA ARG B 221 -18.43 -31.95 42.91
C ARG B 221 -18.03 -33.30 43.43
N PRO B 222 -17.64 -34.22 42.54
CA PRO B 222 -17.36 -35.54 43.10
C PRO B 222 -16.16 -35.41 44.02
N PRO B 223 -16.07 -36.27 45.03
CA PRO B 223 -14.96 -36.13 45.96
C PRO B 223 -13.67 -36.51 45.31
N ALA B 224 -12.63 -35.74 45.61
CA ALA B 224 -11.27 -36.00 45.16
C ALA B 224 -10.41 -35.87 46.41
N ASN B 225 -9.60 -36.90 46.65
CA ASN B 225 -8.85 -37.00 47.90
C ASN B 225 -9.76 -36.75 49.07
N GLY B 226 -10.97 -37.30 49.00
CA GLY B 226 -11.93 -37.19 50.11
C GLY B 226 -12.67 -35.85 50.27
N GLN B 227 -12.49 -34.93 49.31
CA GLN B 227 -13.04 -33.60 49.45
C GLN B 227 -13.96 -33.23 48.30
N ARG B 228 -15.08 -32.64 48.64
CA ARG B 228 -16.05 -32.15 47.66
C ARG B 228 -15.82 -30.70 47.33
N GLY B 229 -15.07 -30.00 48.19
CA GLY B 229 -14.60 -28.67 47.89
C GLY B 229 -13.46 -28.63 46.86
N ARG B 230 -13.12 -27.41 46.42
CA ARG B 230 -11.94 -27.19 45.62
C ARG B 230 -11.30 -25.85 45.97
N ILE B 231 -10.03 -25.72 45.61
CA ILE B 231 -9.32 -24.44 45.71
C ILE B 231 -8.73 -24.12 44.34
N ASP B 232 -8.96 -22.89 43.90
CA ASP B 232 -8.27 -22.41 42.74
C ASP B 232 -7.02 -21.79 43.27
N TYR B 233 -5.89 -22.35 42.87
CA TYR B 233 -4.63 -21.83 43.28
C TYR B 233 -4.14 -20.83 42.26
N TYR B 234 -3.57 -19.73 42.75
CA TYR B 234 -2.88 -18.78 41.87
C TYR B 234 -1.44 -18.51 42.30
N TRP B 235 -0.64 -18.06 41.34
CA TRP B 235 0.68 -17.54 41.62
C TRP B 235 0.97 -16.25 40.91
N SER B 236 1.99 -15.53 41.39
CA SER B 236 2.42 -14.32 40.76
C SER B 236 3.76 -13.86 41.29
N VAL B 237 4.28 -12.78 40.74
CA VAL B 237 5.60 -12.29 41.03
C VAL B 237 5.49 -10.82 41.36
N LEU B 238 5.90 -10.46 42.57
CA LEU B 238 5.89 -9.10 43.03
C LEU B 238 7.23 -8.57 42.73
N LYS B 239 7.28 -7.58 41.88
CA LYS B 239 8.57 -7.04 41.40
C LYS B 239 9.22 -6.13 42.43
N PRO B 240 10.54 -5.92 42.32
CA PRO B 240 11.19 -4.96 43.22
C PRO B 240 10.50 -3.60 43.22
N GLY B 241 10.18 -3.09 44.39
CA GLY B 241 9.52 -1.78 44.55
C GLY B 241 8.02 -1.88 44.72
N GLU B 242 7.43 -2.99 44.25
CA GLU B 242 5.98 -3.07 44.19
C GLU B 242 5.41 -3.41 45.52
N THR B 243 4.15 -3.10 45.72
CA THR B 243 3.48 -3.42 46.95
C THR B 243 2.16 -4.17 46.64
N LEU B 244 1.85 -5.17 47.46
CA LEU B 244 0.70 -6.00 47.30
C LEU B 244 -0.33 -5.70 48.36
N ASN B 245 -1.59 -5.46 47.97
CA ASN B 245 -2.67 -5.30 48.98
C ASN B 245 -3.68 -6.40 48.85
N VAL B 246 -4.12 -6.92 49.98
CA VAL B 246 -5.02 -8.04 50.01
C VAL B 246 -6.24 -7.61 50.79
N GLU B 247 -7.42 -7.85 50.23
CA GLU B 247 -8.72 -7.60 50.97
C GLU B 247 -9.68 -8.74 50.73
N SER B 248 -10.26 -9.23 51.82
CA SER B 248 -11.29 -10.26 51.72
C SER B 248 -12.30 -10.22 52.85
N ASN B 249 -13.53 -10.63 52.54
CA ASN B 249 -14.53 -10.92 53.58
C ASN B 249 -14.90 -12.41 53.61
N GLY B 250 -14.07 -13.23 52.97
CA GLY B 250 -14.23 -14.68 53.00
C GLY B 250 -13.70 -15.40 51.76
N ASN B 251 -13.41 -16.68 51.94
CA ASN B 251 -12.94 -17.58 50.87
C ASN B 251 -11.47 -17.43 50.48
N LEU B 252 -10.72 -16.67 51.28
CA LEU B 252 -9.34 -16.37 50.96
C LEU B 252 -8.45 -17.49 51.48
N ILE B 253 -7.61 -18.03 50.60
CA ILE B 253 -6.50 -18.82 51.00
C ILE B 253 -5.31 -17.86 50.83
N ALA B 254 -4.81 -17.34 51.96
CA ALA B 254 -3.86 -16.25 51.93
C ALA B 254 -2.43 -16.70 51.71
N PRO B 255 -1.64 -15.89 50.99
CA PRO B 255 -0.21 -16.15 51.00
C PRO B 255 0.25 -16.07 52.44
N TRP B 256 1.14 -16.98 52.81
CA TRP B 256 1.73 -16.92 54.14
C TRP B 256 3.24 -16.71 54.00
N TYR B 257 3.93 -17.68 53.43
CA TYR B 257 5.35 -17.59 53.13
C TYR B 257 5.52 -17.56 51.64
N ALA B 258 6.60 -16.90 51.20
CA ALA B 258 6.89 -16.71 49.78
C ALA B 258 8.39 -16.77 49.57
N TYR B 259 8.83 -16.54 48.35
CA TYR B 259 10.24 -16.76 47.99
C TYR B 259 10.82 -15.57 47.29
N LYS B 260 11.80 -14.95 47.88
CA LYS B 260 12.62 -14.05 47.11
C LYS B 260 13.49 -14.93 46.18
N PHE B 261 13.68 -14.55 44.92
CA PHE B 261 14.46 -15.39 44.05
C PHE B 261 15.40 -14.66 43.12
N THR B 262 16.41 -15.38 42.63
CA THR B 262 17.29 -14.89 41.57
C THR B 262 17.10 -15.70 40.31
N SER B 263 17.21 -15.06 39.15
CA SER B 263 17.08 -15.72 37.85
C SER B 263 18.44 -16.16 37.42
N SER B 264 18.53 -17.38 36.94
CA SER B 264 19.83 -17.90 36.54
C SER B 264 20.33 -17.15 35.31
N ARG B 265 21.64 -17.06 35.21
CA ARG B 265 22.30 -16.55 34.02
C ARG B 265 22.38 -17.68 32.97
N HIS B 266 22.12 -18.91 33.39
CA HIS B 266 22.25 -20.08 32.52
C HIS B 266 20.92 -20.77 32.36
N LYS B 267 20.83 -21.51 31.27
CA LYS B 267 19.70 -22.32 31.01
C LYS B 267 19.65 -23.39 32.09
N GLY B 268 18.45 -23.58 32.65
CA GLY B 268 18.17 -24.61 33.64
C GLY B 268 17.14 -25.56 33.07
N ALA B 269 16.62 -26.42 33.93
CA ALA B 269 15.71 -27.45 33.48
C ALA B 269 15.07 -28.17 34.67
N ILE B 270 13.92 -28.81 34.39
CA ILE B 270 13.34 -29.76 35.30
C ILE B 270 13.39 -31.09 34.59
N PHE B 271 14.22 -32.00 35.09
CA PHE B 271 14.32 -33.33 34.54
C PHE B 271 13.43 -34.32 35.32
N ARG B 272 12.64 -35.12 34.60
CA ARG B 272 11.82 -36.14 35.22
C ARG B 272 12.52 -37.48 35.01
N SER B 273 13.15 -38.00 36.07
CA SER B 273 14.06 -39.10 35.94
C SER B 273 14.29 -39.79 37.27
N ASP B 274 14.64 -41.05 37.22
CA ASP B 274 14.98 -41.81 38.41
C ASP B 274 16.48 -41.95 38.56
N LEU B 275 17.27 -41.33 37.70
CA LEU B 275 18.72 -41.50 37.78
C LEU B 275 19.30 -40.93 39.08
N PRO B 276 20.37 -41.54 39.61
CA PRO B 276 20.89 -41.11 40.88
C PRO B 276 21.73 -39.85 40.76
N ILE B 277 21.66 -39.02 41.79
CA ILE B 277 22.50 -37.85 41.88
C ILE B 277 23.75 -38.22 42.65
N GLU B 278 24.90 -37.89 42.12
CA GLU B 278 26.16 -38.31 42.71
C GLU B 278 27.16 -37.17 42.82
N ASN B 279 28.29 -37.47 43.45
CA ASN B 279 29.36 -36.53 43.63
C ASN B 279 30.28 -36.44 42.44
N CYS B 280 29.92 -35.62 41.49
CA CYS B 280 30.62 -35.55 40.21
C CYS B 280 30.31 -34.24 39.54
N ASP B 281 31.08 -33.94 38.51
CA ASP B 281 30.92 -32.67 37.76
C ASP B 281 30.73 -33.01 36.31
N ALA B 282 29.88 -32.26 35.63
CA ALA B 282 29.72 -32.47 34.23
C ALA B 282 29.68 -31.16 33.54
N VAL B 283 30.45 -31.10 32.47
CA VAL B 283 30.42 -29.99 31.53
C VAL B 283 29.08 -30.03 30.82
N CYS B 284 28.70 -31.24 30.40
CA CYS B 284 27.47 -31.51 29.67
C CYS B 284 26.59 -32.48 30.43
N GLN B 285 25.37 -32.06 30.76
CA GLN B 285 24.48 -32.91 31.54
C GLN B 285 23.18 -33.07 30.82
N THR B 286 22.91 -34.29 30.33
CA THR B 286 21.66 -34.55 29.59
C THR B 286 20.68 -35.22 30.51
N LEU B 287 19.44 -35.30 30.04
CA LEU B 287 18.37 -35.93 30.79
C LEU B 287 18.65 -37.39 31.11
N THR B 288 19.45 -38.05 30.29
CA THR B 288 19.71 -39.47 30.47
C THR B 288 21.14 -39.71 30.89
N GLY B 289 21.87 -38.66 31.21
CA GLY B 289 23.18 -38.83 31.82
C GLY B 289 24.20 -37.81 31.41
N ALA B 290 25.33 -37.84 32.09
CA ALA B 290 26.42 -36.87 31.88
C ALA B 290 27.34 -37.34 30.76
N ILE B 291 27.80 -36.40 29.97
CA ILE B 291 28.66 -36.69 28.88
C ILE B 291 29.98 -35.94 29.07
N ASN B 292 31.08 -36.67 28.93
CA ASN B 292 32.41 -36.07 28.91
C ASN B 292 33.09 -36.53 27.63
N THR B 293 33.25 -35.59 26.72
CA THR B 293 33.69 -35.90 25.40
C THR B 293 34.23 -34.65 24.77
N ASN B 294 35.08 -34.84 23.76
CA ASN B 294 35.47 -33.72 22.93
C ASN B 294 34.88 -33.84 21.56
N LYS B 295 34.05 -34.85 21.36
CA LYS B 295 33.40 -35.06 20.08
C LYS B 295 32.31 -34.03 19.84
N THR B 296 31.92 -33.85 18.60
CA THR B 296 31.08 -32.72 18.23
C THR B 296 29.63 -33.11 18.08
N PHE B 297 29.36 -34.41 17.98
CA PHE B 297 28.01 -34.92 17.86
C PHE B 297 27.76 -35.94 18.94
N GLN B 298 26.49 -36.27 19.13
CA GLN B 298 26.10 -37.00 20.30
C GLN B 298 24.72 -37.59 20.01
N ASN B 299 24.51 -38.86 20.33
CA ASN B 299 23.19 -39.48 20.10
C ASN B 299 22.53 -39.96 21.43
N VAL B 300 22.90 -39.31 22.54
CA VAL B 300 22.40 -39.67 23.85
C VAL B 300 21.04 -39.07 24.18
N SER B 301 20.94 -37.74 24.15
CA SER B 301 19.67 -37.08 24.42
C SER B 301 19.64 -35.67 23.86
N PRO B 302 18.49 -35.24 23.35
CA PRO B 302 18.30 -33.87 22.88
C PRO B 302 18.06 -32.88 24.01
N ILE B 303 17.88 -33.36 25.23
CA ILE B 303 17.57 -32.48 26.34
C ILE B 303 18.71 -32.40 27.32
N TRP B 304 19.20 -31.20 27.56
CA TRP B 304 20.35 -31.03 28.43
C TRP B 304 20.51 -29.64 28.99
N ILE B 305 21.47 -29.52 29.93
CA ILE B 305 22.01 -28.20 30.32
C ILE B 305 23.52 -28.29 30.26
N GLY B 306 24.22 -27.16 30.38
CA GLY B 306 25.66 -27.15 30.22
C GLY B 306 26.03 -27.00 28.76
N GLU B 307 27.26 -27.36 28.41
CA GLU B 307 27.74 -27.28 27.03
C GLU B 307 27.84 -28.70 26.45
N CYS B 308 26.93 -29.05 25.57
CA CYS B 308 26.86 -30.38 24.97
C CYS B 308 27.06 -30.40 23.47
N PRO B 309 27.52 -31.53 22.93
CA PRO B 309 27.56 -31.64 21.48
C PRO B 309 26.17 -31.73 20.88
N LYS B 310 26.09 -31.48 19.58
CA LYS B 310 24.85 -31.50 18.84
C LYS B 310 24.21 -32.89 18.83
N TYR B 311 22.91 -32.95 19.12
CA TYR B 311 22.19 -34.23 19.11
C TYR B 311 21.83 -34.66 17.69
N VAL B 312 22.02 -35.93 17.35
CA VAL B 312 21.61 -36.50 16.07
C VAL B 312 21.13 -37.92 16.28
N LYS B 313 20.40 -38.46 15.32
CA LYS B 313 19.89 -39.84 15.41
C LYS B 313 20.89 -40.92 15.06
N SER B 314 21.97 -40.54 14.40
CA SER B 314 22.95 -41.47 13.91
C SER B 314 23.47 -42.45 14.98
N LYS B 315 23.85 -43.64 14.54
CA LYS B 315 24.51 -44.62 15.40
C LYS B 315 26.01 -44.45 15.32
N SER B 316 26.47 -43.82 14.23
CA SER B 316 27.87 -43.61 13.97
C SER B 316 28.14 -42.56 12.93
N LEU B 317 29.27 -41.87 13.07
CA LEU B 317 29.70 -40.91 12.08
C LEU B 317 31.21 -41.02 11.92
N LYS B 318 31.63 -42.05 11.18
CA LYS B 318 33.05 -42.41 11.03
C LYS B 318 33.65 -41.74 9.83
N LEU B 319 34.61 -40.85 10.09
CA LEU B 319 35.22 -40.05 9.05
C LEU B 319 36.58 -40.64 8.73
N ALA B 320 36.80 -40.99 7.47
CA ALA B 320 38.09 -41.52 7.06
C ALA B 320 39.10 -40.41 7.06
N THR B 321 40.25 -40.70 7.65
CA THR B 321 41.39 -39.82 7.58
C THR B 321 42.54 -40.47 6.80
N GLY B 322 42.78 -41.75 7.04
CA GLY B 322 43.81 -42.50 6.34
C GLY B 322 43.42 -43.05 4.97
N LEU B 323 44.11 -44.12 4.57
CA LEU B 323 43.99 -44.67 3.22
C LEU B 323 43.09 -45.88 3.19
N ARG B 324 42.65 -46.30 2.01
CA ARG B 324 42.10 -47.64 1.85
C ARG B 324 43.14 -48.61 2.33
N ASN B 325 42.75 -49.56 3.18
CA ASN B 325 43.68 -50.54 3.73
C ASN B 325 43.64 -51.81 2.88
N VAL B 326 44.65 -51.97 2.02
CA VAL B 326 44.75 -53.14 1.13
C VAL B 326 46.15 -53.76 1.27
N PRO B 327 46.33 -54.68 2.24
CA PRO B 327 47.63 -55.33 2.36
C PRO B 327 47.67 -56.54 1.44
N GLY B 344 48.72 -53.50 -4.00
CA GLY B 344 48.23 -53.14 -2.66
C GLY B 344 49.14 -52.16 -1.92
N GLY B 345 48.99 -52.13 -0.60
CA GLY B 345 49.76 -51.22 0.25
C GLY B 345 50.90 -51.96 0.92
N TRP B 346 51.76 -51.21 1.60
CA TRP B 346 52.94 -51.77 2.26
C TRP B 346 52.85 -51.69 3.77
N THR B 347 52.49 -52.80 4.40
CA THR B 347 52.58 -52.89 5.85
C THR B 347 53.97 -52.46 6.37
N GLY B 348 54.98 -52.67 5.54
CA GLY B 348 56.34 -52.32 5.88
C GLY B 348 56.68 -50.84 5.92
N MET B 349 55.86 -49.96 5.36
CA MET B 349 56.26 -48.55 5.31
C MET B 349 56.33 -47.84 6.68
N VAL B 350 55.21 -47.77 7.40
CA VAL B 350 55.21 -47.33 8.82
C VAL B 350 55.60 -45.86 9.10
N ASP B 351 56.58 -45.33 8.38
CA ASP B 351 57.05 -43.95 8.54
C ASP B 351 56.03 -42.85 8.11
N GLY B 352 55.18 -43.13 7.12
CA GLY B 352 54.25 -42.12 6.57
C GLY B 352 53.17 -42.77 5.71
N TRP B 353 52.51 -41.96 4.89
CA TRP B 353 51.37 -42.44 4.11
C TRP B 353 51.79 -42.86 2.71
N TYR B 354 52.62 -42.05 2.08
CA TYR B 354 53.12 -42.34 0.74
C TYR B 354 54.64 -42.47 0.76
N GLY B 355 55.20 -43.29 -0.13
CA GLY B 355 56.65 -43.40 -0.23
C GLY B 355 57.23 -44.38 -1.23
N TYR B 356 58.46 -44.83 -0.93
CA TYR B 356 59.30 -45.57 -1.87
C TYR B 356 59.85 -46.85 -1.26
N HIS B 357 60.12 -47.84 -2.13
CA HIS B 357 60.94 -49.00 -1.77
C HIS B 357 62.00 -49.23 -2.84
N HIS B 358 63.27 -49.23 -2.43
CA HIS B 358 64.40 -49.37 -3.35
C HIS B 358 65.16 -50.67 -3.14
N GLU B 359 65.83 -51.15 -4.18
CA GLU B 359 66.78 -52.27 -4.05
C GLU B 359 68.00 -52.08 -4.97
N ASN B 360 69.18 -52.12 -4.38
CA ASN B 360 70.46 -51.98 -5.09
C ASN B 360 71.53 -52.85 -4.42
N SER B 361 72.80 -52.72 -4.81
CA SER B 361 73.88 -53.49 -4.18
C SER B 361 74.07 -53.14 -2.70
N GLN B 362 73.83 -51.88 -2.32
CA GLN B 362 73.95 -51.45 -0.91
C GLN B 362 72.82 -51.98 0.01
N GLY B 363 71.75 -52.51 -0.56
CA GLY B 363 70.67 -53.11 0.23
C GLY B 363 69.29 -52.70 -0.27
N SER B 364 68.31 -52.74 0.65
CA SER B 364 66.93 -52.44 0.31
C SER B 364 66.20 -51.85 1.52
N GLY B 365 65.00 -51.34 1.27
CA GLY B 365 64.20 -50.76 2.34
C GLY B 365 63.12 -49.78 1.91
N TYR B 366 62.26 -49.49 2.88
CA TYR B 366 61.14 -48.59 2.70
C TYR B 366 61.49 -47.23 3.28
N ALA B 367 60.96 -46.18 2.68
CA ALA B 367 61.16 -44.82 3.18
C ALA B 367 60.02 -43.92 2.70
N ALA B 368 59.30 -43.31 3.65
CA ALA B 368 58.16 -42.47 3.32
C ALA B 368 58.63 -41.16 2.70
N ASP B 369 57.82 -40.61 1.79
CA ASP B 369 58.06 -39.27 1.24
C ASP B 369 57.45 -38.21 2.18
N LYS B 370 58.31 -37.44 2.85
CA LYS B 370 57.87 -36.52 3.90
C LYS B 370 56.98 -35.42 3.39
N GLU B 371 57.36 -34.81 2.27
CA GLU B 371 56.66 -33.65 1.74
C GLU B 371 55.19 -33.92 1.42
N SER B 372 54.96 -34.92 0.57
CA SER B 372 53.62 -35.26 0.14
C SER B 372 52.78 -35.84 1.29
N THR B 373 53.42 -36.59 2.18
CA THR B 373 52.73 -37.11 3.36
C THR B 373 52.26 -35.97 4.24
N GLN B 374 53.10 -34.96 4.46
CA GLN B 374 52.72 -33.85 5.34
C GLN B 374 51.61 -33.00 4.73
N LYS B 375 51.68 -32.75 3.43
CA LYS B 375 50.63 -32.00 2.76
C LYS B 375 49.27 -32.69 2.91
N ALA B 376 49.25 -34.01 2.79
CA ALA B 376 48.03 -34.77 3.01
C ALA B 376 47.56 -34.69 4.47
N ILE B 377 48.48 -34.87 5.42
CA ILE B 377 48.15 -34.70 6.84
C ILE B 377 47.53 -33.32 7.06
N ASP B 378 48.14 -32.28 6.50
CA ASP B 378 47.66 -30.91 6.73
C ASP B 378 46.26 -30.67 6.20
N GLY B 379 45.98 -31.17 5.00
CA GLY B 379 44.66 -31.06 4.40
C GLY B 379 43.57 -31.82 5.16
N ILE B 380 43.86 -33.07 5.53
CA ILE B 380 42.88 -33.88 6.23
C ILE B 380 42.62 -33.30 7.62
N THR B 381 43.67 -32.90 8.31
CA THR B 381 43.53 -32.25 9.62
C THR B 381 42.65 -31.01 9.50
N ASN B 382 42.92 -30.21 8.48
CA ASN B 382 42.16 -29.01 8.26
C ASN B 382 40.68 -29.31 7.95
N LYS B 383 40.44 -30.39 7.21
CA LYS B 383 39.11 -30.77 6.86
C LYS B 383 38.34 -31.16 8.12
N VAL B 384 38.97 -31.98 8.95
CA VAL B 384 38.34 -32.42 10.21
C VAL B 384 38.00 -31.22 11.08
N ASN B 385 38.98 -30.35 11.28
CA ASN B 385 38.76 -29.16 12.09
C ASN B 385 37.73 -28.22 11.50
N SER B 386 37.67 -28.10 10.18
CA SER B 386 36.69 -27.24 9.56
C SER B 386 35.28 -27.78 9.78
N ILE B 387 35.15 -29.09 9.67
CA ILE B 387 33.87 -29.74 9.91
C ILE B 387 33.49 -29.51 11.37
N ILE B 388 34.42 -29.75 12.27
CA ILE B 388 34.18 -29.57 13.68
C ILE B 388 33.75 -28.15 13.96
N ASP B 389 34.44 -27.21 13.36
CA ASP B 389 34.15 -25.80 13.56
C ASP B 389 32.74 -25.46 13.12
N LYS B 390 32.38 -25.86 11.91
CA LYS B 390 31.09 -25.50 11.36
C LYS B 390 29.93 -26.24 12.02
N MET B 391 30.22 -27.34 12.69
CA MET B 391 29.20 -28.10 13.41
C MET B 391 29.14 -27.72 14.88
N ASN B 392 29.83 -26.63 15.26
CA ASN B 392 29.89 -26.19 16.67
C ASN B 392 28.72 -25.31 17.14
N THR B 393 27.52 -25.75 16.85
CA THR B 393 26.35 -25.04 17.24
C THR B 393 25.34 -26.17 17.63
N GLN B 394 24.35 -25.90 18.51
CA GLN B 394 23.36 -26.90 18.85
C GLN B 394 21.99 -26.33 18.90
N PHE B 395 21.07 -27.09 18.31
CA PHE B 395 19.67 -26.81 18.50
C PHE B 395 19.32 -27.38 19.86
N GLU B 396 18.57 -26.63 20.65
CA GLU B 396 18.25 -27.08 22.02
C GLU B 396 16.76 -27.35 22.21
N ALA B 397 16.40 -28.62 22.32
CA ALA B 397 15.05 -29.01 22.70
C ALA B 397 14.82 -28.70 24.18
N VAL B 398 13.57 -28.49 24.57
CA VAL B 398 13.25 -28.09 25.93
C VAL B 398 12.13 -28.93 26.42
N GLU B 399 12.00 -29.12 27.72
CA GLU B 399 10.93 -29.96 28.24
C GLU B 399 9.84 -29.15 28.90
N HIS B 400 9.47 -28.03 28.29
CA HIS B 400 8.38 -27.29 28.83
C HIS B 400 7.16 -28.17 28.69
N GLU B 401 6.22 -27.97 29.58
CA GLU B 401 4.96 -28.70 29.52
C GLU B 401 3.85 -27.90 28.86
N PHE B 402 2.86 -28.64 28.39
CA PHE B 402 1.69 -28.07 27.73
C PHE B 402 0.43 -28.71 28.27
N SER B 403 -0.62 -27.95 28.49
CA SER B 403 -1.85 -28.49 29.03
C SER B 403 -2.62 -29.26 27.99
N ASN B 404 -3.76 -29.81 28.41
CA ASN B 404 -4.67 -30.49 27.49
C ASN B 404 -5.30 -29.58 26.48
N LEU B 405 -5.33 -28.29 26.76
CA LEU B 405 -5.87 -27.33 25.83
C LEU B 405 -4.78 -26.63 25.07
N GLU B 406 -3.62 -27.26 24.95
CA GLU B 406 -2.52 -26.66 24.21
C GLU B 406 -1.91 -27.67 23.30
N LYS B 407 -2.76 -28.51 22.69
CA LYS B 407 -2.29 -29.54 21.73
C LYS B 407 -1.65 -28.94 20.52
N ARG B 408 -2.20 -27.86 20.03
CA ARG B 408 -1.63 -27.23 18.87
C ARG B 408 -0.20 -26.72 19.11
N ILE B 409 0.04 -25.93 20.17
CA ILE B 409 1.41 -25.46 20.39
C ILE B 409 2.32 -26.60 20.80
N SER B 410 1.81 -27.58 21.52
CA SER B 410 2.63 -28.75 21.87
C SER B 410 3.04 -29.45 20.60
N ASN B 411 2.14 -29.61 19.64
CA ASN B 411 2.48 -30.29 18.38
C ASN B 411 3.40 -29.41 17.53
N LEU B 412 3.20 -28.11 17.60
CA LEU B 412 4.11 -27.21 16.96
C LEU B 412 5.55 -27.38 17.52
N ASN B 413 5.70 -27.42 18.84
CA ASN B 413 7.02 -27.59 19.45
C ASN B 413 7.63 -28.93 19.05
N LYS B 414 6.85 -29.98 19.08
CA LYS B 414 7.35 -31.29 18.64
C LYS B 414 7.80 -31.33 17.15
N ARG B 415 6.99 -30.81 16.22
CA ARG B 415 7.35 -30.86 14.82
C ARG B 415 8.59 -30.04 14.57
N MET B 416 8.71 -28.92 15.26
CA MET B 416 9.89 -28.09 15.13
C MET B 416 11.16 -28.81 15.63
N GLU B 417 11.10 -29.37 16.83
CA GLU B 417 12.20 -30.11 17.35
C GLU B 417 12.60 -31.28 16.49
N ASP B 418 11.64 -32.08 16.04
CA ASP B 418 11.95 -33.17 15.13
C ASP B 418 12.43 -32.64 13.77
N GLY B 419 11.92 -31.49 13.33
CA GLY B 419 12.36 -30.85 12.11
C GLY B 419 13.84 -30.53 12.12
N PHE B 420 14.35 -29.91 13.17
CA PHE B 420 15.77 -29.58 13.17
C PHE B 420 16.61 -30.82 13.36
N LEU B 421 16.09 -31.80 14.09
CA LEU B 421 16.81 -33.04 14.33
C LEU B 421 17.04 -33.74 12.99
N ASP B 422 16.00 -33.77 12.18
CA ASP B 422 16.12 -34.39 10.88
C ASP B 422 17.05 -33.62 9.97
N VAL B 423 17.04 -32.29 10.01
CA VAL B 423 17.97 -31.56 9.19
C VAL B 423 19.40 -31.79 9.62
N TRP B 424 19.68 -31.73 10.90
CA TRP B 424 21.05 -31.91 11.33
C TRP B 424 21.54 -33.34 11.15
N THR B 425 20.66 -34.32 11.31
CA THR B 425 21.07 -35.69 11.13
C THR B 425 21.47 -35.87 9.66
N TYR B 426 20.63 -35.38 8.76
CA TYR B 426 20.90 -35.45 7.33
C TYR B 426 22.22 -34.79 7.02
N ASN B 427 22.40 -33.55 7.46
CA ASN B 427 23.62 -32.83 7.16
C ASN B 427 24.86 -33.57 7.62
N ALA B 428 24.81 -34.15 8.79
CA ALA B 428 25.95 -34.85 9.31
C ALA B 428 26.21 -36.14 8.52
N GLU B 429 25.21 -36.97 8.33
CA GLU B 429 25.39 -38.25 7.66
C GLU B 429 25.79 -38.11 6.20
N LEU B 430 25.17 -37.19 5.49
CA LEU B 430 25.53 -36.98 4.09
C LEU B 430 26.95 -36.43 3.97
N LEU B 431 27.35 -35.54 4.86
CA LEU B 431 28.62 -34.91 4.74
C LEU B 431 29.70 -35.98 4.91
N VAL B 432 29.48 -36.88 5.84
CA VAL B 432 30.44 -37.94 6.11
C VAL B 432 30.60 -38.88 4.92
N LEU B 433 29.51 -39.27 4.29
CA LEU B 433 29.58 -40.07 3.09
C LEU B 433 30.34 -39.37 1.95
N LEU B 434 30.04 -38.10 1.73
CA LEU B 434 30.61 -37.39 0.61
C LEU B 434 32.09 -37.09 0.82
N GLU B 435 32.47 -36.68 2.01
CA GLU B 435 33.85 -36.32 2.21
C GLU B 435 34.73 -37.55 2.35
N ASN B 436 34.15 -38.66 2.77
CA ASN B 436 34.91 -39.89 2.82
C ASN B 436 35.37 -40.26 1.41
N GLU B 437 34.49 -40.09 0.44
CA GLU B 437 34.83 -40.41 -0.93
C GLU B 437 35.92 -39.49 -1.40
N ARG B 438 35.84 -38.23 -1.06
CA ARG B 438 36.85 -37.27 -1.50
C ARG B 438 38.18 -37.55 -0.86
N THR B 439 38.16 -37.86 0.42
CA THR B 439 39.38 -38.12 1.15
C THR B 439 40.14 -39.31 0.56
N LEU B 440 39.44 -40.40 0.29
CA LEU B 440 40.07 -41.57 -0.31
C LEU B 440 40.54 -41.35 -1.75
N ASP B 441 39.82 -40.51 -2.50
CA ASP B 441 40.27 -40.13 -3.84
C ASP B 441 41.53 -39.28 -3.80
N MET B 442 41.63 -38.37 -2.83
CA MET B 442 42.84 -37.54 -2.68
C MET B 442 44.09 -38.43 -2.50
N HIS B 443 43.99 -39.45 -1.65
CA HIS B 443 45.10 -40.38 -1.48
C HIS B 443 45.55 -41.06 -2.79
N ASP B 444 44.61 -41.62 -3.54
CA ASP B 444 44.92 -42.21 -4.85
C ASP B 444 45.69 -41.25 -5.74
N ALA B 445 45.23 -40.00 -5.79
CA ALA B 445 45.87 -38.99 -6.65
C ALA B 445 47.30 -38.66 -6.17
N ASN B 446 47.50 -38.60 -4.86
CA ASN B 446 48.81 -38.30 -4.30
C ASN B 446 49.85 -39.39 -4.65
N VAL B 447 49.46 -40.65 -4.49
CA VAL B 447 50.31 -41.77 -4.89
C VAL B 447 50.67 -41.70 -6.39
N LYS B 448 49.67 -41.50 -7.24
CA LYS B 448 49.87 -41.41 -8.69
C LYS B 448 50.86 -40.30 -9.05
N ASN B 449 50.76 -39.16 -8.36
CA ASN B 449 51.67 -38.05 -8.64
C ASN B 449 53.14 -38.45 -8.45
N LEU B 450 53.44 -39.09 -7.33
CA LEU B 450 54.81 -39.52 -7.06
C LEU B 450 55.35 -40.48 -8.12
N HIS B 451 54.53 -41.46 -8.48
CA HIS B 451 54.87 -42.46 -9.50
C HIS B 451 55.16 -41.82 -10.84
N GLU B 452 54.36 -40.83 -11.19
CA GLU B 452 54.62 -40.12 -12.44
C GLU B 452 55.90 -39.25 -12.36
N LYS B 453 56.19 -38.64 -11.21
CA LYS B 453 57.41 -37.81 -11.14
C LYS B 453 58.67 -38.62 -11.38
N VAL B 454 58.64 -39.86 -10.92
CA VAL B 454 59.72 -40.81 -11.16
C VAL B 454 59.74 -41.32 -12.61
N LYS B 455 58.58 -41.67 -13.17
CA LYS B 455 58.52 -42.03 -14.59
C LYS B 455 59.17 -40.98 -15.50
N SER B 456 58.72 -39.73 -15.40
CA SER B 456 59.22 -38.65 -16.26
C SER B 456 60.75 -38.50 -16.19
N GLN B 457 61.34 -38.75 -15.02
CA GLN B 457 62.79 -38.56 -14.82
C GLN B 457 63.60 -39.63 -15.56
N LEU B 458 63.24 -40.89 -15.36
CA LEU B 458 64.03 -42.03 -15.85
C LEU B 458 63.86 -42.35 -17.33
N ARG B 459 62.74 -41.90 -17.91
CA ARG B 459 62.45 -42.17 -19.30
C ARG B 459 62.74 -43.65 -19.60
N ASP B 460 63.63 -43.94 -20.55
CA ASP B 460 63.90 -45.32 -20.96
C ASP B 460 65.29 -45.84 -20.51
N ASN B 461 65.82 -45.27 -19.42
CA ASN B 461 66.92 -45.90 -18.66
C ASN B 461 66.35 -46.80 -17.49
N ALA B 462 65.01 -46.96 -17.45
CA ALA B 462 64.36 -47.98 -16.61
C ALA B 462 63.14 -48.56 -17.32
N LYS B 463 62.72 -49.76 -16.91
CA LYS B 463 61.49 -50.41 -17.40
C LYS B 463 60.31 -50.24 -16.43
N ASP B 464 59.15 -49.89 -16.97
CA ASP B 464 57.97 -49.61 -16.15
C ASP B 464 57.54 -50.82 -15.33
N LEU B 465 57.41 -51.98 -15.97
CA LEU B 465 56.83 -53.19 -15.34
C LEU B 465 55.30 -53.15 -15.09
N GLY B 466 54.63 -52.01 -15.29
CA GLY B 466 53.16 -51.87 -15.08
C GLY B 466 52.74 -52.29 -13.67
N ASN B 467 53.57 -51.92 -12.72
CA ASN B 467 53.69 -52.57 -11.43
C ASN B 467 53.72 -51.58 -10.25
N GLY B 468 54.01 -50.31 -10.52
CA GLY B 468 54.36 -49.35 -9.49
C GLY B 468 55.87 -49.22 -9.38
N CYS B 469 56.59 -50.25 -9.84
CA CYS B 469 58.03 -50.33 -9.68
C CYS B 469 58.72 -50.08 -11.00
N PHE B 470 60.02 -49.76 -10.92
CA PHE B 470 60.85 -49.54 -12.09
C PHE B 470 62.14 -50.35 -12.03
N GLU B 471 62.37 -51.24 -12.98
CA GLU B 471 63.66 -51.91 -13.08
C GLU B 471 64.66 -51.05 -13.87
N PHE B 472 65.69 -50.60 -13.17
CA PHE B 472 66.76 -49.81 -13.78
C PHE B 472 67.55 -50.64 -14.82
N TRP B 473 67.78 -50.04 -15.99
CA TRP B 473 68.67 -50.62 -17.00
C TRP B 473 70.15 -50.41 -16.63
N HIS B 474 70.42 -49.84 -15.45
CA HIS B 474 71.76 -49.61 -14.98
C HIS B 474 71.86 -49.80 -13.46
N LYS B 475 73.07 -49.62 -12.94
CA LYS B 475 73.34 -49.62 -11.50
C LYS B 475 72.94 -48.27 -10.87
N CYS B 476 72.10 -48.31 -9.82
CA CYS B 476 71.64 -47.11 -9.14
C CYS B 476 71.98 -47.17 -7.64
N ASP B 477 73.08 -46.51 -7.29
CA ASP B 477 73.60 -46.42 -5.91
C ASP B 477 72.67 -45.63 -4.96
N ASN B 478 73.01 -45.65 -3.68
CA ASN B 478 72.25 -44.89 -2.67
C ASN B 478 72.28 -43.37 -2.87
N GLU B 479 73.09 -42.88 -3.79
CA GLU B 479 73.05 -41.47 -4.13
C GLU B 479 72.25 -41.23 -5.41
N CYS B 480 72.25 -42.21 -6.30
CA CYS B 480 71.38 -42.19 -7.48
C CYS B 480 69.91 -42.24 -7.03
N ILE B 481 69.62 -43.04 -6.00
CA ILE B 481 68.24 -43.25 -5.51
C ILE B 481 67.70 -41.99 -4.81
N ASN B 482 68.52 -41.39 -3.96
CA ASN B 482 68.20 -40.12 -3.30
C ASN B 482 68.16 -38.95 -4.29
N SER B 483 68.87 -39.11 -5.40
CA SER B 483 68.76 -38.18 -6.52
C SER B 483 67.37 -38.23 -7.17
N VAL B 484 66.69 -39.38 -7.07
CA VAL B 484 65.29 -39.50 -7.52
C VAL B 484 64.32 -38.86 -6.51
N LYS B 485 64.56 -39.12 -5.22
CA LYS B 485 63.64 -38.66 -4.16
C LYS B 485 63.59 -37.13 -4.00
N ASN B 486 64.64 -36.43 -4.43
CA ASN B 486 64.64 -34.96 -4.44
C ASN B 486 64.34 -34.39 -5.84
N GLY B 487 64.18 -35.27 -6.85
CA GLY B 487 63.79 -34.89 -8.20
C GLY B 487 64.88 -34.43 -9.17
N THR B 488 66.14 -34.78 -8.89
CA THR B 488 67.31 -34.34 -9.69
C THR B 488 68.18 -35.53 -10.11
N TYR B 489 67.85 -36.14 -11.24
CA TYR B 489 68.34 -37.49 -11.56
C TYR B 489 69.54 -37.53 -12.51
N ASN B 490 69.52 -36.72 -13.58
CA ASN B 490 70.56 -36.74 -14.61
C ASN B 490 70.51 -38.03 -15.44
N TYR B 491 69.77 -37.94 -16.54
CA TYR B 491 69.58 -39.03 -17.48
C TYR B 491 70.84 -39.34 -18.33
N PRO B 492 71.51 -38.32 -18.93
CA PRO B 492 72.69 -38.60 -19.79
C PRO B 492 73.82 -39.40 -19.14
N LYS B 493 73.98 -39.26 -17.82
CA LYS B 493 75.00 -40.06 -17.09
C LYS B 493 74.88 -41.57 -17.33
N TYR B 494 73.63 -42.03 -17.36
CA TYR B 494 73.34 -43.46 -17.49
C TYR B 494 72.63 -43.80 -18.81
N GLN B 495 72.46 -42.81 -19.69
CA GLN B 495 71.72 -42.98 -20.96
C GLN B 495 72.34 -44.03 -21.89
N GLU B 496 73.65 -43.93 -22.13
CA GLU B 496 74.37 -44.92 -22.92
C GLU B 496 74.22 -46.34 -22.33
N GLU B 497 74.49 -46.48 -21.02
CA GLU B 497 74.47 -47.76 -20.34
C GLU B 497 73.09 -48.44 -20.51
N SER B 498 72.05 -47.63 -20.65
CA SER B 498 70.70 -48.12 -21.00
C SER B 498 70.65 -48.70 -22.41
N ARG B 499 71.01 -47.88 -23.40
CA ARG B 499 70.93 -48.30 -24.83
C ARG B 499 71.76 -49.58 -25.10
N LEU B 500 72.78 -49.87 -24.29
CA LEU B 500 73.55 -51.15 -24.40
C LEU B 500 72.62 -52.38 -24.33
N ASN B 501 71.78 -52.39 -23.29
CA ASN B 501 70.90 -53.52 -23.03
C ASN B 501 69.73 -53.64 -24.02
N ARG B 502 70.06 -54.14 -25.22
CA ARG B 502 69.13 -54.31 -26.37
C ARG B 502 69.77 -55.24 -27.41
N ASP C 5 46.66 -52.45 -37.89
CA ASP C 5 45.97 -53.09 -36.72
C ASP C 5 45.82 -52.10 -35.58
N LYS C 6 44.61 -52.01 -35.01
CA LYS C 6 44.31 -51.02 -33.99
C LYS C 6 43.34 -51.48 -32.88
N ILE C 7 43.41 -50.78 -31.74
CA ILE C 7 42.45 -50.95 -30.62
C ILE C 7 42.02 -49.57 -30.11
N CYS C 8 40.72 -49.40 -29.91
CA CYS C 8 40.19 -48.12 -29.41
C CYS C 8 39.54 -48.29 -28.04
N ILE C 9 39.50 -47.19 -27.29
CA ILE C 9 38.75 -47.08 -26.06
C ILE C 9 37.61 -46.06 -26.21
N GLY C 10 36.41 -46.47 -25.80
CA GLY C 10 35.23 -45.60 -25.89
C GLY C 10 34.16 -45.90 -24.86
N TYR C 11 33.05 -45.19 -25.01
CA TYR C 11 31.98 -45.28 -24.04
C TYR C 11 30.65 -45.29 -24.74
N HIS C 12 29.65 -45.76 -24.00
CA HIS C 12 28.30 -45.98 -24.51
C HIS C 12 27.63 -44.69 -24.98
N ALA C 13 26.84 -44.80 -26.04
CA ALA C 13 25.89 -43.77 -26.39
C ALA C 13 24.57 -44.41 -26.74
N ASN C 14 23.53 -43.60 -26.86
CA ASN C 14 22.22 -44.11 -27.22
C ASN C 14 21.35 -42.98 -27.76
N ASN C 15 20.03 -43.25 -27.86
CA ASN C 15 19.08 -42.32 -28.47
C ASN C 15 18.39 -41.39 -27.46
N SER C 16 18.84 -41.42 -26.20
CA SER C 16 18.25 -40.63 -25.12
C SER C 16 18.31 -39.12 -25.38
N THR C 17 17.19 -38.46 -25.10
CA THR C 17 17.09 -37.01 -25.23
C THR C 17 16.87 -36.35 -23.85
N THR C 18 16.96 -37.15 -22.78
CA THR C 18 16.79 -36.66 -21.41
C THR C 18 17.94 -35.79 -21.01
N GLN C 19 17.65 -34.60 -20.49
CA GLN C 19 18.72 -33.69 -20.01
C GLN C 19 18.75 -33.56 -18.46
N VAL C 20 19.92 -33.24 -17.92
CA VAL C 20 20.08 -32.87 -16.52
C VAL C 20 20.88 -31.59 -16.39
N ASP C 21 20.86 -30.97 -15.21
CA ASP C 21 21.72 -29.81 -14.92
C ASP C 21 22.79 -30.18 -13.93
N THR C 22 23.89 -29.46 -13.98
CA THR C 22 24.94 -29.61 -13.01
C THR C 22 25.35 -28.23 -12.54
N ILE C 23 26.21 -28.21 -11.54
CA ILE C 23 26.67 -26.95 -11.01
C ILE C 23 27.41 -26.10 -12.08
N LEU C 24 28.10 -26.76 -13.01
CA LEU C 24 28.92 -26.08 -14.01
C LEU C 24 28.24 -25.83 -15.34
N GLU C 25 27.21 -26.61 -15.67
CA GLU C 25 26.57 -26.48 -16.98
C GLU C 25 25.15 -27.03 -16.98
N LYS C 26 24.33 -26.47 -17.85
CA LYS C 26 22.91 -26.76 -17.89
C LYS C 26 22.54 -27.49 -19.16
N ASN C 27 21.39 -28.14 -19.16
CA ASN C 27 20.87 -28.80 -20.35
C ASN C 27 21.87 -29.79 -20.97
N VAL C 28 22.34 -30.74 -20.18
CA VAL C 28 23.34 -31.71 -20.60
C VAL C 28 22.62 -33.01 -20.85
N THR C 29 22.67 -33.50 -22.09
CA THR C 29 21.98 -34.74 -22.44
C THR C 29 22.76 -35.92 -21.89
N VAL C 30 22.05 -36.87 -21.30
CA VAL C 30 22.70 -38.04 -20.72
C VAL C 30 21.98 -39.30 -21.13
N THR C 31 22.63 -40.43 -20.92
CA THR C 31 22.18 -41.68 -21.48
C THR C 31 21.17 -42.37 -20.61
N HIS C 32 21.33 -42.16 -19.30
CA HIS C 32 20.41 -42.68 -18.31
C HIS C 32 20.28 -41.66 -17.21
N SER C 33 19.12 -41.65 -16.58
CA SER C 33 18.84 -40.71 -15.50
C SER C 33 17.65 -41.19 -14.70
N VAL C 34 17.45 -40.58 -13.55
CA VAL C 34 16.34 -40.96 -12.70
C VAL C 34 15.75 -39.68 -12.12
N GLU C 35 14.43 -39.58 -12.20
CA GLU C 35 13.68 -38.43 -11.71
C GLU C 35 13.34 -38.78 -10.27
N LEU C 36 13.80 -37.96 -9.33
CA LEU C 36 13.56 -38.24 -7.91
C LEU C 36 12.25 -37.64 -7.41
N LEU C 37 11.66 -36.76 -8.19
CA LEU C 37 10.48 -36.01 -7.80
C LEU C 37 9.17 -36.57 -8.42
N GLU C 38 8.17 -36.82 -7.57
CA GLU C 38 6.86 -37.23 -8.05
C GLU C 38 5.95 -36.02 -8.20
N THR C 39 5.37 -35.83 -9.37
CA THR C 39 4.51 -34.69 -9.63
C THR C 39 3.07 -35.06 -9.84
N GLN C 40 2.75 -36.35 -9.93
CA GLN C 40 1.39 -36.76 -10.28
C GLN C 40 0.60 -37.19 -9.05
N LYS C 41 -0.71 -37.00 -9.15
CA LYS C 41 -1.64 -37.45 -8.14
C LYS C 41 -2.99 -37.65 -8.76
N GLU C 42 -3.77 -38.53 -8.14
CA GLU C 42 -5.18 -38.70 -8.49
C GLU C 42 -5.97 -37.70 -7.65
N SER C 43 -6.79 -36.89 -8.31
CA SER C 43 -7.55 -35.85 -7.64
C SER C 43 -8.77 -36.40 -6.92
N ARG C 44 -8.54 -37.16 -5.85
CA ARG C 44 -9.63 -37.73 -5.08
C ARG C 44 -9.16 -38.16 -3.70
N PHE C 45 -10.11 -38.52 -2.85
CA PHE C 45 -9.83 -39.07 -1.55
C PHE C 45 -10.12 -40.58 -1.48
N CYS C 46 -9.10 -41.35 -1.11
CA CYS C 46 -9.17 -42.77 -0.95
C CYS C 46 -9.11 -43.21 0.50
N ARG C 47 -9.29 -44.51 0.70
CA ARG C 47 -9.06 -45.12 2.00
C ARG C 47 -7.59 -45.14 2.32
N VAL C 48 -7.29 -45.06 3.60
CA VAL C 48 -5.92 -45.18 4.08
C VAL C 48 -5.84 -46.27 5.17
N LEU C 49 -4.91 -47.20 5.01
CA LEU C 49 -4.88 -48.44 5.79
C LEU C 49 -6.29 -49.05 5.87
N ASN C 50 -6.95 -49.04 4.72
CA ASN C 50 -8.25 -49.61 4.57
C ASN C 50 -9.37 -48.99 5.37
N LYS C 51 -9.20 -47.76 5.84
CA LYS C 51 -10.29 -47.05 6.49
C LYS C 51 -10.63 -45.81 5.70
N ALA C 52 -11.93 -45.60 5.56
CA ALA C 52 -12.45 -44.57 4.73
C ALA C 52 -12.47 -43.23 5.46
N PRO C 53 -12.41 -42.14 4.71
CA PRO C 53 -12.65 -40.83 5.32
C PRO C 53 -14.11 -40.61 5.60
N LEU C 54 -14.42 -39.64 6.45
CA LEU C 54 -15.78 -39.25 6.78
C LEU C 54 -16.05 -37.98 6.06
N ASP C 55 -17.06 -38.01 5.22
CA ASP C 55 -17.46 -36.85 4.44
C ASP C 55 -18.53 -36.12 5.24
N LEU C 56 -18.30 -34.85 5.56
CA LEU C 56 -19.26 -34.08 6.35
C LEU C 56 -20.33 -33.44 5.51
N GLY C 57 -20.25 -33.59 4.20
CA GLY C 57 -21.35 -33.20 3.32
C GLY C 57 -21.60 -31.71 3.38
N ASP C 58 -22.81 -31.33 3.72
CA ASP C 58 -23.16 -29.90 3.90
C ASP C 58 -23.04 -29.41 5.35
N CYS C 59 -22.35 -30.19 6.16
CA CYS C 59 -22.11 -29.74 7.55
C CYS C 59 -20.64 -29.38 7.83
N THR C 60 -20.46 -28.40 8.69
CA THR C 60 -19.10 -28.10 9.24
C THR C 60 -18.81 -29.03 10.40
N THR C 61 -17.56 -29.06 10.78
CA THR C 61 -17.12 -29.93 11.85
C THR C 61 -17.97 -29.68 13.05
N GLU C 62 -18.29 -28.42 13.27
CA GLU C 62 -19.06 -28.07 14.42
C GLU C 62 -20.49 -28.44 14.31
N GLY C 63 -21.07 -28.25 13.14
CA GLY C 63 -22.45 -28.67 12.93
C GLY C 63 -22.59 -30.16 13.20
N TRP C 64 -21.62 -30.92 12.73
CA TRP C 64 -21.64 -32.36 12.90
C TRP C 64 -21.58 -32.68 14.39
N ILE C 65 -20.52 -32.24 15.06
CA ILE C 65 -20.21 -32.73 16.40
C ILE C 65 -21.14 -32.20 17.47
N LEU C 66 -21.75 -31.04 17.24
CA LEU C 66 -22.80 -30.57 18.15
C LEU C 66 -24.16 -31.18 17.85
N GLY C 67 -24.32 -31.78 16.66
CA GLY C 67 -25.59 -32.39 16.27
C GLY C 67 -26.59 -31.39 15.77
N ASN C 68 -26.15 -30.41 14.98
CA ASN C 68 -27.10 -29.60 14.21
C ASN C 68 -28.12 -30.53 13.47
N PRO C 69 -29.43 -30.27 13.64
CA PRO C 69 -30.40 -31.24 13.19
C PRO C 69 -30.56 -31.36 11.67
N ARG C 70 -29.89 -30.52 10.89
CA ARG C 70 -29.76 -30.77 9.48
C ARG C 70 -28.61 -31.69 9.15
N CYS C 71 -27.92 -32.25 10.14
CA CYS C 71 -26.76 -33.09 9.89
C CYS C 71 -27.04 -34.54 10.26
N ASP C 72 -28.31 -34.93 10.32
CA ASP C 72 -28.71 -36.28 10.74
C ASP C 72 -28.08 -37.40 9.91
N LYS C 73 -27.73 -37.11 8.70
CA LYS C 73 -26.97 -38.05 7.89
C LYS C 73 -25.65 -38.50 8.55
N LEU C 74 -25.14 -37.73 9.49
CA LEU C 74 -23.89 -38.07 10.17
C LEU C 74 -24.11 -38.62 11.59
N LEU C 75 -25.35 -38.58 12.08
CA LEU C 75 -25.65 -38.85 13.47
C LEU C 75 -25.25 -40.26 13.88
N GLY C 76 -24.56 -40.39 15.00
CA GLY C 76 -24.33 -41.71 15.62
C GLY C 76 -22.87 -42.12 15.58
N ASP C 77 -22.65 -43.42 15.64
CA ASP C 77 -21.36 -43.96 15.71
C ASP C 77 -20.71 -43.81 14.37
N ARG C 78 -19.46 -43.34 14.37
CA ARG C 78 -18.69 -43.27 13.12
C ARG C 78 -17.23 -43.58 13.37
N SER C 79 -16.54 -43.92 12.31
CA SER C 79 -15.15 -44.17 12.36
C SER C 79 -14.52 -43.66 11.10
N TRP C 80 -13.25 -43.22 11.18
CA TRP C 80 -12.62 -42.62 10.00
C TRP C 80 -11.11 -42.56 10.07
N SER C 81 -10.46 -42.53 8.90
CA SER C 81 -9.01 -42.34 8.80
C SER C 81 -8.66 -40.87 8.72
N TYR C 82 -9.56 -40.09 8.14
CA TYR C 82 -9.49 -38.64 8.11
C TYR C 82 -10.86 -38.05 7.82
N ILE C 83 -10.99 -36.73 7.94
CA ILE C 83 -12.25 -36.01 7.79
C ILE C 83 -12.16 -35.09 6.64
N VAL C 84 -13.24 -35.00 5.85
CA VAL C 84 -13.30 -34.13 4.70
C VAL C 84 -14.45 -33.18 4.92
N GLU C 85 -14.12 -31.91 5.06
CA GLU C 85 -15.08 -30.86 5.28
C GLU C 85 -15.13 -30.02 4.04
N ARG C 86 -16.33 -29.74 3.59
CA ARG C 86 -16.54 -29.09 2.31
C ARG C 86 -16.55 -27.62 2.50
N PRO C 87 -15.88 -26.85 1.63
CA PRO C 87 -15.63 -25.39 1.91
C PRO C 87 -16.90 -24.56 1.98
N ASP C 88 -17.90 -24.96 1.24
CA ASP C 88 -19.19 -24.30 1.25
C ASP C 88 -20.21 -24.81 2.26
N ALA C 89 -19.82 -25.69 3.18
CA ALA C 89 -20.77 -26.28 4.10
C ALA C 89 -21.54 -25.23 4.87
N GLN C 90 -22.85 -25.38 4.90
CA GLN C 90 -23.77 -24.37 5.44
C GLN C 90 -24.31 -24.66 6.83
N ASN C 91 -24.28 -25.91 7.24
CA ASN C 91 -24.86 -26.28 8.51
C ASN C 91 -23.79 -26.41 9.60
N GLY C 92 -23.73 -25.37 10.42
CA GLY C 92 -22.74 -25.30 11.48
C GLY C 92 -23.40 -24.88 12.77
N ILE C 93 -22.94 -23.78 13.31
CA ILE C 93 -23.47 -23.33 14.58
C ILE C 93 -24.67 -22.49 14.23
N CYS C 94 -25.88 -22.99 14.39
CA CYS C 94 -27.04 -22.32 13.83
C CYS C 94 -27.58 -21.30 14.78
N TYR C 95 -27.62 -21.59 16.09
CA TYR C 95 -27.99 -20.53 17.07
C TYR C 95 -26.74 -19.76 17.39
N PRO C 96 -26.78 -18.44 17.21
CA PRO C 96 -25.51 -17.70 17.18
C PRO C 96 -24.76 -17.73 18.51
N GLY C 97 -23.45 -17.78 18.39
CA GLY C 97 -22.52 -17.69 19.52
C GLY C 97 -21.17 -18.28 19.19
N VAL C 98 -20.34 -18.44 20.19
CA VAL C 98 -18.98 -18.89 20.00
C VAL C 98 -18.81 -20.23 20.64
N LEU C 99 -18.02 -21.09 19.98
CA LEU C 99 -17.51 -22.30 20.62
C LEU C 99 -16.16 -22.02 21.21
N LYS C 100 -16.06 -22.09 22.54
CA LYS C 100 -14.80 -21.90 23.21
C LYS C 100 -13.79 -22.96 22.84
N GLU C 101 -12.58 -22.51 22.57
CA GLU C 101 -11.46 -23.38 22.25
C GLU C 101 -11.83 -24.24 21.06
N ALA C 102 -12.46 -23.62 20.07
CA ALA C 102 -12.87 -24.32 18.89
C ALA C 102 -11.72 -24.92 18.16
N GLU C 103 -10.59 -24.24 18.16
CA GLU C 103 -9.47 -24.71 17.37
C GLU C 103 -8.81 -25.93 18.02
N GLU C 104 -8.79 -25.97 19.36
CA GLU C 104 -8.28 -27.09 20.07
C GLU C 104 -9.24 -28.31 19.95
N LEU C 105 -10.54 -28.06 19.89
CA LEU C 105 -11.48 -29.12 19.60
C LEU C 105 -11.18 -29.79 18.29
N LYS C 106 -10.89 -28.99 17.28
CA LYS C 106 -10.62 -29.56 15.99
C LYS C 106 -9.39 -30.38 16.00
N ALA C 107 -8.37 -29.91 16.71
CA ALA C 107 -7.13 -30.70 16.80
C ALA C 107 -7.40 -32.06 17.46
N LEU C 108 -8.26 -32.04 18.46
CA LEU C 108 -8.65 -33.25 19.15
C LEU C 108 -9.34 -34.19 18.21
N ILE C 109 -10.31 -33.64 17.50
CA ILE C 109 -11.12 -34.44 16.60
C ILE C 109 -10.29 -35.05 15.50
N GLY C 110 -9.30 -34.31 15.00
CA GLY C 110 -8.40 -34.88 14.01
C GLY C 110 -7.58 -36.04 14.56
N SER C 111 -7.42 -36.14 15.87
CA SER C 111 -6.64 -37.22 16.46
C SER C 111 -7.46 -38.43 16.87
N ILE C 112 -8.78 -38.34 16.66
CA ILE C 112 -9.68 -39.38 17.00
C ILE C 112 -9.93 -40.29 15.79
N ASP C 113 -10.25 -41.51 16.16
CA ASP C 113 -10.37 -42.67 15.34
C ASP C 113 -11.86 -43.15 15.17
N THR C 114 -12.56 -43.24 16.29
CA THR C 114 -13.88 -43.79 16.32
C THR C 114 -14.60 -43.05 17.39
N ILE C 115 -15.90 -42.87 17.21
CA ILE C 115 -16.78 -42.38 18.26
C ILE C 115 -18.03 -43.23 18.36
N GLN C 116 -18.56 -43.32 19.56
CA GLN C 116 -19.84 -43.96 19.82
C GLN C 116 -20.72 -42.98 20.56
N ARG C 117 -21.87 -42.65 19.97
CA ARG C 117 -22.77 -41.66 20.53
C ARG C 117 -23.71 -42.30 21.53
N PHE C 118 -23.94 -41.65 22.67
CA PHE C 118 -24.78 -42.23 23.72
C PHE C 118 -25.44 -41.11 24.53
N GLU C 119 -26.59 -41.40 25.15
CA GLU C 119 -27.30 -40.44 25.97
C GLU C 119 -26.62 -40.33 27.32
N MET C 120 -26.03 -39.18 27.59
CA MET C 120 -25.27 -39.00 28.80
C MET C 120 -26.17 -38.53 29.95
N PHE C 121 -27.11 -37.66 29.64
CA PHE C 121 -28.05 -37.09 30.62
C PHE C 121 -29.41 -37.06 29.97
N PRO C 122 -30.28 -38.00 30.33
CA PRO C 122 -31.62 -37.95 29.78
C PRO C 122 -32.41 -36.77 30.33
N LYS C 123 -33.50 -36.42 29.67
CA LYS C 123 -34.33 -35.28 30.07
C LYS C 123 -34.84 -35.40 31.50
N SER C 124 -35.14 -36.62 31.90
CA SER C 124 -35.61 -36.92 33.25
C SER C 124 -34.62 -36.49 34.33
N THR C 125 -33.37 -36.24 33.96
CA THR C 125 -32.43 -35.81 34.95
C THR C 125 -32.77 -34.51 35.61
N TRP C 126 -33.50 -33.65 34.89
CA TRP C 126 -33.65 -32.25 35.31
C TRP C 126 -35.08 -32.05 35.75
N THR C 127 -35.27 -31.91 37.07
CA THR C 127 -36.60 -31.89 37.67
C THR C 127 -37.02 -30.47 38.06
N GLY C 128 -38.28 -30.20 37.84
CA GLY C 128 -38.86 -28.90 38.20
C GLY C 128 -38.59 -27.84 37.15
N VAL C 129 -38.40 -28.26 35.91
CA VAL C 129 -38.11 -27.35 34.80
C VAL C 129 -38.69 -27.93 33.50
N ASP C 130 -38.76 -27.08 32.48
CA ASP C 130 -39.29 -27.45 31.18
C ASP C 130 -38.12 -27.91 30.32
N THR C 131 -38.15 -29.17 29.87
CA THR C 131 -37.13 -29.74 29.00
C THR C 131 -37.62 -29.95 27.57
N ASN C 132 -38.84 -29.52 27.26
CA ASN C 132 -39.42 -29.84 25.94
C ASN C 132 -39.76 -28.64 25.09
N SER C 133 -39.21 -27.48 25.45
CA SER C 133 -39.54 -26.23 24.75
C SER C 133 -38.34 -25.54 24.16
N GLY C 134 -37.16 -26.16 24.26
CA GLY C 134 -35.92 -25.49 23.91
C GLY C 134 -35.60 -25.63 22.43
N VAL C 135 -36.39 -24.98 21.58
CA VAL C 135 -36.19 -25.01 20.12
C VAL C 135 -36.13 -23.59 19.58
N THR C 136 -35.57 -23.40 18.38
CA THR C 136 -35.46 -22.08 17.74
C THR C 136 -35.58 -22.18 16.25
N SER C 137 -36.09 -21.09 15.66
CA SER C 137 -36.15 -20.96 14.23
C SER C 137 -34.79 -20.82 13.58
N ALA C 138 -33.77 -20.47 14.37
CA ALA C 138 -32.38 -20.45 13.86
C ALA C 138 -31.87 -21.85 13.53
N CYS C 139 -32.44 -22.91 14.13
CA CYS C 139 -31.98 -24.29 13.91
C CYS C 139 -33.18 -25.16 13.46
N THR C 140 -33.43 -25.15 12.17
CA THR C 140 -34.64 -25.70 11.61
C THR C 140 -34.44 -27.15 11.25
N TYR C 141 -35.50 -27.95 11.42
CA TYR C 141 -35.51 -29.34 10.96
C TYR C 141 -36.89 -29.53 10.28
N ASN C 142 -36.89 -29.82 8.98
CA ASN C 142 -38.13 -30.10 8.22
C ASN C 142 -39.18 -29.00 8.34
N GLY C 143 -38.77 -27.78 8.06
CA GLY C 143 -39.69 -26.65 8.25
C GLY C 143 -40.06 -26.24 9.68
N GLY C 144 -39.69 -27.04 10.70
CA GLY C 144 -39.92 -26.70 12.10
C GLY C 144 -38.73 -26.15 12.90
N SER C 145 -39.01 -25.47 14.00
CA SER C 145 -38.02 -25.03 14.90
C SER C 145 -37.47 -26.23 15.63
N SER C 146 -36.14 -26.27 15.79
CA SER C 146 -35.47 -27.41 16.42
C SER C 146 -34.21 -26.93 17.16
N PHE C 147 -33.30 -27.87 17.45
CA PHE C 147 -32.13 -27.60 18.23
C PHE C 147 -31.13 -28.73 18.13
N TYR C 148 -29.90 -28.44 18.53
CA TYR C 148 -28.82 -29.39 18.50
C TYR C 148 -29.28 -30.67 19.15
N ARG C 149 -28.98 -31.79 18.51
CA ARG C 149 -29.32 -33.07 19.07
C ARG C 149 -28.44 -33.52 20.23
N ASN C 150 -27.30 -32.86 20.46
CA ASN C 150 -26.44 -33.25 21.54
C ASN C 150 -26.53 -32.32 22.75
N LEU C 151 -27.40 -31.32 22.68
CA LEU C 151 -27.55 -30.35 23.76
C LEU C 151 -29.02 -30.22 24.11
N LEU C 152 -29.30 -29.80 25.32
CA LEU C 152 -30.67 -29.62 25.77
C LEU C 152 -30.88 -28.23 26.35
N TRP C 153 -31.75 -27.46 25.69
CA TRP C 153 -32.07 -26.09 26.13
C TRP C 153 -33.24 -26.09 27.11
N ILE C 154 -32.89 -26.00 28.38
CA ILE C 154 -33.79 -26.06 29.52
C ILE C 154 -34.26 -24.66 29.86
N ILE C 155 -35.55 -24.53 30.06
CA ILE C 155 -36.11 -23.29 30.58
C ILE C 155 -37.05 -23.57 31.76
N LYS C 156 -37.38 -22.48 32.44
CA LYS C 156 -38.27 -22.53 33.59
C LYS C 156 -39.69 -22.81 33.12
N ILE C 157 -40.48 -23.44 33.97
CA ILE C 157 -41.92 -23.59 33.75
C ILE C 157 -42.49 -22.22 34.07
N ARG C 158 -43.48 -21.75 33.29
CA ARG C 158 -43.98 -20.37 33.48
C ARG C 158 -44.44 -20.10 34.93
N SER C 159 -45.22 -21.02 35.51
CA SER C 159 -45.82 -20.83 36.84
C SER C 159 -44.81 -20.93 37.99
N ASP C 160 -43.73 -21.67 37.79
CA ASP C 160 -42.80 -22.00 38.88
C ASP C 160 -41.45 -21.35 38.69
N PRO C 161 -40.71 -21.17 39.78
CA PRO C 161 -39.34 -20.67 39.64
C PRO C 161 -38.40 -21.77 39.17
N TYR C 162 -37.27 -21.39 38.60
CA TYR C 162 -36.31 -22.34 38.07
C TYR C 162 -35.65 -22.99 39.27
N SER C 163 -35.95 -24.27 39.49
CA SER C 163 -35.40 -25.00 40.64
C SER C 163 -33.89 -25.11 40.49
N LEU C 164 -33.15 -25.20 41.60
CA LEU C 164 -31.76 -25.69 41.52
C LEU C 164 -31.81 -27.10 40.93
N ILE C 165 -31.12 -27.32 39.81
CA ILE C 165 -31.15 -28.64 39.15
C ILE C 165 -29.75 -29.23 39.21
N LYS C 166 -29.73 -30.55 39.32
CA LYS C 166 -28.49 -31.30 39.48
C LYS C 166 -28.58 -32.54 38.63
N GLY C 167 -27.43 -32.96 38.14
CA GLY C 167 -27.33 -34.19 37.35
C GLY C 167 -25.93 -34.72 37.47
N THR C 168 -25.78 -36.04 37.34
CA THR C 168 -24.44 -36.62 37.45
C THR C 168 -24.28 -37.75 36.50
N TYR C 169 -23.07 -37.96 36.03
CA TYR C 169 -22.73 -39.07 35.15
C TYR C 169 -21.31 -39.53 35.48
N THR C 170 -21.10 -40.85 35.49
CA THR C 170 -19.81 -41.39 35.77
C THR C 170 -19.33 -42.15 34.56
N ASN C 171 -18.09 -41.93 34.15
CA ASN C 171 -17.50 -42.71 33.10
C ASN C 171 -16.93 -44.00 33.68
N THR C 172 -17.64 -45.11 33.46
CA THR C 172 -17.21 -46.40 33.97
C THR C 172 -16.53 -47.25 32.93
N GLY C 173 -16.26 -46.71 31.74
CA GLY C 173 -15.59 -47.48 30.70
C GLY C 173 -14.10 -47.16 30.61
N SER C 174 -13.42 -47.72 29.62
CA SER C 174 -12.05 -47.48 29.40
C SER C 174 -11.77 -46.36 28.38
N GLN C 175 -12.80 -45.86 27.72
CA GLN C 175 -12.64 -44.77 26.75
C GLN C 175 -12.97 -43.43 27.37
N SER C 176 -12.25 -42.40 26.95
CA SER C 176 -12.61 -41.03 27.25
C SER C 176 -13.89 -40.64 26.57
N ILE C 177 -14.54 -39.61 27.13
CA ILE C 177 -15.82 -39.14 26.61
C ILE C 177 -15.73 -37.66 26.27
N LEU C 178 -16.14 -37.33 25.04
CA LEU C 178 -16.18 -35.93 24.57
C LEU C 178 -17.60 -35.45 24.72
N TYR C 179 -17.80 -34.37 25.48
CA TYR C 179 -19.14 -33.86 25.70
C TYR C 179 -19.19 -32.34 25.62
N PHE C 180 -20.42 -31.80 25.57
CA PHE C 180 -20.66 -30.39 25.25
C PHE C 180 -21.71 -29.80 26.12
N TRP C 181 -21.57 -28.52 26.40
CA TRP C 181 -22.62 -27.78 27.09
C TRP C 181 -22.57 -26.32 26.69
N GLY C 182 -23.42 -25.50 27.29
CA GLY C 182 -23.35 -24.11 26.96
C GLY C 182 -24.02 -23.27 27.98
N VAL C 183 -23.78 -21.97 27.87
CA VAL C 183 -24.43 -20.97 28.69
C VAL C 183 -25.20 -20.04 27.75
N HIS C 184 -26.48 -19.87 28.02
CA HIS C 184 -27.25 -18.97 27.24
C HIS C 184 -27.21 -17.55 27.75
N HIS C 185 -27.06 -16.60 26.84
CA HIS C 185 -27.03 -15.18 27.18
C HIS C 185 -28.17 -14.43 26.47
N PRO C 186 -29.24 -14.13 27.20
CA PRO C 186 -30.32 -13.34 26.60
C PRO C 186 -29.90 -11.87 26.39
N PRO C 187 -30.61 -11.16 25.50
CA PRO C 187 -30.26 -9.80 25.16
C PRO C 187 -30.62 -8.77 26.22
N ASP C 188 -31.55 -9.09 27.11
CA ASP C 188 -32.03 -8.13 28.11
C ASP C 188 -32.61 -8.84 29.33
N ASP C 189 -32.92 -8.07 30.36
CA ASP C 189 -33.39 -8.62 31.62
C ASP C 189 -34.80 -9.19 31.53
N VAL C 190 -35.57 -8.70 30.58
CA VAL C 190 -36.92 -9.17 30.43
C VAL C 190 -36.87 -10.62 30.02
N GLU C 191 -36.05 -10.91 29.02
CA GLU C 191 -35.92 -12.29 28.50
C GLU C 191 -35.30 -13.20 29.55
N GLN C 192 -34.29 -12.68 30.25
CA GLN C 192 -33.67 -13.42 31.34
C GLN C 192 -34.70 -13.85 32.37
N ALA C 193 -35.53 -12.91 32.81
CA ALA C 193 -36.60 -13.20 33.78
C ALA C 193 -37.60 -14.24 33.25
N ASN C 194 -38.00 -14.08 31.99
CA ASN C 194 -39.01 -14.98 31.41
C ASN C 194 -38.52 -16.40 31.35
N LEU C 195 -37.25 -16.60 30.96
CA LEU C 195 -36.74 -17.95 30.70
C LEU C 195 -36.14 -18.62 31.93
N TYR C 196 -35.49 -17.83 32.78
CA TYR C 196 -34.75 -18.35 33.93
C TYR C 196 -35.15 -17.69 35.26
N GLY C 197 -35.16 -16.35 35.29
CA GLY C 197 -35.48 -15.59 36.51
C GLY C 197 -34.38 -14.60 36.79
N LEU C 198 -34.65 -13.64 37.65
CA LEU C 198 -33.64 -12.63 37.94
C LEU C 198 -32.76 -13.08 39.09
N GLY C 199 -31.79 -12.26 39.46
CA GLY C 199 -30.88 -12.60 40.52
C GLY C 199 -29.65 -13.21 39.90
N THR C 200 -28.68 -13.57 40.75
CA THR C 200 -27.47 -14.24 40.30
C THR C 200 -27.81 -15.66 39.84
N ARG C 201 -27.26 -16.02 38.68
CA ARG C 201 -27.56 -17.30 38.02
C ARG C 201 -26.27 -17.90 37.61
N TYR C 202 -26.19 -19.23 37.71
CA TYR C 202 -24.93 -19.89 37.40
C TYR C 202 -25.12 -21.23 36.68
N VAL C 203 -24.08 -21.56 35.96
CA VAL C 203 -23.91 -22.87 35.38
C VAL C 203 -22.58 -23.41 35.91
N ARG C 204 -22.65 -24.49 36.67
CA ARG C 204 -21.45 -25.07 37.31
C ARG C 204 -21.29 -26.54 36.97
N MET C 205 -20.09 -26.85 36.54
CA MET C 205 -19.78 -28.17 36.05
C MET C 205 -18.58 -28.58 36.86
N GLY C 206 -18.59 -29.80 37.39
CA GLY C 206 -17.47 -30.30 38.17
C GLY C 206 -17.07 -31.74 37.96
N THR C 207 -15.78 -31.96 37.95
CA THR C 207 -15.18 -33.24 37.77
C THR C 207 -14.13 -33.46 38.90
N GLU C 208 -13.51 -34.63 39.00
CA GLU C 208 -12.37 -34.82 39.91
C GLU C 208 -11.23 -33.86 39.57
N SER C 209 -11.13 -33.43 38.31
CA SER C 209 -9.97 -32.70 37.83
C SER C 209 -10.26 -31.37 37.06
N MET C 210 -11.51 -30.93 36.95
CA MET C 210 -11.85 -29.67 36.32
C MET C 210 -13.07 -29.09 36.99
N ASN C 211 -13.11 -27.77 37.07
CA ASN C 211 -14.28 -27.06 37.56
C ASN C 211 -14.59 -25.93 36.57
N PHE C 212 -15.86 -25.60 36.48
CA PHE C 212 -16.34 -24.61 35.58
C PHE C 212 -17.44 -23.95 36.33
N ALA C 213 -17.48 -22.63 36.23
CA ALA C 213 -18.54 -21.86 36.85
C ALA C 213 -18.68 -20.55 36.10
N LYS C 214 -19.87 -20.30 35.52
CA LYS C 214 -20.11 -19.08 34.79
C LYS C 214 -21.53 -18.67 34.82
N GLY C 215 -21.76 -17.41 34.48
CA GLY C 215 -23.11 -16.82 34.51
C GLY C 215 -23.45 -16.14 33.21
N PRO C 216 -24.69 -15.68 33.11
CA PRO C 216 -25.15 -14.94 31.93
C PRO C 216 -24.41 -13.62 31.82
N GLU C 217 -23.95 -13.29 30.61
CA GLU C 217 -23.42 -12.03 30.26
C GLU C 217 -24.48 -11.38 29.35
N ILE C 218 -25.49 -10.81 29.97
CA ILE C 218 -26.58 -10.17 29.29
C ILE C 218 -26.18 -8.88 28.57
N ALA C 219 -26.56 -8.77 27.31
CA ALA C 219 -26.27 -7.55 26.52
C ALA C 219 -27.12 -7.50 25.29
N ASP C 220 -27.63 -6.32 24.96
CA ASP C 220 -28.48 -6.16 23.77
C ASP C 220 -27.57 -6.02 22.56
N ARG C 221 -27.73 -6.93 21.61
CA ARG C 221 -26.81 -7.04 20.52
C ARG C 221 -27.62 -7.05 19.25
N PRO C 222 -26.97 -6.73 18.15
CA PRO C 222 -27.67 -6.96 16.91
C PRO C 222 -28.10 -8.43 16.68
N PRO C 223 -29.21 -8.63 16.00
CA PRO C 223 -29.52 -10.00 15.61
C PRO C 223 -28.47 -10.68 14.74
N ALA C 224 -28.25 -11.97 14.96
CA ALA C 224 -27.49 -12.87 14.07
C ALA C 224 -28.29 -14.16 13.86
N ASN C 225 -28.42 -14.59 12.60
CA ASN C 225 -29.40 -15.64 12.23
C ASN C 225 -30.75 -15.39 12.88
N GLY C 226 -31.18 -14.13 12.89
CA GLY C 226 -32.52 -13.78 13.41
C GLY C 226 -32.66 -13.77 14.91
N GLN C 227 -31.54 -13.91 15.64
CA GLN C 227 -31.60 -13.98 17.10
C GLN C 227 -30.77 -12.92 17.79
N ARG C 228 -31.34 -12.31 18.82
CA ARG C 228 -30.60 -11.33 19.62
C ARG C 228 -29.83 -12.00 20.77
N GLY C 229 -30.26 -13.21 21.13
CA GLY C 229 -29.58 -14.03 22.13
C GLY C 229 -28.37 -14.73 21.59
N ARG C 230 -27.56 -15.26 22.49
CA ARG C 230 -26.32 -15.99 22.12
C ARG C 230 -26.12 -17.15 23.06
N ILE C 231 -25.34 -18.13 22.62
CA ILE C 231 -24.89 -19.17 23.49
C ILE C 231 -23.38 -19.26 23.43
N ASP C 232 -22.73 -19.41 24.60
CA ASP C 232 -21.36 -19.77 24.63
C ASP C 232 -21.35 -21.29 24.71
N TYR C 233 -20.81 -21.90 23.69
CA TYR C 233 -20.69 -23.33 23.67
C TYR C 233 -19.33 -23.77 24.29
N TYR C 234 -19.34 -24.81 25.13
CA TYR C 234 -18.15 -25.40 25.66
C TYR C 234 -18.04 -26.88 25.37
N TRP C 235 -16.81 -27.38 25.37
CA TRP C 235 -16.55 -28.80 25.28
C TRP C 235 -15.51 -29.24 26.33
N SER C 236 -15.52 -30.55 26.61
CA SER C 236 -14.52 -31.11 27.48
C SER C 236 -14.45 -32.62 27.37
N VAL C 237 -13.51 -33.23 28.09
CA VAL C 237 -13.28 -34.65 28.00
C VAL C 237 -13.36 -35.22 29.41
N LEU C 238 -14.30 -36.15 29.60
CA LEU C 238 -14.44 -36.84 30.89
C LEU C 238 -13.63 -38.11 30.81
N LYS C 239 -12.62 -38.22 31.66
CA LYS C 239 -11.66 -39.32 31.54
C LYS C 239 -12.23 -40.59 32.14
N PRO C 240 -11.67 -41.74 31.76
CA PRO C 240 -12.14 -42.98 32.38
C PRO C 240 -12.07 -42.90 33.89
N GLY C 241 -13.15 -43.26 34.57
CA GLY C 241 -13.21 -43.27 36.04
C GLY C 241 -13.87 -42.02 36.61
N GLU C 242 -13.86 -40.94 35.84
CA GLU C 242 -14.26 -39.63 36.39
C GLU C 242 -15.74 -39.51 36.41
N THR C 243 -16.23 -38.64 37.27
CA THR C 243 -17.63 -38.36 37.36
C THR C 243 -17.85 -36.86 37.15
N LEU C 244 -18.93 -36.53 36.43
CA LEU C 244 -19.31 -35.14 36.14
C LEU C 244 -20.53 -34.80 36.93
N ASN C 245 -20.50 -33.68 37.65
CA ASN C 245 -21.69 -33.16 38.30
C ASN C 245 -22.06 -31.85 37.66
N VAL C 246 -23.34 -31.67 37.43
CA VAL C 246 -23.84 -30.48 36.81
C VAL C 246 -24.79 -29.85 37.77
N GLU C 247 -24.63 -28.55 37.97
CA GLU C 247 -25.46 -27.78 38.88
C GLU C 247 -25.82 -26.39 38.27
N SER C 248 -27.10 -26.08 38.20
CA SER C 248 -27.51 -24.79 37.69
C SER C 248 -28.82 -24.32 38.27
N ASN C 249 -28.95 -23.00 38.39
CA ASN C 249 -30.22 -22.38 38.66
C ASN C 249 -30.68 -21.51 37.50
N GLY C 250 -30.11 -21.73 36.33
CA GLY C 250 -30.58 -21.10 35.08
C GLY C 250 -29.48 -20.90 34.08
N ASN C 251 -29.88 -20.71 32.82
CA ASN C 251 -29.01 -20.39 31.71
C ASN C 251 -28.19 -21.58 31.18
N LEU C 252 -28.55 -22.76 31.63
CA LEU C 252 -27.82 -23.98 31.26
C LEU C 252 -28.30 -24.55 29.93
N ILE C 253 -27.37 -24.77 29.02
CA ILE C 253 -27.63 -25.59 27.85
C ILE C 253 -26.92 -26.89 28.16
N ALA C 254 -27.69 -27.91 28.51
CA ALA C 254 -27.14 -29.09 29.12
C ALA C 254 -26.62 -30.08 28.11
N PRO C 255 -25.56 -30.84 28.46
CA PRO C 255 -25.20 -31.96 27.62
C PRO C 255 -26.38 -32.91 27.59
N TRP C 256 -26.67 -33.46 26.41
CA TRP C 256 -27.69 -34.48 26.29
C TRP C 256 -27.08 -35.78 25.82
N TYR C 257 -26.53 -35.78 24.61
CA TYR C 257 -25.77 -36.90 24.10
C TYR C 257 -24.31 -36.52 23.97
N ALA C 258 -23.42 -37.52 24.06
CA ALA C 258 -21.99 -37.33 24.00
C ALA C 258 -21.33 -38.48 23.28
N TYR C 259 -20.01 -38.47 23.20
CA TYR C 259 -19.26 -39.45 22.42
C TYR C 259 -18.16 -40.14 23.20
N LYS C 260 -18.27 -41.43 23.39
CA LYS C 260 -17.12 -42.21 23.80
C LYS C 260 -16.20 -42.27 22.60
N PHE C 261 -14.89 -42.10 22.79
CA PHE C 261 -14.01 -42.12 21.63
C PHE C 261 -12.70 -42.84 21.85
N THR C 262 -12.06 -43.24 20.76
CA THR C 262 -10.73 -43.82 20.78
C THR C 262 -9.80 -42.87 20.05
N SER C 263 -8.55 -42.80 20.49
CA SER C 263 -7.54 -41.97 19.85
C SER C 263 -6.85 -42.83 18.85
N SER C 264 -6.61 -42.28 17.68
CA SER C 264 -5.95 -43.01 16.64
C SER C 264 -4.49 -43.31 17.00
N ARG C 265 -4.00 -44.44 16.49
CA ARG C 265 -2.58 -44.81 16.55
C ARG C 265 -1.83 -44.14 15.39
N HIS C 266 -2.57 -43.57 14.44
CA HIS C 266 -1.99 -42.92 13.30
C HIS C 266 -2.31 -41.46 13.29
N LYS C 267 -1.50 -40.71 12.58
CA LYS C 267 -1.82 -39.32 12.32
C LYS C 267 -3.08 -39.23 11.45
N GLY C 268 -4.00 -38.36 11.86
CA GLY C 268 -5.20 -38.05 11.09
C GLY C 268 -5.19 -36.58 10.64
N ALA C 269 -6.33 -36.11 10.11
CA ALA C 269 -6.44 -34.79 9.60
C ALA C 269 -7.88 -34.41 9.33
N ILE C 270 -8.12 -33.11 9.26
CA ILE C 270 -9.33 -32.58 8.67
C ILE C 270 -8.94 -31.83 7.39
N PHE C 271 -9.36 -32.34 6.22
CA PHE C 271 -9.09 -31.70 4.96
C PHE C 271 -10.26 -30.86 4.52
N ARG C 272 -10.00 -29.63 4.12
CA ARG C 272 -11.05 -28.73 3.62
C ARG C 272 -10.94 -28.71 2.12
N SER C 273 -11.83 -29.41 1.43
CA SER C 273 -11.67 -29.70 0.02
C SER C 273 -12.97 -30.11 -0.63
N ASP C 274 -13.06 -29.90 -1.95
CA ASP C 274 -14.20 -30.33 -2.72
C ASP C 274 -13.93 -31.60 -3.49
N LEU C 275 -12.78 -32.20 -3.32
CA LEU C 275 -12.46 -33.39 -4.06
C LEU C 275 -13.36 -34.58 -3.71
N PRO C 276 -13.63 -35.42 -4.69
CA PRO C 276 -14.54 -36.51 -4.45
C PRO C 276 -13.90 -37.63 -3.66
N ILE C 277 -14.72 -38.30 -2.86
CA ILE C 277 -14.33 -39.53 -2.20
C ILE C 277 -14.73 -40.73 -3.05
N GLU C 278 -13.80 -41.65 -3.28
CA GLU C 278 -14.05 -42.77 -4.19
C GLU C 278 -13.63 -44.09 -3.57
N ASN C 279 -13.96 -45.17 -4.27
CA ASN C 279 -13.66 -46.53 -3.82
C ASN C 279 -12.26 -46.92 -4.24
N CYS C 280 -11.28 -46.55 -3.43
CA CYS C 280 -9.87 -46.70 -3.80
C CYS C 280 -9.04 -46.76 -2.53
N ASP C 281 -7.77 -47.15 -2.67
CA ASP C 281 -6.85 -47.22 -1.55
C ASP C 281 -5.64 -46.39 -1.88
N ALA C 282 -5.10 -45.72 -0.87
CA ALA C 282 -3.86 -44.98 -1.08
C ALA C 282 -2.94 -45.24 0.07
N VAL C 283 -1.68 -45.47 -0.28
CA VAL C 283 -0.58 -45.50 0.66
C VAL C 283 -0.30 -44.07 1.19
N CYS C 284 -0.31 -43.12 0.26
CA CYS C 284 -0.10 -41.68 0.55
C CYS C 284 -1.30 -40.85 0.11
N GLN C 285 -1.92 -40.13 1.05
CA GLN C 285 -3.11 -39.33 0.72
C GLN C 285 -2.91 -37.88 1.14
N THR C 286 -2.80 -36.98 0.15
CA THR C 286 -2.54 -35.57 0.42
C THR C 286 -3.80 -34.82 0.27
N LEU C 287 -3.76 -33.59 0.73
CA LEU C 287 -4.91 -32.68 0.69
C LEU C 287 -5.41 -32.45 -0.71
N THR C 288 -4.53 -32.55 -1.71
CA THR C 288 -4.96 -32.29 -3.09
C THR C 288 -4.95 -33.57 -3.91
N GLY C 289 -4.79 -34.73 -3.27
CA GLY C 289 -4.97 -36.00 -3.97
C GLY C 289 -4.08 -37.13 -3.51
N ALA C 290 -4.38 -38.34 -4.03
CA ALA C 290 -3.64 -39.56 -3.65
C ALA C 290 -2.42 -39.73 -4.53
N ILE C 291 -1.34 -40.19 -3.94
CA ILE C 291 -0.09 -40.38 -4.63
C ILE C 291 0.31 -41.84 -4.53
N ASN C 292 0.64 -42.41 -5.68
CA ASN C 292 1.19 -43.78 -5.73
C ASN C 292 2.50 -43.77 -6.48
N THR C 293 3.58 -43.92 -5.72
CA THR C 293 4.89 -43.63 -6.21
C THR C 293 5.90 -44.33 -5.34
N ASN C 294 7.06 -44.59 -5.91
CA ASN C 294 8.18 -45.10 -5.14
C ASN C 294 9.27 -44.04 -5.10
N LYS C 295 8.97 -42.87 -5.65
CA LYS C 295 9.92 -41.75 -5.55
C LYS C 295 10.01 -41.16 -4.15
N THR C 296 11.09 -40.42 -3.88
CA THR C 296 11.37 -39.98 -2.51
C THR C 296 11.00 -38.53 -2.24
N PHE C 297 10.72 -37.77 -3.29
CA PHE C 297 10.27 -36.40 -3.17
C PHE C 297 8.97 -36.23 -3.90
N GLN C 298 8.34 -35.11 -3.67
CA GLN C 298 7.00 -34.90 -4.12
C GLN C 298 6.70 -33.40 -4.07
N ASN C 299 6.07 -32.85 -5.10
CA ASN C 299 5.72 -31.41 -5.11
C ASN C 299 4.20 -31.16 -5.18
N VAL C 300 3.44 -32.12 -4.69
CA VAL C 300 1.99 -32.05 -4.74
C VAL C 300 1.38 -31.25 -3.59
N SER C 301 1.67 -31.65 -2.35
CA SER C 301 1.16 -30.97 -1.20
C SER C 301 1.93 -31.30 0.07
N PRO C 302 2.08 -30.31 0.97
CA PRO C 302 2.76 -30.49 2.25
C PRO C 302 1.86 -31.10 3.30
N ILE C 303 0.57 -31.26 2.99
CA ILE C 303 -0.38 -31.77 3.97
C ILE C 303 -0.93 -33.11 3.55
N TRP C 304 -0.77 -34.11 4.41
CA TRP C 304 -1.16 -35.43 4.09
C TRP C 304 -1.31 -36.33 5.30
N ILE C 305 -1.81 -37.54 5.04
CA ILE C 305 -1.73 -38.63 6.00
C ILE C 305 -1.23 -39.85 5.24
N GLY C 306 -0.87 -40.92 5.96
CA GLY C 306 -0.28 -42.08 5.29
C GLY C 306 1.21 -41.87 5.15
N GLU C 307 1.84 -42.63 4.27
CA GLU C 307 3.27 -42.56 4.06
C GLU C 307 3.52 -41.89 2.74
N CYS C 308 3.97 -40.65 2.79
CA CYS C 308 4.23 -39.84 1.63
C CYS C 308 5.70 -39.42 1.51
N PRO C 309 6.12 -39.11 0.29
CA PRO C 309 7.45 -38.61 0.11
C PRO C 309 7.54 -37.17 0.60
N LYS C 310 8.75 -36.72 0.79
CA LYS C 310 9.03 -35.39 1.28
C LYS C 310 8.55 -34.34 0.32
N TYR C 311 7.89 -33.31 0.83
CA TYR C 311 7.42 -32.20 -0.01
C TYR C 311 8.49 -31.20 -0.29
N VAL C 312 8.60 -30.78 -1.55
CA VAL C 312 9.51 -29.72 -1.96
C VAL C 312 8.89 -28.85 -3.02
N LYS C 313 9.41 -27.68 -3.23
CA LYS C 313 8.87 -26.76 -4.22
C LYS C 313 9.30 -27.05 -5.65
N SER C 314 10.36 -27.84 -5.80
CA SER C 314 10.94 -28.10 -7.09
C SER C 314 9.95 -28.59 -8.16
N LYS C 315 10.24 -28.30 -9.41
CA LYS C 315 9.47 -28.82 -10.54
C LYS C 315 10.08 -30.11 -11.04
N SER C 316 11.36 -30.31 -10.78
CA SER C 316 12.07 -31.53 -11.18
C SER C 316 13.35 -31.72 -10.37
N LEU C 317 13.71 -32.98 -10.20
CA LEU C 317 14.97 -33.32 -9.55
C LEU C 317 15.61 -34.50 -10.29
N LYS C 318 16.25 -34.20 -11.41
CA LYS C 318 16.76 -35.23 -12.30
C LYS C 318 18.17 -35.54 -12.02
N LEU C 319 18.41 -36.79 -11.62
CA LEU C 319 19.74 -37.22 -11.22
C LEU C 319 20.35 -38.07 -12.33
N ALA C 320 21.52 -37.66 -12.81
CA ALA C 320 22.19 -38.39 -13.86
C ALA C 320 22.73 -39.66 -13.26
N THR C 321 22.51 -40.76 -13.98
CA THR C 321 23.13 -42.02 -13.66
C THR C 321 24.10 -42.43 -14.76
N GLY C 322 23.70 -42.25 -16.01
CA GLY C 322 24.53 -42.64 -17.14
C GLY C 322 25.57 -41.60 -17.56
N LEU C 323 25.95 -41.64 -18.83
CA LEU C 323 27.04 -40.82 -19.36
C LEU C 323 26.53 -39.60 -20.06
N ARG C 324 27.40 -38.62 -20.32
CA ARG C 324 27.10 -37.61 -21.33
C ARG C 324 26.81 -38.33 -22.63
N ASN C 325 25.71 -37.99 -23.29
CA ASN C 325 25.32 -38.62 -24.54
C ASN C 325 25.83 -37.82 -25.74
N VAL C 326 26.92 -38.28 -26.35
CA VAL C 326 27.54 -37.60 -27.48
C VAL C 326 27.77 -38.60 -28.62
N PRO C 327 26.76 -38.82 -29.50
CA PRO C 327 26.95 -39.73 -30.64
C PRO C 327 27.57 -39.11 -31.92
N GLY C 344 33.61 -38.59 -29.53
CA GLY C 344 32.26 -38.99 -29.03
C GLY C 344 32.07 -40.42 -28.48
N GLY C 345 30.81 -40.82 -28.34
CA GLY C 345 30.46 -42.14 -27.80
C GLY C 345 30.10 -43.10 -28.92
N TRP C 346 29.93 -44.37 -28.55
CA TRP C 346 29.62 -45.40 -29.51
C TRP C 346 28.22 -45.96 -29.35
N THR C 347 27.30 -45.50 -30.19
CA THR C 347 25.97 -46.13 -30.23
C THR C 347 26.09 -47.66 -30.41
N GLY C 348 27.16 -48.09 -31.06
CA GLY C 348 27.41 -49.49 -31.32
C GLY C 348 27.77 -50.34 -30.10
N MET C 349 28.15 -49.74 -28.97
CA MET C 349 28.62 -50.59 -27.87
C MET C 349 27.53 -51.44 -27.21
N VAL C 350 26.51 -50.81 -26.65
CA VAL C 350 25.29 -51.53 -26.21
C VAL C 350 25.46 -52.48 -24.98
N ASP C 351 26.56 -53.22 -24.93
CA ASP C 351 26.85 -54.16 -23.83
C ASP C 351 27.04 -53.56 -22.46
N GLY C 352 27.60 -52.35 -22.41
CA GLY C 352 27.99 -51.73 -21.14
C GLY C 352 28.29 -50.26 -21.31
N TRP C 353 28.98 -49.68 -20.33
CA TRP C 353 29.19 -48.23 -20.32
C TRP C 353 30.53 -47.86 -20.93
N TYR C 354 31.56 -48.61 -20.54
CA TYR C 354 32.91 -48.41 -21.06
C TYR C 354 33.39 -49.66 -21.82
N GLY C 355 34.26 -49.48 -22.80
CA GLY C 355 34.82 -50.64 -23.50
C GLY C 355 35.77 -50.37 -24.65
N TYR C 356 35.81 -51.34 -25.58
CA TYR C 356 36.85 -51.40 -26.61
C TYR C 356 36.28 -51.61 -27.99
N HIS C 357 36.99 -51.11 -28.99
CA HIS C 357 36.77 -51.50 -30.38
C HIS C 357 38.10 -51.88 -31.05
N HIS C 358 38.19 -53.10 -31.57
CA HIS C 358 39.42 -53.63 -32.14
C HIS C 358 39.27 -53.87 -33.65
N GLU C 359 40.39 -53.85 -34.36
CA GLU C 359 40.43 -54.23 -35.78
C GLU C 359 41.73 -54.97 -36.10
N ASN C 360 41.59 -56.18 -36.66
CA ASN C 360 42.71 -57.01 -37.07
C ASN C 360 42.32 -57.83 -38.32
N SER C 361 43.15 -58.79 -38.72
CA SER C 361 42.82 -59.65 -39.88
C SER C 361 41.57 -60.53 -39.63
N GLN C 362 41.34 -60.97 -38.39
CA GLN C 362 40.15 -61.77 -38.06
C GLN C 362 38.84 -60.99 -38.05
N GLY C 363 38.90 -59.66 -38.07
CA GLY C 363 37.70 -58.82 -38.15
C GLY C 363 37.75 -57.64 -37.19
N SER C 364 36.57 -57.16 -36.81
CA SER C 364 36.44 -55.98 -35.98
C SER C 364 35.16 -56.06 -35.14
N GLY C 365 35.01 -55.16 -34.18
CA GLY C 365 33.83 -55.15 -33.31
C GLY C 365 34.00 -54.46 -31.97
N TYR C 366 32.85 -54.23 -31.34
CA TYR C 366 32.78 -53.58 -30.03
C TYR C 366 32.60 -54.62 -28.93
N ALA C 367 33.15 -54.35 -27.76
CA ALA C 367 32.98 -55.21 -26.61
C ALA C 367 33.18 -54.40 -25.31
N ALA C 368 32.18 -54.40 -24.44
CA ALA C 368 32.25 -53.64 -23.19
C ALA C 368 33.23 -54.28 -22.20
N ASP C 369 33.88 -53.44 -21.39
CA ASP C 369 34.72 -53.92 -20.29
C ASP C 369 33.85 -54.16 -19.05
N LYS C 370 33.69 -55.45 -18.70
CA LYS C 370 32.73 -55.86 -17.66
C LYS C 370 33.09 -55.31 -16.29
N GLU C 371 34.36 -55.41 -15.94
CA GLU C 371 34.82 -55.05 -14.61
C GLU C 371 34.57 -53.59 -14.25
N SER C 372 35.09 -52.69 -15.09
CA SER C 372 34.96 -51.26 -14.86
C SER C 372 33.52 -50.77 -15.02
N THR C 373 32.77 -51.36 -15.95
CA THR C 373 31.37 -51.07 -16.09
C THR C 373 30.60 -51.42 -14.82
N GLN C 374 30.84 -52.60 -14.24
CA GLN C 374 30.10 -53.02 -13.05
C GLN C 374 30.46 -52.16 -11.84
N LYS C 375 31.73 -51.81 -11.70
CA LYS C 375 32.15 -50.95 -10.61
C LYS C 375 31.42 -49.61 -10.68
N ALA C 376 31.26 -49.06 -11.87
CA ALA C 376 30.53 -47.81 -12.03
C ALA C 376 29.06 -47.99 -11.72
N ILE C 377 28.47 -49.06 -12.22
CA ILE C 377 27.08 -49.37 -11.88
C ILE C 377 26.91 -49.45 -10.36
N ASP C 378 27.82 -50.17 -9.69
CA ASP C 378 27.71 -50.35 -8.24
C ASP C 378 27.80 -49.02 -7.48
N GLY C 379 28.73 -48.15 -7.87
CA GLY C 379 28.87 -46.84 -7.25
C GLY C 379 27.67 -45.91 -7.45
N ILE C 380 27.17 -45.83 -8.68
CA ILE C 380 26.06 -44.97 -8.97
C ILE C 380 24.81 -45.50 -8.28
N THR C 381 24.57 -46.80 -8.37
CA THR C 381 23.45 -47.42 -7.66
C THR C 381 23.56 -47.10 -6.13
N ASN C 382 24.76 -47.21 -5.56
CA ASN C 382 24.95 -46.93 -4.17
C ASN C 382 24.69 -45.46 -3.85
N LYS C 383 25.08 -44.57 -4.75
CA LYS C 383 24.87 -43.15 -4.55
C LYS C 383 23.38 -42.84 -4.53
N VAL C 384 22.66 -43.36 -5.52
CA VAL C 384 21.21 -43.16 -5.59
C VAL C 384 20.54 -43.66 -4.31
N ASN C 385 20.84 -44.89 -3.92
CA ASN C 385 20.27 -45.47 -2.72
C ASN C 385 20.67 -44.72 -1.47
N SER C 386 21.88 -44.20 -1.40
CA SER C 386 22.30 -43.45 -0.24
C SER C 386 21.52 -42.15 -0.13
N ILE C 387 21.32 -41.49 -1.26
CA ILE C 387 20.57 -40.25 -1.30
C ILE C 387 19.13 -40.56 -0.89
N ILE C 388 18.55 -41.61 -1.46
CA ILE C 388 17.22 -42.02 -1.12
C ILE C 388 17.11 -42.28 0.37
N ASP C 389 18.09 -42.98 0.92
CA ASP C 389 18.10 -43.36 2.32
C ASP C 389 18.11 -42.12 3.20
N LYS C 390 19.01 -41.20 2.93
CA LYS C 390 19.17 -40.03 3.77
C LYS C 390 18.03 -39.04 3.61
N MET C 391 17.29 -39.15 2.52
CA MET C 391 16.13 -38.29 2.29
C MET C 391 14.84 -38.95 2.74
N ASN C 392 14.92 -40.06 3.48
CA ASN C 392 13.75 -40.81 3.90
C ASN C 392 13.12 -40.36 5.23
N THR C 393 12.94 -39.06 5.38
CA THR C 393 12.19 -38.49 6.51
C THR C 393 11.32 -37.43 5.87
N GLN C 394 10.22 -37.08 6.52
CA GLN C 394 9.43 -35.93 6.05
C GLN C 394 9.11 -34.96 7.19
N PHE C 395 9.27 -33.67 6.91
CA PHE C 395 8.69 -32.65 7.75
C PHE C 395 7.18 -32.65 7.46
N GLU C 396 6.36 -32.63 8.51
CA GLU C 396 4.93 -32.71 8.31
C GLU C 396 4.23 -31.43 8.74
N ALA C 397 3.75 -30.65 7.77
CA ALA C 397 2.93 -29.50 8.03
C ALA C 397 1.55 -30.02 8.50
N VAL C 398 0.83 -29.19 9.25
CA VAL C 398 -0.43 -29.58 9.78
C VAL C 398 -1.43 -28.45 9.50
N GLU C 399 -2.70 -28.75 9.45
CA GLU C 399 -3.68 -27.71 9.14
C GLU C 399 -4.45 -27.32 10.36
N HIS C 400 -3.76 -27.21 11.47
CA HIS C 400 -4.44 -26.71 12.65
C HIS C 400 -4.84 -25.29 12.38
N GLU C 401 -5.93 -24.87 12.98
CA GLU C 401 -6.44 -23.53 12.83
C GLU C 401 -6.09 -22.65 14.01
N PHE C 402 -6.15 -21.35 13.79
CA PHE C 402 -5.81 -20.35 14.79
C PHE C 402 -6.85 -19.24 14.75
N SER C 403 -7.26 -18.74 15.90
CA SER C 403 -8.27 -17.70 15.95
C SER C 403 -7.70 -16.36 15.55
N ASN C 404 -8.57 -15.37 15.52
CA ASN C 404 -8.20 -14.03 15.18
C ASN C 404 -7.34 -13.41 16.30
N LEU C 405 -7.40 -13.96 17.50
CA LEU C 405 -6.51 -13.50 18.58
C LEU C 405 -5.31 -14.45 18.76
N GLU C 406 -4.92 -15.17 17.71
CA GLU C 406 -3.76 -16.03 17.74
C GLU C 406 -2.91 -15.80 16.50
N LYS C 407 -2.77 -14.56 16.10
CA LYS C 407 -2.01 -14.20 14.93
C LYS C 407 -0.55 -14.51 15.14
N ARG C 408 -0.06 -14.31 16.36
CA ARG C 408 1.38 -14.52 16.61
C ARG C 408 1.75 -16.00 16.45
N ILE C 409 0.99 -16.90 17.07
CA ILE C 409 1.34 -18.31 16.91
C ILE C 409 1.05 -18.79 15.52
N SER C 410 0.04 -18.23 14.89
CA SER C 410 -0.27 -18.61 13.53
C SER C 410 0.88 -18.23 12.68
N ASN C 411 1.46 -17.05 12.89
CA ASN C 411 2.56 -16.63 12.06
C ASN C 411 3.79 -17.43 12.38
N LEU C 412 3.92 -17.80 13.63
CA LEU C 412 5.03 -18.66 14.04
C LEU C 412 4.94 -20.03 13.33
N ASN C 413 3.78 -20.65 13.35
CA ASN C 413 3.58 -21.91 12.59
C ASN C 413 3.89 -21.75 11.09
N LYS C 414 3.39 -20.68 10.47
CA LYS C 414 3.65 -20.46 9.06
C LYS C 414 5.16 -20.28 8.74
N ARG C 415 5.87 -19.46 9.51
CA ARG C 415 7.29 -19.23 9.22
C ARG C 415 8.10 -20.49 9.43
N MET C 416 7.74 -21.25 10.43
CA MET C 416 8.40 -22.52 10.65
C MET C 416 8.18 -23.52 9.51
N GLU C 417 6.91 -23.74 9.14
CA GLU C 417 6.61 -24.61 7.98
C GLU C 417 7.31 -24.16 6.70
N ASP C 418 7.22 -22.88 6.37
CA ASP C 418 7.95 -22.40 5.21
C ASP C 418 9.46 -22.55 5.39
N GLY C 419 9.94 -22.33 6.63
CA GLY C 419 11.37 -22.47 6.95
C GLY C 419 11.91 -23.85 6.62
N PHE C 420 11.22 -24.92 7.01
CA PHE C 420 11.73 -26.25 6.68
C PHE C 420 11.59 -26.56 5.20
N LEU C 421 10.54 -26.05 4.60
CA LEU C 421 10.28 -26.28 3.17
C LEU C 421 11.45 -25.66 2.39
N ASP C 422 11.86 -24.46 2.77
CA ASP C 422 12.97 -23.85 2.08
C ASP C 422 14.27 -24.57 2.34
N VAL C 423 14.50 -25.10 3.53
CA VAL C 423 15.77 -25.82 3.72
C VAL C 423 15.77 -27.11 2.97
N TRP C 424 14.66 -27.85 2.95
CA TRP C 424 14.66 -29.09 2.21
C TRP C 424 14.69 -28.91 0.73
N THR C 425 14.07 -27.88 0.24
CA THR C 425 14.07 -27.64 -1.19
C THR C 425 15.50 -27.31 -1.61
N TYR C 426 16.15 -26.42 -0.86
CA TYR C 426 17.56 -26.11 -1.10
C TYR C 426 18.43 -27.36 -1.05
N ASN C 427 18.31 -28.15 0.01
CA ASN C 427 19.16 -29.33 0.11
C ASN C 427 18.99 -30.26 -1.09
N ALA C 428 17.77 -30.45 -1.53
CA ALA C 428 17.52 -31.39 -2.62
C ALA C 428 18.06 -30.86 -3.94
N GLU C 429 17.76 -29.60 -4.26
CA GLU C 429 18.17 -29.03 -5.52
C GLU C 429 19.67 -28.89 -5.65
N LEU C 430 20.30 -28.45 -4.59
CA LEU C 430 21.73 -28.27 -4.63
C LEU C 430 22.44 -29.64 -4.75
N LEU C 431 21.92 -30.65 -4.06
CA LEU C 431 22.59 -31.93 -4.02
C LEU C 431 22.57 -32.51 -5.44
N VAL C 432 21.44 -32.32 -6.12
CA VAL C 432 21.30 -32.84 -7.47
C VAL C 432 22.30 -32.19 -8.43
N LEU C 433 22.42 -30.86 -8.37
CA LEU C 433 23.38 -30.17 -9.20
C LEU C 433 24.80 -30.59 -8.93
N LEU C 434 25.16 -30.72 -7.65
CA LEU C 434 26.53 -31.08 -7.30
C LEU C 434 26.89 -32.53 -7.63
N GLU C 435 25.98 -33.47 -7.35
CA GLU C 435 26.30 -34.86 -7.60
C GLU C 435 26.20 -35.20 -9.09
N ASN C 436 25.40 -34.45 -9.84
CA ASN C 436 25.36 -34.64 -11.29
C ASN C 436 26.73 -34.33 -11.92
N GLU C 437 27.38 -33.27 -11.43
CA GLU C 437 28.69 -32.96 -11.89
C GLU C 437 29.67 -34.06 -11.52
N ARG C 438 29.57 -34.60 -10.31
CA ARG C 438 30.50 -35.64 -9.90
C ARG C 438 30.30 -36.91 -10.67
N THR C 439 29.06 -37.26 -10.88
CA THR C 439 28.72 -38.47 -11.59
C THR C 439 29.26 -38.48 -13.03
N LEU C 440 29.07 -37.40 -13.75
CA LEU C 440 29.61 -37.27 -15.10
C LEU C 440 31.13 -37.19 -15.15
N ASP C 441 31.73 -36.61 -14.12
CA ASP C 441 33.17 -36.63 -14.02
C ASP C 441 33.70 -38.01 -13.79
N MET C 442 33.03 -38.78 -12.94
CA MET C 442 33.48 -40.13 -12.64
C MET C 442 33.57 -40.94 -13.97
N HIS C 443 32.57 -40.80 -14.83
CA HIS C 443 32.58 -41.49 -16.10
C HIS C 443 33.81 -41.11 -16.95
N ASP C 444 34.10 -39.82 -17.08
CA ASP C 444 35.32 -39.35 -17.77
C ASP C 444 36.57 -40.03 -17.22
N ALA C 445 36.69 -40.09 -15.91
CA ALA C 445 37.89 -40.65 -15.29
C ALA C 445 37.97 -42.14 -15.56
N ASN C 446 36.84 -42.83 -15.54
CA ASN C 446 36.83 -44.26 -15.80
C ASN C 446 37.31 -44.61 -17.20
N VAL C 447 36.79 -43.89 -18.20
CA VAL C 447 37.22 -44.04 -19.58
C VAL C 447 38.74 -43.79 -19.70
N LYS C 448 39.21 -42.69 -19.11
CA LYS C 448 40.66 -42.40 -19.15
C LYS C 448 41.48 -43.51 -18.51
N ASN C 449 40.99 -44.09 -17.43
CA ASN C 449 41.71 -45.17 -16.74
C ASN C 449 42.00 -46.35 -17.66
N LEU C 450 40.97 -46.79 -18.38
CA LEU C 450 41.13 -47.89 -19.33
C LEU C 450 42.12 -47.60 -20.43
N HIS C 451 42.01 -46.41 -21.02
CA HIS C 451 42.91 -45.96 -22.03
C HIS C 451 44.35 -45.93 -21.53
N GLU C 452 44.57 -45.48 -20.31
CA GLU C 452 45.91 -45.50 -19.75
C GLU C 452 46.43 -46.91 -19.43
N LYS C 453 45.56 -47.82 -19.00
CA LYS C 453 45.99 -49.19 -18.73
C LYS C 453 46.52 -49.86 -20.00
N VAL C 454 45.89 -49.53 -21.13
CA VAL C 454 46.34 -49.99 -22.44
C VAL C 454 47.65 -49.30 -22.87
N LYS C 455 47.71 -47.98 -22.73
CA LYS C 455 48.97 -47.27 -23.01
C LYS C 455 50.17 -47.89 -22.31
N SER C 456 50.09 -48.02 -20.99
CA SER C 456 51.19 -48.54 -20.19
C SER C 456 51.69 -49.92 -20.64
N GLN C 457 50.78 -50.74 -21.13
CA GLN C 457 51.13 -52.10 -21.55
C GLN C 457 51.94 -52.11 -22.86
N LEU C 458 51.43 -51.40 -23.87
CA LEU C 458 52.00 -51.45 -25.23
C LEU C 458 53.27 -50.62 -25.43
N ARG C 459 53.50 -49.64 -24.55
CA ARG C 459 54.66 -48.76 -24.67
C ARG C 459 54.83 -48.31 -26.12
N ASP C 460 55.97 -48.61 -26.74
CA ASP C 460 56.25 -48.20 -28.13
C ASP C 460 56.14 -49.35 -29.16
N ASN C 461 55.36 -50.37 -28.84
CA ASN C 461 54.86 -51.31 -29.85
C ASN C 461 53.52 -50.88 -30.48
N ALA C 462 53.02 -49.71 -30.09
CA ALA C 462 51.87 -49.08 -30.75
C ALA C 462 52.00 -47.55 -30.73
N LYS C 463 51.29 -46.90 -31.67
CA LYS C 463 51.20 -45.44 -31.74
C LYS C 463 49.95 -44.89 -31.09
N ASP C 464 50.08 -43.83 -30.29
CA ASP C 464 48.94 -43.25 -29.62
C ASP C 464 47.85 -42.73 -30.55
N LEU C 465 48.22 -41.93 -31.54
CA LEU C 465 47.25 -41.23 -32.40
C LEU C 465 46.46 -40.08 -31.76
N GLY C 466 46.57 -39.87 -30.43
CA GLY C 466 45.88 -38.76 -29.71
C GLY C 466 44.37 -38.76 -29.93
N ASN C 467 43.84 -39.97 -29.95
CA ASN C 467 42.59 -40.31 -30.63
C ASN C 467 41.64 -41.16 -29.76
N GLY C 468 42.19 -41.78 -28.71
CA GLY C 468 41.50 -42.84 -28.01
C GLY C 468 41.93 -44.19 -28.54
N CYS C 469 42.49 -44.23 -29.74
CA CYS C 469 42.86 -45.49 -30.37
C CYS C 469 44.37 -45.67 -30.40
N PHE C 470 44.80 -46.91 -30.65
CA PHE C 470 46.22 -47.24 -30.79
C PHE C 470 46.47 -48.04 -32.05
N GLU C 471 47.31 -47.52 -32.94
CA GLU C 471 47.77 -48.31 -34.07
C GLU C 471 48.97 -49.19 -33.67
N PHE C 472 48.77 -50.50 -33.70
CA PHE C 472 49.83 -51.46 -33.44
C PHE C 472 50.94 -51.39 -34.49
N TRP C 473 52.19 -51.38 -34.03
CA TRP C 473 53.35 -51.52 -34.91
C TRP C 473 53.56 -52.98 -35.34
N HIS C 474 52.65 -53.86 -34.95
CA HIS C 474 52.70 -55.27 -35.35
C HIS C 474 51.29 -55.84 -35.58
N LYS C 475 51.25 -57.11 -35.94
CA LYS C 475 50.02 -57.87 -36.07
C LYS C 475 49.50 -58.29 -34.68
N CYS C 476 48.24 -57.98 -34.38
CA CYS C 476 47.63 -58.35 -33.09
C CYS C 476 46.35 -59.18 -33.31
N ASP C 477 46.53 -60.50 -33.19
CA ASP C 477 45.45 -61.51 -33.33
C ASP C 477 44.38 -61.40 -32.22
N ASN C 478 43.30 -62.17 -32.36
CA ASN C 478 42.22 -62.20 -31.37
C ASN C 478 42.65 -62.72 -30.01
N GLU C 479 43.87 -63.23 -29.91
CA GLU C 479 44.38 -63.65 -28.63
C GLU C 479 45.32 -62.60 -28.05
N CYS C 480 45.98 -61.87 -28.94
CA CYS C 480 46.76 -60.69 -28.55
C CYS C 480 45.84 -59.60 -27.96
N ILE C 481 44.66 -59.43 -28.58
CA ILE C 481 43.70 -58.40 -28.19
C ILE C 481 43.07 -58.71 -26.84
N ASN C 482 42.67 -59.96 -26.64
CA ASN C 482 42.13 -60.45 -25.35
C ASN C 482 43.20 -60.49 -24.27
N SER C 483 44.45 -60.60 -24.70
CA SER C 483 45.58 -60.43 -23.80
C SER C 483 45.68 -58.98 -23.27
N VAL C 484 45.19 -58.00 -24.03
CA VAL C 484 45.12 -56.62 -23.55
C VAL C 484 43.95 -56.43 -22.59
N LYS C 485 42.81 -57.02 -22.91
CA LYS C 485 41.59 -56.82 -22.11
C LYS C 485 41.66 -57.43 -20.70
N ASN C 486 42.53 -58.42 -20.50
CA ASN C 486 42.77 -58.99 -19.16
C ASN C 486 44.05 -58.45 -18.51
N GLY C 487 44.78 -57.61 -19.24
CA GLY C 487 45.95 -56.90 -18.73
C GLY C 487 47.27 -57.66 -18.72
N THR C 488 47.39 -58.68 -19.58
CA THR C 488 48.60 -59.51 -19.68
C THR C 488 49.10 -59.60 -21.12
N TYR C 489 49.92 -58.64 -21.53
CA TYR C 489 50.18 -58.41 -22.96
C TYR C 489 51.46 -59.07 -23.49
N ASN C 490 52.54 -58.99 -22.73
CA ASN C 490 53.86 -59.47 -23.19
C ASN C 490 54.43 -58.60 -24.33
N TYR C 491 55.20 -57.60 -23.91
CA TYR C 491 55.84 -56.65 -24.80
C TYR C 491 57.03 -57.25 -25.61
N PRO C 492 57.96 -58.00 -24.95
CA PRO C 492 59.12 -58.56 -25.69
C PRO C 492 58.77 -59.45 -26.89
N LYS C 493 57.62 -60.13 -26.82
CA LYS C 493 57.17 -60.99 -27.89
C LYS C 493 57.02 -60.25 -29.23
N TYR C 494 56.60 -58.98 -29.19
CA TYR C 494 56.44 -58.17 -30.39
C TYR C 494 57.41 -56.99 -30.50
N GLN C 495 58.34 -56.91 -29.54
CA GLN C 495 59.29 -55.79 -29.46
C GLN C 495 60.15 -55.60 -30.68
N GLU C 496 60.80 -56.68 -31.12
CA GLU C 496 61.57 -56.67 -32.36
C GLU C 496 60.73 -56.24 -33.55
N GLU C 497 59.60 -56.90 -33.73
CA GLU C 497 58.75 -56.69 -34.89
C GLU C 497 58.31 -55.23 -35.00
N SER C 498 58.12 -54.59 -33.85
CA SER C 498 57.60 -53.24 -33.79
C SER C 498 58.74 -52.27 -34.17
N ARG C 499 59.92 -52.41 -33.53
CA ARG C 499 61.04 -51.51 -33.80
C ARG C 499 61.51 -51.48 -35.29
N LEU C 500 61.35 -52.59 -36.01
CA LEU C 500 61.71 -52.66 -37.43
C LEU C 500 60.94 -51.65 -38.28
N ASN C 501 59.64 -51.51 -38.05
CA ASN C 501 58.82 -50.59 -38.85
C ASN C 501 59.16 -49.11 -38.63
N ARG C 502 60.15 -48.63 -39.40
CA ARG C 502 60.49 -47.20 -39.54
C ARG C 502 61.32 -46.97 -40.80
N ASP D 5 21.81 -10.30 -56.00
CA ASP D 5 21.47 -10.65 -54.58
C ASP D 5 21.19 -9.38 -53.79
N LYS D 6 20.09 -9.39 -53.03
CA LYS D 6 19.65 -8.20 -52.29
C LYS D 6 19.01 -8.46 -50.92
N ILE D 7 19.04 -7.42 -50.09
CA ILE D 7 18.36 -7.39 -48.78
C ILE D 7 17.64 -6.04 -48.58
N CYS D 8 16.39 -6.09 -48.14
CA CYS D 8 15.60 -4.90 -47.96
C CYS D 8 15.18 -4.78 -46.53
N ILE D 9 14.93 -3.54 -46.14
CA ILE D 9 14.38 -3.19 -44.82
C ILE D 9 13.02 -2.55 -45.01
N GLY D 10 12.04 -3.05 -44.28
CA GLY D 10 10.71 -2.53 -44.42
C GLY D 10 9.88 -2.68 -43.17
N TYR D 11 8.60 -2.36 -43.34
CA TYR D 11 7.67 -2.39 -42.27
C TYR D 11 6.32 -2.91 -42.72
N HIS D 12 5.55 -3.35 -41.72
CA HIS D 12 4.27 -4.03 -41.93
C HIS D 12 3.26 -3.15 -42.64
N ALA D 13 2.42 -3.78 -43.45
CA ALA D 13 1.21 -3.14 -43.99
C ALA D 13 0.07 -4.14 -43.94
N ASN D 14 -1.14 -3.65 -44.13
CA ASN D 14 -2.31 -4.50 -44.12
C ASN D 14 -3.46 -3.81 -44.84
N ASN D 15 -4.67 -4.31 -44.67
CA ASN D 15 -5.86 -3.81 -45.41
C ASN D 15 -6.66 -2.78 -44.61
N SER D 16 -6.14 -2.35 -43.48
CA SER D 16 -6.81 -1.39 -42.60
C SER D 16 -7.14 -0.09 -43.31
N THR D 17 -8.33 0.41 -43.06
CA THR D 17 -8.78 1.68 -43.61
C THR D 17 -9.02 2.72 -42.49
N THR D 18 -8.69 2.34 -41.25
CA THR D 18 -8.86 3.21 -40.09
C THR D 18 -7.89 4.38 -40.14
N GLN D 19 -8.40 5.59 -39.94
CA GLN D 19 -7.54 6.77 -39.93
C GLN D 19 -7.38 7.38 -38.54
N VAL D 20 -6.29 8.14 -38.35
CA VAL D 20 -6.14 8.98 -37.16
C VAL D 20 -5.69 10.36 -37.56
N ASP D 21 -5.75 11.34 -36.63
CA ASP D 21 -5.15 12.64 -36.86
C ASP D 21 -3.91 12.82 -35.97
N THR D 22 -2.99 13.71 -36.41
CA THR D 22 -1.87 14.11 -35.62
C THR D 22 -1.74 15.62 -35.69
N ILE D 23 -0.84 16.14 -34.89
CA ILE D 23 -0.64 17.56 -34.81
C ILE D 23 -0.18 18.14 -36.16
N LEU D 24 0.54 17.34 -36.94
CA LEU D 24 1.08 17.79 -38.24
C LEU D 24 0.25 17.42 -39.46
N GLU D 25 -0.58 16.40 -39.38
CA GLU D 25 -1.35 15.96 -40.54
C GLU D 25 -2.61 15.16 -40.17
N LYS D 26 -3.62 15.26 -41.03
CA LYS D 26 -4.94 14.71 -40.75
C LYS D 26 -5.25 13.55 -41.69
N ASN D 27 -6.20 12.73 -41.30
CA ASN D 27 -6.64 11.61 -42.12
C ASN D 27 -5.48 10.73 -42.55
N VAL D 28 -4.74 10.22 -41.58
CA VAL D 28 -3.59 9.34 -41.84
C VAL D 28 -3.99 7.92 -41.57
N THR D 29 -3.93 7.07 -42.58
CA THR D 29 -4.35 5.68 -42.42
C THR D 29 -3.28 4.93 -41.67
N VAL D 30 -3.69 4.10 -40.73
CA VAL D 30 -2.73 3.34 -39.93
C VAL D 30 -3.19 1.90 -39.79
N THR D 31 -2.27 1.05 -39.36
CA THR D 31 -2.45 -0.38 -39.45
C THR D 31 -3.18 -0.92 -38.27
N HIS D 32 -2.98 -0.26 -37.13
CA HIS D 32 -3.67 -0.60 -35.91
C HIS D 32 -3.96 0.69 -35.17
N SER D 33 -5.02 0.67 -34.40
CA SER D 33 -5.40 1.82 -33.63
C SER D 33 -6.36 1.38 -32.53
N VAL D 34 -6.63 2.30 -31.60
CA VAL D 34 -7.59 2.05 -30.55
C VAL D 34 -8.43 3.29 -30.40
N GLU D 35 -9.74 3.09 -30.33
CA GLU D 35 -10.67 4.17 -30.08
C GLU D 35 -10.80 4.27 -28.56
N LEU D 36 -10.47 5.43 -28.01
CA LEU D 36 -10.56 5.60 -26.58
C LEU D 36 -11.95 6.06 -26.10
N LEU D 37 -12.78 6.47 -27.05
CA LEU D 37 -14.05 7.09 -26.75
C LEU D 37 -15.21 6.12 -26.96
N GLU D 38 -16.06 5.99 -25.97
CA GLU D 38 -17.29 5.23 -26.11
C GLU D 38 -18.44 6.15 -26.55
N THR D 39 -19.14 5.80 -27.62
CA THR D 39 -20.27 6.63 -28.10
C THR D 39 -21.61 5.95 -27.96
N GLN D 40 -21.64 4.67 -27.61
CA GLN D 40 -22.89 3.92 -27.61
C GLN D 40 -23.49 3.78 -26.22
N LYS D 41 -24.82 3.69 -26.19
CA LYS D 41 -25.57 3.46 -24.97
C LYS D 41 -26.91 2.79 -25.33
N GLU D 42 -27.46 2.07 -24.35
CA GLU D 42 -28.82 1.59 -24.42
C GLU D 42 -29.74 2.67 -23.85
N SER D 43 -30.75 3.06 -24.62
CA SER D 43 -31.68 4.09 -24.21
C SER D 43 -32.71 3.60 -23.18
N ARG D 44 -32.25 3.31 -21.97
CA ARG D 44 -33.15 2.87 -20.92
C ARG D 44 -32.48 3.00 -19.56
N PHE D 45 -33.27 2.78 -18.51
CA PHE D 45 -32.79 2.81 -17.14
C PHE D 45 -32.75 1.41 -16.56
N CYS D 46 -31.58 1.02 -16.10
CA CYS D 46 -31.32 -0.29 -15.50
C CYS D 46 -31.07 -0.20 -14.01
N ARG D 47 -30.97 -1.37 -13.38
CA ARG D 47 -30.53 -1.48 -12.00
C ARG D 47 -29.05 -1.14 -11.89
N VAL D 48 -28.67 -0.54 -10.77
CA VAL D 48 -27.30 -0.24 -10.48
C VAL D 48 -26.92 -0.87 -9.13
N LEU D 49 -25.83 -1.64 -9.11
CA LEU D 49 -25.51 -2.52 -7.98
C LEU D 49 -26.75 -3.31 -7.54
N ASN D 50 -27.45 -3.80 -8.54
CA ASN D 50 -28.62 -4.61 -8.38
C ASN D 50 -29.82 -3.97 -7.67
N LYS D 51 -29.86 -2.64 -7.62
CA LYS D 51 -31.00 -1.95 -7.04
C LYS D 51 -31.64 -1.11 -8.10
N ALA D 52 -32.96 -1.18 -8.10
CA ALA D 52 -33.75 -0.62 -9.14
C ALA D 52 -34.00 0.85 -8.87
N PRO D 53 -34.23 1.63 -9.92
CA PRO D 53 -34.67 2.97 -9.73
C PRO D 53 -36.12 3.01 -9.31
N LEU D 54 -36.55 4.12 -8.72
CA LEU D 54 -37.93 4.35 -8.34
C LEU D 54 -38.51 5.22 -9.43
N ASP D 55 -39.56 4.71 -10.07
CA ASP D 55 -40.29 5.43 -11.10
C ASP D 55 -41.43 6.18 -10.42
N LEU D 56 -41.43 7.51 -10.52
CA LEU D 56 -42.49 8.32 -9.89
C LEU D 56 -43.77 8.38 -10.74
N GLY D 57 -43.74 7.83 -11.95
CA GLY D 57 -44.95 7.72 -12.75
C GLY D 57 -45.50 9.06 -13.14
N ASP D 58 -46.74 9.33 -12.75
CA ASP D 58 -47.42 10.62 -12.99
C ASP D 58 -47.30 11.58 -11.79
N CYS D 59 -46.38 11.30 -10.88
CA CYS D 59 -46.15 12.18 -9.74
C CYS D 59 -44.79 12.87 -9.83
N THR D 60 -44.75 14.11 -9.36
CA THR D 60 -43.49 14.81 -9.17
C THR D 60 -42.90 14.39 -7.82
N THR D 61 -41.64 14.75 -7.64
CA THR D 61 -40.95 14.42 -6.43
C THR D 61 -41.78 14.93 -5.26
N GLU D 62 -42.31 16.13 -5.40
CA GLU D 62 -43.05 16.73 -4.31
C GLU D 62 -44.39 16.05 -4.06
N GLY D 63 -45.06 15.66 -5.12
CA GLY D 63 -46.31 14.95 -4.96
C GLY D 63 -46.11 13.63 -4.22
N TRP D 64 -45.04 12.95 -4.59
CA TRP D 64 -44.67 11.72 -3.93
C TRP D 64 -44.43 11.93 -2.44
N ILE D 65 -43.48 12.80 -2.13
CA ILE D 65 -42.98 12.88 -0.76
C ILE D 65 -43.95 13.56 0.22
N LEU D 66 -44.81 14.44 -0.28
CA LEU D 66 -45.85 15.03 0.57
C LEU D 66 -47.05 14.09 0.72
N GLY D 67 -47.14 13.11 -0.17
CA GLY D 67 -48.26 12.20 -0.11
C GLY D 67 -49.53 12.72 -0.74
N ASN D 68 -49.37 13.42 -1.87
CA ASN D 68 -50.51 13.74 -2.72
C ASN D 68 -51.31 12.47 -2.90
N PRO D 69 -52.61 12.51 -2.55
CA PRO D 69 -53.39 11.28 -2.57
C PRO D 69 -53.61 10.60 -3.94
N ARG D 70 -53.24 11.24 -5.05
CA ARG D 70 -53.18 10.55 -6.33
C ARG D 70 -51.88 9.79 -6.54
N CYS D 71 -51.03 9.77 -5.53
CA CYS D 71 -49.73 9.09 -5.65
C CYS D 71 -49.62 7.87 -4.74
N ASP D 72 -50.75 7.29 -4.38
CA ASP D 72 -50.78 6.12 -3.48
C ASP D 72 -49.97 4.92 -3.99
N LYS D 73 -49.84 4.78 -5.30
CA LYS D 73 -48.98 3.75 -5.85
C LYS D 73 -47.53 3.81 -5.31
N LEU D 74 -47.14 4.96 -4.76
CA LEU D 74 -45.79 5.12 -4.21
C LEU D 74 -45.76 5.08 -2.69
N LEU D 75 -46.91 5.08 -2.05
CA LEU D 75 -46.99 5.32 -0.60
C LEU D 75 -46.33 4.22 0.20
N GLY D 76 -45.61 4.61 1.24
CA GLY D 76 -45.04 3.67 2.19
C GLY D 76 -43.55 3.56 2.06
N ASP D 77 -43.03 2.42 2.49
CA ASP D 77 -41.62 2.17 2.50
C ASP D 77 -41.10 1.96 1.09
N ARG D 78 -40.00 2.63 0.73
CA ARG D 78 -39.37 2.40 -0.58
C ARG D 78 -37.86 2.47 -0.50
N SER D 79 -37.21 1.87 -1.48
CA SER D 79 -35.77 1.85 -1.61
C SER D 79 -35.41 2.01 -3.07
N TRP D 80 -34.27 2.66 -3.37
CA TRP D 80 -33.90 2.92 -4.77
C TRP D 80 -32.43 3.31 -4.94
N SER D 81 -31.89 3.04 -6.12
CA SER D 81 -30.53 3.41 -6.50
C SER D 81 -30.54 4.81 -7.08
N TYR D 82 -31.64 5.17 -7.75
CA TYR D 82 -31.88 6.52 -8.23
C TYR D 82 -33.35 6.74 -8.50
N ILE D 83 -33.73 7.97 -8.80
CA ILE D 83 -35.14 8.32 -8.99
C ILE D 83 -35.33 8.78 -10.39
N VAL D 84 -36.46 8.41 -10.99
CA VAL D 84 -36.80 8.83 -12.34
C VAL D 84 -38.12 9.57 -12.29
N GLU D 85 -38.06 10.86 -12.59
CA GLU D 85 -39.22 11.70 -12.57
C GLU D 85 -39.55 12.02 -14.00
N ARG D 86 -40.81 11.85 -14.35
CA ARG D 86 -41.25 12.02 -15.71
C ARG D 86 -41.52 13.49 -15.94
N PRO D 87 -41.06 14.05 -17.07
CA PRO D 87 -41.17 15.51 -17.32
C PRO D 87 -42.58 16.07 -17.28
N ASP D 88 -43.54 15.30 -17.74
CA ASP D 88 -44.93 15.75 -17.76
C ASP D 88 -45.77 15.27 -16.57
N ALA D 89 -45.12 14.86 -15.49
CA ALA D 89 -45.86 14.43 -14.30
C ALA D 89 -46.80 15.51 -13.79
N GLN D 90 -48.05 15.13 -13.51
CA GLN D 90 -49.11 16.07 -13.18
C GLN D 90 -49.43 16.20 -11.69
N ASN D 91 -49.09 15.19 -10.90
CA ASN D 91 -49.50 15.18 -9.51
C ASN D 91 -48.33 15.66 -8.64
N GLY D 92 -48.45 16.91 -8.21
CA GLY D 92 -47.45 17.51 -7.39
C GLY D 92 -48.11 18.24 -6.23
N ILE D 93 -47.86 19.52 -6.12
CA ILE D 93 -48.42 20.27 -5.01
C ILE D 93 -49.82 20.68 -5.42
N CYS D 94 -50.85 20.01 -4.92
CA CYS D 94 -52.22 20.23 -5.44
C CYS D 94 -52.91 21.44 -4.81
N TYR D 95 -52.81 21.61 -3.50
CA TYR D 95 -53.29 22.85 -2.87
C TYR D 95 -52.20 23.90 -3.05
N PRO D 96 -52.54 25.01 -3.68
CA PRO D 96 -51.49 25.92 -4.13
C PRO D 96 -50.65 26.54 -3.03
N GLY D 97 -49.37 26.71 -3.34
CA GLY D 97 -48.42 27.36 -2.45
C GLY D 97 -47.00 26.95 -2.81
N VAL D 98 -46.05 27.39 -1.99
CA VAL D 98 -44.67 27.08 -2.28
C VAL D 98 -44.15 26.13 -1.18
N LEU D 99 -43.28 25.23 -1.62
CA LEU D 99 -42.46 24.47 -0.71
C LEU D 99 -41.15 25.25 -0.50
N LYS D 100 -40.92 25.71 0.72
CA LYS D 100 -39.75 26.40 1.03
C LYS D 100 -38.54 25.46 0.92
N GLU D 101 -37.47 25.99 0.35
CA GLU D 101 -36.22 25.29 0.15
C GLU D 101 -36.47 24.01 -0.62
N ALA D 102 -37.26 24.12 -1.67
CA ALA D 102 -37.62 22.95 -2.46
C ALA D 102 -36.41 22.32 -3.12
N GLU D 103 -35.47 23.15 -3.53
CA GLU D 103 -34.35 22.65 -4.28
C GLU D 103 -33.42 21.88 -3.35
N GLU D 104 -33.29 22.35 -2.10
CA GLU D 104 -32.45 21.65 -1.13
C GLU D 104 -33.09 20.33 -0.73
N LEU D 105 -34.42 20.30 -0.66
CA LEU D 105 -35.11 19.03 -0.36
C LEU D 105 -34.78 17.98 -1.40
N LYS D 106 -34.79 18.39 -2.68
CA LYS D 106 -34.47 17.44 -3.75
C LYS D 106 -33.06 16.96 -3.67
N ALA D 107 -32.13 17.83 -3.34
CA ALA D 107 -30.77 17.37 -3.17
C ALA D 107 -30.70 16.32 -2.05
N LEU D 108 -31.42 16.56 -0.96
CA LEU D 108 -31.42 15.63 0.16
C LEU D 108 -31.97 14.30 -0.31
N ILE D 109 -33.09 14.37 -0.99
CA ILE D 109 -33.75 13.14 -1.45
C ILE D 109 -32.86 12.33 -2.38
N GLY D 110 -32.13 13.01 -3.24
CA GLY D 110 -31.21 12.33 -4.13
C GLY D 110 -30.09 11.66 -3.39
N SER D 111 -29.81 12.04 -2.15
CA SER D 111 -28.78 11.38 -1.38
C SER D 111 -29.31 10.24 -0.51
N ILE D 112 -30.62 10.02 -0.53
CA ILE D 112 -31.26 9.02 0.30
C ILE D 112 -31.40 7.72 -0.46
N ASP D 113 -31.40 6.66 0.34
CA ASP D 113 -31.31 5.27 -0.02
C ASP D 113 -32.64 4.49 0.19
N THR D 114 -33.20 4.66 1.38
CA THR D 114 -34.36 3.95 1.80
C THR D 114 -35.15 4.90 2.70
N ILE D 115 -36.47 4.75 2.66
CA ILE D 115 -37.34 5.42 3.61
C ILE D 115 -38.35 4.44 4.18
N GLN D 116 -38.72 4.69 5.44
CA GLN D 116 -39.79 3.97 6.11
C GLN D 116 -40.80 4.98 6.61
N ARG D 117 -42.03 4.86 6.13
CA ARG D 117 -43.11 5.79 6.51
C ARG D 117 -43.75 5.38 7.83
N PHE D 118 -44.02 6.33 8.70
CA PHE D 118 -44.64 6.04 10.00
C PHE D 118 -45.48 7.21 10.49
N GLU D 119 -46.49 6.94 11.33
CA GLU D 119 -47.34 7.99 11.91
C GLU D 119 -46.59 8.71 13.02
N MET D 120 -46.26 9.98 12.80
CA MET D 120 -45.42 10.73 13.76
C MET D 120 -46.29 11.39 14.83
N PHE D 121 -47.44 11.91 14.41
CA PHE D 121 -48.37 12.63 15.29
C PHE D 121 -49.76 12.18 14.91
N PRO D 122 -50.34 11.27 15.72
CA PRO D 122 -51.70 10.87 15.42
C PRO D 122 -52.68 12.01 15.71
N LYS D 123 -53.89 11.90 15.16
CA LYS D 123 -54.90 12.95 15.30
C LYS D 123 -55.19 13.27 16.77
N SER D 124 -55.17 12.23 17.60
CA SER D 124 -55.41 12.35 19.04
C SER D 124 -54.43 13.32 19.72
N THR D 125 -53.32 13.65 19.07
CA THR D 125 -52.41 14.60 19.63
C THR D 125 -52.97 15.99 19.84
N TRP D 126 -53.96 16.37 19.03
CA TRP D 126 -54.44 17.74 19.00
C TRP D 126 -55.84 17.83 19.60
N THR D 127 -55.91 18.39 20.82
CA THR D 127 -57.15 18.39 21.61
C THR D 127 -57.85 19.75 21.58
N GLY D 128 -59.18 19.70 21.52
CA GLY D 128 -60.00 20.91 21.51
C GLY D 128 -60.09 21.53 20.13
N VAL D 129 -59.91 20.72 19.09
CA VAL D 129 -59.97 21.20 17.71
C VAL D 129 -60.57 20.12 16.81
N ASP D 130 -60.89 20.51 15.58
CA ASP D 130 -61.42 19.59 14.61
C ASP D 130 -60.25 19.08 13.77
N THR D 131 -60.04 17.77 13.81
CA THR D 131 -59.02 17.12 13.00
C THR D 131 -59.61 16.31 11.82
N ASN D 132 -60.93 16.35 11.63
CA ASN D 132 -61.56 15.49 10.66
C ASN D 132 -62.26 16.24 9.54
N SER D 133 -61.94 17.51 9.37
CA SER D 133 -62.59 18.33 8.35
C SER D 133 -61.61 19.01 7.38
N GLY D 134 -60.34 18.62 7.41
CA GLY D 134 -59.30 19.25 6.56
C GLY D 134 -59.02 18.64 5.18
N VAL D 135 -59.98 18.80 4.26
CA VAL D 135 -59.92 18.30 2.88
C VAL D 135 -60.24 19.42 1.90
N THR D 136 -59.84 19.26 0.63
CA THR D 136 -60.11 20.27 -0.43
C THR D 136 -60.36 19.61 -1.75
N SER D 137 -61.15 20.30 -2.57
CA SER D 137 -61.35 19.92 -3.95
C SER D 137 -60.09 20.06 -4.80
N ALA D 138 -59.11 20.84 -4.34
CA ALA D 138 -57.82 20.95 -5.05
C ALA D 138 -57.00 19.67 -5.00
N CYS D 139 -57.26 18.82 -4.00
CA CYS D 139 -56.52 17.57 -3.82
C CYS D 139 -57.51 16.43 -3.77
N THR D 140 -57.88 15.94 -4.95
CA THR D 140 -58.95 14.97 -5.04
C THR D 140 -58.41 13.58 -4.93
N TYR D 141 -59.23 12.70 -4.39
CA TYR D 141 -58.95 11.28 -4.41
C TYR D 141 -60.26 10.57 -4.77
N ASN D 142 -60.26 9.86 -5.90
CA ASN D 142 -61.49 9.18 -6.35
C ASN D 142 -62.67 10.17 -6.51
N GLY D 143 -62.46 11.32 -7.16
CA GLY D 143 -63.51 12.36 -7.25
C GLY D 143 -63.81 13.15 -5.97
N GLY D 144 -63.45 12.62 -4.80
CA GLY D 144 -63.76 13.29 -3.55
C GLY D 144 -62.68 14.28 -3.13
N SER D 145 -63.07 15.22 -2.27
CA SER D 145 -62.13 16.14 -1.67
C SER D 145 -61.23 15.42 -0.67
N SER D 146 -59.92 15.68 -0.74
CA SER D 146 -58.96 14.96 0.09
C SER D 146 -57.79 15.90 0.43
N PHE D 147 -56.67 15.31 0.81
CA PHE D 147 -55.53 16.08 1.24
C PHE D 147 -54.30 15.19 1.28
N TYR D 148 -53.16 15.82 1.38
CA TYR D 148 -51.89 15.14 1.52
C TYR D 148 -51.99 14.11 2.63
N ARG D 149 -51.52 12.90 2.33
CA ARG D 149 -51.50 11.85 3.31
C ARG D 149 -50.43 12.05 4.39
N ASN D 150 -49.49 12.98 4.22
CA ASN D 150 -48.51 13.14 5.24
C ASN D 150 -48.73 14.37 6.13
N LEU D 151 -49.81 15.10 5.88
CA LEU D 151 -50.07 16.37 6.57
C LEU D 151 -51.48 16.39 7.08
N LEU D 152 -51.75 17.16 8.13
CA LEU D 152 -53.09 17.23 8.73
C LEU D 152 -53.56 18.66 8.82
N TRP D 153 -54.65 18.95 8.11
CA TRP D 153 -55.25 20.27 8.11
C TRP D 153 -56.28 20.41 9.25
N ILE D 154 -55.83 21.04 10.34
CA ILE D 154 -56.56 21.24 11.59
C ILE D 154 -57.32 22.56 11.55
N ILE D 155 -58.60 22.51 11.92
CA ILE D 155 -59.39 23.71 12.08
C ILE D 155 -60.10 23.74 13.43
N LYS D 156 -60.61 24.92 13.75
CA LYS D 156 -61.37 25.15 14.98
C LYS D 156 -62.75 24.46 14.91
N ILE D 157 -63.27 24.05 16.06
CA ILE D 157 -64.64 23.56 16.14
C ILE D 157 -65.52 24.81 16.10
N ARG D 158 -66.67 24.76 15.42
CA ARG D 158 -67.45 25.99 15.20
C ARG D 158 -67.84 26.70 16.49
N SER D 159 -68.31 25.93 17.47
CA SER D 159 -68.82 26.47 18.74
C SER D 159 -67.71 27.00 19.65
N ASP D 160 -66.50 26.45 19.53
CA ASP D 160 -65.42 26.73 20.47
C ASP D 160 -64.28 27.50 19.83
N PRO D 161 -63.48 28.20 20.66
CA PRO D 161 -62.29 28.86 20.11
C PRO D 161 -61.19 27.84 19.87
N TYR D 162 -60.24 28.17 19.01
CA TYR D 162 -59.13 27.30 18.67
C TYR D 162 -58.23 27.27 19.90
N SER D 163 -58.21 26.12 20.57
CA SER D 163 -57.43 25.94 21.78
C SER D 163 -55.94 26.03 21.46
N LEU D 164 -55.13 26.47 22.41
CA LEU D 164 -53.67 26.30 22.26
C LEU D 164 -53.44 24.79 22.17
N ILE D 165 -52.80 24.36 21.09
CA ILE D 165 -52.58 22.96 20.87
C ILE D 165 -51.09 22.67 20.99
N LYS D 166 -50.77 21.48 21.50
CA LYS D 166 -49.39 21.04 21.68
C LYS D 166 -49.24 19.58 21.32
N GLY D 167 -48.06 19.22 20.86
CA GLY D 167 -47.74 17.84 20.52
C GLY D 167 -46.24 17.67 20.60
N THR D 168 -45.78 16.46 20.89
CA THR D 168 -44.38 16.22 20.93
C THR D 168 -44.03 14.84 20.39
N TYR D 169 -42.85 14.71 19.80
CA TYR D 169 -42.35 13.42 19.32
C TYR D 169 -40.86 13.41 19.57
N THR D 170 -40.36 12.25 19.99
CA THR D 170 -38.93 12.08 20.20
C THR D 170 -38.37 11.00 19.28
N ASN D 171 -37.25 11.30 18.60
CA ASN D 171 -36.59 10.33 17.73
C ASN D 171 -35.67 9.47 18.58
N THR D 172 -36.13 8.26 18.87
CA THR D 172 -35.38 7.34 19.72
C THR D 172 -34.66 6.26 18.90
N GLY D 173 -34.68 6.37 17.58
CA GLY D 173 -33.95 5.44 16.72
C GLY D 173 -32.62 6.00 16.28
N SER D 174 -31.94 5.25 15.42
CA SER D 174 -30.63 5.64 14.93
C SER D 174 -30.72 6.32 13.57
N GLN D 175 -31.89 6.34 12.97
CA GLN D 175 -32.07 7.03 11.70
C GLN D 175 -32.63 8.43 11.88
N SER D 176 -32.18 9.34 11.04
CA SER D 176 -32.80 10.65 10.92
C SER D 176 -34.21 10.55 10.29
N ILE D 177 -35.03 11.56 10.58
CA ILE D 177 -36.43 11.57 10.18
C ILE D 177 -36.75 12.82 9.39
N LEU D 178 -37.32 12.61 8.19
CA LEU D 178 -37.71 13.70 7.31
C LEU D 178 -39.16 13.91 7.55
N TYR D 179 -39.55 15.12 7.93
CA TYR D 179 -40.97 15.43 8.14
C TYR D 179 -41.39 16.77 7.55
N PHE D 180 -42.69 17.01 7.52
CA PHE D 180 -43.26 18.15 6.80
C PHE D 180 -44.35 18.85 7.60
N TRP D 181 -44.46 20.16 7.42
CA TRP D 181 -45.59 20.89 7.99
C TRP D 181 -45.89 22.08 7.12
N GLY D 182 -46.86 22.86 7.54
CA GLY D 182 -47.18 24.04 6.77
C GLY D 182 -47.93 25.07 7.56
N VAL D 183 -48.02 26.27 6.97
CA VAL D 183 -48.78 27.36 7.51
C VAL D 183 -49.80 27.72 6.45
N HIS D 184 -51.07 27.73 6.85
CA HIS D 184 -52.12 28.09 5.92
C HIS D 184 -52.37 29.59 5.94
N HIS D 185 -52.48 30.17 4.75
CA HIS D 185 -52.75 31.60 4.56
C HIS D 185 -54.09 31.80 3.84
N PRO D 186 -55.17 32.05 4.60
CA PRO D 186 -56.44 32.35 3.96
C PRO D 186 -56.40 33.64 3.15
N PRO D 187 -57.33 33.78 2.19
CA PRO D 187 -57.38 34.99 1.36
C PRO D 187 -57.88 36.27 2.06
N ASP D 188 -58.64 36.14 3.15
CA ASP D 188 -59.23 37.30 3.85
C ASP D 188 -59.51 37.02 5.33
N ASP D 189 -59.87 38.06 6.07
CA ASP D 189 -60.12 37.94 7.52
C ASP D 189 -61.37 37.13 7.86
N VAL D 190 -62.32 37.08 6.93
CA VAL D 190 -63.54 36.32 7.16
C VAL D 190 -63.19 34.84 7.26
N GLU D 191 -62.40 34.35 6.31
CA GLU D 191 -61.96 32.95 6.29
C GLU D 191 -61.04 32.63 7.47
N GLN D 192 -60.12 33.55 7.77
CA GLN D 192 -59.28 33.42 8.95
C GLN D 192 -60.10 33.21 10.23
N ALA D 193 -61.09 34.08 10.47
CA ALA D 193 -61.97 33.97 11.63
C ALA D 193 -62.74 32.65 11.66
N ASN D 194 -63.26 32.26 10.51
CA ASN D 194 -64.04 31.04 10.36
C ASN D 194 -63.25 29.80 10.78
N LEU D 195 -62.01 29.71 10.30
CA LEU D 195 -61.23 28.50 10.45
C LEU D 195 -60.42 28.47 11.72
N TYR D 196 -59.90 29.63 12.13
CA TYR D 196 -58.93 29.73 13.24
C TYR D 196 -59.34 30.75 14.32
N GLY D 197 -59.67 31.95 13.89
CA GLY D 197 -60.07 33.04 14.78
C GLY D 197 -59.22 34.25 14.50
N LEU D 198 -59.65 35.39 15.00
CA LEU D 198 -58.89 36.62 14.77
C LEU D 198 -57.84 36.80 15.86
N GLY D 199 -57.06 37.87 15.76
CA GLY D 199 -55.98 38.12 16.69
C GLY D 199 -54.71 37.56 16.11
N THR D 200 -53.61 37.73 16.84
CA THR D 200 -52.33 37.16 16.46
C THR D 200 -52.37 35.63 16.60
N ARG D 201 -51.85 34.95 15.56
CA ARG D 201 -51.88 33.49 15.46
C ARG D 201 -50.49 33.02 15.11
N TYR D 202 -50.09 31.88 15.65
CA TYR D 202 -48.75 31.39 15.40
C TYR D 202 -48.69 29.87 15.22
N VAL D 203 -47.66 29.49 14.48
CA VAL D 203 -47.26 28.12 14.33
C VAL D 203 -45.81 28.10 14.79
N ARG D 204 -45.56 27.36 15.86
CA ARG D 204 -44.25 27.25 16.43
C ARG D 204 -43.78 25.81 16.56
N MET D 205 -42.57 25.59 16.06
CA MET D 205 -41.98 24.27 15.99
C MET D 205 -40.62 24.40 16.66
N GLY D 206 -40.29 23.47 17.54
CA GLY D 206 -39.03 23.52 18.28
C GLY D 206 -38.33 22.19 18.49
N THR D 207 -37.03 22.22 18.34
CA THR D 207 -36.18 21.08 18.60
C THR D 207 -34.99 21.53 19.45
N GLU D 208 -34.09 20.61 19.74
CA GLU D 208 -32.85 20.97 20.44
C GLU D 208 -32.04 21.97 19.62
N SER D 209 -32.20 21.94 18.30
CA SER D 209 -31.27 22.63 17.40
C SER D 209 -31.93 23.51 16.33
N MET D 210 -33.25 23.62 16.31
CA MET D 210 -33.93 24.52 15.38
C MET D 210 -35.15 25.10 16.09
N ASN D 211 -35.46 26.36 15.78
CA ASN D 211 -36.74 26.94 16.19
C ASN D 211 -37.43 27.57 14.96
N PHE D 212 -38.74 27.56 14.97
CA PHE D 212 -39.51 28.05 13.86
C PHE D 212 -40.69 28.70 14.52
N ALA D 213 -41.05 29.89 14.02
CA ALA D 213 -42.21 30.59 14.51
C ALA D 213 -42.73 31.50 13.41
N LYS D 214 -43.97 31.29 12.97
CA LYS D 214 -44.56 32.08 11.90
C LYS D 214 -46.03 32.17 11.99
N GLY D 215 -46.58 33.15 11.28
CA GLY D 215 -47.99 33.45 11.32
C GLY D 215 -48.58 33.56 9.93
N PRO D 216 -49.92 33.65 9.86
CA PRO D 216 -50.63 33.86 8.61
C PRO D 216 -50.23 35.18 7.97
N GLU D 217 -49.96 35.13 6.67
CA GLU D 217 -49.78 36.28 5.82
C GLU D 217 -51.02 36.35 4.89
N ILE D 218 -52.13 36.87 5.44
CA ILE D 218 -53.44 36.96 4.75
C ILE D 218 -53.42 37.93 3.57
N ALA D 219 -53.94 37.49 2.43
CA ALA D 219 -54.02 38.33 1.23
C ALA D 219 -54.94 37.70 0.21
N ASP D 220 -55.73 38.51 -0.49
CA ASP D 220 -56.60 37.98 -1.54
C ASP D 220 -55.80 37.88 -2.83
N ARG D 221 -55.75 36.68 -3.38
CA ARG D 221 -54.89 36.46 -4.53
C ARG D 221 -55.70 35.78 -5.58
N PRO D 222 -55.19 35.79 -6.80
CA PRO D 222 -55.91 35.06 -7.82
C PRO D 222 -56.02 33.59 -7.50
N PRO D 223 -57.10 32.96 -7.97
CA PRO D 223 -57.21 31.53 -7.68
C PRO D 223 -56.14 30.75 -8.41
N ALA D 224 -55.65 29.69 -7.77
CA ALA D 224 -54.78 28.69 -8.38
C ALA D 224 -55.35 27.32 -8.00
N ASN D 225 -55.50 26.43 -8.98
CA ASN D 225 -56.26 25.19 -8.79
C ASN D 225 -57.57 25.42 -8.05
N GLY D 226 -58.27 26.49 -8.42
CA GLY D 226 -59.55 26.81 -7.81
C GLY D 226 -59.53 27.40 -6.40
N GLN D 227 -58.36 27.75 -5.88
CA GLN D 227 -58.24 28.19 -4.49
C GLN D 227 -57.61 29.58 -4.39
N ARG D 228 -58.18 30.42 -3.55
CA ARG D 228 -57.63 31.74 -3.27
C ARG D 228 -56.68 31.69 -2.06
N GLY D 229 -56.79 30.65 -1.24
CA GLY D 229 -55.84 30.42 -0.15
C GLY D 229 -54.51 29.84 -0.63
N ARG D 230 -53.54 29.78 0.28
CA ARG D 230 -52.27 29.17 0.00
C ARG D 230 -51.75 28.48 1.25
N ILE D 231 -50.81 27.55 1.06
CA ILE D 231 -50.05 26.99 2.15
C ILE D 231 -48.57 27.16 1.87
N ASP D 232 -47.82 27.61 2.87
CA ASP D 232 -46.38 27.54 2.81
C ASP D 232 -46.03 26.18 3.39
N TYR D 233 -45.46 25.34 2.56
CA TYR D 233 -45.02 24.05 2.98
C TYR D 233 -43.57 24.14 3.48
N TYR D 234 -43.27 23.45 4.59
CA TYR D 234 -41.91 23.37 5.10
C TYR D 234 -41.49 21.93 5.34
N TRP D 235 -40.16 21.71 5.34
CA TRP D 235 -39.62 20.44 5.67
C TRP D 235 -38.45 20.57 6.59
N SER D 236 -38.13 19.49 7.28
CA SER D 236 -36.95 19.46 8.12
C SER D 236 -36.58 18.04 8.51
N VAL D 237 -35.48 17.91 9.23
CA VAL D 237 -34.96 16.64 9.59
C VAL D 237 -34.76 16.63 11.10
N LEU D 238 -35.41 15.68 11.76
CA LEU D 238 -35.25 15.47 13.18
C LEU D 238 -34.18 14.44 13.37
N LYS D 239 -33.09 14.83 14.01
CA LYS D 239 -31.95 13.95 14.14
C LYS D 239 -32.16 12.90 15.21
N PRO D 240 -31.41 11.80 15.15
CA PRO D 240 -31.48 10.82 16.25
C PRO D 240 -31.28 11.48 17.59
N GLY D 241 -32.16 11.18 18.54
CA GLY D 241 -32.07 11.71 19.90
C GLY D 241 -32.90 12.96 20.13
N GLU D 242 -33.22 13.67 19.06
CA GLU D 242 -33.88 14.96 19.18
C GLU D 242 -35.35 14.81 19.41
N THR D 243 -35.95 15.84 19.97
CA THR D 243 -37.36 15.87 20.21
C THR D 243 -37.96 17.10 19.55
N LEU D 244 -39.15 16.94 18.97
CA LEU D 244 -39.85 18.02 18.33
C LEU D 244 -41.05 18.40 19.17
N ASN D 245 -41.22 19.69 19.46
CA ASN D 245 -42.46 20.20 20.10
C ASN D 245 -43.18 21.10 19.12
N VAL D 246 -44.47 20.90 19.05
CA VAL D 246 -45.29 21.68 18.16
C VAL D 246 -46.23 22.45 19.03
N GLU D 247 -46.38 23.75 18.76
CA GLU D 247 -47.31 24.60 19.46
C GLU D 247 -48.03 25.59 18.49
N SER D 248 -49.36 25.59 18.54
CA SER D 248 -50.11 26.52 17.68
C SER D 248 -51.43 26.93 18.29
N ASN D 249 -51.84 28.17 18.00
CA ASN D 249 -53.20 28.60 18.26
C ASN D 249 -53.99 28.85 16.94
N GLY D 250 -53.48 28.32 15.83
CA GLY D 250 -54.16 28.40 14.54
C GLY D 250 -53.22 28.41 13.36
N ASN D 251 -53.77 28.05 12.19
CA ASN D 251 -53.08 28.10 10.89
C ASN D 251 -52.03 26.99 10.68
N LEU D 252 -52.06 26.00 11.55
CA LEU D 252 -51.14 24.90 11.49
C LEU D 252 -51.63 23.82 10.50
N ILE D 253 -50.76 23.45 9.56
CA ILE D 253 -50.89 22.22 8.80
C ILE D 253 -49.88 21.32 9.44
N ALA D 254 -50.37 20.38 10.24
CA ALA D 254 -49.49 19.58 11.08
C ALA D 254 -48.84 18.40 10.35
N PRO D 255 -47.61 18.05 10.74
CA PRO D 255 -47.10 16.78 10.27
C PRO D 255 -48.04 15.70 10.76
N TRP D 256 -48.30 14.71 9.90
CA TRP D 256 -49.07 13.56 10.32
C TRP D 256 -48.21 12.26 10.22
N TYR D 257 -47.78 11.90 9.00
CA TYR D 257 -46.80 10.82 8.77
C TYR D 257 -45.48 11.42 8.29
N ALA D 258 -44.39 10.72 8.58
CA ALA D 258 -43.04 11.14 8.23
C ALA D 258 -42.18 9.93 7.83
N TYR D 259 -40.91 10.15 7.52
CA TYR D 259 -40.04 9.11 6.98
C TYR D 259 -38.77 8.98 7.74
N LYS D 260 -38.57 7.82 8.32
CA LYS D 260 -37.24 7.49 8.79
C LYS D 260 -36.45 7.17 7.53
N PHE D 261 -35.21 7.64 7.42
CA PHE D 261 -34.44 7.39 6.21
C PHE D 261 -33.00 7.05 6.47
N THR D 262 -32.38 6.39 5.49
CA THR D 262 -30.94 6.15 5.50
C THR D 262 -30.32 6.92 4.35
N SER D 263 -29.08 7.37 4.54
CA SER D 263 -28.34 8.06 3.49
C SER D 263 -27.53 7.05 2.74
N SER D 264 -27.54 7.17 1.42
CA SER D 264 -26.85 6.20 0.59
C SER D 264 -25.35 6.30 0.77
N ARG D 265 -24.69 5.15 0.61
CA ARG D 265 -23.25 5.09 0.57
C ARG D 265 -22.75 5.44 -0.82
N HIS D 266 -23.66 5.48 -1.77
CA HIS D 266 -23.31 5.73 -3.15
C HIS D 266 -23.93 7.02 -3.59
N LYS D 267 -23.34 7.62 -4.62
CA LYS D 267 -23.96 8.76 -5.24
C LYS D 267 -25.27 8.31 -5.93
N GLY D 268 -26.33 9.07 -5.68
CA GLY D 268 -27.62 8.87 -6.29
C GLY D 268 -27.96 10.04 -7.20
N ALA D 269 -29.21 10.11 -7.65
CA ALA D 269 -29.65 11.16 -8.57
C ALA D 269 -31.14 11.14 -8.77
N ILE D 270 -31.66 12.25 -9.25
CA ILE D 270 -33.00 12.34 -9.75
C ILE D 270 -32.84 12.66 -11.21
N PHE D 271 -33.20 11.70 -12.05
CA PHE D 271 -33.20 11.91 -13.49
C PHE D 271 -34.58 12.34 -13.99
N ARG D 272 -34.63 13.41 -14.78
CA ARG D 272 -35.87 13.85 -15.40
C ARG D 272 -35.85 13.36 -16.83
N SER D 273 -36.63 12.32 -17.10
CA SER D 273 -36.51 11.62 -18.37
C SER D 273 -37.74 10.79 -18.66
N ASP D 274 -37.97 10.54 -19.95
CA ASP D 274 -39.10 9.72 -20.36
C ASP D 274 -38.60 8.32 -20.75
N LEU D 275 -37.31 8.04 -20.55
CA LEU D 275 -36.76 6.72 -20.95
C LEU D 275 -37.32 5.57 -20.12
N PRO D 276 -37.47 4.41 -20.74
CA PRO D 276 -38.15 3.33 -20.04
C PRO D 276 -37.24 2.66 -19.03
N ILE D 277 -37.82 2.18 -17.94
CA ILE D 277 -37.12 1.35 -16.98
C ILE D 277 -37.34 -0.09 -17.37
N GLU D 278 -36.27 -0.86 -17.42
CA GLU D 278 -36.36 -2.24 -17.88
C GLU D 278 -35.63 -3.17 -16.95
N ASN D 279 -35.79 -4.45 -17.20
CA ASN D 279 -35.17 -5.48 -16.42
C ASN D 279 -33.75 -5.74 -16.91
N CYS D 280 -32.81 -4.95 -16.42
CA CYS D 280 -31.41 -5.00 -16.87
C CYS D 280 -30.50 -4.48 -15.77
N ASP D 281 -29.19 -4.68 -15.95
CA ASP D 281 -28.19 -4.20 -15.01
C ASP D 281 -27.21 -3.30 -15.76
N ALA D 282 -26.74 -2.26 -15.10
CA ALA D 282 -25.70 -1.42 -15.69
C ALA D 282 -24.66 -1.09 -14.65
N VAL D 283 -23.39 -1.20 -15.06
CA VAL D 283 -22.25 -0.71 -14.30
C VAL D 283 -22.26 0.81 -14.28
N CYS D 284 -22.55 1.39 -15.46
CA CYS D 284 -22.64 2.82 -15.68
C CYS D 284 -24.03 3.21 -16.20
N GLN D 285 -24.73 4.09 -15.49
CA GLN D 285 -26.04 4.53 -15.89
C GLN D 285 -26.11 6.04 -15.98
N THR D 286 -26.23 6.55 -17.21
CA THR D 286 -26.26 8.00 -17.42
C THR D 286 -27.69 8.43 -17.60
N LEU D 287 -27.90 9.74 -17.56
CA LEU D 287 -29.20 10.33 -17.75
C LEU D 287 -29.84 9.98 -19.08
N THR D 288 -29.03 9.69 -20.11
CA THR D 288 -29.58 9.36 -21.43
C THR D 288 -29.37 7.90 -21.82
N GLY D 289 -28.91 7.08 -20.86
CA GLY D 289 -28.88 5.65 -21.09
C GLY D 289 -27.72 4.95 -20.40
N ALA D 290 -27.78 3.62 -20.44
CA ALA D 290 -26.79 2.77 -19.82
C ALA D 290 -25.62 2.52 -20.78
N ILE D 291 -24.44 2.46 -20.22
CA ILE D 291 -23.21 2.26 -20.95
C ILE D 291 -22.50 1.02 -20.44
N ASN D 292 -22.11 0.16 -21.36
CA ASN D 292 -21.29 -1.02 -21.04
C ASN D 292 -20.06 -1.01 -21.91
N THR D 293 -18.94 -0.70 -21.28
CA THR D 293 -17.73 -0.38 -22.01
C THR D 293 -16.54 -0.54 -21.10
N ASN D 294 -15.38 -0.78 -21.69
CA ASN D 294 -14.12 -0.78 -20.96
C ASN D 294 -13.29 0.45 -21.38
N LYS D 295 -13.86 1.30 -22.21
CA LYS D 295 -13.17 2.51 -22.68
C LYS D 295 -13.11 3.55 -21.57
N THR D 296 -12.22 4.51 -21.72
CA THR D 296 -11.94 5.45 -20.63
C THR D 296 -12.63 6.80 -20.80
N PHE D 297 -13.12 7.09 -22.00
CA PHE D 297 -13.86 8.31 -22.27
C PHE D 297 -15.20 7.99 -22.85
N GLN D 298 -16.06 9.00 -22.91
CA GLN D 298 -17.44 8.78 -23.19
C GLN D 298 -18.05 10.13 -23.59
N ASN D 299 -18.86 10.18 -24.64
CA ASN D 299 -19.51 11.43 -25.05
C ASN D 299 -21.04 11.37 -24.99
N VAL D 300 -21.55 10.52 -24.11
CA VAL D 300 -22.98 10.28 -24.01
C VAL D 300 -23.68 11.27 -23.10
N SER D 301 -23.26 11.33 -21.85
CA SER D 301 -23.83 12.32 -20.92
C SER D 301 -22.90 12.60 -19.74
N PRO D 302 -22.88 13.84 -19.28
CA PRO D 302 -22.10 14.25 -18.10
C PRO D 302 -22.79 13.91 -16.80
N ILE D 303 -24.04 13.44 -16.86
CA ILE D 303 -24.79 13.13 -15.65
C ILE D 303 -25.02 11.66 -15.54
N TRP D 304 -24.61 11.07 -14.43
CA TRP D 304 -24.71 9.64 -14.24
C TRP D 304 -24.58 9.19 -12.79
N ILE D 305 -24.85 7.91 -12.59
CA ILE D 305 -24.48 7.22 -11.34
C ILE D 305 -23.83 5.91 -11.73
N GLY D 306 -23.23 5.23 -10.77
CA GLY D 306 -22.42 4.05 -11.09
C GLY D 306 -21.02 4.47 -11.49
N GLU D 307 -20.29 3.58 -12.14
CA GLU D 307 -18.90 3.82 -12.51
C GLU D 307 -18.84 4.04 -14.02
N CYS D 308 -18.67 5.29 -14.42
CA CYS D 308 -18.69 5.67 -15.81
C CYS D 308 -17.35 6.24 -16.27
N PRO D 309 -17.07 6.14 -17.57
CA PRO D 309 -15.89 6.84 -18.09
C PRO D 309 -16.07 8.37 -18.10
N LYS D 310 -14.97 9.09 -18.24
CA LYS D 310 -14.96 10.55 -18.25
C LYS D 310 -15.74 11.11 -19.44
N TYR D 311 -16.60 12.07 -19.21
CA TYR D 311 -17.35 12.72 -20.26
C TYR D 311 -16.53 13.74 -21.00
N VAL D 312 -16.60 13.74 -22.34
CA VAL D 312 -15.93 14.78 -23.18
C VAL D 312 -16.81 15.10 -24.37
N LYS D 313 -16.56 16.22 -25.02
CA LYS D 313 -17.35 16.62 -26.19
C LYS D 313 -16.93 15.96 -27.49
N SER D 314 -15.76 15.34 -27.50
CA SER D 314 -15.22 14.75 -28.71
C SER D 314 -16.18 13.77 -29.43
N LYS D 315 -16.04 13.66 -30.75
CA LYS D 315 -16.75 12.66 -31.52
C LYS D 315 -15.93 11.40 -31.65
N SER D 316 -14.63 11.54 -31.47
CA SER D 316 -13.70 10.43 -31.56
C SER D 316 -12.36 10.73 -30.88
N LEU D 317 -11.72 9.69 -30.37
CA LEU D 317 -10.39 9.81 -29.83
C LEU D 317 -9.56 8.58 -30.21
N LYS D 318 -9.13 8.58 -31.45
CA LYS D 318 -8.48 7.44 -32.05
C LYS D 318 -6.98 7.58 -31.85
N LEU D 319 -6.41 6.63 -31.12
CA LEU D 319 -5.01 6.63 -30.81
C LEU D 319 -4.31 5.61 -31.69
N ALA D 320 -3.32 6.07 -32.43
CA ALA D 320 -2.58 5.17 -33.28
C ALA D 320 -1.72 4.29 -32.39
N THR D 321 -1.76 2.99 -32.68
CA THR D 321 -0.84 2.01 -32.10
C THR D 321 0.14 1.50 -33.18
N GLY D 322 -0.39 1.16 -34.35
CA GLY D 322 0.42 0.66 -35.45
C GLY D 322 1.12 1.71 -36.30
N LEU D 323 1.42 1.32 -37.54
CA LEU D 323 2.25 2.14 -38.43
C LEU D 323 1.39 2.91 -39.43
N ARG D 324 1.97 3.90 -40.10
CA ARG D 324 1.36 4.46 -41.33
C ARG D 324 1.13 3.31 -42.27
N ASN D 325 -0.07 3.19 -42.81
CA ASN D 325 -0.42 2.09 -43.72
C ASN D 325 -0.24 2.56 -45.16
N VAL D 326 0.88 2.21 -45.74
CA VAL D 326 1.17 2.63 -47.12
C VAL D 326 1.60 1.39 -47.93
N PRO D 327 0.62 0.68 -48.55
CA PRO D 327 0.98 -0.51 -49.32
C PRO D 327 1.39 -0.23 -50.77
N GLN D 328 2.22 -1.11 -51.32
CA GLN D 328 2.35 -1.29 -52.79
C GLN D 328 2.12 -2.76 -53.14
N ILE D 338 10.75 -6.29 -55.55
CA ILE D 338 10.51 -6.01 -54.10
C ILE D 338 11.33 -4.82 -53.56
N ALA D 339 10.65 -3.82 -53.02
CA ALA D 339 11.27 -2.54 -52.68
C ALA D 339 11.25 -2.33 -51.16
N GLY D 340 12.17 -1.51 -50.70
CA GLY D 340 12.27 -1.27 -49.30
C GLY D 340 11.23 -0.30 -48.74
N PHE D 341 11.51 0.15 -47.53
CA PHE D 341 10.62 1.01 -46.77
C PHE D 341 10.37 2.38 -47.39
N ILE D 342 11.28 2.84 -48.25
CA ILE D 342 11.13 4.11 -48.91
C ILE D 342 9.98 4.12 -49.93
N GLU D 343 9.64 2.97 -50.48
CA GLU D 343 8.56 2.90 -51.43
C GLU D 343 7.21 2.56 -50.77
N GLY D 344 7.21 2.28 -49.47
CA GLY D 344 6.00 1.88 -48.74
C GLY D 344 6.20 0.71 -47.76
N GLY D 345 5.09 0.09 -47.34
CA GLY D 345 5.11 -1.06 -46.45
C GLY D 345 4.90 -2.40 -47.16
N TRP D 346 5.07 -3.49 -46.43
CA TRP D 346 4.95 -4.82 -46.98
C TRP D 346 3.75 -5.58 -46.44
N THR D 347 2.68 -5.65 -47.23
CA THR D 347 1.55 -6.53 -46.88
C THR D 347 2.03 -7.99 -46.62
N GLY D 348 3.12 -8.37 -47.26
CA GLY D 348 3.68 -9.69 -47.10
C GLY D 348 4.37 -9.99 -45.77
N MET D 349 4.71 -8.97 -44.94
CA MET D 349 5.47 -9.26 -43.74
C MET D 349 4.70 -10.06 -42.68
N VAL D 350 3.58 -9.55 -42.17
CA VAL D 350 2.63 -10.34 -41.33
C VAL D 350 3.15 -10.82 -39.95
N ASP D 351 4.42 -11.21 -39.86
CA ASP D 351 5.06 -11.65 -38.62
C ASP D 351 5.20 -10.59 -37.53
N GLY D 352 5.42 -9.35 -37.94
CA GLY D 352 5.73 -8.26 -37.01
C GLY D 352 5.62 -6.89 -37.65
N TRP D 353 6.18 -5.88 -37.01
CA TRP D 353 6.06 -4.50 -37.47
C TRP D 353 7.22 -4.06 -38.34
N TYR D 354 8.45 -4.43 -37.94
CA TYR D 354 9.64 -4.10 -38.70
C TYR D 354 10.38 -5.37 -39.10
N GLY D 355 11.07 -5.33 -40.22
CA GLY D 355 11.84 -6.50 -40.64
C GLY D 355 12.59 -6.43 -41.98
N TYR D 356 12.82 -7.61 -42.55
CA TYR D 356 13.69 -7.76 -43.71
C TYR D 356 13.03 -8.54 -44.86
N HIS D 357 13.47 -8.26 -46.09
CA HIS D 357 13.20 -9.13 -47.22
C HIS D 357 14.48 -9.38 -47.98
N HIS D 358 14.81 -10.67 -48.13
CA HIS D 358 16.06 -11.08 -48.77
C HIS D 358 15.79 -11.85 -50.07
N GLU D 359 16.77 -11.83 -50.97
CA GLU D 359 16.72 -12.63 -52.19
C GLU D 359 18.12 -13.12 -52.55
N ASN D 360 18.26 -14.44 -52.67
CA ASN D 360 19.51 -15.08 -53.04
C ASN D 360 19.21 -16.37 -53.86
N SER D 361 20.21 -17.19 -54.12
CA SER D 361 20.01 -18.42 -54.88
C SER D 361 19.10 -19.40 -54.14
N GLN D 362 19.16 -19.41 -52.81
CA GLN D 362 18.30 -20.30 -52.01
C GLN D 362 16.82 -19.89 -52.00
N GLY D 363 16.51 -18.69 -52.47
CA GLY D 363 15.14 -18.21 -52.54
C GLY D 363 14.97 -16.81 -51.98
N SER D 364 13.76 -16.51 -51.50
CA SER D 364 13.42 -15.18 -51.05
C SER D 364 12.37 -15.26 -49.94
N GLY D 365 12.10 -14.13 -49.30
CA GLY D 365 11.08 -14.11 -48.27
C GLY D 365 11.19 -12.98 -47.30
N TYR D 366 10.10 -12.81 -46.55
CA TYR D 366 10.01 -11.80 -45.54
C TYR D 366 10.26 -12.44 -44.19
N ALA D 367 10.84 -11.67 -43.28
CA ALA D 367 11.02 -12.14 -41.91
C ALA D 367 11.11 -10.93 -40.98
N ALA D 368 10.22 -10.87 -39.99
CA ALA D 368 10.18 -9.74 -39.06
C ALA D 368 11.38 -9.79 -38.12
N ASP D 369 11.89 -8.62 -37.72
CA ASP D 369 12.92 -8.53 -36.67
C ASP D 369 12.24 -8.54 -35.29
N LYS D 370 12.43 -9.62 -34.54
CA LYS D 370 11.69 -9.88 -33.29
C LYS D 370 11.98 -8.85 -32.21
N GLU D 371 13.26 -8.54 -32.06
CA GLU D 371 13.71 -7.66 -30.98
C GLU D 371 13.09 -6.26 -31.05
N SER D 372 13.28 -5.60 -32.18
CA SER D 372 12.83 -4.23 -32.38
C SER D 372 11.31 -4.15 -32.45
N THR D 373 10.68 -5.17 -33.02
CA THR D 373 9.23 -5.26 -32.99
C THR D 373 8.66 -5.36 -31.58
N GLN D 374 9.23 -6.23 -30.74
CA GLN D 374 8.75 -6.37 -29.37
C GLN D 374 8.95 -5.10 -28.56
N LYS D 375 10.08 -4.44 -28.76
CA LYS D 375 10.36 -3.21 -28.01
C LYS D 375 9.29 -2.16 -28.35
N ALA D 376 8.93 -2.08 -29.61
CA ALA D 376 7.90 -1.14 -30.04
C ALA D 376 6.52 -1.53 -29.49
N ILE D 377 6.18 -2.81 -29.56
CA ILE D 377 4.98 -3.30 -28.90
C ILE D 377 4.96 -2.88 -27.39
N ASP D 378 6.06 -3.12 -26.71
CA ASP D 378 6.12 -2.85 -25.25
C ASP D 378 5.92 -1.36 -24.92
N GLY D 379 6.56 -0.49 -25.69
CA GLY D 379 6.41 0.94 -25.52
C GLY D 379 5.01 1.45 -25.79
N ILE D 380 4.42 1.03 -26.90
CA ILE D 380 3.10 1.50 -27.27
C ILE D 380 2.10 0.99 -26.28
N THR D 381 2.19 -0.28 -25.92
CA THR D 381 1.30 -0.85 -24.91
C THR D 381 1.39 -0.02 -23.61
N ASN D 382 2.61 0.29 -23.22
CA ASN D 382 2.84 1.05 -22.01
C ASN D 382 2.24 2.47 -22.11
N LYS D 383 2.32 3.04 -23.31
CA LYS D 383 1.81 4.37 -23.54
C LYS D 383 0.29 4.38 -23.40
N VAL D 384 -0.36 3.43 -24.05
CA VAL D 384 -1.79 3.30 -23.97
C VAL D 384 -2.24 3.16 -22.52
N ASN D 385 -1.62 2.22 -21.80
CA ASN D 385 -1.99 1.99 -20.42
C ASN D 385 -1.72 3.18 -19.56
N SER D 386 -0.67 3.91 -19.85
CA SER D 386 -0.33 5.08 -19.03
C SER D 386 -1.37 6.16 -19.21
N ILE D 387 -1.77 6.35 -20.45
CA ILE D 387 -2.82 7.30 -20.76
C ILE D 387 -4.13 6.90 -20.10
N ILE D 388 -4.50 5.63 -20.23
CA ILE D 388 -5.67 5.11 -19.56
C ILE D 388 -5.60 5.36 -18.06
N ASP D 389 -4.46 5.06 -17.47
CA ASP D 389 -4.27 5.19 -16.04
C ASP D 389 -4.45 6.66 -15.60
N LYS D 390 -3.79 7.58 -16.28
CA LYS D 390 -3.84 8.98 -15.89
C LYS D 390 -5.18 9.63 -16.18
N MET D 391 -5.98 9.03 -17.05
CA MET D 391 -7.30 9.55 -17.35
C MET D 391 -8.40 8.87 -16.54
N ASN D 392 -8.03 8.07 -15.53
CA ASN D 392 -9.02 7.32 -14.73
C ASN D 392 -9.63 8.11 -13.56
N THR D 393 -10.07 9.34 -13.80
CA THR D 393 -10.87 10.10 -12.83
C THR D 393 -12.01 10.69 -13.66
N GLN D 394 -13.11 11.07 -13.00
CA GLN D 394 -14.15 11.79 -13.69
C GLN D 394 -14.63 12.99 -12.90
N PHE D 395 -14.80 14.11 -13.61
CA PHE D 395 -15.50 15.23 -13.06
C PHE D 395 -16.98 14.85 -13.14
N GLU D 396 -17.72 15.10 -12.07
CA GLU D 396 -19.11 14.69 -12.03
C GLU D 396 -20.05 15.88 -11.95
N ALA D 397 -20.76 16.16 -13.04
CA ALA D 397 -21.79 17.18 -13.07
C ALA D 397 -22.99 16.64 -12.29
N VAL D 398 -23.82 17.53 -11.79
CA VAL D 398 -24.93 17.13 -10.96
C VAL D 398 -26.15 17.87 -11.44
N GLU D 399 -27.32 17.32 -11.17
CA GLU D 399 -28.56 17.86 -11.68
C GLU D 399 -29.33 18.67 -10.66
N HIS D 400 -28.63 19.33 -9.75
CA HIS D 400 -29.31 20.06 -8.72
C HIS D 400 -30.04 21.18 -9.41
N GLU D 401 -31.13 21.60 -8.82
CA GLU D 401 -31.93 22.69 -9.33
C GLU D 401 -31.67 23.98 -8.58
N PHE D 402 -32.03 25.09 -9.22
CA PHE D 402 -31.88 26.43 -8.70
C PHE D 402 -33.15 27.22 -8.96
N SER D 403 -33.61 28.01 -8.01
CA SER D 403 -34.80 28.80 -8.16
C SER D 403 -34.54 30.01 -9.05
N ASN D 404 -35.58 30.77 -9.29
CA ASN D 404 -35.46 31.98 -10.08
C ASN D 404 -34.70 33.07 -9.40
N LEU D 405 -34.59 32.97 -8.09
CA LEU D 405 -33.80 33.91 -7.36
C LEU D 405 -32.40 33.34 -7.04
N GLU D 406 -31.90 32.41 -7.85
CA GLU D 406 -30.61 31.83 -7.69
C GLU D 406 -29.87 31.76 -9.01
N LYS D 407 -30.03 32.79 -9.81
CA LYS D 407 -29.44 32.80 -11.12
C LYS D 407 -27.91 32.89 -11.05
N ARG D 408 -27.41 33.63 -10.08
CA ARG D 408 -25.97 33.76 -9.93
C ARG D 408 -25.28 32.43 -9.58
N ILE D 409 -25.77 31.71 -8.58
CA ILE D 409 -25.18 30.39 -8.31
C ILE D 409 -25.48 29.39 -9.42
N SER D 410 -26.63 29.48 -10.07
CA SER D 410 -26.90 28.56 -11.19
C SER D 410 -25.92 28.79 -12.29
N ASN D 411 -25.63 30.05 -12.58
CA ASN D 411 -24.65 30.36 -13.62
C ASN D 411 -23.25 29.98 -13.20
N LEU D 412 -22.98 30.14 -11.91
CA LEU D 412 -21.69 29.70 -11.38
C LEU D 412 -21.52 28.17 -11.57
N ASN D 413 -22.53 27.40 -11.21
CA ASN D 413 -22.47 25.97 -11.44
C ASN D 413 -22.26 25.63 -12.91
N LYS D 414 -23.03 26.28 -13.79
CA LYS D 414 -22.91 25.97 -15.20
C LYS D 414 -21.50 26.31 -15.74
N ARG D 415 -20.96 27.48 -15.42
CA ARG D 415 -19.63 27.84 -15.93
C ARG D 415 -18.54 26.89 -15.38
N MET D 416 -18.67 26.45 -14.11
CA MET D 416 -17.73 25.47 -13.50
C MET D 416 -17.80 24.11 -14.20
N GLU D 417 -19.01 23.58 -14.38
CA GLU D 417 -19.18 22.33 -15.14
C GLU D 417 -18.68 22.42 -16.58
N ASP D 418 -19.01 23.49 -17.27
CA ASP D 418 -18.52 23.63 -18.63
C ASP D 418 -17.03 23.83 -18.64
N GLY D 419 -16.54 24.53 -17.62
CA GLY D 419 -15.11 24.79 -17.47
C GLY D 419 -14.30 23.54 -17.42
N PHE D 420 -14.69 22.59 -16.58
CA PHE D 420 -13.94 21.34 -16.52
C PHE D 420 -14.12 20.50 -17.76
N LEU D 421 -15.30 20.56 -18.35
CA LEU D 421 -15.57 19.80 -19.57
C LEU D 421 -14.63 20.29 -20.64
N ASP D 422 -14.48 21.60 -20.77
CA ASP D 422 -13.60 22.12 -21.78
C ASP D 422 -12.17 21.76 -21.49
N VAL D 423 -11.74 21.78 -20.22
CA VAL D 423 -10.34 21.44 -20.00
C VAL D 423 -10.13 19.98 -20.30
N TRP D 424 -11.04 19.09 -19.92
CA TRP D 424 -10.79 17.68 -20.15
C TRP D 424 -10.90 17.31 -21.62
N THR D 425 -11.79 17.98 -22.35
CA THR D 425 -11.93 17.72 -23.79
C THR D 425 -10.65 18.17 -24.48
N TYR D 426 -10.18 19.36 -24.16
CA TYR D 426 -8.86 19.82 -24.63
C TYR D 426 -7.73 18.85 -24.29
N ASN D 427 -7.58 18.48 -23.03
CA ASN D 427 -6.49 17.58 -22.66
C ASN D 427 -6.54 16.30 -23.44
N ALA D 428 -7.73 15.75 -23.63
CA ALA D 428 -7.85 14.46 -24.31
C ALA D 428 -7.52 14.60 -25.77
N GLU D 429 -8.11 15.60 -26.42
CA GLU D 429 -7.91 15.78 -27.84
C GLU D 429 -6.48 16.14 -28.17
N LEU D 430 -5.89 17.02 -27.42
CA LEU D 430 -4.54 17.46 -27.70
C LEU D 430 -3.55 16.33 -27.47
N LEU D 431 -3.77 15.53 -26.44
CA LEU D 431 -2.85 14.47 -26.10
C LEU D 431 -2.87 13.42 -27.22
N VAL D 432 -4.05 13.12 -27.75
CA VAL D 432 -4.18 12.19 -28.85
C VAL D 432 -3.45 12.70 -30.10
N LEU D 433 -3.63 13.97 -30.46
CA LEU D 433 -2.92 14.52 -31.61
C LEU D 433 -1.43 14.42 -31.42
N LEU D 434 -0.94 14.77 -30.24
CA LEU D 434 0.50 14.88 -30.02
C LEU D 434 1.15 13.53 -29.94
N GLU D 435 0.52 12.60 -29.24
CA GLU D 435 1.11 11.28 -29.10
C GLU D 435 0.98 10.44 -30.37
N ASN D 436 -0.02 10.72 -31.19
CA ASN D 436 -0.12 10.06 -32.49
C ASN D 436 1.07 10.43 -33.34
N GLU D 437 1.49 11.71 -33.29
CA GLU D 437 2.65 12.13 -34.05
C GLU D 437 3.88 11.44 -33.51
N ARG D 438 3.97 11.32 -32.20
CA ARG D 438 5.15 10.73 -31.60
C ARG D 438 5.20 9.26 -31.94
N THR D 439 4.07 8.58 -31.85
CA THR D 439 4.03 7.20 -32.08
C THR D 439 4.48 6.88 -33.51
N LEU D 440 3.96 7.60 -34.50
CA LEU D 440 4.29 7.36 -35.90
C LEU D 440 5.73 7.75 -36.20
N ASP D 441 6.25 8.75 -35.51
CA ASP D 441 7.68 9.08 -35.59
C ASP D 441 8.55 8.00 -35.01
N MET D 442 8.14 7.42 -33.89
CA MET D 442 8.92 6.35 -33.28
C MET D 442 9.08 5.20 -34.32
N HIS D 443 8.00 4.84 -35.00
CA HIS D 443 8.09 3.81 -36.01
C HIS D 443 9.12 4.14 -37.10
N ASP D 444 9.05 5.35 -37.66
CA ASP D 444 10.02 5.81 -38.66
C ASP D 444 11.43 5.61 -38.16
N ALA D 445 11.68 5.99 -36.92
CA ALA D 445 13.03 5.93 -36.34
C ALA D 445 13.48 4.46 -36.19
N ASN D 446 12.57 3.59 -35.78
CA ASN D 446 12.89 2.20 -35.60
C ASN D 446 13.32 1.57 -36.92
N VAL D 447 12.55 1.83 -37.98
CA VAL D 447 12.85 1.33 -39.29
C VAL D 447 14.20 1.86 -39.75
N LYS D 448 14.42 3.15 -39.58
CA LYS D 448 15.70 3.78 -39.99
C LYS D 448 16.88 3.20 -39.24
N ASN D 449 16.72 2.87 -37.96
CA ASN D 449 17.79 2.26 -37.17
C ASN D 449 18.26 0.96 -37.79
N LEU D 450 17.31 0.08 -38.14
CA LEU D 450 17.64 -1.21 -38.75
C LEU D 450 18.37 -1.05 -40.08
N HIS D 451 17.86 -0.14 -40.92
CA HIS D 451 18.46 0.15 -42.22
C HIS D 451 19.87 0.68 -42.08
N GLU D 452 20.11 1.54 -41.10
CA GLU D 452 21.46 2.02 -40.86
C GLU D 452 22.38 0.93 -40.31
N LYS D 453 21.87 0.06 -39.44
CA LYS D 453 22.66 -1.03 -38.85
C LYS D 453 23.23 -1.94 -40.01
N VAL D 454 22.42 -2.15 -41.03
CA VAL D 454 22.81 -2.88 -42.23
C VAL D 454 23.79 -2.06 -43.11
N LYS D 455 23.49 -0.80 -43.37
CA LYS D 455 24.42 0.06 -44.12
C LYS D 455 25.83 0.02 -43.56
N SER D 456 25.99 0.31 -42.27
CA SER D 456 27.31 0.37 -41.64
C SER D 456 28.11 -0.94 -41.80
N GLN D 457 27.41 -2.07 -41.82
CA GLN D 457 28.07 -3.38 -41.91
C GLN D 457 28.65 -3.65 -43.30
N LEU D 458 27.85 -3.44 -44.33
CA LEU D 458 28.21 -3.82 -45.69
C LEU D 458 29.14 -2.84 -46.41
N ARG D 459 29.20 -1.60 -45.95
CA ARG D 459 30.03 -0.58 -46.57
C ARG D 459 29.85 -0.61 -48.11
N ASP D 460 30.93 -0.83 -48.88
CA ASP D 460 30.86 -0.88 -50.36
C ASP D 460 30.94 -2.30 -50.96
N ASN D 461 30.55 -3.30 -50.18
CA ASN D 461 30.26 -4.64 -50.71
C ASN D 461 28.80 -4.78 -51.13
N ALA D 462 28.04 -3.69 -50.98
CA ALA D 462 26.70 -3.62 -51.53
C ALA D 462 26.40 -2.20 -52.01
N LYS D 463 25.42 -2.08 -52.89
CA LYS D 463 24.95 -0.81 -53.41
C LYS D 463 23.65 -0.35 -52.71
N ASP D 464 23.61 0.92 -52.30
CA ASP D 464 22.46 1.44 -51.55
C ASP D 464 21.15 1.35 -52.32
N LEU D 465 21.14 1.81 -53.57
CA LEU D 465 19.90 1.93 -54.36
C LEU D 465 18.92 3.04 -53.92
N GLY D 466 19.17 3.71 -52.77
CA GLY D 466 18.31 4.82 -52.28
C GLY D 466 16.85 4.39 -52.15
N ASN D 467 16.68 3.16 -51.69
CA ASN D 467 15.49 2.35 -51.90
C ASN D 467 14.97 1.67 -50.61
N GLY D 468 15.81 1.57 -49.59
CA GLY D 468 15.55 0.69 -48.46
C GLY D 468 16.27 -0.64 -48.66
N CYS D 469 16.62 -0.96 -49.90
CA CYS D 469 17.24 -2.23 -50.23
C CYS D 469 18.71 -2.06 -50.54
N PHE D 470 19.43 -3.17 -50.49
CA PHE D 470 20.85 -3.22 -50.85
C PHE D 470 21.16 -4.33 -51.86
N GLU D 471 21.67 -3.98 -53.05
CA GLU D 471 22.19 -5.02 -53.98
C GLU D 471 23.61 -5.38 -53.58
N PHE D 472 23.79 -6.64 -53.18
CA PHE D 472 25.09 -7.18 -52.87
C PHE D 472 25.98 -7.24 -54.12
N TRP D 473 27.22 -6.78 -53.96
CA TRP D 473 28.24 -6.95 -55.01
C TRP D 473 28.80 -8.39 -55.04
N HIS D 474 28.24 -9.27 -54.21
CA HIS D 474 28.66 -10.67 -54.16
C HIS D 474 27.45 -11.60 -53.93
N LYS D 475 27.73 -12.90 -53.88
CA LYS D 475 26.73 -13.87 -53.42
C LYS D 475 26.59 -13.89 -51.90
N CYS D 476 25.34 -13.78 -51.44
CA CYS D 476 25.05 -13.82 -50.00
C CYS D 476 24.03 -14.94 -49.67
N ASP D 477 24.59 -16.05 -49.19
CA ASP D 477 23.88 -17.25 -48.77
C ASP D 477 22.94 -17.02 -47.60
N ASN D 478 22.10 -18.01 -47.28
CA ASN D 478 21.23 -17.96 -46.11
C ASN D 478 21.98 -17.88 -44.78
N GLU D 479 23.28 -18.05 -44.79
CA GLU D 479 24.05 -17.82 -43.57
C GLU D 479 24.71 -16.47 -43.57
N CYS D 480 25.01 -15.95 -44.76
CA CYS D 480 25.49 -14.59 -44.92
C CYS D 480 24.39 -13.62 -44.50
N ILE D 481 23.14 -13.94 -44.88
CA ILE D 481 21.97 -13.10 -44.61
C ILE D 481 21.64 -13.06 -43.10
N ASN D 482 21.64 -14.22 -42.45
CA ASN D 482 21.41 -14.34 -41.02
C ASN D 482 22.58 -13.77 -40.22
N SER D 483 23.74 -13.73 -40.86
CA SER D 483 24.87 -13.02 -40.32
C SER D 483 24.62 -11.49 -40.27
N VAL D 484 23.78 -10.98 -41.16
CA VAL D 484 23.37 -9.57 -41.11
C VAL D 484 22.31 -9.36 -40.00
N LYS D 485 21.34 -10.26 -39.91
CA LYS D 485 20.21 -10.10 -38.99
C LYS D 485 20.64 -10.13 -37.51
N ASN D 486 21.76 -10.77 -37.20
CA ASN D 486 22.31 -10.80 -35.84
C ASN D 486 23.46 -9.78 -35.63
N GLY D 487 23.84 -9.09 -36.71
CA GLY D 487 24.80 -8.00 -36.67
C GLY D 487 26.28 -8.38 -36.76
N THR D 488 26.58 -9.57 -37.29
CA THR D 488 27.96 -10.09 -37.40
C THR D 488 28.31 -10.55 -38.82
N TYR D 489 28.79 -9.63 -39.66
CA TYR D 489 28.80 -9.84 -41.11
C TYR D 489 30.14 -10.31 -41.69
N ASN D 490 31.25 -9.70 -41.27
CA ASN D 490 32.58 -9.99 -41.85
C ASN D 490 32.70 -9.43 -43.28
N TYR D 491 33.18 -8.20 -43.36
CA TYR D 491 33.40 -7.49 -44.62
C TYR D 491 34.58 -8.04 -45.47
N PRO D 492 35.78 -8.27 -44.84
CA PRO D 492 36.96 -8.76 -45.61
C PRO D 492 36.74 -10.07 -46.37
N LYS D 493 35.88 -10.93 -45.85
CA LYS D 493 35.55 -12.19 -46.47
C LYS D 493 35.01 -12.02 -47.90
N TYR D 494 34.24 -10.96 -48.15
CA TYR D 494 33.67 -10.68 -49.48
C TYR D 494 34.22 -9.40 -50.14
N GLN D 495 35.19 -8.78 -49.49
CA GLN D 495 35.79 -7.54 -49.98
C GLN D 495 36.40 -7.62 -51.39
N GLU D 496 37.28 -8.60 -51.60
CA GLU D 496 37.88 -8.87 -52.92
C GLU D 496 36.80 -9.10 -53.99
N GLU D 497 35.87 -10.01 -53.70
CA GLU D 497 34.83 -10.44 -54.65
C GLU D 497 33.98 -9.25 -55.10
N SER D 498 33.76 -8.31 -54.19
CA SER D 498 32.89 -7.17 -54.42
C SER D 498 33.63 -6.20 -55.31
N ARG D 499 34.88 -5.87 -54.95
CA ARG D 499 35.61 -4.87 -55.70
C ARG D 499 35.86 -5.20 -57.17
N LEU D 500 35.92 -6.49 -57.50
CA LEU D 500 36.08 -6.95 -58.88
C LEU D 500 34.97 -6.41 -59.79
N ASN D 501 33.72 -6.55 -59.33
CA ASN D 501 32.58 -6.16 -60.13
C ASN D 501 32.45 -4.62 -60.30
N ARG D 502 33.28 -4.06 -61.18
CA ARG D 502 33.37 -2.60 -61.41
C ARG D 502 34.35 -2.35 -62.55
N ASP E 5 45.62 -0.05 -31.26
CA ASP E 5 45.28 1.31 -30.74
C ASP E 5 43.81 1.63 -30.98
N LYS E 6 43.15 2.13 -29.93
CA LYS E 6 41.71 2.39 -30.01
C LYS E 6 41.21 3.64 -29.22
N ILE E 7 40.04 4.12 -29.62
CA ILE E 7 39.30 5.19 -28.91
C ILE E 7 37.82 4.81 -28.80
N CYS E 8 37.27 4.96 -27.61
CA CYS E 8 35.86 4.64 -27.38
C CYS E 8 35.06 5.88 -27.00
N ILE E 9 33.76 5.82 -27.29
CA ILE E 9 32.79 6.83 -26.87
C ILE E 9 31.81 6.18 -25.89
N GLY E 10 31.61 6.82 -24.76
CA GLY E 10 30.70 6.30 -23.77
C GLY E 10 30.10 7.37 -22.90
N TYR E 11 29.37 6.90 -21.90
CA TYR E 11 28.63 7.78 -21.05
C TYR E 11 28.70 7.30 -19.62
N HIS E 12 28.42 8.23 -18.72
CA HIS E 12 28.55 8.03 -17.31
C HIS E 12 27.65 6.92 -16.77
N ALA E 13 28.15 6.19 -15.77
CA ALA E 13 27.32 5.31 -14.96
C ALA E 13 27.72 5.47 -13.52
N ASN E 14 26.91 4.92 -12.61
CA ASN E 14 27.20 5.02 -11.19
C ASN E 14 26.42 3.93 -10.45
N ASN E 15 26.37 4.05 -9.12
CA ASN E 15 25.72 3.03 -8.29
C ASN E 15 24.26 3.32 -7.96
N SER E 16 23.69 4.35 -8.58
CA SER E 16 22.32 4.79 -8.32
C SER E 16 21.31 3.69 -8.56
N THR E 17 20.34 3.58 -7.66
CA THR E 17 19.24 2.63 -7.79
C THR E 17 17.89 3.36 -7.98
N THR E 18 17.94 4.69 -8.10
CA THR E 18 16.74 5.50 -8.22
C THR E 18 16.10 5.26 -9.57
N GLN E 19 14.80 5.00 -9.58
CA GLN E 19 14.07 4.77 -10.82
C GLN E 19 13.12 5.92 -11.16
N VAL E 20 12.84 6.08 -12.44
CA VAL E 20 11.80 6.95 -12.90
C VAL E 20 10.90 6.21 -13.90
N ASP E 21 9.72 6.76 -14.18
CA ASP E 21 8.86 6.22 -15.22
C ASP E 21 8.84 7.17 -16.39
N THR E 22 8.56 6.63 -17.56
CA THR E 22 8.35 7.42 -18.74
C THR E 22 7.11 6.91 -19.43
N ILE E 23 6.68 7.64 -20.46
CA ILE E 23 5.50 7.29 -21.18
C ILE E 23 5.63 5.90 -21.85
N LEU E 24 6.84 5.52 -22.24
CA LEU E 24 7.09 4.26 -22.95
C LEU E 24 7.52 3.10 -22.07
N GLU E 25 8.10 3.40 -20.92
CA GLU E 25 8.62 2.32 -20.07
C GLU E 25 8.71 2.70 -18.61
N LYS E 26 8.56 1.70 -17.75
CA LYS E 26 8.46 1.93 -16.33
C LYS E 26 9.69 1.39 -15.65
N ASN E 27 9.94 1.85 -14.43
CA ASN E 27 11.03 1.34 -13.62
C ASN E 27 12.35 1.39 -14.36
N VAL E 28 12.72 2.58 -14.81
CA VAL E 28 13.97 2.78 -15.50
C VAL E 28 14.97 3.41 -14.56
N THR E 29 16.09 2.73 -14.32
CA THR E 29 17.08 3.23 -13.38
C THR E 29 17.87 4.36 -14.04
N VAL E 30 18.11 5.43 -13.31
CA VAL E 30 18.85 6.55 -13.87
C VAL E 30 19.89 7.01 -12.89
N THR E 31 20.82 7.83 -13.37
CA THR E 31 22.02 8.17 -12.62
C THR E 31 21.81 9.35 -11.71
N HIS E 32 20.95 10.27 -12.14
CA HIS E 32 20.57 11.43 -11.36
C HIS E 32 19.11 11.73 -11.60
N SER E 33 18.47 12.30 -10.59
CA SER E 33 17.06 12.60 -10.68
C SER E 33 16.71 13.62 -9.62
N VAL E 34 15.54 14.20 -9.74
CA VAL E 34 15.13 15.22 -8.80
C VAL E 34 13.69 14.95 -8.46
N GLU E 35 13.38 15.06 -7.17
CA GLU E 35 12.01 14.91 -6.68
C GLU E 35 11.34 16.27 -6.70
N LEU E 36 10.27 16.41 -7.44
CA LEU E 36 9.56 17.71 -7.49
C LEU E 36 8.51 17.89 -6.41
N LEU E 37 8.17 16.80 -5.73
CA LEU E 37 7.10 16.76 -4.78
C LEU E 37 7.64 16.82 -3.33
N GLU E 38 7.10 17.75 -2.53
CA GLU E 38 7.46 17.84 -1.15
C GLU E 38 6.49 17.01 -0.36
N THR E 39 6.98 16.12 0.48
CA THR E 39 6.10 15.29 1.31
C THR E 39 6.27 15.58 2.78
N GLN E 40 7.23 16.39 3.17
CA GLN E 40 7.56 16.61 4.62
C GLN E 40 6.97 17.90 5.18
N LYS E 41 6.66 17.86 6.47
CA LYS E 41 6.10 19.02 7.20
C LYS E 41 6.41 18.85 8.67
N GLU E 42 6.44 19.95 9.37
CA GLU E 42 6.46 19.96 10.84
C GLU E 42 5.00 19.96 11.31
N SER E 43 4.66 19.02 12.17
CA SER E 43 3.31 18.89 12.68
C SER E 43 3.03 19.89 13.79
N ARG E 44 2.94 21.15 13.42
CA ARG E 44 2.55 22.17 14.36
C ARG E 44 2.08 23.42 13.62
N PHE E 45 1.59 24.37 14.39
CA PHE E 45 1.17 25.65 13.90
C PHE E 45 2.13 26.77 14.34
N CYS E 46 2.67 27.49 13.34
CA CYS E 46 3.62 28.57 13.51
C CYS E 46 3.00 29.91 13.18
N ARG E 47 3.76 30.96 13.50
CA ARG E 47 3.42 32.30 13.07
C ARG E 47 3.53 32.40 11.54
N VAL E 48 2.65 33.21 10.95
CA VAL E 48 2.75 33.55 9.54
C VAL E 48 2.83 35.05 9.40
N LEU E 49 3.83 35.52 8.65
CA LEU E 49 4.16 36.94 8.61
C LEU E 49 4.19 37.54 10.04
N ASN E 50 4.85 36.80 10.93
CA ASN E 50 5.12 37.24 12.30
C ASN E 50 3.90 37.48 13.12
N LYS E 51 2.79 36.89 12.75
CA LYS E 51 1.61 36.98 13.60
C LYS E 51 1.17 35.59 13.95
N ALA E 52 0.82 35.46 15.19
CA ALA E 52 0.56 34.18 15.78
C ALA E 52 -0.86 33.76 15.51
N PRO E 53 -1.12 32.46 15.60
CA PRO E 53 -2.51 32.05 15.45
C PRO E 53 -3.14 32.18 16.77
N LEU E 54 -4.44 32.22 16.79
CA LEU E 54 -5.14 32.28 17.99
C LEU E 54 -5.69 30.91 18.29
N ASP E 55 -5.38 30.38 19.46
CA ASP E 55 -5.83 29.07 19.92
C ASP E 55 -7.05 29.20 20.77
N LEU E 56 -8.14 28.63 20.33
CA LEU E 56 -9.40 28.84 21.02
C LEU E 56 -9.55 27.89 22.20
N GLY E 57 -8.63 26.97 22.37
CA GLY E 57 -8.63 26.07 23.52
C GLY E 57 -9.86 25.15 23.56
N ASP E 58 -10.64 25.23 24.64
CA ASP E 58 -11.87 24.49 24.77
C ASP E 58 -13.10 25.29 24.30
N CYS E 59 -12.88 26.35 23.52
CA CYS E 59 -13.99 27.14 23.01
C CYS E 59 -14.15 27.02 21.51
N THR E 60 -15.39 27.09 21.05
CA THR E 60 -15.66 27.22 19.64
C THR E 60 -15.54 28.69 19.26
N THR E 61 -15.55 28.93 17.95
CA THR E 61 -15.54 30.29 17.44
C THR E 61 -16.65 31.11 17.99
N GLU E 62 -17.84 30.52 18.06
CA GLU E 62 -18.99 31.21 18.62
C GLU E 62 -18.90 31.44 20.10
N GLY E 63 -18.42 30.46 20.83
CA GLY E 63 -18.22 30.69 22.27
C GLY E 63 -17.26 31.85 22.54
N TRP E 64 -16.19 31.89 21.77
CA TRP E 64 -15.20 32.94 21.89
C TRP E 64 -15.81 34.30 21.61
N ILE E 65 -16.39 34.45 20.44
CA ILE E 65 -16.79 35.77 19.96
C ILE E 65 -18.02 36.33 20.70
N LEU E 66 -18.90 35.47 21.18
CA LEU E 66 -20.01 35.93 22.00
C LEU E 66 -19.58 36.17 23.42
N GLY E 67 -18.44 35.62 23.83
CA GLY E 67 -17.98 35.80 25.19
C GLY E 67 -18.64 34.85 26.18
N ASN E 68 -18.87 33.61 25.77
CA ASN E 68 -19.17 32.55 26.72
C ASN E 68 -18.18 32.59 27.92
N PRO E 69 -18.70 32.64 29.14
CA PRO E 69 -17.81 32.96 30.27
C PRO E 69 -16.83 31.89 30.64
N ARG E 70 -16.92 30.72 30.04
CA ARG E 70 -15.88 29.73 30.20
C ARG E 70 -14.74 29.98 29.23
N CYS E 71 -14.81 31.06 28.47
CA CYS E 71 -13.78 31.39 27.51
C CYS E 71 -12.96 32.64 27.89
N ASP E 72 -12.91 33.00 29.16
CA ASP E 72 -12.22 34.24 29.61
C ASP E 72 -10.74 34.29 29.29
N LYS E 73 -10.11 33.14 29.16
CA LYS E 73 -8.76 33.10 28.68
C LYS E 73 -8.57 33.83 27.33
N LEU E 74 -9.66 34.00 26.56
CA LEU E 74 -9.59 34.65 25.25
C LEU E 74 -10.03 36.11 25.29
N LEU E 75 -10.58 36.55 26.41
CA LEU E 75 -11.33 37.80 26.48
C LEU E 75 -10.44 39.00 26.21
N GLY E 76 -10.88 39.88 25.32
CA GLY E 76 -10.20 41.16 25.09
C GLY E 76 -9.61 41.28 23.74
N ASP E 77 -8.62 42.16 23.64
CA ASP E 77 -8.04 42.48 22.38
C ASP E 77 -7.21 41.31 21.95
N ARG E 78 -7.36 40.91 20.67
CA ARG E 78 -6.49 39.89 20.12
C ARG E 78 -6.09 40.21 18.71
N SER E 79 -4.99 39.61 18.29
CA SER E 79 -4.51 39.74 16.93
C SER E 79 -3.98 38.37 16.45
N TRP E 80 -4.22 38.02 15.17
CA TRP E 80 -3.92 36.68 14.70
C TRP E 80 -3.81 36.60 13.19
N SER E 81 -3.00 35.65 12.74
CA SER E 81 -2.84 35.35 11.33
C SER E 81 -3.81 34.28 10.86
N TYR E 82 -4.20 33.40 11.77
CA TYR E 82 -5.27 32.44 11.53
C TYR E 82 -5.80 31.96 12.88
N ILE E 83 -6.88 31.23 12.85
CA ILE E 83 -7.54 30.73 14.04
C ILE E 83 -7.44 29.23 14.09
N VAL E 84 -7.16 28.66 15.28
CA VAL E 84 -7.12 27.22 15.49
C VAL E 84 -8.23 26.82 16.46
N GLU E 85 -9.23 26.11 15.92
CA GLU E 85 -10.37 25.66 16.71
C GLU E 85 -10.22 24.17 16.90
N ARG E 86 -10.31 23.73 18.15
CA ARG E 86 -10.05 22.36 18.48
C ARG E 86 -11.36 21.62 18.17
N PRO E 87 -11.31 20.51 17.44
CA PRO E 87 -12.52 19.75 17.04
C PRO E 87 -13.48 19.35 18.16
N ASP E 88 -12.95 19.05 19.33
CA ASP E 88 -13.79 18.67 20.45
C ASP E 88 -14.09 19.79 21.43
N ALA E 89 -13.90 21.03 21.02
CA ALA E 89 -14.21 22.15 21.89
C ALA E 89 -15.63 22.09 22.40
N GLN E 90 -15.79 22.30 23.70
CA GLN E 90 -17.08 22.19 24.37
C GLN E 90 -17.84 23.50 24.57
N ASN E 91 -17.14 24.61 24.64
CA ASN E 91 -17.77 25.86 25.05
C ASN E 91 -18.15 26.70 23.84
N GLY E 92 -19.44 26.70 23.53
CA GLY E 92 -19.96 27.43 22.40
C GLY E 92 -21.19 28.22 22.81
N ILE E 93 -22.31 27.96 22.14
CA ILE E 93 -23.52 28.69 22.44
C ILE E 93 -24.17 27.97 23.61
N CYS E 94 -24.05 28.51 24.83
CA CYS E 94 -24.45 27.75 26.02
C CYS E 94 -25.92 27.86 26.32
N TYR E 95 -26.50 29.05 26.23
CA TYR E 95 -27.94 29.17 26.30
C TYR E 95 -28.50 28.84 24.93
N PRO E 96 -29.36 27.84 24.86
CA PRO E 96 -29.71 27.32 23.56
C PRO E 96 -30.40 28.32 22.61
N GLY E 97 -30.08 28.18 21.34
CA GLY E 97 -30.72 28.95 20.27
C GLY E 97 -29.82 29.02 19.03
N VAL E 98 -30.24 29.80 18.05
CA VAL E 98 -29.57 29.84 16.75
C VAL E 98 -28.92 31.19 16.53
N LEU E 99 -27.71 31.15 15.98
CA LEU E 99 -27.04 32.33 15.53
C LEU E 99 -27.35 32.50 14.07
N LYS E 100 -28.07 33.56 13.74
CA LYS E 100 -28.39 33.85 12.36
C LYS E 100 -27.13 34.15 11.51
N GLU E 101 -27.08 33.56 10.32
CA GLU E 101 -25.99 33.69 9.37
C GLU E 101 -24.68 33.31 10.03
N ALA E 102 -24.70 32.21 10.74
CA ALA E 102 -23.52 31.78 11.46
C ALA E 102 -22.34 31.54 10.53
N GLU E 103 -22.59 31.01 9.35
CA GLU E 103 -21.50 30.61 8.50
C GLU E 103 -20.83 31.85 7.94
N GLU E 104 -21.63 32.87 7.66
CA GLU E 104 -21.09 34.08 7.09
C GLU E 104 -20.30 34.81 8.16
N LEU E 105 -20.73 34.69 9.41
CA LEU E 105 -19.96 35.25 10.52
C LEU E 105 -18.58 34.67 10.57
N LYS E 106 -18.50 33.35 10.38
CA LYS E 106 -17.20 32.71 10.39
C LYS E 106 -16.35 33.14 9.23
N ALA E 107 -16.92 33.29 8.07
CA ALA E 107 -16.13 33.75 6.94
C ALA E 107 -15.58 35.16 7.26
N LEU E 108 -16.40 36.00 7.88
CA LEU E 108 -15.99 37.37 8.22
C LEU E 108 -14.82 37.31 9.20
N ILE E 109 -14.97 36.49 10.23
CA ILE E 109 -13.97 36.36 11.23
C ILE E 109 -12.68 35.85 10.67
N GLY E 110 -12.72 34.93 9.72
CA GLY E 110 -11.50 34.46 9.11
C GLY E 110 -10.79 35.52 8.33
N SER E 111 -11.49 36.57 7.93
CA SER E 111 -10.88 37.65 7.16
C SER E 111 -10.38 38.77 8.02
N ILE E 112 -10.60 38.66 9.31
CA ILE E 112 -10.19 39.67 10.27
C ILE E 112 -8.82 39.35 10.80
N ASP E 113 -8.16 40.43 11.16
CA ASP E 113 -6.75 40.56 11.54
C ASP E 113 -6.56 40.82 13.05
N THR E 114 -7.31 41.80 13.54
CA THR E 114 -7.17 42.28 14.89
C THR E 114 -8.54 42.69 15.33
N ILE E 115 -8.81 42.53 16.62
CA ILE E 115 -10.00 43.09 17.24
C ILE E 115 -9.61 43.83 18.53
N GLN E 116 -10.40 44.84 18.85
CA GLN E 116 -10.29 45.53 20.12
C GLN E 116 -11.65 45.55 20.76
N ARG E 117 -11.73 44.96 21.94
CA ARG E 117 -13.02 44.82 22.63
C ARG E 117 -13.31 46.07 23.40
N PHE E 118 -14.54 46.54 23.41
CA PHE E 118 -14.85 47.77 24.12
C PHE E 118 -16.30 47.71 24.55
N GLU E 119 -16.63 48.45 25.60
CA GLU E 119 -18.00 48.55 26.08
C GLU E 119 -18.80 49.47 25.18
N MET E 120 -19.75 48.92 24.43
CA MET E 120 -20.52 49.70 23.45
C MET E 120 -21.71 50.36 24.11
N PHE E 121 -22.35 49.62 25.01
CA PHE E 121 -23.54 50.07 25.75
C PHE E 121 -23.38 49.65 27.18
N PRO E 122 -22.97 50.58 28.05
CA PRO E 122 -22.86 50.22 29.45
C PRO E 122 -24.22 49.96 30.08
N LYS E 123 -24.23 49.29 31.24
CA LYS E 123 -25.48 48.93 31.90
C LYS E 123 -26.33 50.16 32.18
N SER E 124 -25.67 51.27 32.53
CA SER E 124 -26.33 52.52 32.82
C SER E 124 -27.17 53.01 31.65
N THR E 125 -26.97 52.50 30.44
CA THR E 125 -27.78 52.99 29.31
C THR E 125 -29.23 52.62 29.45
N TRP E 126 -29.53 51.59 30.21
CA TRP E 126 -30.89 51.05 30.26
C TRP E 126 -31.51 51.37 31.63
N THR E 127 -32.45 52.31 31.61
CA THR E 127 -33.03 52.84 32.84
C THR E 127 -34.42 52.25 33.15
N GLY E 128 -34.66 51.99 34.43
CA GLY E 128 -35.95 51.49 34.88
C GLY E 128 -36.09 50.00 34.68
N VAL E 129 -34.96 49.30 34.66
CA VAL E 129 -34.96 47.84 34.48
C VAL E 129 -33.83 47.24 35.28
N ASP E 130 -33.85 45.92 35.41
CA ASP E 130 -32.83 45.20 36.12
C ASP E 130 -31.78 44.73 35.10
N THR E 131 -30.56 45.19 35.30
CA THR E 131 -29.46 44.81 34.46
C THR E 131 -28.48 43.89 35.17
N ASN E 132 -28.78 43.50 36.42
CA ASN E 132 -27.84 42.68 37.21
C ASN E 132 -28.32 41.29 37.54
N SER E 133 -29.37 40.81 36.87
CA SER E 133 -29.93 39.51 37.19
C SER E 133 -30.06 38.57 35.98
N GLY E 134 -29.49 38.97 34.85
CA GLY E 134 -29.58 38.17 33.63
C GLY E 134 -28.53 37.07 33.53
N VAL E 135 -28.69 36.02 34.34
CA VAL E 135 -27.78 34.90 34.38
C VAL E 135 -28.56 33.60 34.27
N THR E 136 -27.90 32.51 33.86
CA THR E 136 -28.55 31.22 33.68
C THR E 136 -27.58 30.07 34.00
N SER E 137 -28.12 28.97 34.54
CA SER E 137 -27.34 27.77 34.83
C SER E 137 -26.80 27.11 33.56
N ALA E 138 -27.36 27.46 32.40
CA ALA E 138 -26.82 26.99 31.12
C ALA E 138 -25.44 27.55 30.76
N CYS E 139 -25.10 28.71 31.33
CA CYS E 139 -23.84 29.36 31.04
C CYS E 139 -23.12 29.61 32.34
N THR E 140 -22.40 28.61 32.81
CA THR E 140 -21.85 28.64 34.14
C THR E 140 -20.50 29.22 34.10
N TYR E 141 -20.13 29.82 35.18
CA TYR E 141 -18.80 30.30 35.36
C TYR E 141 -18.42 29.88 36.77
N ASN E 142 -17.42 28.98 36.88
CA ASN E 142 -16.96 28.58 38.22
C ASN E 142 -18.13 27.97 39.05
N GLY E 143 -18.91 27.08 38.47
CA GLY E 143 -20.11 26.53 39.14
C GLY E 143 -21.31 27.47 39.25
N GLY E 144 -21.11 28.78 39.17
CA GLY E 144 -22.23 29.73 39.31
C GLY E 144 -22.97 30.03 38.01
N SER E 145 -24.19 30.51 38.10
CA SER E 145 -24.94 30.93 36.94
C SER E 145 -24.36 32.22 36.39
N SER E 146 -24.20 32.28 35.08
CA SER E 146 -23.60 33.44 34.43
C SER E 146 -24.20 33.67 33.05
N PHE E 147 -23.48 34.39 32.20
CA PHE E 147 -23.98 34.73 30.87
C PHE E 147 -22.86 35.24 30.00
N TYR E 148 -23.13 35.31 28.70
CA TYR E 148 -22.20 35.86 27.72
C TYR E 148 -21.70 37.20 28.18
N ARG E 149 -20.39 37.39 28.13
CA ARG E 149 -19.80 38.66 28.51
C ARG E 149 -20.01 39.78 27.48
N ASN E 150 -20.49 39.47 26.29
CA ASN E 150 -20.71 40.50 25.28
C ASN E 150 -22.14 40.89 25.08
N LEU E 151 -23.01 40.27 25.86
CA LEU E 151 -24.44 40.46 25.74
C LEU E 151 -24.99 40.72 27.13
N LEU E 152 -26.10 41.44 27.20
CA LEU E 152 -26.70 41.78 28.49
C LEU E 152 -28.14 41.38 28.53
N TRP E 153 -28.46 40.45 29.42
CA TRP E 153 -29.81 39.93 29.54
C TRP E 153 -30.56 40.80 30.55
N ILE E 154 -31.34 41.71 30.01
CA ILE E 154 -32.10 42.68 30.76
C ILE E 154 -33.47 42.08 31.11
N ILE E 155 -33.85 42.23 32.37
CA ILE E 155 -35.20 41.89 32.80
C ILE E 155 -35.84 43.03 33.60
N LYS E 156 -37.15 42.89 33.76
CA LYS E 156 -37.95 43.86 34.49
C LYS E 156 -37.65 43.78 36.00
N ILE E 157 -37.79 44.91 36.69
CA ILE E 157 -37.71 44.93 38.15
C ILE E 157 -39.04 44.35 38.62
N ARG E 158 -39.04 43.53 39.68
CA ARG E 158 -40.26 42.78 40.07
C ARG E 158 -41.46 43.68 40.33
N SER E 159 -41.23 44.77 41.06
CA SER E 159 -42.30 45.71 41.44
C SER E 159 -42.81 46.60 40.31
N ASP E 160 -41.96 46.86 39.31
CA ASP E 160 -42.27 47.85 38.26
C ASP E 160 -42.47 47.20 36.91
N PRO E 161 -43.19 47.87 36.00
CA PRO E 161 -43.28 47.35 34.64
C PRO E 161 -41.97 47.62 33.90
N TYR E 162 -41.74 46.87 32.82
CA TYR E 162 -40.57 47.05 31.98
C TYR E 162 -40.71 48.37 31.19
N SER E 163 -39.90 49.36 31.52
CA SER E 163 -39.97 50.68 30.88
C SER E 163 -39.56 50.59 29.42
N LEU E 164 -40.04 51.49 28.56
CA LEU E 164 -39.43 51.64 27.24
C LEU E 164 -37.97 52.05 27.47
N ILE E 165 -37.04 51.29 26.89
CA ILE E 165 -35.62 51.59 27.04
C ILE E 165 -34.99 51.91 25.68
N LYS E 166 -34.01 52.79 25.71
CA LYS E 166 -33.36 53.32 24.51
C LYS E 166 -31.89 53.46 24.76
N GLY E 167 -31.12 53.30 23.69
CA GLY E 167 -29.69 53.45 23.72
C GLY E 167 -29.18 53.77 22.32
N THR E 168 -28.08 54.50 22.25
CA THR E 168 -27.51 54.82 20.97
C THR E 168 -26.00 54.80 21.04
N TYR E 169 -25.36 54.46 19.93
CA TYR E 169 -23.91 54.48 19.84
C TYR E 169 -23.55 54.89 18.42
N THR E 170 -22.49 55.70 18.30
CA THR E 170 -22.04 56.13 17.02
C THR E 170 -20.61 55.66 16.82
N ASN E 171 -20.32 55.14 15.66
CA ASN E 171 -18.95 54.75 15.32
C ASN E 171 -18.20 55.95 14.74
N THR E 172 -17.33 56.54 15.54
CA THR E 172 -16.61 57.74 15.11
C THR E 172 -15.20 57.43 14.70
N GLY E 173 -14.83 56.16 14.61
CA GLY E 173 -13.47 55.80 14.17
C GLY E 173 -13.44 55.41 12.72
N SER E 174 -12.30 54.95 12.26
CA SER E 174 -12.15 54.49 10.93
C SER E 174 -12.34 52.97 10.79
N GLN E 175 -12.46 52.26 11.91
CA GLN E 175 -12.66 50.80 11.89
C GLN E 175 -14.13 50.43 12.00
N SER E 176 -14.52 49.42 11.26
CA SER E 176 -15.82 48.80 11.45
C SER E 176 -15.93 48.14 12.82
N ILE E 177 -17.17 47.96 13.25
CA ILE E 177 -17.46 47.36 14.54
C ILE E 177 -18.37 46.15 14.41
N LEU E 178 -17.94 45.02 14.98
CA LEU E 178 -18.73 43.79 14.95
C LEU E 178 -19.43 43.71 16.28
N TYR E 179 -20.76 43.61 16.27
CA TYR E 179 -21.53 43.55 17.50
C TYR E 179 -22.65 42.53 17.42
N PHE E 180 -23.26 42.23 18.56
CA PHE E 180 -24.20 41.14 18.70
C PHE E 180 -25.38 41.54 19.54
N TRP E 181 -26.52 40.96 19.22
CA TRP E 181 -27.69 41.09 20.09
C TRP E 181 -28.58 39.86 19.98
N GLY E 182 -29.66 39.86 20.73
CA GLY E 182 -30.57 38.76 20.60
C GLY E 182 -31.98 39.08 21.05
N VAL E 183 -32.89 38.17 20.72
CA VAL E 183 -34.26 38.22 21.17
C VAL E 183 -34.52 36.97 22.00
N HIS E 184 -35.00 37.14 23.23
CA HIS E 184 -35.30 36.00 24.08
C HIS E 184 -36.72 35.52 23.88
N HIS E 185 -36.88 34.20 23.72
CA HIS E 185 -38.19 33.57 23.53
C HIS E 185 -38.47 32.62 24.70
N PRO E 186 -39.22 33.09 25.72
CA PRO E 186 -39.57 32.19 26.83
C PRO E 186 -40.50 31.10 26.40
N PRO E 187 -40.53 30.02 27.18
CA PRO E 187 -41.32 28.84 26.80
C PRO E 187 -42.82 28.99 27.00
N ASP E 188 -43.24 29.93 27.85
CA ASP E 188 -44.67 30.13 28.15
C ASP E 188 -44.98 31.54 28.63
N ASP E 189 -46.27 31.86 28.74
CA ASP E 189 -46.71 33.21 29.08
C ASP E 189 -46.39 33.58 30.52
N VAL E 190 -46.27 32.58 31.39
CA VAL E 190 -45.99 32.84 32.79
C VAL E 190 -44.60 33.44 32.91
N GLU E 191 -43.65 32.81 32.24
CA GLU E 191 -42.28 33.29 32.23
C GLU E 191 -42.16 34.63 31.48
N GLN E 192 -42.86 34.77 30.36
CA GLN E 192 -42.89 36.07 29.66
C GLN E 192 -43.31 37.18 30.62
N ALA E 193 -44.42 36.97 31.33
CA ALA E 193 -44.96 37.96 32.24
C ALA E 193 -43.97 38.27 33.37
N ASN E 194 -43.38 37.22 33.92
CA ASN E 194 -42.46 37.37 35.06
C ASN E 194 -41.22 38.19 34.66
N LEU E 195 -40.68 37.97 33.47
CA LEU E 195 -39.43 38.63 33.05
C LEU E 195 -39.63 39.97 32.35
N TYR E 196 -40.67 40.08 31.53
CA TYR E 196 -40.88 41.26 30.69
C TYR E 196 -42.27 41.90 30.87
N GLY E 197 -43.31 41.08 30.81
CA GLY E 197 -44.69 41.53 30.91
C GLY E 197 -45.50 41.05 29.71
N LEU E 198 -46.84 41.12 29.82
CA LEU E 198 -47.73 40.67 28.72
C LEU E 198 -47.92 41.82 27.75
N GLY E 199 -48.65 41.54 26.67
CA GLY E 199 -48.89 42.52 25.64
C GLY E 199 -47.86 42.33 24.55
N THR E 200 -47.97 43.13 23.50
CA THR E 200 -46.97 43.13 22.42
C THR E 200 -45.67 43.73 22.93
N ARG E 201 -44.58 43.07 22.54
CA ARG E 201 -43.24 43.43 22.97
C ARG E 201 -42.38 43.47 21.74
N TYR E 202 -41.42 44.38 21.71
CA TYR E 202 -40.53 44.47 20.54
C TYR E 202 -39.07 44.76 20.90
N VAL E 203 -38.22 44.35 19.95
CA VAL E 203 -36.82 44.66 19.95
C VAL E 203 -36.54 45.29 18.60
N ARG E 204 -36.14 46.55 18.64
CA ARG E 204 -35.84 47.31 17.44
C ARG E 204 -34.42 47.83 17.42
N MET E 205 -33.76 47.61 16.29
CA MET E 205 -32.39 48.03 16.07
C MET E 205 -32.33 48.78 14.75
N GLY E 206 -31.70 49.94 14.76
CA GLY E 206 -31.64 50.75 13.55
C GLY E 206 -30.34 51.46 13.29
N THR E 207 -29.92 51.43 12.03
CA THR E 207 -28.76 52.16 11.55
C THR E 207 -29.10 52.90 10.28
N GLU E 208 -28.12 53.57 9.69
CA GLU E 208 -28.31 54.24 8.43
C GLU E 208 -28.63 53.24 7.35
N SER E 209 -28.20 51.99 7.53
CA SER E 209 -28.26 50.99 6.46
C SER E 209 -28.80 49.60 6.85
N MET E 210 -29.32 49.43 8.05
CA MET E 210 -29.96 48.20 8.52
C MET E 210 -31.14 48.58 9.38
N ASN E 211 -32.23 47.84 9.25
CA ASN E 211 -33.35 48.00 10.15
C ASN E 211 -33.80 46.64 10.66
N PHE E 212 -34.17 46.53 11.94
CA PHE E 212 -34.49 45.26 12.54
C PHE E 212 -35.61 45.53 13.54
N ALA E 213 -36.64 44.69 13.52
CA ALA E 213 -37.76 44.82 14.45
C ALA E 213 -38.43 43.47 14.60
N LYS E 214 -38.42 42.91 15.82
CA LYS E 214 -38.95 41.59 16.06
C LYS E 214 -39.46 41.47 17.45
N GLY E 215 -40.24 40.43 17.66
CA GLY E 215 -40.86 40.15 18.96
C GLY E 215 -40.67 38.71 19.40
N PRO E 216 -41.05 38.42 20.66
CA PRO E 216 -41.03 37.07 21.18
C PRO E 216 -41.95 36.15 20.38
N GLU E 217 -41.44 34.99 20.04
CA GLU E 217 -42.17 33.89 19.47
C GLU E 217 -42.21 32.81 20.56
N ILE E 218 -43.11 32.97 21.52
CA ILE E 218 -43.26 32.07 22.67
C ILE E 218 -43.75 30.65 22.34
N ALA E 219 -43.07 29.65 22.88
CA ALA E 219 -43.41 28.24 22.62
C ALA E 219 -42.67 27.35 23.60
N ASP E 220 -43.30 26.28 24.06
CA ASP E 220 -42.63 25.32 24.93
C ASP E 220 -41.85 24.32 24.06
N ARG E 221 -40.55 24.23 24.29
CA ARG E 221 -39.66 23.43 23.45
C ARG E 221 -38.88 22.49 24.32
N PRO E 222 -38.32 21.41 23.74
CA PRO E 222 -37.74 20.42 24.64
C PRO E 222 -36.57 21.08 25.24
N PRO E 223 -36.18 20.67 26.44
CA PRO E 223 -35.06 21.36 27.07
C PRO E 223 -33.77 21.07 26.33
N ALA E 224 -32.93 22.09 26.22
CA ALA E 224 -31.58 21.96 25.68
C ALA E 224 -30.69 22.68 26.67
N ASN E 225 -29.60 22.01 27.07
CA ASN E 225 -28.78 22.47 28.17
C ASN E 225 -29.64 22.89 29.35
N GLY E 226 -30.66 22.11 29.64
CA GLY E 226 -31.54 22.39 30.80
C GLY E 226 -32.53 23.53 30.65
N GLN E 227 -32.67 24.09 29.45
CA GLN E 227 -33.53 25.27 29.22
C GLN E 227 -34.60 25.04 28.16
N ARG E 228 -35.81 25.46 28.49
CA ARG E 228 -36.93 25.36 27.58
C ARG E 228 -37.07 26.66 26.74
N GLY E 229 -36.44 27.74 27.20
CA GLY E 229 -36.35 28.98 26.46
C GLY E 229 -35.31 28.91 25.36
N ARG E 230 -35.31 29.93 24.50
CA ARG E 230 -34.33 30.07 23.45
C ARG E 230 -34.01 31.53 23.22
N ILE E 231 -32.84 31.77 22.62
CA ILE E 231 -32.50 33.09 22.17
C ILE E 231 -32.17 33.00 20.69
N ASP E 232 -32.71 33.93 19.91
CA ASP E 232 -32.23 34.12 18.55
C ASP E 232 -31.09 35.13 18.62
N TYR E 233 -29.89 34.70 18.26
CA TYR E 233 -28.74 35.54 18.30
C TYR E 233 -28.52 36.18 16.94
N TYR E 234 -28.20 37.47 16.93
CA TYR E 234 -27.88 38.15 15.68
C TYR E 234 -26.55 38.86 15.77
N TRP E 235 -25.95 39.07 14.60
CA TRP E 235 -24.77 39.86 14.49
C TRP E 235 -24.83 40.85 13.35
N SER E 236 -24.00 41.88 13.43
CA SER E 236 -23.93 42.87 12.37
C SER E 236 -22.67 43.71 12.49
N VAL E 237 -22.45 44.55 11.50
CA VAL E 237 -21.27 45.36 11.43
C VAL E 237 -21.67 46.83 11.29
N LEU E 238 -21.27 47.65 12.25
CA LEU E 238 -21.57 49.08 12.22
C LEU E 238 -20.41 49.73 11.55
N LYS E 239 -20.67 50.34 10.43
CA LYS E 239 -19.62 50.91 9.59
C LYS E 239 -19.13 52.24 10.14
N PRO E 240 -17.92 52.65 9.76
CA PRO E 240 -17.44 53.96 10.20
C PRO E 240 -18.40 55.05 9.85
N GLY E 241 -18.72 55.90 10.83
CA GLY E 241 -19.66 57.00 10.66
C GLY E 241 -21.08 56.69 11.09
N GLU E 242 -21.45 55.40 11.07
CA GLU E 242 -22.85 55.00 11.29
C GLU E 242 -23.20 55.04 12.73
N THR E 243 -24.49 55.14 13.00
CA THR E 243 -24.94 55.18 14.38
C THR E 243 -26.03 54.11 14.53
N LEU E 244 -26.02 53.47 15.70
CA LEU E 244 -26.99 52.43 16.02
C LEU E 244 -27.94 52.92 17.09
N ASN E 245 -29.24 52.75 16.87
CA ASN E 245 -30.24 53.05 17.90
C ASN E 245 -30.96 51.79 18.29
N VAL E 246 -31.15 51.63 19.59
CA VAL E 246 -31.76 50.43 20.13
C VAL E 246 -32.99 50.88 20.91
N GLU E 247 -34.12 50.24 20.64
CA GLU E 247 -35.34 50.43 21.47
C GLU E 247 -35.98 49.10 21.80
N SER E 248 -36.41 48.97 23.05
CA SER E 248 -37.19 47.82 23.43
C SER E 248 -38.10 48.06 24.63
N ASN E 249 -39.22 47.35 24.65
CA ASN E 249 -40.04 47.26 25.86
C ASN E 249 -40.02 45.84 26.47
N GLY E 250 -39.05 45.03 26.04
CA GLY E 250 -38.89 43.68 26.56
C GLY E 250 -38.30 42.70 25.56
N ASN E 251 -37.72 41.63 26.10
CA ASN E 251 -37.15 40.51 25.33
C ASN E 251 -35.81 40.79 24.65
N LEU E 252 -35.20 41.89 25.03
CA LEU E 252 -33.96 42.33 24.43
C LEU E 252 -32.79 41.66 25.15
N ILE E 253 -31.92 41.01 24.36
CA ILE E 253 -30.60 40.64 24.83
C ILE E 253 -29.69 41.66 24.16
N ALA E 254 -29.24 42.61 24.95
CA ALA E 254 -28.60 43.78 24.41
C ALA E 254 -27.14 43.55 24.10
N PRO E 255 -26.61 44.22 23.08
CA PRO E 255 -25.19 44.28 22.97
C PRO E 255 -24.66 44.93 24.21
N TRP E 256 -23.55 44.41 24.70
CA TRP E 256 -22.88 45.04 25.79
C TRP E 256 -21.50 45.46 25.34
N TYR E 257 -20.65 44.49 25.01
CA TYR E 257 -19.32 44.77 24.50
C TYR E 257 -19.31 44.33 23.07
N ALA E 258 -18.45 44.98 22.29
CA ALA E 258 -18.33 44.71 20.89
C ALA E 258 -16.89 44.86 20.46
N TYR E 259 -16.62 44.70 19.16
CA TYR E 259 -15.26 44.66 18.69
C TYR E 259 -15.03 45.63 17.55
N LYS E 260 -14.15 46.59 17.74
CA LYS E 260 -13.60 47.28 16.63
C LYS E 260 -12.64 46.30 15.94
N PHE E 261 -12.64 46.25 14.61
CA PHE E 261 -11.75 45.31 13.93
C PHE E 261 -11.09 45.86 12.67
N THR E 262 -9.99 45.21 12.28
CA THR E 262 -9.34 45.50 11.01
C THR E 262 -9.45 44.26 10.12
N SER E 263 -9.54 44.46 8.82
CA SER E 263 -9.59 43.35 7.86
C SER E 263 -8.21 43.08 7.39
N SER E 264 -7.87 41.80 7.31
CA SER E 264 -6.53 41.42 6.95
C SER E 264 -6.29 41.75 5.49
N ARG E 265 -5.04 42.07 5.19
CA ARG E 265 -4.58 42.28 3.83
C ARG E 265 -4.15 40.92 3.21
N HIS E 266 -4.15 39.88 4.04
CA HIS E 266 -3.81 38.53 3.62
C HIS E 266 -4.98 37.57 3.83
N LYS E 267 -4.93 36.47 3.09
CA LYS E 267 -5.82 35.38 3.31
C LYS E 267 -5.59 34.81 4.72
N GLY E 268 -6.68 34.62 5.45
CA GLY E 268 -6.68 33.91 6.74
C GLY E 268 -7.49 32.62 6.66
N ALA E 269 -7.78 32.05 7.83
CA ALA E 269 -8.44 30.77 7.92
C ALA E 269 -8.82 30.43 9.37
N ILE E 270 -9.78 29.52 9.51
CA ILE E 270 -10.06 28.85 10.71
C ILE E 270 -9.70 27.41 10.45
N PHE E 271 -8.65 26.91 11.12
CA PHE E 271 -8.28 25.52 11.06
C PHE E 271 -8.88 24.74 12.21
N ARG E 272 -9.46 23.59 11.92
CA ARG E 272 -10.01 22.69 12.92
C ARG E 272 -9.02 21.56 13.10
N SER E 273 -8.25 21.58 14.18
CA SER E 273 -7.11 20.70 14.35
C SER E 273 -6.71 20.57 15.77
N ASP E 274 -6.05 19.47 16.09
CA ASP E 274 -5.50 19.27 17.41
C ASP E 274 -3.99 19.51 17.49
N LEU E 275 -3.38 19.98 16.41
CA LEU E 275 -1.92 20.19 16.42
C LEU E 275 -1.50 21.28 17.38
N PRO E 276 -0.35 21.09 18.03
CA PRO E 276 0.13 22.17 18.93
C PRO E 276 0.57 23.49 18.20
N ILE E 277 0.33 24.61 18.86
CA ILE E 277 0.93 25.87 18.48
C ILE E 277 2.27 26.11 19.20
N GLU E 278 3.30 26.45 18.43
CA GLU E 278 4.64 26.58 18.95
C GLU E 278 5.30 27.90 18.56
N ASN E 279 6.46 28.15 19.14
CA ASN E 279 7.16 29.37 18.91
C ASN E 279 8.05 29.23 17.68
N CYS E 280 7.50 29.47 16.51
CA CYS E 280 8.17 29.21 15.26
C CYS E 280 7.56 30.09 14.18
N ASP E 281 8.21 30.13 13.02
CA ASP E 281 7.72 30.92 11.89
C ASP E 281 7.59 30.04 10.69
N ALA E 282 6.58 30.25 9.89
CA ALA E 282 6.43 29.49 8.64
C ALA E 282 6.05 30.41 7.50
N VAL E 283 6.73 30.20 6.37
CA VAL E 283 6.40 30.82 5.11
C VAL E 283 5.11 30.19 4.63
N CYS E 284 5.03 28.86 4.74
CA CYS E 284 3.86 28.05 4.30
C CYS E 284 3.26 27.29 5.48
N GLN E 285 1.99 27.54 5.82
CA GLN E 285 1.34 26.88 6.93
C GLN E 285 0.06 26.18 6.50
N THR E 286 0.07 24.84 6.50
CA THR E 286 -1.07 24.09 6.03
C THR E 286 -1.81 23.63 7.24
N LEU E 287 -2.99 23.10 6.99
CA LEU E 287 -3.83 22.57 8.04
C LEU E 287 -3.20 21.45 8.82
N THR E 288 -2.29 20.70 8.19
CA THR E 288 -1.67 19.55 8.88
C THR E 288 -0.21 19.80 9.16
N GLY E 289 0.26 21.04 9.00
CA GLY E 289 1.58 21.40 9.43
C GLY E 289 2.30 22.41 8.54
N ALA E 290 3.42 22.88 9.03
CA ALA E 290 4.24 23.89 8.35
C ALA E 290 5.18 23.23 7.35
N ILE E 291 5.33 23.85 6.20
CA ILE E 291 6.21 23.33 5.14
C ILE E 291 7.33 24.28 4.82
N ASN E 292 8.54 23.77 4.76
CA ASN E 292 9.70 24.57 4.38
C ASN E 292 10.41 23.83 3.27
N THR E 293 10.29 24.39 2.08
CA THR E 293 10.69 23.68 0.91
C THR E 293 10.87 24.67 -0.22
N ASN E 294 11.67 24.27 -1.21
CA ASN E 294 11.78 25.06 -2.44
C ASN E 294 11.14 24.29 -3.59
N LYS E 295 10.55 23.13 -3.28
CA LYS E 295 9.89 22.30 -4.32
C LYS E 295 8.59 22.94 -4.72
N THR E 296 8.08 22.57 -5.87
CA THR E 296 6.94 23.31 -6.40
C THR E 296 5.63 22.61 -6.22
N PHE E 297 5.68 21.35 -5.80
CA PHE E 297 4.47 20.55 -5.53
C PHE E 297 4.54 19.99 -4.16
N GLN E 298 3.42 19.51 -3.70
CA GLN E 298 3.26 19.20 -2.31
C GLN E 298 2.05 18.29 -2.16
N ASN E 299 2.15 17.24 -1.38
CA ASN E 299 1.00 16.34 -1.14
C ASN E 299 0.64 16.26 0.36
N VAL E 300 0.91 17.34 1.10
CA VAL E 300 0.61 17.43 2.51
C VAL E 300 -0.83 17.84 2.82
N SER E 301 -1.27 19.01 2.34
CA SER E 301 -2.63 19.45 2.50
C SER E 301 -3.04 20.49 1.45
N PRO E 302 -4.32 20.48 1.02
CA PRO E 302 -4.86 21.48 0.09
C PRO E 302 -5.29 22.76 0.81
N ILE E 303 -5.22 22.76 2.13
CA ILE E 303 -5.68 23.92 2.89
C ILE E 303 -4.57 24.57 3.57
N TRP E 304 -4.38 25.85 3.31
CA TRP E 304 -3.26 26.56 3.91
C TRP E 304 -3.39 28.08 3.91
N ILE E 305 -2.46 28.73 4.59
CA ILE E 305 -2.24 30.16 4.42
C ILE E 305 -0.76 30.37 4.20
N GLY E 306 -0.36 31.55 3.78
CA GLY E 306 1.04 31.79 3.46
C GLY E 306 1.29 31.41 2.02
N GLU E 307 2.54 31.23 1.64
CA GLU E 307 2.95 30.89 0.29
C GLU E 307 3.40 29.42 0.23
N CYS E 308 2.54 28.58 -0.31
CA CYS E 308 2.77 27.14 -0.36
C CYS E 308 2.86 26.60 -1.77
N PRO E 309 3.55 25.47 -1.97
CA PRO E 309 3.51 24.83 -3.28
C PRO E 309 2.14 24.24 -3.59
N LYS E 310 1.92 23.97 -4.85
CA LYS E 310 0.65 23.42 -5.36
C LYS E 310 0.37 22.03 -4.79
N TYR E 311 -0.81 21.82 -4.27
CA TYR E 311 -1.21 20.53 -3.77
C TYR E 311 -1.57 19.53 -4.90
N VAL E 312 -1.08 18.29 -4.80
CA VAL E 312 -1.44 17.21 -5.73
C VAL E 312 -1.59 15.91 -4.99
N LYS E 313 -2.25 14.92 -5.61
CA LYS E 313 -2.46 13.62 -4.98
C LYS E 313 -1.28 12.70 -5.10
N SER E 314 -0.37 13.00 -6.00
CA SER E 314 0.77 12.13 -6.25
C SER E 314 1.55 11.72 -4.97
N LYS E 315 2.15 10.54 -5.04
CA LYS E 315 3.08 10.08 -3.98
C LYS E 315 4.50 10.46 -4.31
N SER E 316 4.74 10.71 -5.60
CA SER E 316 6.02 11.10 -6.09
C SER E 316 6.00 11.72 -7.47
N LEU E 317 6.95 12.58 -7.73
CA LEU E 317 7.09 13.18 -9.05
C LEU E 317 8.58 13.28 -9.35
N LYS E 318 9.15 12.13 -9.75
CA LYS E 318 10.59 11.93 -9.94
C LYS E 318 10.97 12.26 -11.39
N LEU E 319 11.73 13.34 -11.56
CA LEU E 319 12.08 13.81 -12.84
C LEU E 319 13.51 13.39 -13.12
N ALA E 320 13.73 12.69 -14.23
CA ALA E 320 15.07 12.28 -14.57
C ALA E 320 15.84 13.49 -15.02
N THR E 321 17.05 13.60 -14.52
CA THR E 321 17.99 14.59 -14.99
C THR E 321 19.21 13.92 -15.64
N GLY E 322 19.71 12.84 -15.04
CA GLY E 322 20.82 12.09 -15.59
C GLY E 322 20.47 11.09 -16.69
N LEU E 323 21.33 10.08 -16.84
CA LEU E 323 21.27 9.10 -17.91
C LEU E 323 20.61 7.80 -17.46
N ARG E 324 20.18 6.97 -18.40
CA ARG E 324 19.89 5.58 -18.09
C ARG E 324 21.14 5.02 -17.45
N ASN E 325 20.97 4.35 -16.31
CA ASN E 325 22.10 3.74 -15.60
C ASN E 325 22.24 2.28 -16.03
N VAL E 326 23.20 2.02 -16.92
CA VAL E 326 23.46 0.67 -17.41
C VAL E 326 24.95 0.36 -17.27
N PRO E 327 25.37 -0.18 -16.11
CA PRO E 327 26.79 -0.51 -15.98
C PRO E 327 27.12 -1.87 -16.61
N GLN E 328 28.31 -1.95 -17.23
CA GLN E 328 28.74 -3.12 -17.94
C GLN E 328 29.35 -4.05 -16.93
N VAL E 329 29.68 -3.55 -15.74
CA VAL E 329 30.34 -4.36 -14.69
C VAL E 329 29.47 -5.57 -14.29
N LYS E 330 28.15 -5.45 -14.47
CA LYS E 330 27.24 -6.60 -14.39
C LYS E 330 27.65 -7.70 -15.38
N THR E 331 28.08 -7.30 -16.58
CA THR E 331 28.74 -8.22 -17.49
C THR E 331 30.18 -8.46 -16.98
N ARG E 332 30.63 -9.72 -17.02
CA ARG E 332 31.95 -10.13 -16.50
C ARG E 332 32.98 -10.42 -17.61
N GLY E 333 33.11 -9.48 -18.53
CA GLY E 333 34.29 -9.44 -19.37
C GLY E 333 35.43 -9.01 -18.46
N LEU E 334 35.91 -9.92 -17.61
CA LEU E 334 37.00 -9.62 -16.67
C LEU E 334 38.37 -9.59 -17.39
N PHE E 335 38.39 -10.17 -18.61
CA PHE E 335 39.51 -10.04 -19.58
C PHE E 335 39.15 -9.32 -20.86
N GLY E 336 37.87 -9.14 -21.15
CA GLY E 336 37.45 -8.47 -22.37
C GLY E 336 37.84 -7.01 -22.33
N ALA E 337 38.43 -6.52 -23.44
CA ALA E 337 38.80 -5.11 -23.55
C ALA E 337 37.57 -4.23 -23.27
N ILE E 338 37.83 -3.02 -22.76
CA ILE E 338 36.75 -2.10 -22.43
C ILE E 338 36.04 -1.74 -23.74
N ALA E 339 34.74 -1.47 -23.62
CA ALA E 339 33.82 -1.72 -24.71
C ALA E 339 33.11 -0.58 -25.48
N GLY E 340 32.91 0.61 -24.90
CA GLY E 340 32.09 1.68 -25.57
C GLY E 340 30.61 1.74 -25.20
N PHE E 341 29.89 2.76 -25.70
CA PHE E 341 28.51 3.03 -25.28
C PHE E 341 27.48 1.97 -25.64
N ILE E 342 27.74 1.19 -26.69
CA ILE E 342 26.79 0.18 -27.13
C ILE E 342 26.65 -0.95 -26.11
N GLU E 343 27.68 -1.23 -25.32
CA GLU E 343 27.58 -2.30 -24.32
C GLU E 343 27.03 -1.82 -22.97
N GLY E 344 26.94 -0.50 -22.79
CA GLY E 344 26.57 0.11 -21.50
C GLY E 344 27.31 1.40 -21.15
N GLY E 345 27.25 1.78 -19.89
CA GLY E 345 27.92 3.00 -19.41
C GLY E 345 29.21 2.71 -18.65
N TRP E 346 29.94 3.76 -18.33
CA TRP E 346 31.25 3.64 -17.69
C TRP E 346 31.25 4.17 -16.28
N THR E 347 31.17 3.27 -15.30
CA THR E 347 31.36 3.67 -13.90
C THR E 347 32.68 4.46 -13.71
N GLY E 348 33.67 4.16 -14.56
CA GLY E 348 34.94 4.82 -14.50
C GLY E 348 35.00 6.27 -14.93
N MET E 349 33.97 6.79 -15.63
CA MET E 349 34.11 8.15 -16.18
C MET E 349 34.12 9.25 -15.12
N VAL E 350 33.06 9.37 -14.32
CA VAL E 350 33.05 10.24 -13.11
C VAL E 350 33.17 11.77 -13.35
N ASP E 351 33.97 12.19 -14.33
CA ASP E 351 34.14 13.61 -14.70
C ASP E 351 32.92 14.35 -15.25
N GLY E 352 32.09 13.64 -15.99
CA GLY E 352 30.96 14.25 -16.71
C GLY E 352 30.01 13.20 -17.22
N TRP E 353 29.15 13.58 -18.16
CA TRP E 353 28.08 12.70 -18.60
C TRP E 353 28.47 11.92 -19.84
N TYR E 354 29.08 12.61 -20.79
CA TYR E 354 29.55 12.00 -22.01
C TYR E 354 31.06 12.12 -22.13
N GLY E 355 31.71 11.17 -22.79
CA GLY E 355 33.14 11.28 -23.03
C GLY E 355 33.82 10.12 -23.75
N TYR E 356 35.12 9.98 -23.48
CA TYR E 356 36.01 9.12 -24.25
C TYR E 356 36.83 8.17 -23.38
N HIS E 357 37.20 7.03 -23.95
CA HIS E 357 38.24 6.16 -23.39
C HIS E 357 39.22 5.76 -24.49
N HIS E 358 40.49 6.05 -24.27
CA HIS E 358 41.56 5.82 -25.27
C HIS E 358 42.56 4.76 -24.77
N GLU E 359 43.23 4.12 -25.72
CA GLU E 359 44.34 3.21 -25.42
C GLU E 359 45.41 3.27 -26.50
N ASN E 360 46.64 3.56 -26.08
CA ASN E 360 47.79 3.64 -26.98
C ASN E 360 49.05 3.16 -26.22
N SER E 361 50.22 3.33 -26.80
CA SER E 361 51.46 2.93 -26.13
C SER E 361 51.74 3.73 -24.85
N GLN E 362 51.35 5.01 -24.82
CA GLN E 362 51.52 5.85 -23.62
C GLN E 362 50.58 5.52 -22.46
N GLY E 363 49.56 4.70 -22.70
CA GLY E 363 48.65 4.25 -21.64
C GLY E 363 47.19 4.30 -22.04
N SER E 364 46.32 4.42 -21.05
CA SER E 364 44.88 4.40 -21.26
C SER E 364 44.15 5.21 -20.18
N GLY E 365 42.85 5.43 -20.37
CA GLY E 365 42.05 6.22 -19.42
C GLY E 365 40.78 6.84 -19.96
N TYR E 366 39.98 7.33 -19.02
CA TYR E 366 38.70 7.98 -19.31
C TYR E 366 38.84 9.50 -19.18
N ALA E 367 38.06 10.22 -19.98
CA ALA E 367 38.04 11.69 -19.91
C ALA E 367 36.72 12.21 -20.49
N ALA E 368 35.97 12.98 -19.69
CA ALA E 368 34.68 13.51 -20.13
C ALA E 368 34.85 14.62 -21.16
N ASP E 369 33.89 14.73 -22.08
CA ASP E 369 33.85 15.85 -23.05
C ASP E 369 33.10 17.02 -22.43
N LYS E 370 33.84 18.09 -22.14
CA LYS E 370 33.31 19.22 -21.36
C LYS E 370 32.17 19.96 -22.07
N GLU E 371 32.38 20.23 -23.36
CA GLU E 371 31.45 21.05 -24.14
C GLU E 371 30.05 20.41 -24.19
N SER E 372 29.96 19.16 -24.62
CA SER E 372 28.68 18.48 -24.80
C SER E 372 28.03 18.18 -23.45
N THR E 373 28.86 17.86 -22.45
CA THR E 373 28.36 17.66 -21.09
C THR E 373 27.70 18.94 -20.55
N GLN E 374 28.34 20.08 -20.74
CA GLN E 374 27.79 21.33 -20.23
C GLN E 374 26.50 21.74 -20.95
N LYS E 375 26.46 21.55 -22.26
CA LYS E 375 25.26 21.86 -23.02
C LYS E 375 24.07 21.04 -22.52
N ALA E 376 24.30 19.77 -22.20
CA ALA E 376 23.25 18.92 -21.63
C ALA E 376 22.86 19.40 -20.23
N ILE E 377 23.85 19.71 -19.39
CA ILE E 377 23.56 20.28 -18.07
C ILE E 377 22.68 21.53 -18.23
N ASP E 378 23.06 22.42 -19.15
CA ASP E 378 22.33 23.68 -19.31
C ASP E 378 20.87 23.46 -19.75
N GLY E 379 20.64 22.56 -20.70
CA GLY E 379 19.30 22.23 -21.17
C GLY E 379 18.39 21.56 -20.12
N ILE E 380 18.93 20.59 -19.40
CA ILE E 380 18.18 19.93 -18.34
C ILE E 380 17.89 20.90 -17.21
N THR E 381 18.89 21.66 -16.79
CA THR E 381 18.68 22.69 -15.76
C THR E 381 17.56 23.67 -16.18
N ASN E 382 17.62 24.10 -17.43
CA ASN E 382 16.62 25.00 -17.94
C ASN E 382 15.22 24.37 -17.97
N LYS E 383 15.17 23.08 -18.29
CA LYS E 383 13.91 22.37 -18.33
C LYS E 383 13.30 22.31 -16.92
N VAL E 384 14.11 21.93 -15.94
CA VAL E 384 13.64 21.84 -14.57
C VAL E 384 13.10 23.20 -14.11
N ASN E 385 13.89 24.24 -14.30
CA ASN E 385 13.46 25.58 -13.91
C ASN E 385 12.25 26.05 -14.66
N SER E 386 12.12 25.70 -15.94
CA SER E 386 10.96 26.12 -16.73
C SER E 386 9.70 25.47 -16.20
N ILE E 387 9.81 24.20 -15.86
CA ILE E 387 8.73 23.47 -15.26
C ILE E 387 8.36 24.09 -13.92
N ILE E 388 9.37 24.33 -13.08
CA ILE E 388 9.17 24.98 -11.77
C ILE E 388 8.44 26.32 -11.98
N ASP E 389 8.91 27.12 -12.93
CA ASP E 389 8.35 28.44 -13.21
C ASP E 389 6.87 28.37 -13.63
N LYS E 390 6.56 27.49 -14.58
CA LYS E 390 5.21 27.40 -15.09
C LYS E 390 4.25 26.75 -14.10
N MET E 391 4.79 26.03 -13.11
CA MET E 391 3.97 25.41 -12.08
C MET E 391 3.86 26.27 -10.86
N ASN E 392 4.31 27.52 -10.96
CA ASN E 392 4.33 28.45 -9.82
C ASN E 392 3.01 29.24 -9.60
N THR E 393 1.89 28.54 -9.62
CA THR E 393 0.60 29.09 -9.20
C THR E 393 -0.04 27.99 -8.34
N GLN E 394 -1.02 28.35 -7.50
CA GLN E 394 -1.78 27.33 -6.74
C GLN E 394 -3.25 27.61 -6.77
N PHE E 395 -4.01 26.54 -6.94
CA PHE E 395 -5.41 26.58 -6.61
C PHE E 395 -5.54 26.51 -5.08
N GLU E 396 -6.39 27.34 -4.50
CA GLU E 396 -6.55 27.35 -3.06
C GLU E 396 -7.94 26.88 -2.59
N ALA E 397 -7.99 25.69 -1.99
CA ALA E 397 -9.18 25.23 -1.31
C ALA E 397 -9.41 26.04 -0.04
N VAL E 398 -10.66 26.15 0.41
CA VAL E 398 -11.01 26.95 1.60
C VAL E 398 -11.92 26.14 2.48
N GLU E 399 -11.91 26.41 3.76
CA GLU E 399 -12.73 25.60 4.67
C GLU E 399 -13.93 26.39 5.17
N HIS E 400 -14.56 27.14 4.28
CA HIS E 400 -15.78 27.81 4.67
C HIS E 400 -16.78 26.73 5.02
N GLU E 401 -17.70 27.06 5.92
CA GLU E 401 -18.75 26.16 6.29
C GLU E 401 -20.04 26.44 5.58
N PHE E 402 -20.85 25.39 5.50
CA PHE E 402 -22.15 25.43 4.82
C PHE E 402 -23.18 24.77 5.73
N SER E 403 -24.37 25.33 5.84
CA SER E 403 -25.40 24.77 6.71
C SER E 403 -26.01 23.53 6.06
N ASN E 404 -26.92 22.90 6.80
CA ASN E 404 -27.63 21.73 6.33
C ASN E 404 -28.61 22.11 5.21
N LEU E 405 -28.94 23.38 5.08
CA LEU E 405 -29.75 23.87 3.95
C LEU E 405 -28.90 24.53 2.84
N GLU E 406 -27.63 24.16 2.74
CA GLU E 406 -26.78 24.65 1.69
C GLU E 406 -26.00 23.49 1.05
N LYS E 407 -26.66 22.34 0.86
CA LYS E 407 -25.99 21.20 0.30
C LYS E 407 -25.56 21.44 -1.12
N ARG E 408 -26.35 22.17 -1.88
CA ARG E 408 -26.02 22.38 -3.28
C ARG E 408 -24.74 23.18 -3.43
N ILE E 409 -24.63 24.32 -2.75
CA ILE E 409 -23.38 25.08 -2.87
C ILE E 409 -22.23 24.35 -2.20
N SER E 410 -22.49 23.60 -1.14
CA SER E 410 -21.42 22.82 -0.51
C SER E 410 -20.91 21.81 -1.49
N ASN E 411 -21.80 21.15 -2.22
CA ASN E 411 -21.39 20.15 -3.18
C ASN E 411 -20.71 20.82 -4.34
N LEU E 412 -21.18 22.00 -4.68
CA LEU E 412 -20.56 22.75 -5.77
C LEU E 412 -19.10 23.07 -5.40
N ASN E 413 -18.87 23.55 -4.19
CA ASN E 413 -17.51 23.79 -3.75
C ASN E 413 -16.69 22.53 -3.79
N LYS E 414 -17.21 21.42 -3.27
CA LYS E 414 -16.45 20.19 -3.29
C LYS E 414 -16.07 19.70 -4.71
N ARG E 415 -17.02 19.69 -5.65
CA ARG E 415 -16.74 19.20 -7.00
C ARG E 415 -15.74 20.09 -7.69
N MET E 416 -15.84 21.39 -7.44
CA MET E 416 -14.86 22.30 -7.96
C MET E 416 -13.46 22.04 -7.39
N GLU E 417 -13.34 21.95 -6.09
CA GLU E 417 -12.00 21.70 -5.47
C GLU E 417 -11.41 20.38 -5.91
N ASP E 418 -12.23 19.33 -5.99
CA ASP E 418 -11.74 18.06 -6.52
C ASP E 418 -11.41 18.16 -7.96
N GLY E 419 -12.20 18.96 -8.66
CA GLY E 419 -11.95 19.17 -10.08
C GLY E 419 -10.57 19.71 -10.35
N PHE E 420 -10.17 20.77 -9.67
CA PHE E 420 -8.87 21.37 -9.98
C PHE E 420 -7.75 20.46 -9.50
N LEU E 421 -8.01 19.75 -8.43
CA LEU E 421 -7.03 18.83 -7.92
C LEU E 421 -6.73 17.75 -8.95
N ASP E 422 -7.78 17.22 -9.57
CA ASP E 422 -7.58 16.23 -10.60
C ASP E 422 -6.89 16.79 -11.80
N VAL E 423 -7.21 18.02 -12.20
CA VAL E 423 -6.50 18.53 -13.35
C VAL E 423 -5.05 18.78 -13.05
N TRP E 424 -4.72 19.34 -11.88
CA TRP E 424 -3.33 19.60 -11.59
C TRP E 424 -2.55 18.34 -11.36
N THR E 425 -3.17 17.35 -10.76
CA THR E 425 -2.47 16.08 -10.54
C THR E 425 -2.14 15.42 -11.90
N TYR E 426 -3.12 15.40 -12.79
CA TYR E 426 -2.88 14.94 -14.14
C TYR E 426 -1.76 15.73 -14.81
N ASN E 427 -1.85 17.06 -14.84
CA ASN E 427 -0.86 17.84 -15.55
C ASN E 427 0.54 17.54 -15.05
N ALA E 428 0.68 17.39 -13.75
CA ALA E 428 2.00 17.16 -13.17
C ALA E 428 2.51 15.77 -13.51
N GLU E 429 1.67 14.75 -13.29
CA GLU E 429 2.08 13.35 -13.54
C GLU E 429 2.39 13.11 -15.02
N LEU E 430 1.55 13.62 -15.90
CA LEU E 430 1.74 13.40 -17.32
C LEU E 430 3.00 14.10 -17.80
N LEU E 431 3.27 15.29 -17.28
CA LEU E 431 4.39 16.05 -17.76
C LEU E 431 5.66 15.32 -17.39
N VAL E 432 5.69 14.76 -16.19
CA VAL E 432 6.85 14.01 -15.74
C VAL E 432 7.10 12.82 -16.62
N LEU E 433 6.07 12.05 -16.94
CA LEU E 433 6.25 10.88 -17.83
C LEU E 433 6.79 11.29 -19.17
N LEU E 434 6.25 12.36 -19.74
CA LEU E 434 6.59 12.75 -21.09
C LEU E 434 7.98 13.33 -21.16
N GLU E 435 8.33 14.17 -20.23
CA GLU E 435 9.65 14.82 -20.27
C GLU E 435 10.77 13.88 -19.81
N ASN E 436 10.44 12.87 -19.02
CA ASN E 436 11.42 11.85 -18.74
C ASN E 436 11.85 11.09 -19.97
N GLU E 437 10.89 10.77 -20.83
CA GLU E 437 11.21 10.14 -22.11
C GLU E 437 12.05 11.02 -22.99
N ARG E 438 11.74 12.30 -23.04
CA ARG E 438 12.52 13.22 -23.84
C ARG E 438 13.92 13.38 -23.31
N THR E 439 14.02 13.49 -22.01
CA THR E 439 15.32 13.71 -21.38
C THR E 439 16.27 12.57 -21.66
N LEU E 440 15.80 11.35 -21.49
CA LEU E 440 16.63 10.17 -21.76
C LEU E 440 16.94 9.98 -23.24
N ASP E 441 16.02 10.39 -24.11
CA ASP E 441 16.30 10.40 -25.55
C ASP E 441 17.37 11.43 -25.91
N MET E 442 17.34 12.60 -25.29
CA MET E 442 18.35 13.62 -25.55
C MET E 442 19.76 13.05 -25.26
N HIS E 443 19.92 12.35 -24.14
CA HIS E 443 21.22 11.76 -23.79
C HIS E 443 21.71 10.79 -24.87
N ASP E 444 20.86 9.87 -25.30
CA ASP E 444 21.20 8.97 -26.41
C ASP E 444 21.69 9.74 -27.62
N ALA E 445 20.99 10.81 -27.98
CA ALA E 445 21.35 11.59 -29.17
C ALA E 445 22.70 12.29 -28.98
N ASN E 446 22.97 12.78 -27.77
CA ASN E 446 24.22 13.44 -27.49
C ASN E 446 25.42 12.51 -27.63
N VAL E 447 25.29 11.32 -27.06
CA VAL E 447 26.32 10.28 -27.17
C VAL E 447 26.56 9.94 -28.64
N LYS E 448 25.48 9.72 -29.37
CA LYS E 448 25.59 9.40 -30.79
C LYS E 448 26.28 10.51 -31.59
N ASN E 449 25.99 11.76 -31.26
CA ASN E 449 26.65 12.90 -31.93
C ASN E 449 28.18 12.82 -31.83
N LEU E 450 28.69 12.60 -30.62
CA LEU E 450 30.13 12.50 -30.41
C LEU E 450 30.76 11.36 -31.19
N HIS E 451 30.11 10.21 -31.16
CA HIS E 451 30.56 9.04 -31.89
C HIS E 451 30.60 9.30 -33.38
N GLU E 452 29.59 9.99 -33.92
CA GLU E 452 29.59 10.35 -35.34
C GLU E 452 30.66 11.41 -35.68
N LYS E 453 30.92 12.35 -34.77
CA LYS E 453 31.96 13.39 -34.97
C LYS E 453 33.36 12.74 -35.14
N VAL E 454 33.60 11.68 -34.38
CA VAL E 454 34.82 10.87 -34.49
C VAL E 454 34.80 10.01 -35.77
N LYS E 455 33.71 9.30 -36.06
CA LYS E 455 33.60 8.51 -37.31
C LYS E 455 33.95 9.33 -38.54
N SER E 456 33.28 10.48 -38.73
CA SER E 456 33.50 11.31 -39.92
C SER E 456 34.97 11.73 -40.08
N GLN E 457 35.66 11.92 -38.97
CA GLN E 457 37.03 12.40 -38.95
C GLN E 457 38.02 11.33 -39.47
N LEU E 458 37.94 10.13 -38.91
CA LEU E 458 38.90 9.06 -39.19
C LEU E 458 38.67 8.31 -40.50
N ARG E 459 37.46 8.42 -41.06
CA ARG E 459 37.08 7.72 -42.30
C ARG E 459 37.60 6.23 -42.20
N ASP E 460 38.45 5.79 -43.13
CA ASP E 460 38.96 4.40 -43.15
C ASP E 460 40.43 4.25 -42.67
N ASN E 461 40.91 5.18 -41.85
CA ASN E 461 42.15 4.98 -41.08
C ASN E 461 41.83 4.38 -39.67
N ALA E 462 40.56 4.05 -39.42
CA ALA E 462 40.15 3.23 -38.26
C ALA E 462 38.97 2.33 -38.61
N LYS E 463 38.81 1.26 -37.84
CA LYS E 463 37.71 0.31 -37.97
C LYS E 463 36.60 0.57 -36.94
N ASP E 464 35.35 0.58 -37.38
CA ASP E 464 34.23 0.88 -36.50
C ASP E 464 34.10 -0.09 -35.32
N LEU E 465 34.12 -1.39 -35.61
CA LEU E 465 33.82 -2.44 -34.62
C LEU E 465 32.34 -2.57 -34.17
N GLY E 466 31.47 -1.64 -34.57
CA GLY E 466 30.03 -1.68 -34.25
C GLY E 466 29.72 -1.76 -32.76
N ASN E 467 30.48 -1.00 -31.98
CA ASN E 467 30.50 -1.20 -30.53
C ASN E 467 30.79 0.07 -29.72
N GLY E 468 30.94 1.20 -30.40
CA GLY E 468 31.24 2.47 -29.74
C GLY E 468 32.71 2.84 -29.84
N CYS E 469 33.56 1.85 -30.08
CA CYS E 469 35.00 2.05 -30.14
C CYS E 469 35.51 2.00 -31.57
N PHE E 470 36.72 2.53 -31.76
CA PHE E 470 37.39 2.52 -33.05
C PHE E 470 38.81 1.98 -32.94
N GLU E 471 39.11 0.89 -33.64
CA GLU E 471 40.49 0.40 -33.74
C GLU E 471 41.23 1.15 -34.86
N PHE E 472 42.23 1.92 -34.46
CA PHE E 472 43.08 2.64 -35.40
C PHE E 472 43.89 1.67 -36.26
N TRP E 473 43.91 1.94 -37.57
CA TRP E 473 44.78 1.21 -38.49
C TRP E 473 46.22 1.70 -38.39
N HIS E 474 46.50 2.63 -37.47
CA HIS E 474 47.85 3.15 -37.25
C HIS E 474 48.10 3.42 -35.76
N LYS E 475 49.30 3.89 -35.46
CA LYS E 475 49.67 4.36 -34.14
C LYS E 475 49.11 5.76 -33.86
N CYS E 476 48.38 5.92 -32.74
CA CYS E 476 47.77 7.20 -32.37
C CYS E 476 48.25 7.63 -30.97
N ASP E 477 49.25 8.51 -30.98
CA ASP E 477 49.86 9.11 -29.79
C ASP E 477 48.91 10.02 -28.98
N ASN E 478 49.36 10.42 -27.78
CA ASN E 478 48.56 11.32 -26.93
C ASN E 478 48.29 12.69 -27.53
N GLU E 479 48.94 13.01 -28.64
CA GLU E 479 48.61 14.26 -29.31
C GLU E 479 47.69 14.01 -30.51
N CYS E 480 47.77 12.82 -31.09
CA CYS E 480 46.78 12.43 -32.10
C CYS E 480 45.42 12.31 -31.46
N ILE E 481 45.36 11.78 -30.22
CA ILE E 481 44.07 11.52 -29.54
C ILE E 481 43.39 12.83 -29.14
N ASN E 482 44.18 13.75 -28.60
CA ASN E 482 43.72 15.11 -28.26
C ASN E 482 43.40 15.93 -29.52
N SER E 483 44.02 15.55 -30.63
CA SER E 483 43.65 16.08 -31.93
C SER E 483 42.24 15.65 -32.35
N VAL E 484 41.77 14.49 -31.85
CA VAL E 484 40.38 14.04 -32.09
C VAL E 484 39.42 14.83 -31.19
N LYS E 485 39.78 15.00 -29.93
CA LYS E 485 38.88 15.60 -28.93
C LYS E 485 38.60 17.08 -29.20
N ASN E 486 39.47 17.77 -29.92
CA ASN E 486 39.23 19.14 -30.35
C ASN E 486 38.73 19.23 -31.81
N GLY E 487 38.67 18.09 -32.50
CA GLY E 487 38.09 18.00 -33.84
C GLY E 487 39.00 18.37 -35.01
N THR E 488 40.32 18.27 -34.80
CA THR E 488 41.32 18.62 -35.81
C THR E 488 42.35 17.49 -36.01
N TYR E 489 42.03 16.55 -36.88
CA TYR E 489 42.72 15.27 -36.88
C TYR E 489 43.84 15.09 -37.93
N ASN E 490 43.56 15.51 -39.17
CA ASN E 490 44.49 15.32 -40.29
C ASN E 490 44.59 13.85 -40.72
N TYR E 491 43.75 13.51 -41.69
CA TYR E 491 43.65 12.18 -42.26
C TYR E 491 44.85 11.78 -43.16
N PRO E 492 45.28 12.67 -44.10
CA PRO E 492 46.41 12.33 -44.99
C PRO E 492 47.71 11.93 -44.31
N LYS E 493 47.98 12.46 -43.12
CA LYS E 493 49.18 12.07 -42.34
C LYS E 493 49.30 10.56 -42.16
N TYR E 494 48.17 9.92 -41.86
CA TYR E 494 48.13 8.49 -41.55
C TYR E 494 47.41 7.66 -42.62
N GLN E 495 46.98 8.32 -43.71
CA GLN E 495 46.21 7.68 -44.78
C GLN E 495 46.97 6.54 -45.46
N GLU E 496 48.22 6.77 -45.86
CA GLU E 496 49.09 5.72 -46.40
C GLU E 496 49.22 4.53 -45.46
N GLU E 497 49.59 4.82 -44.22
CA GLU E 497 49.86 3.80 -43.22
C GLU E 497 48.66 2.86 -43.05
N SER E 498 47.46 3.37 -43.28
CA SER E 498 46.23 2.51 -43.27
C SER E 498 46.16 1.31 -44.26
N ARG E 499 46.20 1.59 -45.56
CA ARG E 499 46.01 0.56 -46.60
C ARG E 499 47.00 -0.60 -46.48
N LEU E 500 48.21 -0.33 -45.95
CA LEU E 500 49.22 -1.40 -45.80
C LEU E 500 48.76 -2.51 -44.87
N ASN E 501 48.16 -2.17 -43.73
CA ASN E 501 47.79 -3.18 -42.74
C ASN E 501 46.74 -4.20 -43.20
N ARG E 502 47.21 -5.25 -43.87
CA ARG E 502 46.39 -6.42 -44.24
C ARG E 502 47.28 -7.54 -44.82
N ASP F 5 34.66 21.24 -58.28
CA ASP F 5 33.18 21.23 -58.41
C ASP F 5 32.53 20.75 -57.10
N LYS F 6 31.51 21.50 -56.65
CA LYS F 6 30.86 21.20 -55.36
C LYS F 6 29.34 21.45 -55.32
N ILE F 7 28.68 20.79 -54.36
CA ILE F 7 27.27 21.00 -54.03
C ILE F 7 27.10 21.08 -52.52
N CYS F 8 26.36 22.08 -52.07
CA CYS F 8 26.13 22.25 -50.65
C CYS F 8 24.66 22.11 -50.31
N ILE F 9 24.40 21.75 -49.07
CA ILE F 9 23.06 21.71 -48.52
C ILE F 9 22.97 22.68 -47.32
N GLY F 10 21.96 23.53 -47.36
CA GLY F 10 21.80 24.56 -46.35
C GLY F 10 20.37 24.96 -46.15
N TYR F 11 20.21 25.97 -45.30
CA TYR F 11 18.88 26.40 -44.91
C TYR F 11 18.83 27.90 -44.84
N HIS F 12 17.60 28.39 -44.89
CA HIS F 12 17.30 29.81 -44.97
C HIS F 12 17.79 30.59 -43.75
N ALA F 13 18.24 31.82 -43.98
CA ALA F 13 18.49 32.78 -42.90
C ALA F 13 17.96 34.12 -43.35
N ASN F 14 17.88 35.06 -42.43
CA ASN F 14 17.40 36.40 -42.75
C ASN F 14 17.85 37.38 -41.67
N ASN F 15 17.29 38.58 -41.67
CA ASN F 15 17.67 39.65 -40.74
C ASN F 15 16.80 39.71 -39.47
N SER F 16 15.91 38.72 -39.28
CA SER F 16 14.99 38.67 -38.15
C SER F 16 15.71 38.70 -36.80
N THR F 17 15.18 39.49 -35.87
CA THR F 17 15.69 39.58 -34.50
C THR F 17 14.68 39.03 -33.50
N THR F 18 13.58 38.49 -34.00
CA THR F 18 12.51 37.94 -33.15
C THR F 18 13.02 36.71 -32.43
N GLN F 19 12.82 36.65 -31.12
CA GLN F 19 13.21 35.48 -30.34
C GLN F 19 12.03 34.66 -29.82
N VAL F 20 12.26 33.38 -29.57
CA VAL F 20 11.28 32.53 -28.86
C VAL F 20 11.97 31.80 -27.74
N ASP F 21 11.17 31.23 -26.83
CA ASP F 21 11.71 30.30 -25.83
C ASP F 21 11.26 28.87 -26.09
N THR F 22 12.07 27.94 -25.62
CA THR F 22 11.73 26.52 -25.70
C THR F 22 12.00 25.90 -24.35
N ILE F 23 11.58 24.66 -24.21
CA ILE F 23 11.77 23.95 -22.97
C ILE F 23 13.26 23.83 -22.56
N LEU F 24 14.14 23.74 -23.56
CA LEU F 24 15.55 23.56 -23.31
C LEU F 24 16.37 24.83 -23.28
N GLU F 25 15.91 25.89 -23.94
CA GLU F 25 16.75 27.09 -24.06
C GLU F 25 15.91 28.33 -24.33
N LYS F 26 16.41 29.48 -23.86
CA LYS F 26 15.70 30.73 -23.93
C LYS F 26 16.35 31.69 -24.88
N ASN F 27 15.59 32.68 -25.33
CA ASN F 27 16.11 33.74 -26.20
C ASN F 27 16.77 33.17 -27.46
N VAL F 28 16.03 32.36 -28.22
CA VAL F 28 16.53 31.76 -29.44
C VAL F 28 15.98 32.53 -30.63
N THR F 29 16.87 33.10 -31.44
CA THR F 29 16.43 33.90 -32.58
C THR F 29 15.96 32.99 -33.67
N VAL F 30 14.83 33.33 -34.29
CA VAL F 30 14.28 32.52 -35.37
C VAL F 30 13.87 33.40 -36.53
N THR F 31 13.65 32.76 -37.67
CA THR F 31 13.48 33.46 -38.93
C THR F 31 12.05 33.90 -39.15
N HIS F 32 11.12 33.10 -38.64
CA HIS F 32 9.70 33.41 -38.71
C HIS F 32 9.07 32.93 -37.41
N SER F 33 8.02 33.62 -37.03
CA SER F 33 7.31 33.30 -35.81
C SER F 33 5.92 33.90 -35.86
N VAL F 34 5.08 33.48 -34.94
CA VAL F 34 3.76 34.04 -34.80
C VAL F 34 3.54 34.29 -33.32
N GLU F 35 3.08 35.50 -33.01
CA GLU F 35 2.66 35.85 -31.66
C GLU F 35 1.22 35.42 -31.53
N LEU F 36 0.92 34.53 -30.60
CA LEU F 36 -0.44 34.03 -30.46
C LEU F 36 -1.28 34.92 -29.55
N LEU F 37 -0.62 35.83 -28.83
CA LEU F 37 -1.25 36.60 -27.78
C LEU F 37 -1.53 38.04 -28.21
N GLU F 38 -2.76 38.48 -28.03
CA GLU F 38 -3.11 39.84 -28.34
C GLU F 38 -3.00 40.67 -27.06
N THR F 39 -2.24 41.75 -27.08
CA THR F 39 -2.08 42.59 -25.91
C THR F 39 -2.68 43.96 -26.07
N GLN F 40 -3.13 44.30 -27.26
CA GLN F 40 -3.63 45.64 -27.52
C GLN F 40 -5.13 45.72 -27.45
N LYS F 41 -5.62 46.90 -27.12
CA LYS F 41 -7.05 47.20 -27.12
C LYS F 41 -7.22 48.66 -27.23
N GLU F 42 -8.38 49.04 -27.75
CA GLU F 42 -8.80 50.44 -27.75
C GLU F 42 -9.58 50.73 -26.49
N SER F 43 -9.18 51.76 -25.77
CA SER F 43 -9.80 52.06 -24.48
C SER F 43 -11.13 52.77 -24.61
N ARG F 44 -12.11 52.04 -25.12
CA ARG F 44 -13.45 52.61 -25.33
C ARG F 44 -14.47 51.52 -25.53
N PHE F 45 -15.73 51.89 -25.52
CA PHE F 45 -16.85 50.95 -25.70
C PHE F 45 -17.48 51.17 -27.06
N CYS F 46 -17.53 50.09 -27.82
CA CYS F 46 -18.07 50.09 -29.17
C CYS F 46 -19.37 49.31 -29.27
N ARG F 47 -20.00 49.39 -30.44
CA ARG F 47 -21.16 48.58 -30.75
C ARG F 47 -20.75 47.15 -30.91
N VAL F 48 -21.62 46.24 -30.50
CA VAL F 48 -21.40 44.80 -30.70
C VAL F 48 -22.59 44.21 -31.51
N LEU F 49 -22.27 43.47 -32.59
CA LEU F 49 -23.28 43.08 -33.59
C LEU F 49 -24.12 44.29 -33.99
N ASN F 50 -23.42 45.40 -34.16
CA ASN F 50 -24.01 46.69 -34.54
C ASN F 50 -25.04 47.30 -33.60
N LYS F 51 -25.09 46.85 -32.34
CA LYS F 51 -25.98 47.42 -31.34
C LYS F 51 -25.15 48.10 -30.30
N ALA F 52 -25.62 49.27 -29.96
CA ALA F 52 -24.91 50.13 -29.05
C ALA F 52 -25.16 49.76 -27.58
N PRO F 53 -24.20 50.08 -26.71
CA PRO F 53 -24.43 49.94 -25.28
C PRO F 53 -25.35 51.05 -24.79
N LEU F 54 -25.99 50.84 -23.63
CA LEU F 54 -26.79 51.84 -22.96
C LEU F 54 -25.90 52.45 -21.87
N ASP F 55 -25.71 53.74 -21.96
CA ASP F 55 -24.91 54.49 -21.02
C ASP F 55 -25.86 55.00 -19.96
N LEU F 56 -25.62 54.63 -18.70
CA LEU F 56 -26.48 55.08 -17.61
C LEU F 56 -26.10 56.48 -17.11
N GLY F 57 -25.04 57.06 -17.63
CA GLY F 57 -24.68 58.42 -17.26
C GLY F 57 -24.39 58.61 -15.79
N ASP F 58 -25.13 59.50 -15.14
CA ASP F 58 -24.98 59.76 -13.72
C ASP F 58 -25.97 58.95 -12.89
N CYS F 59 -26.55 57.90 -13.49
CA CYS F 59 -27.46 57.03 -12.77
C CYS F 59 -26.88 55.64 -12.54
N THR F 60 -27.21 55.05 -11.40
CA THR F 60 -26.93 53.65 -11.18
C THR F 60 -28.01 52.79 -11.84
N THR F 61 -27.73 51.50 -11.91
CA THR F 61 -28.70 50.55 -12.47
C THR F 61 -30.02 50.68 -11.75
N GLU F 62 -29.97 50.82 -10.44
CA GLU F 62 -31.17 50.97 -9.64
C GLU F 62 -31.86 52.29 -9.85
N GLY F 63 -31.12 53.37 -9.95
CA GLY F 63 -31.75 54.67 -10.23
C GLY F 63 -32.50 54.64 -11.56
N TRP F 64 -31.88 54.02 -12.55
CA TRP F 64 -32.47 53.88 -13.85
C TRP F 64 -33.77 53.12 -13.75
N ILE F 65 -33.68 51.90 -13.23
CA ILE F 65 -34.77 50.95 -13.38
C ILE F 65 -35.94 51.28 -12.46
N LEU F 66 -35.68 51.96 -11.35
CA LEU F 66 -36.77 52.43 -10.49
C LEU F 66 -37.35 53.74 -10.99
N GLY F 67 -36.64 54.43 -11.88
CA GLY F 67 -37.12 55.70 -12.38
C GLY F 67 -36.85 56.89 -11.47
N ASN F 68 -35.70 56.92 -10.82
CA ASN F 68 -35.26 58.11 -10.11
C ASN F 68 -35.42 59.30 -11.04
N PRO F 69 -36.10 60.36 -10.58
CA PRO F 69 -36.48 61.41 -11.52
C PRO F 69 -35.33 62.24 -12.06
N ARG F 70 -34.12 62.06 -11.57
CA ARG F 70 -32.98 62.66 -12.22
C ARG F 70 -32.47 61.82 -13.36
N CYS F 71 -33.13 60.73 -13.66
CA CYS F 71 -32.64 59.82 -14.69
C CYS F 71 -33.56 59.83 -15.91
N ASP F 72 -34.31 60.92 -16.11
CA ASP F 72 -35.26 61.01 -17.21
C ASP F 72 -34.64 60.83 -18.58
N LYS F 73 -33.38 61.16 -18.74
CA LYS F 73 -32.70 60.91 -19.98
C LYS F 73 -32.78 59.42 -20.40
N LEU F 74 -33.07 58.52 -19.46
CA LEU F 74 -33.13 57.09 -19.73
C LEU F 74 -34.54 56.56 -19.79
N LEU F 75 -35.51 57.40 -19.45
CA LEU F 75 -36.90 56.97 -19.27
C LEU F 75 -37.51 56.43 -20.54
N GLY F 76 -38.14 55.28 -20.46
CA GLY F 76 -38.92 54.72 -21.56
C GLY F 76 -38.32 53.46 -22.16
N ASP F 77 -38.66 53.22 -23.40
CA ASP F 77 -38.27 52.00 -24.07
C ASP F 77 -36.82 52.09 -24.43
N ARG F 78 -36.07 51.04 -24.16
CA ARG F 78 -34.66 51.00 -24.54
C ARG F 78 -34.23 49.64 -24.92
N SER F 79 -33.17 49.60 -25.70
CA SER F 79 -32.63 48.35 -26.18
C SER F 79 -31.09 48.45 -26.21
N TRP F 80 -30.36 47.37 -25.94
CA TRP F 80 -28.88 47.49 -25.79
C TRP F 80 -28.16 46.17 -25.93
N SER F 81 -26.90 46.23 -26.37
CA SER F 81 -26.03 45.05 -26.42
C SER F 81 -25.32 44.78 -25.06
N TYR F 82 -25.05 45.86 -24.32
CA TYR F 82 -24.59 45.80 -22.94
C TYR F 82 -24.85 47.11 -22.24
N ILE F 83 -24.64 47.14 -20.92
CA ILE F 83 -24.89 48.32 -20.12
C ILE F 83 -23.60 48.84 -19.56
N VAL F 84 -23.45 50.16 -19.52
CA VAL F 84 -22.29 50.78 -18.97
C VAL F 84 -22.75 51.64 -17.82
N GLU F 85 -22.32 51.26 -16.60
CA GLU F 85 -22.64 52.01 -15.41
C GLU F 85 -21.37 52.69 -14.95
N ARG F 86 -21.49 53.98 -14.68
CA ARG F 86 -20.32 54.78 -14.29
C ARG F 86 -20.11 54.54 -12.80
N PRO F 87 -18.88 54.20 -12.37
CA PRO F 87 -18.58 53.97 -10.94
C PRO F 87 -19.01 55.05 -9.93
N ASP F 88 -18.92 56.31 -10.32
CA ASP F 88 -19.29 57.40 -9.43
C ASP F 88 -20.71 57.91 -9.62
N ALA F 89 -21.55 57.15 -10.30
CA ALA F 89 -22.90 57.57 -10.54
C ALA F 89 -23.59 57.89 -9.23
N GLN F 90 -24.26 59.04 -9.20
CA GLN F 90 -24.86 59.59 -7.97
C GLN F 90 -26.36 59.34 -7.82
N ASN F 91 -27.05 59.05 -8.91
CA ASN F 91 -28.49 58.95 -8.85
C ASN F 91 -28.94 57.51 -8.83
N GLY F 92 -29.28 57.06 -7.62
CA GLY F 92 -29.63 55.68 -7.38
C GLY F 92 -30.87 55.62 -6.53
N ILE F 93 -30.78 54.95 -5.39
CA ILE F 93 -31.93 54.85 -4.52
C ILE F 93 -31.94 56.09 -3.66
N CYS F 94 -32.76 57.08 -3.99
CA CYS F 94 -32.66 58.40 -3.35
C CYS F 94 -33.36 58.46 -2.00
N TYR F 95 -34.57 57.92 -1.89
CA TYR F 95 -35.18 57.76 -0.57
C TYR F 95 -34.59 56.50 0.09
N PRO F 96 -34.02 56.65 1.27
CA PRO F 96 -33.19 55.57 1.80
C PRO F 96 -33.94 54.27 2.07
N GLY F 97 -33.25 53.17 1.84
CA GLY F 97 -33.74 51.82 2.14
C GLY F 97 -33.05 50.79 1.28
N VAL F 98 -33.51 49.56 1.36
CA VAL F 98 -32.86 48.44 0.73
C VAL F 98 -33.73 47.90 -0.40
N LEU F 99 -33.08 47.55 -1.50
CA LEU F 99 -33.73 46.76 -2.54
C LEU F 99 -33.48 45.29 -2.28
N LYS F 100 -34.55 44.55 -2.02
CA LYS F 100 -34.43 43.11 -1.83
C LYS F 100 -33.98 42.37 -3.07
N GLU F 101 -33.05 41.47 -2.88
CA GLU F 101 -32.45 40.66 -3.95
C GLU F 101 -31.88 41.55 -5.04
N ALA F 102 -31.16 42.58 -4.63
CA ALA F 102 -30.63 43.57 -5.58
C ALA F 102 -29.68 42.92 -6.55
N GLU F 103 -28.92 41.95 -6.07
CA GLU F 103 -27.87 41.37 -6.89
C GLU F 103 -28.47 40.46 -7.96
N GLU F 104 -29.56 39.79 -7.61
CA GLU F 104 -30.25 38.95 -8.57
C GLU F 104 -30.96 39.80 -9.62
N LEU F 105 -31.48 40.95 -9.20
CA LEU F 105 -32.05 41.89 -10.16
C LEU F 105 -31.04 42.27 -11.23
N LYS F 106 -29.82 42.55 -10.82
CA LYS F 106 -28.79 42.94 -11.78
C LYS F 106 -28.44 41.83 -12.71
N ALA F 107 -28.36 40.62 -12.19
CA ALA F 107 -28.12 39.48 -13.06
C ALA F 107 -29.24 39.34 -14.09
N LEU F 108 -30.47 39.56 -13.67
CA LEU F 108 -31.60 39.53 -14.60
C LEU F 108 -31.43 40.60 -15.67
N ILE F 109 -31.16 41.82 -15.24
CA ILE F 109 -31.08 42.94 -16.15
C ILE F 109 -29.97 42.75 -17.17
N GLY F 110 -28.86 42.17 -16.74
CA GLY F 110 -27.78 41.86 -17.67
C GLY F 110 -28.14 40.84 -18.71
N SER F 111 -29.18 40.05 -18.46
CA SER F 111 -29.62 39.08 -19.45
C SER F 111 -30.70 39.59 -20.39
N ILE F 112 -31.15 40.83 -20.17
CA ILE F 112 -32.23 41.42 -20.91
C ILE F 112 -31.66 42.21 -22.07
N ASP F 113 -32.51 42.30 -23.10
CA ASP F 113 -32.26 42.81 -24.42
C ASP F 113 -32.97 44.13 -24.72
N THR F 114 -34.27 44.15 -24.40
CA THR F 114 -35.13 45.26 -24.71
C THR F 114 -36.15 45.35 -23.60
N ILE F 115 -36.54 46.57 -23.31
CA ILE F 115 -37.64 46.81 -22.40
C ILE F 115 -38.59 47.86 -22.99
N GLN F 116 -39.86 47.69 -22.63
CA GLN F 116 -40.88 48.57 -23.03
C GLN F 116 -41.62 49.02 -21.76
N ARG F 117 -41.57 50.31 -21.48
CA ARG F 117 -42.16 50.85 -20.26
C ARG F 117 -43.63 51.13 -20.46
N PHE F 118 -44.47 50.80 -19.48
CA PHE F 118 -45.92 51.03 -19.62
C PHE F 118 -46.55 51.27 -18.26
N GLU F 119 -47.69 51.95 -18.23
CA GLU F 119 -48.42 52.18 -16.98
C GLU F 119 -49.19 50.94 -16.57
N MET F 120 -48.78 50.32 -15.48
CA MET F 120 -49.37 49.05 -15.04
C MET F 120 -50.61 49.31 -14.18
N PHE F 121 -50.53 50.32 -13.31
CA PHE F 121 -51.58 50.67 -12.38
C PHE F 121 -51.69 52.18 -12.35
N PRO F 122 -52.71 52.74 -13.01
CA PRO F 122 -52.81 54.20 -13.02
C PRO F 122 -53.26 54.69 -11.66
N LYS F 123 -53.08 55.98 -11.39
CA LYS F 123 -53.42 56.55 -10.09
C LYS F 123 -54.88 56.29 -9.72
N SER F 124 -55.74 56.33 -10.75
CA SER F 124 -57.17 56.09 -10.58
C SER F 124 -57.46 54.72 -9.96
N THR F 125 -56.50 53.79 -9.98
CA THR F 125 -56.79 52.47 -9.40
C THR F 125 -56.95 52.54 -7.88
N TRP F 126 -56.46 53.59 -7.23
CA TRP F 126 -56.51 53.67 -5.76
C TRP F 126 -57.49 54.74 -5.28
N THR F 127 -58.62 54.30 -4.74
CA THR F 127 -59.74 55.20 -4.41
C THR F 127 -59.83 55.48 -2.90
N GLY F 128 -60.15 56.73 -2.58
CA GLY F 128 -60.30 57.17 -1.18
C GLY F 128 -58.97 57.47 -0.51
N VAL F 129 -57.97 57.82 -1.31
CA VAL F 129 -56.64 58.13 -0.78
C VAL F 129 -56.01 59.22 -1.63
N ASP F 130 -54.90 59.76 -1.13
CA ASP F 130 -54.18 60.80 -1.81
C ASP F 130 -53.08 60.16 -2.62
N THR F 131 -53.15 60.33 -3.94
CA THR F 131 -52.15 59.81 -4.84
C THR F 131 -51.25 60.92 -5.41
N ASN F 132 -51.43 62.17 -4.97
CA ASN F 132 -50.71 63.30 -5.58
C ASN F 132 -49.81 64.04 -4.62
N SER F 133 -49.52 63.43 -3.47
CA SER F 133 -48.68 64.08 -2.47
C SER F 133 -47.47 63.25 -2.04
N GLY F 134 -47.20 62.14 -2.74
CA GLY F 134 -46.12 61.25 -2.36
C GLY F 134 -44.79 61.64 -2.96
N VAL F 135 -44.23 62.74 -2.44
CA VAL F 135 -42.98 63.29 -2.90
C VAL F 135 -42.07 63.55 -1.70
N THR F 136 -40.76 63.64 -1.92
CA THR F 136 -39.82 63.83 -0.86
C THR F 136 -38.62 64.65 -1.35
N SER F 137 -38.07 65.46 -0.44
CA SER F 137 -36.87 66.23 -0.73
C SER F 137 -35.64 65.36 -0.99
N ALA F 138 -35.70 64.09 -0.57
CA ALA F 138 -34.62 63.12 -0.88
C ALA F 138 -34.53 62.78 -2.36
N CYS F 139 -35.63 62.95 -3.10
CA CYS F 139 -35.68 62.63 -4.52
C CYS F 139 -36.13 63.88 -5.28
N THR F 140 -35.18 64.76 -5.61
CA THR F 140 -35.50 66.03 -6.19
C THR F 140 -35.53 65.97 -7.68
N TYR F 141 -36.37 66.80 -8.27
CA TYR F 141 -36.42 66.98 -9.71
C TYR F 141 -36.53 68.48 -9.94
N ASN F 142 -35.51 69.05 -10.58
CA ASN F 142 -35.43 70.49 -10.80
C ASN F 142 -35.59 71.29 -9.49
N GLY F 143 -34.84 70.95 -8.46
CA GLY F 143 -34.99 71.58 -7.15
C GLY F 143 -36.24 71.21 -6.34
N GLY F 144 -37.29 70.69 -6.97
CA GLY F 144 -38.54 70.38 -6.27
C GLY F 144 -38.55 68.98 -5.69
N SER F 145 -39.41 68.76 -4.70
CA SER F 145 -39.60 67.43 -4.13
C SER F 145 -40.33 66.53 -5.12
N SER F 146 -39.84 65.32 -5.29
CA SER F 146 -40.37 64.40 -6.29
C SER F 146 -40.29 62.95 -5.81
N PHE F 147 -40.38 62.02 -6.74
CA PHE F 147 -40.32 60.59 -6.39
C PHE F 147 -40.07 59.76 -7.65
N TYR F 148 -39.74 58.49 -7.42
CA TYR F 148 -39.52 57.52 -8.47
C TYR F 148 -40.67 57.56 -9.43
N ARG F 149 -40.37 57.57 -10.71
CA ARG F 149 -41.39 57.57 -11.73
C ARG F 149 -42.06 56.23 -11.93
N ASN F 150 -41.52 55.16 -11.36
CA ASN F 150 -42.12 53.85 -11.53
C ASN F 150 -42.89 53.36 -10.32
N LEU F 151 -42.92 54.20 -9.29
CA LEU F 151 -43.55 53.83 -8.04
C LEU F 151 -44.50 54.95 -7.66
N LEU F 152 -45.52 54.63 -6.87
CA LEU F 152 -46.45 55.63 -6.39
C LEU F 152 -46.57 55.60 -4.87
N TRP F 153 -46.20 56.70 -4.24
CA TRP F 153 -46.27 56.83 -2.78
C TRP F 153 -47.64 57.37 -2.38
N ILE F 154 -48.49 56.46 -1.98
CA ILE F 154 -49.86 56.74 -1.59
C ILE F 154 -49.93 57.08 -0.10
N ILE F 155 -50.64 58.17 0.21
CA ILE F 155 -50.95 58.50 1.60
C ILE F 155 -52.44 58.77 1.80
N LYS F 156 -52.82 58.80 3.06
CA LYS F 156 -54.18 59.05 3.45
C LYS F 156 -54.53 60.52 3.19
N ILE F 157 -55.80 60.78 2.93
CA ILE F 157 -56.27 62.16 2.85
C ILE F 157 -56.50 62.62 4.29
N ARG F 158 -56.16 63.88 4.59
CA ARG F 158 -56.06 64.32 5.99
C ARG F 158 -57.35 64.11 6.78
N SER F 159 -58.48 64.48 6.19
CA SER F 159 -59.78 64.42 6.87
C SER F 159 -60.30 62.98 7.05
N ASP F 160 -59.89 62.08 6.18
CA ASP F 160 -60.50 60.76 6.08
C ASP F 160 -59.49 59.65 6.44
N PRO F 161 -60.00 58.47 6.87
CA PRO F 161 -59.08 57.36 7.15
C PRO F 161 -58.63 56.73 5.85
N TYR F 162 -57.52 55.99 5.91
CA TYR F 162 -56.96 55.32 4.74
C TYR F 162 -57.88 54.14 4.42
N SER F 163 -58.58 54.24 3.29
CA SER F 163 -59.52 53.18 2.87
C SER F 163 -58.76 51.91 2.52
N LEU F 164 -59.40 50.74 2.64
CA LEU F 164 -58.85 49.53 2.02
C LEU F 164 -58.80 49.78 0.53
N ILE F 165 -57.62 49.61 -0.08
CA ILE F 165 -57.46 49.84 -1.53
C ILE F 165 -57.04 48.56 -2.22
N LYS F 166 -57.46 48.44 -3.47
CA LYS F 166 -57.25 47.23 -4.25
C LYS F 166 -56.96 47.59 -5.69
N GLY F 167 -56.21 46.73 -6.35
CA GLY F 167 -55.88 46.88 -7.77
C GLY F 167 -55.51 45.54 -8.36
N THR F 168 -55.72 45.37 -9.66
CA THR F 168 -55.33 44.13 -10.31
C THR F 168 -54.84 44.38 -11.71
N TYR F 169 -53.92 43.54 -12.17
CA TYR F 169 -53.37 43.63 -13.53
C TYR F 169 -53.07 42.22 -14.01
N THR F 170 -53.39 41.96 -15.26
CA THR F 170 -53.16 40.67 -15.84
C THR F 170 -52.22 40.80 -17.01
N ASN F 171 -51.21 39.94 -17.08
CA ASN F 171 -50.28 39.94 -18.19
C ASN F 171 -50.86 39.09 -19.31
N THR F 172 -51.38 39.75 -20.33
CA THR F 172 -52.02 39.06 -21.45
C THR F 172 -51.12 38.99 -22.67
N GLY F 173 -49.86 39.39 -22.54
CA GLY F 173 -48.93 39.31 -23.67
C GLY F 173 -48.06 38.07 -23.59
N SER F 174 -47.12 37.96 -24.53
CA SER F 174 -46.15 36.87 -24.52
C SER F 174 -44.83 37.21 -23.81
N GLN F 175 -44.63 38.49 -23.44
CA GLN F 175 -43.42 38.90 -22.70
C GLN F 175 -43.64 38.96 -21.19
N SER F 176 -42.61 38.57 -20.45
CA SER F 176 -42.61 38.76 -19.00
C SER F 176 -42.55 40.24 -18.66
N ILE F 177 -42.99 40.55 -17.46
CA ILE F 177 -43.04 41.92 -17.00
C ILE F 177 -42.24 42.07 -15.69
N LEU F 178 -41.31 43.03 -15.68
CA LEU F 178 -40.53 43.34 -14.49
C LEU F 178 -41.17 44.52 -13.83
N TYR F 179 -41.52 44.39 -12.56
CA TYR F 179 -42.19 45.48 -11.83
C TYR F 179 -41.69 45.61 -10.41
N PHE F 180 -42.09 46.69 -9.75
CA PHE F 180 -41.51 47.07 -8.45
C PHE F 180 -42.59 47.55 -7.49
N TRP F 181 -42.36 47.33 -6.20
CA TRP F 181 -43.18 47.96 -5.17
C TRP F 181 -42.37 48.15 -3.90
N GLY F 182 -43.00 48.67 -2.85
CA GLY F 182 -42.30 48.82 -1.62
C GLY F 182 -43.19 48.96 -0.43
N VAL F 183 -42.58 48.87 0.75
CA VAL F 183 -43.27 49.08 2.01
C VAL F 183 -42.56 50.22 2.70
N HIS F 184 -43.32 51.24 3.11
CA HIS F 184 -42.73 52.37 3.82
C HIS F 184 -42.71 52.14 5.33
N HIS F 185 -41.57 52.41 5.95
CA HIS F 185 -41.39 52.28 7.40
C HIS F 185 -41.08 53.62 8.05
N PRO F 186 -42.11 54.29 8.62
CA PRO F 186 -41.85 55.58 9.26
C PRO F 186 -41.00 55.39 10.52
N PRO F 187 -40.37 56.47 10.99
CA PRO F 187 -39.50 56.37 12.17
C PRO F 187 -40.24 56.24 13.52
N ASP F 188 -41.51 56.67 13.58
CA ASP F 188 -42.28 56.67 14.84
C ASP F 188 -43.78 56.60 14.59
N ASP F 189 -44.54 56.42 15.66
CA ASP F 189 -46.00 56.28 15.58
C ASP F 189 -46.73 57.57 15.19
N VAL F 190 -46.14 58.73 15.48
CA VAL F 190 -46.77 60.00 15.07
C VAL F 190 -46.80 60.12 13.56
N GLU F 191 -45.68 59.81 12.89
CA GLU F 191 -45.61 59.80 11.42
C GLU F 191 -46.49 58.72 10.80
N GLN F 192 -46.46 57.51 11.38
CA GLN F 192 -47.36 56.45 10.95
C GLN F 192 -48.81 56.92 10.94
N ALA F 193 -49.25 57.51 12.05
CA ALA F 193 -50.63 57.99 12.17
C ALA F 193 -50.96 59.07 11.15
N ASN F 194 -50.04 60.00 10.98
CA ASN F 194 -50.18 61.11 10.06
C ASN F 194 -50.42 60.64 8.62
N LEU F 195 -49.63 59.67 8.19
CA LEU F 195 -49.62 59.25 6.78
C LEU F 195 -50.60 58.14 6.46
N TYR F 196 -50.75 57.20 7.39
CA TYR F 196 -51.55 55.99 7.15
C TYR F 196 -52.64 55.78 8.22
N GLY F 197 -52.25 55.85 9.49
CA GLY F 197 -53.16 55.62 10.61
C GLY F 197 -52.58 54.56 11.51
N LEU F 198 -53.12 54.47 12.71
CA LEU F 198 -52.62 53.48 13.66
C LEU F 198 -53.34 52.15 13.48
N GLY F 199 -52.96 51.15 14.26
CA GLY F 199 -53.53 49.82 14.15
C GLY F 199 -52.65 49.00 13.25
N THR F 200 -53.03 47.74 13.05
CA THR F 200 -52.32 46.85 12.15
C THR F 200 -52.53 47.32 10.72
N ARG F 201 -51.42 47.33 9.97
CA ARG F 201 -51.42 47.80 8.57
C ARG F 201 -50.68 46.78 7.74
N TYR F 202 -51.14 46.59 6.50
CA TYR F 202 -50.51 45.58 5.65
C TYR F 202 -50.40 46.01 4.17
N VAL F 203 -49.43 45.38 3.53
CA VAL F 203 -49.23 45.45 2.12
C VAL F 203 -49.22 44.01 1.65
N ARG F 204 -50.17 43.70 0.80
CA ARG F 204 -50.29 42.38 0.26
C ARG F 204 -50.24 42.38 -1.24
N MET F 205 -49.44 41.47 -1.78
CA MET F 205 -49.30 41.30 -3.23
C MET F 205 -49.47 39.81 -3.52
N GLY F 206 -50.29 39.51 -4.52
CA GLY F 206 -50.54 38.11 -4.85
C GLY F 206 -50.61 37.79 -6.34
N THR F 207 -49.97 36.68 -6.70
CA THR F 207 -50.03 36.14 -8.06
C THR F 207 -50.36 34.66 -8.01
N GLU F 208 -50.38 34.01 -9.17
CA GLU F 208 -50.59 32.57 -9.19
C GLU F 208 -49.46 31.84 -8.49
N SER F 209 -48.28 32.46 -8.44
CA SER F 209 -47.06 31.77 -8.01
C SER F 209 -46.20 32.52 -6.99
N MET F 210 -46.67 33.63 -6.45
CA MET F 210 -45.95 34.33 -5.38
C MET F 210 -46.97 35.02 -4.49
N ASN F 211 -46.65 35.06 -3.21
CA ASN F 211 -47.48 35.72 -2.23
C ASN F 211 -46.59 36.57 -1.35
N PHE F 212 -47.10 37.73 -0.96
CA PHE F 212 -46.32 38.67 -0.23
C PHE F 212 -47.29 39.34 0.69
N ALA F 213 -46.89 39.48 1.95
CA ALA F 213 -47.72 40.15 2.94
C ALA F 213 -46.79 40.64 4.01
N LYS F 214 -46.75 41.95 4.19
CA LYS F 214 -45.84 42.57 5.15
C LYS F 214 -46.39 43.83 5.71
N GLY F 215 -45.83 44.24 6.84
CA GLY F 215 -46.30 45.43 7.54
C GLY F 215 -45.16 46.36 7.88
N PRO F 216 -45.48 47.56 8.38
CA PRO F 216 -44.48 48.51 8.80
C PRO F 216 -43.69 47.96 9.96
N GLU F 217 -42.37 48.08 9.89
CA GLU F 217 -41.45 47.81 10.97
C GLU F 217 -40.91 49.17 11.47
N ILE F 218 -41.73 49.86 12.26
CA ILE F 218 -41.45 51.24 12.75
C ILE F 218 -40.26 51.26 13.68
N ALA F 219 -39.33 52.17 13.44
CA ALA F 219 -38.14 52.33 14.31
C ALA F 219 -37.48 53.66 14.05
N ASP F 220 -37.03 54.32 15.10
CA ASP F 220 -36.35 55.61 14.96
C ASP F 220 -34.87 55.36 14.62
N ARG F 221 -34.43 55.87 13.48
CA ARG F 221 -33.12 55.54 12.98
C ARG F 221 -32.42 56.81 12.59
N PRO F 222 -31.12 56.74 12.51
CA PRO F 222 -30.45 57.93 12.09
C PRO F 222 -30.90 58.39 10.69
N PRO F 223 -30.85 59.69 10.45
CA PRO F 223 -31.20 60.12 9.11
C PRO F 223 -30.21 59.59 8.05
N ALA F 224 -30.74 59.24 6.87
CA ALA F 224 -29.97 59.01 5.66
C ALA F 224 -30.61 59.80 4.51
N ASN F 225 -29.79 60.52 3.74
CA ASN F 225 -30.28 61.51 2.76
C ASN F 225 -31.37 62.37 3.37
N GLY F 226 -31.15 62.79 4.61
CA GLY F 226 -32.09 63.69 5.30
C GLY F 226 -33.37 63.07 5.79
N GLN F 227 -33.49 61.75 5.73
CA GLN F 227 -34.73 61.08 6.10
C GLN F 227 -34.52 60.05 7.23
N ARG F 228 -35.44 60.07 8.19
CA ARG F 228 -35.46 59.08 9.26
C ARG F 228 -36.31 57.85 8.90
N GLY F 229 -37.18 58.01 7.91
CA GLY F 229 -37.92 56.88 7.35
C GLY F 229 -37.10 56.01 6.40
N ARG F 230 -37.68 54.87 6.01
CA ARG F 230 -37.08 53.96 5.04
C ARG F 230 -38.15 53.30 4.20
N ILE F 231 -37.77 52.80 3.03
CA ILE F 231 -38.62 51.97 2.21
C ILE F 231 -37.90 50.68 1.91
N ASP F 232 -38.60 49.56 2.07
CA ASP F 232 -38.10 48.28 1.57
C ASP F 232 -38.63 48.15 0.16
N TYR F 233 -37.73 48.13 -0.80
CA TYR F 233 -38.08 48.05 -2.19
C TYR F 233 -38.05 46.60 -2.64
N TYR F 234 -39.04 46.19 -3.40
CA TYR F 234 -39.08 44.84 -3.92
C TYR F 234 -39.27 44.84 -5.42
N TRP F 235 -38.83 43.76 -6.07
CA TRP F 235 -39.07 43.54 -7.47
C TRP F 235 -39.51 42.12 -7.72
N SER F 236 -40.10 41.92 -8.89
CA SER F 236 -40.54 40.61 -9.28
C SER F 236 -40.89 40.59 -10.75
N VAL F 237 -41.20 39.40 -11.25
CA VAL F 237 -41.50 39.21 -12.66
C VAL F 237 -42.87 38.54 -12.76
N LEU F 238 -43.78 39.22 -13.44
CA LEU F 238 -45.14 38.69 -13.69
C LEU F 238 -45.08 37.97 -15.01
N LYS F 239 -45.29 36.66 -14.97
CA LYS F 239 -45.09 35.83 -16.16
C LYS F 239 -46.28 35.94 -17.10
N PRO F 240 -46.10 35.58 -18.38
CA PRO F 240 -47.21 35.64 -19.32
C PRO F 240 -48.37 34.82 -18.80
N GLY F 241 -49.57 35.40 -18.79
CA GLY F 241 -50.77 34.73 -18.32
C GLY F 241 -51.13 35.04 -16.86
N GLU F 242 -50.16 35.45 -16.06
CA GLU F 242 -50.38 35.60 -14.63
C GLU F 242 -51.06 36.91 -14.31
N THR F 243 -51.66 36.97 -13.13
CA THR F 243 -52.37 38.16 -12.71
C THR F 243 -51.86 38.54 -11.34
N LEU F 244 -51.74 39.85 -11.13
CA LEU F 244 -51.29 40.40 -9.86
C LEU F 244 -52.44 41.10 -9.15
N ASN F 245 -52.65 40.80 -7.87
CA ASN F 245 -53.61 41.54 -7.06
C ASN F 245 -52.91 42.25 -5.93
N VAL F 246 -53.30 43.48 -5.70
CA VAL F 246 -52.66 44.32 -4.72
C VAL F 246 -53.72 44.75 -3.72
N GLU F 247 -53.44 44.58 -2.41
CA GLU F 247 -54.31 45.11 -1.34
C GLU F 247 -53.50 45.78 -0.25
N SER F 248 -53.99 46.92 0.21
CA SER F 248 -53.37 47.57 1.34
C SER F 248 -54.34 48.50 2.08
N ASN F 249 -54.10 48.61 3.39
CA ASN F 249 -54.73 49.65 4.18
C ASN F 249 -53.72 50.67 4.69
N GLY F 250 -52.53 50.66 4.09
CA GLY F 250 -51.48 51.63 4.41
C GLY F 250 -50.06 51.11 4.22
N ASN F 251 -49.14 52.05 4.07
CA ASN F 251 -47.70 51.77 3.94
C ASN F 251 -47.26 51.23 2.57
N LEU F 252 -48.16 51.30 1.60
CA LEU F 252 -47.89 50.78 0.27
C LEU F 252 -47.17 51.81 -0.58
N ILE F 253 -46.06 51.40 -1.15
CA ILE F 253 -45.47 52.11 -2.27
C ILE F 253 -45.82 51.27 -3.47
N ALA F 254 -46.77 51.75 -4.25
CA ALA F 254 -47.37 50.93 -5.29
C ALA F 254 -46.56 50.92 -6.57
N PRO F 255 -46.56 49.77 -7.27
CA PRO F 255 -46.10 49.85 -8.66
C PRO F 255 -46.94 50.85 -9.42
N TRP F 256 -46.29 51.63 -10.27
CA TRP F 256 -47.02 52.53 -11.16
C TRP F 256 -46.75 52.17 -12.60
N TYR F 257 -45.49 52.34 -13.04
CA TYR F 257 -45.04 51.89 -14.37
C TYR F 257 -44.12 50.66 -14.22
N ALA F 258 -44.10 49.82 -15.24
CA ALA F 258 -43.32 48.61 -15.25
C ALA F 258 -42.76 48.34 -16.64
N TYR F 259 -42.08 47.21 -16.84
CA TYR F 259 -41.38 46.96 -18.10
C TYR F 259 -41.69 45.60 -18.66
N LYS F 260 -42.26 45.58 -19.85
CA LYS F 260 -42.32 44.34 -20.61
C LYS F 260 -40.92 44.15 -21.15
N PHE F 261 -40.39 42.93 -21.09
CA PHE F 261 -39.02 42.75 -21.57
C PHE F 261 -38.82 41.49 -22.35
N THR F 262 -37.73 41.48 -23.14
CA THR F 262 -37.25 40.29 -23.85
C THR F 262 -35.88 39.90 -23.32
N SER F 263 -35.59 38.60 -23.31
CA SER F 263 -34.28 38.07 -22.89
C SER F 263 -33.39 37.95 -24.09
N SER F 264 -32.15 38.38 -23.95
CA SER F 264 -31.24 38.39 -25.07
C SER F 264 -30.89 36.99 -25.53
N ARG F 265 -30.61 36.88 -26.83
CA ARG F 265 -30.10 35.66 -27.44
C ARG F 265 -28.59 35.58 -27.29
N HIS F 266 -28.00 36.69 -26.86
CA HIS F 266 -26.56 36.77 -26.68
C HIS F 266 -26.24 37.05 -25.23
N LYS F 267 -25.03 36.70 -24.83
CA LYS F 267 -24.59 37.08 -23.54
C LYS F 267 -24.45 38.61 -23.51
N GLY F 268 -24.96 39.22 -22.44
CA GLY F 268 -24.83 40.65 -22.20
C GLY F 268 -24.01 40.85 -20.94
N ALA F 269 -23.99 42.07 -20.46
CA ALA F 269 -23.19 42.44 -19.31
C ALA F 269 -23.52 43.84 -18.80
N ILE F 270 -23.18 44.09 -17.54
CA ILE F 270 -23.12 45.41 -16.97
C ILE F 270 -21.68 45.68 -16.65
N PHE F 271 -21.07 46.59 -17.39
CA PHE F 271 -19.72 47.00 -17.16
C PHE F 271 -19.69 48.23 -16.30
N ARG F 272 -18.88 48.20 -15.25
CA ARG F 272 -18.70 49.37 -14.38
C ARG F 272 -17.40 50.01 -14.78
N SER F 273 -17.48 51.12 -15.49
CA SER F 273 -16.31 51.69 -16.11
C SER F 273 -16.52 53.14 -16.44
N ASP F 274 -15.43 53.87 -16.54
CA ASP F 274 -15.48 55.28 -16.90
C ASP F 274 -15.04 55.46 -18.38
N LEU F 275 -14.80 54.35 -19.11
CA LEU F 275 -14.36 54.46 -20.50
C LEU F 275 -15.44 55.05 -21.42
N PRO F 276 -15.04 55.83 -22.40
CA PRO F 276 -15.99 56.50 -23.24
C PRO F 276 -16.64 55.56 -24.23
N ILE F 277 -17.90 55.83 -24.55
CA ILE F 277 -18.62 55.18 -25.63
C ILE F 277 -18.46 55.97 -26.91
N GLU F 278 -18.07 55.32 -27.97
CA GLU F 278 -17.74 55.99 -29.24
C GLU F 278 -18.40 55.31 -30.44
N ASN F 279 -18.30 55.97 -31.59
CA ASN F 279 -18.83 55.49 -32.82
C ASN F 279 -17.88 54.50 -33.46
N CYS F 280 -18.00 53.23 -33.07
CA CYS F 280 -17.07 52.20 -33.53
C CYS F 280 -17.74 50.87 -33.35
N ASP F 281 -17.11 49.85 -33.92
CA ASP F 281 -17.63 48.49 -33.86
C ASP F 281 -16.57 47.59 -33.29
N ALA F 282 -16.97 46.62 -32.50
CA ALA F 282 -16.04 45.63 -32.05
C ALA F 282 -16.65 44.23 -32.13
N VAL F 283 -15.85 43.32 -32.65
CA VAL F 283 -16.16 41.90 -32.65
C VAL F 283 -16.10 41.37 -31.22
N CYS F 284 -15.06 41.82 -30.54
CA CYS F 284 -14.82 41.52 -29.13
C CYS F 284 -14.76 42.79 -28.27
N GLN F 285 -15.61 42.86 -27.27
CA GLN F 285 -15.64 44.00 -26.39
C GLN F 285 -15.43 43.59 -24.93
N THR F 286 -14.28 43.98 -24.34
CA THR F 286 -13.98 43.61 -22.97
C THR F 286 -14.27 44.78 -22.09
N LEU F 287 -14.26 44.51 -20.80
CA LEU F 287 -14.48 45.53 -19.79
C LEU F 287 -13.48 46.68 -19.83
N THR F 288 -12.29 46.43 -20.36
CA THR F 288 -11.27 47.47 -20.40
C THR F 288 -10.94 47.88 -21.79
N GLY F 289 -11.74 47.45 -22.75
CA GLY F 289 -11.64 47.98 -24.11
C GLY F 289 -11.93 46.98 -25.20
N ALA F 290 -12.00 47.50 -26.42
CA ALA F 290 -12.29 46.69 -27.60
C ALA F 290 -11.06 46.10 -28.19
N ILE F 291 -11.23 44.87 -28.65
CA ILE F 291 -10.15 44.12 -29.27
C ILE F 291 -10.60 43.79 -30.69
N ASN F 292 -9.78 44.06 -31.67
CA ASN F 292 -10.00 43.57 -33.04
C ASN F 292 -8.74 42.86 -33.50
N THR F 293 -8.84 41.54 -33.58
CA THR F 293 -7.66 40.69 -33.65
C THR F 293 -8.07 39.41 -34.28
N ASN F 294 -7.12 38.73 -34.87
CA ASN F 294 -7.31 37.35 -35.28
C ASN F 294 -6.63 36.34 -34.37
N LYS F 295 -5.95 36.84 -33.35
CA LYS F 295 -5.20 35.98 -32.45
C LYS F 295 -6.12 35.20 -31.52
N THR F 296 -5.61 34.13 -30.94
CA THR F 296 -6.47 33.18 -30.21
C THR F 296 -6.38 33.31 -28.70
N PHE F 297 -5.39 34.07 -28.23
CA PHE F 297 -5.27 34.41 -26.80
C PHE F 297 -5.19 35.90 -26.62
N GLN F 298 -5.33 36.31 -25.38
CA GLN F 298 -5.54 37.71 -25.08
C GLN F 298 -5.26 37.90 -23.60
N ASN F 299 -4.54 38.95 -23.25
CA ASN F 299 -4.24 39.24 -21.82
C ASN F 299 -4.81 40.58 -21.35
N VAL F 300 -5.87 41.02 -21.99
CA VAL F 300 -6.50 42.30 -21.70
C VAL F 300 -7.52 42.28 -20.57
N SER F 301 -8.54 41.44 -20.67
CA SER F 301 -9.51 41.27 -19.61
C SER F 301 -10.27 39.95 -19.73
N PRO F 302 -10.62 39.36 -18.60
CA PRO F 302 -11.40 38.15 -18.55
C PRO F 302 -12.88 38.41 -18.70
N ILE F 303 -13.29 39.67 -18.72
CA ILE F 303 -14.71 39.98 -18.77
C ILE F 303 -15.04 40.64 -20.06
N TRP F 304 -15.99 40.07 -20.79
CA TRP F 304 -16.32 40.57 -22.11
C TRP F 304 -17.67 40.12 -22.62
N ILE F 305 -18.07 40.70 -23.76
CA ILE F 305 -19.13 40.17 -24.57
C ILE F 305 -18.64 40.13 -26.01
N GLY F 306 -19.40 39.48 -26.91
CA GLY F 306 -18.93 39.28 -28.29
C GLY F 306 -18.08 38.02 -28.38
N GLU F 307 -17.26 37.93 -29.44
CA GLU F 307 -16.39 36.81 -29.64
C GLU F 307 -14.97 37.24 -29.36
N CYS F 308 -14.45 36.82 -28.22
CA CYS F 308 -13.14 37.19 -27.78
C CYS F 308 -12.22 36.01 -27.71
N PRO F 309 -10.93 36.26 -27.94
CA PRO F 309 -10.01 35.22 -27.62
C PRO F 309 -9.95 34.86 -26.13
N LYS F 310 -9.41 33.68 -25.86
CA LYS F 310 -9.23 33.19 -24.49
C LYS F 310 -8.31 34.09 -23.64
N TYR F 311 -8.74 34.43 -22.44
CA TYR F 311 -7.91 35.24 -21.54
C TYR F 311 -6.84 34.41 -20.86
N VAL F 312 -5.60 34.93 -20.81
CA VAL F 312 -4.49 34.31 -20.06
C VAL F 312 -3.62 35.39 -19.42
N LYS F 313 -2.81 35.03 -18.43
CA LYS F 313 -1.95 35.99 -17.75
C LYS F 313 -0.66 36.29 -18.48
N SER F 314 -0.31 35.49 -19.48
CA SER F 314 0.95 35.64 -20.18
C SER F 314 1.19 37.04 -20.73
N LYS F 315 2.46 37.41 -20.84
CA LYS F 315 2.86 38.67 -21.51
C LYS F 315 3.14 38.41 -22.99
N SER F 316 3.48 37.17 -23.34
CA SER F 316 3.72 36.78 -24.74
C SER F 316 3.55 35.27 -24.93
N LEU F 317 3.16 34.89 -26.13
CA LEU F 317 3.10 33.49 -26.51
C LEU F 317 3.61 33.38 -27.95
N LYS F 318 4.92 33.41 -28.08
CA LYS F 318 5.57 33.44 -29.39
C LYS F 318 5.88 32.03 -29.88
N LEU F 319 5.26 31.64 -30.98
CA LEU F 319 5.38 30.30 -31.52
C LEU F 319 6.31 30.36 -32.70
N ALA F 320 7.38 29.58 -32.65
CA ALA F 320 8.31 29.51 -33.76
C ALA F 320 7.67 28.76 -34.91
N THR F 321 7.78 29.34 -36.09
CA THR F 321 7.37 28.69 -37.32
C THR F 321 8.58 28.41 -38.21
N GLY F 322 9.48 29.38 -38.30
CA GLY F 322 10.68 29.23 -39.09
C GLY F 322 11.84 28.53 -38.38
N LEU F 323 13.05 28.84 -38.83
CA LEU F 323 14.26 28.13 -38.41
C LEU F 323 15.01 28.91 -37.36
N ARG F 324 15.94 28.26 -36.67
CA ARG F 324 16.95 28.99 -35.93
C ARG F 324 17.64 29.92 -36.91
N ASN F 325 17.79 31.18 -36.55
CA ASN F 325 18.43 32.18 -37.42
C ASN F 325 19.92 32.31 -37.09
N VAL F 326 20.77 31.69 -37.92
CA VAL F 326 22.23 31.72 -37.74
C VAL F 326 23.03 32.19 -39.00
N GLY F 344 26.30 27.52 -40.48
CA GLY F 344 25.16 28.43 -40.38
C GLY F 344 24.15 28.36 -41.53
N GLY F 345 23.32 29.39 -41.64
CA GLY F 345 22.28 29.47 -42.66
C GLY F 345 22.69 30.38 -43.79
N TRP F 346 21.89 30.39 -44.86
CA TRP F 346 22.19 31.17 -46.07
C TRP F 346 21.24 32.31 -46.28
N THR F 347 21.66 33.52 -45.90
CA THR F 347 20.87 34.72 -46.21
C THR F 347 20.53 34.76 -47.72
N GLY F 348 21.41 34.18 -48.54
CA GLY F 348 21.21 34.16 -49.97
C GLY F 348 20.09 33.27 -50.49
N MET F 349 19.55 32.35 -49.69
CA MET F 349 18.60 31.39 -50.27
C MET F 349 17.25 32.01 -50.67
N VAL F 350 16.52 32.59 -49.71
CA VAL F 350 15.33 33.44 -50.01
C VAL F 350 14.11 32.73 -50.63
N ASP F 351 14.33 31.78 -51.54
CA ASP F 351 13.27 31.02 -52.22
C ASP F 351 12.46 30.06 -51.32
N GLY F 352 13.08 29.51 -50.27
CA GLY F 352 12.44 28.53 -49.40
C GLY F 352 13.23 28.30 -48.11
N TRP F 353 12.94 27.21 -47.42
CA TRP F 353 13.53 26.97 -46.10
C TRP F 353 14.79 26.12 -46.19
N TYR F 354 14.69 25.07 -46.99
CA TYR F 354 15.81 24.17 -47.20
C TYR F 354 16.22 24.17 -48.68
N GLY F 355 17.50 23.93 -48.95
CA GLY F 355 17.93 23.84 -50.35
C GLY F 355 19.40 23.61 -50.60
N TYR F 356 19.84 24.03 -51.79
CA TYR F 356 21.15 23.68 -52.32
C TYR F 356 21.93 24.90 -52.80
N HIS F 357 23.26 24.80 -52.75
CA HIS F 357 24.14 25.72 -53.46
C HIS F 357 25.19 24.94 -54.25
N HIS F 358 25.24 25.17 -55.56
CA HIS F 358 26.12 24.43 -56.46
C HIS F 358 27.19 25.35 -57.07
N GLU F 359 28.31 24.75 -57.46
CA GLU F 359 29.34 25.47 -58.23
C GLU F 359 29.99 24.53 -59.26
N ASN F 360 29.96 24.94 -60.52
CA ASN F 360 30.55 24.19 -61.62
C ASN F 360 31.09 25.17 -62.67
N SER F 361 31.50 24.67 -63.83
CA SER F 361 32.01 25.53 -64.90
C SER F 361 30.94 26.48 -65.45
N GLN F 362 29.67 26.05 -65.48
CA GLN F 362 28.58 26.91 -65.94
C GLN F 362 28.19 28.05 -64.99
N GLY F 363 28.67 27.98 -63.74
CA GLY F 363 28.39 29.04 -62.76
C GLY F 363 28.02 28.50 -61.40
N SER F 364 27.16 29.25 -60.70
CA SER F 364 26.97 29.04 -59.25
C SER F 364 25.71 29.71 -58.78
N GLY F 365 25.17 29.28 -57.63
CA GLY F 365 23.91 29.84 -57.14
C GLY F 365 23.12 28.98 -56.16
N TYR F 366 22.13 29.62 -55.54
CA TYR F 366 21.25 29.00 -54.55
C TYR F 366 19.93 28.61 -55.18
N ALA F 367 19.34 27.52 -54.70
CA ALA F 367 18.02 27.07 -55.17
C ALA F 367 17.35 26.23 -54.09
N ALA F 368 16.16 26.66 -53.65
CA ALA F 368 15.44 25.95 -52.57
C ALA F 368 14.88 24.63 -53.08
N ASP F 369 14.83 23.64 -52.21
CA ASP F 369 14.19 22.35 -52.53
C ASP F 369 12.69 22.47 -52.25
N LYS F 370 11.88 22.46 -53.31
CA LYS F 370 10.45 22.76 -53.22
C LYS F 370 9.68 21.73 -52.39
N GLU F 371 9.95 20.46 -52.65
CA GLU F 371 9.22 19.36 -52.02
C GLU F 371 9.33 19.37 -50.49
N SER F 372 10.56 19.36 -49.98
CA SER F 372 10.80 19.30 -48.53
C SER F 372 10.39 20.61 -47.84
N THR F 373 10.57 21.74 -48.53
CA THR F 373 10.13 23.02 -48.01
C THR F 373 8.62 23.04 -47.85
N GLN F 374 7.88 22.56 -48.85
CA GLN F 374 6.43 22.57 -48.77
C GLN F 374 5.90 21.64 -47.69
N LYS F 375 6.50 20.46 -47.57
CA LYS F 375 6.10 19.52 -46.54
C LYS F 375 6.26 20.17 -45.15
N ALA F 376 7.35 20.90 -44.93
CA ALA F 376 7.56 21.59 -43.66
C ALA F 376 6.53 22.70 -43.47
N ILE F 377 6.29 23.49 -44.52
CA ILE F 377 5.24 24.51 -44.47
C ILE F 377 3.90 23.87 -44.09
N ASP F 378 3.54 22.75 -44.74
CA ASP F 378 2.24 22.10 -44.49
C ASP F 378 2.12 21.60 -43.05
N GLY F 379 3.18 21.00 -42.50
CA GLY F 379 3.19 20.53 -41.13
C GLY F 379 3.11 21.65 -40.10
N ILE F 380 3.89 22.70 -40.27
CA ILE F 380 3.88 23.82 -39.33
C ILE F 380 2.55 24.53 -39.40
N THR F 381 2.06 24.77 -40.61
CA THR F 381 0.75 25.38 -40.80
C THR F 381 -0.31 24.55 -40.07
N ASN F 382 -0.27 23.24 -40.25
CA ASN F 382 -1.22 22.35 -39.63
C ASN F 382 -1.10 22.40 -38.10
N LYS F 383 0.12 22.51 -37.60
CA LYS F 383 0.34 22.58 -36.17
C LYS F 383 -0.28 23.86 -35.61
N VAL F 384 0.01 24.98 -36.25
CA VAL F 384 -0.53 26.24 -35.81
C VAL F 384 -2.05 26.17 -35.80
N ASN F 385 -2.64 25.73 -36.89
CA ASN F 385 -4.08 25.66 -36.99
C ASN F 385 -4.65 24.71 -35.99
N SER F 386 -3.97 23.62 -35.71
CA SER F 386 -4.48 22.64 -34.76
C SER F 386 -4.50 23.24 -33.38
N ILE F 387 -3.45 23.97 -33.05
CA ILE F 387 -3.36 24.65 -31.78
C ILE F 387 -4.46 25.69 -31.68
N ILE F 388 -4.60 26.49 -32.72
CA ILE F 388 -5.67 27.47 -32.79
C ILE F 388 -7.04 26.80 -32.60
N ASP F 389 -7.25 25.69 -33.28
CA ASP F 389 -8.52 24.97 -33.23
C ASP F 389 -8.83 24.49 -31.83
N LYS F 390 -7.86 23.85 -31.19
CA LYS F 390 -8.08 23.27 -29.87
C LYS F 390 -8.17 24.31 -28.77
N MET F 391 -7.67 25.51 -29.05
CA MET F 391 -7.74 26.60 -28.10
C MET F 391 -8.95 27.48 -28.37
N ASN F 392 -9.86 27.05 -29.24
CA ASN F 392 -11.03 27.83 -29.61
C ASN F 392 -12.24 27.67 -28.70
N THR F 393 -12.01 27.74 -27.40
CA THR F 393 -13.08 27.85 -26.43
C THR F 393 -12.58 28.90 -25.43
N GLN F 394 -13.51 29.51 -24.72
CA GLN F 394 -13.12 30.43 -23.67
C GLN F 394 -13.88 30.11 -22.40
N PHE F 395 -13.17 30.14 -21.29
CA PHE F 395 -13.81 30.23 -20.00
C PHE F 395 -14.28 31.68 -19.85
N GLU F 396 -15.52 31.88 -19.39
CA GLU F 396 -16.08 33.23 -19.31
C GLU F 396 -16.36 33.64 -17.89
N ALA F 397 -15.55 34.56 -17.38
CA ALA F 397 -15.78 35.16 -16.06
C ALA F 397 -16.96 36.11 -16.20
N VAL F 398 -17.63 36.37 -15.10
CA VAL F 398 -18.84 37.18 -15.14
C VAL F 398 -18.75 38.18 -14.02
N GLU F 399 -19.45 39.28 -14.16
CA GLU F 399 -19.35 40.35 -13.25
C GLU F 399 -20.54 40.40 -12.31
N HIS F 400 -21.09 39.25 -11.95
CA HIS F 400 -22.20 39.28 -11.04
C HIS F 400 -21.72 39.82 -9.72
N GLU F 401 -22.61 40.44 -8.99
CA GLU F 401 -22.31 40.96 -7.67
C GLU F 401 -22.79 40.07 -6.53
N PHE F 402 -22.18 40.28 -5.36
CA PHE F 402 -22.49 39.54 -4.14
C PHE F 402 -22.61 40.49 -2.98
N SER F 403 -23.59 40.29 -2.11
CA SER F 403 -23.77 41.13 -0.95
C SER F 403 -22.76 40.84 0.14
N ASN F 404 -22.84 41.61 1.21
CA ASN F 404 -21.89 41.51 2.31
C ASN F 404 -22.16 40.22 3.08
N LEU F 405 -23.34 39.65 2.90
CA LEU F 405 -23.66 38.36 3.49
C LEU F 405 -23.47 37.19 2.51
N GLU F 406 -22.64 37.36 1.49
CA GLU F 406 -22.43 36.33 0.49
C GLU F 406 -20.96 36.22 0.20
N LYS F 407 -20.15 36.34 1.24
CA LYS F 407 -18.72 36.23 1.04
C LYS F 407 -18.33 34.87 0.59
N ARG F 408 -18.99 33.86 1.12
CA ARG F 408 -18.58 32.48 0.78
C ARG F 408 -18.79 32.21 -0.69
N ILE F 409 -19.98 32.52 -1.22
CA ILE F 409 -20.16 32.28 -2.68
C ILE F 409 -19.32 33.24 -3.51
N SER F 410 -19.11 34.45 -3.04
CA SER F 410 -18.23 35.37 -3.76
C SER F 410 -16.86 34.78 -3.84
N ASN F 411 -16.37 34.21 -2.75
CA ASN F 411 -15.03 33.64 -2.76
C ASN F 411 -15.00 32.39 -3.62
N LEU F 412 -16.10 31.66 -3.61
CA LEU F 412 -16.22 30.48 -4.46
C LEU F 412 -16.13 30.87 -5.95
N ASN F 413 -16.82 31.91 -6.34
CA ASN F 413 -16.68 32.41 -7.71
C ASN F 413 -15.29 32.88 -8.03
N LYS F 414 -14.67 33.60 -7.13
CA LYS F 414 -13.30 34.07 -7.38
C LYS F 414 -12.30 32.91 -7.53
N ARG F 415 -12.36 31.91 -6.65
CA ARG F 415 -11.38 30.81 -6.71
C ARG F 415 -11.57 30.02 -7.98
N MET F 416 -12.82 29.85 -8.35
CA MET F 416 -13.08 29.18 -9.60
C MET F 416 -12.55 29.93 -10.85
N GLU F 417 -12.88 31.21 -10.96
CA GLU F 417 -12.37 32.01 -12.07
C GLU F 417 -10.85 32.05 -12.11
N ASP F 418 -10.19 32.26 -10.98
CA ASP F 418 -8.72 32.18 -10.96
C ASP F 418 -8.21 30.78 -11.27
N GLY F 419 -8.94 29.78 -10.79
CA GLY F 419 -8.59 28.40 -11.06
C GLY F 419 -8.48 28.13 -12.55
N PHE F 420 -9.48 28.52 -13.33
CA PHE F 420 -9.42 28.18 -14.73
C PHE F 420 -8.37 29.00 -15.44
N LEU F 421 -8.19 30.23 -14.97
CA LEU F 421 -7.23 31.14 -15.57
C LEU F 421 -5.87 30.50 -15.42
N ASP F 422 -5.60 29.95 -14.25
CA ASP F 422 -4.32 29.33 -14.05
C ASP F 422 -4.16 28.10 -14.88
N VAL F 423 -5.21 27.29 -15.04
CA VAL F 423 -5.00 26.11 -15.88
C VAL F 423 -4.82 26.48 -17.34
N TRP F 424 -5.58 27.42 -17.85
CA TRP F 424 -5.39 27.82 -19.25
C TRP F 424 -4.09 28.56 -19.53
N THR F 425 -3.62 29.37 -18.59
CA THR F 425 -2.34 30.01 -18.75
C THR F 425 -1.26 28.94 -18.83
N TYR F 426 -1.27 28.00 -17.90
CA TYR F 426 -0.29 26.91 -17.89
C TYR F 426 -0.33 26.15 -19.18
N ASN F 427 -1.51 25.73 -19.60
CA ASN F 427 -1.59 24.97 -20.82
C ASN F 427 -0.99 25.71 -22.01
N ALA F 428 -1.25 27.00 -22.09
CA ALA F 428 -0.81 27.75 -23.24
C ALA F 428 0.70 27.91 -23.20
N GLU F 429 1.21 28.34 -22.06
CA GLU F 429 2.64 28.60 -21.95
C GLU F 429 3.46 27.33 -22.17
N LEU F 430 3.04 26.24 -21.57
CA LEU F 430 3.81 25.01 -21.65
C LEU F 430 3.78 24.46 -23.05
N LEU F 431 2.65 24.57 -23.72
CA LEU F 431 2.51 24.04 -25.06
C LEU F 431 3.43 24.79 -26.01
N VAL F 432 3.53 26.11 -25.83
CA VAL F 432 4.42 26.91 -26.66
C VAL F 432 5.89 26.50 -26.47
N LEU F 433 6.32 26.37 -25.23
CA LEU F 433 7.70 25.96 -24.98
C LEU F 433 8.00 24.62 -25.63
N LEU F 434 7.07 23.67 -25.49
CA LEU F 434 7.33 22.30 -25.92
C LEU F 434 7.31 22.20 -27.42
N GLU F 435 6.33 22.83 -28.05
CA GLU F 435 6.23 22.72 -29.48
C GLU F 435 7.26 23.59 -30.21
N ASN F 436 7.75 24.65 -29.58
CA ASN F 436 8.88 25.36 -30.14
C ASN F 436 10.11 24.46 -30.27
N GLU F 437 10.38 23.64 -29.25
CA GLU F 437 11.51 22.75 -29.30
C GLU F 437 11.32 21.74 -30.40
N ARG F 438 10.10 21.24 -30.56
CA ARG F 438 9.84 20.27 -31.61
C ARG F 438 9.96 20.87 -32.97
N THR F 439 9.42 22.06 -33.13
CA THR F 439 9.46 22.71 -34.42
C THR F 439 10.88 22.94 -34.91
N LEU F 440 11.74 23.43 -34.04
CA LEU F 440 13.14 23.67 -34.39
C LEU F 440 13.90 22.38 -34.63
N ASP F 441 13.54 21.32 -33.91
CA ASP F 441 14.13 20.02 -34.17
C ASP F 441 13.71 19.48 -35.53
N MET F 442 12.45 19.66 -35.91
CA MET F 442 11.96 19.18 -37.21
C MET F 442 12.87 19.78 -38.31
N HIS F 443 13.13 21.08 -38.22
CA HIS F 443 13.96 21.74 -39.23
C HIS F 443 15.33 21.10 -39.36
N ASP F 444 16.01 20.91 -38.22
CA ASP F 444 17.31 20.21 -38.21
C ASP F 444 17.23 18.88 -38.95
N ALA F 445 16.20 18.10 -38.65
CA ALA F 445 16.06 16.78 -39.24
C ALA F 445 15.84 16.88 -40.75
N ASN F 446 15.07 17.87 -41.17
CA ASN F 446 14.78 18.03 -42.60
C ASN F 446 16.03 18.33 -43.40
N VAL F 447 16.83 19.25 -42.89
CA VAL F 447 18.12 19.58 -43.50
C VAL F 447 19.01 18.34 -43.59
N LYS F 448 19.11 17.61 -42.49
CA LYS F 448 19.92 16.41 -42.45
C LYS F 448 19.44 15.36 -43.45
N ASN F 449 18.14 15.24 -43.61
CA ASN F 449 17.58 14.28 -44.58
C ASN F 449 18.09 14.53 -46.00
N LEU F 450 18.04 15.79 -46.42
CA LEU F 450 18.51 16.15 -47.75
C LEU F 450 19.99 15.84 -47.95
N HIS F 451 20.78 16.19 -46.96
CA HIS F 451 22.20 15.95 -46.99
C HIS F 451 22.51 14.46 -47.11
N GLU F 452 21.78 13.61 -46.37
CA GLU F 452 21.99 12.16 -46.52
C GLU F 452 21.53 11.65 -47.88
N LYS F 453 20.45 12.19 -48.44
CA LYS F 453 19.97 11.71 -49.74
C LYS F 453 21.02 11.93 -50.83
N VAL F 454 21.74 13.05 -50.70
CA VAL F 454 22.86 13.35 -51.57
C VAL F 454 24.05 12.42 -51.27
N LYS F 455 24.42 12.25 -50.00
CA LYS F 455 25.50 11.33 -49.65
C LYS F 455 25.33 9.96 -50.26
N SER F 456 24.18 9.32 -50.01
CA SER F 456 23.91 7.94 -50.50
C SER F 456 24.06 7.83 -52.02
N GLN F 457 23.75 8.90 -52.75
CA GLN F 457 23.83 8.85 -54.21
C GLN F 457 25.26 8.85 -54.73
N LEU F 458 26.07 9.79 -54.25
CA LEU F 458 27.41 10.04 -54.76
C LEU F 458 28.46 9.04 -54.30
N ARG F 459 28.19 8.36 -53.20
CA ARG F 459 29.16 7.42 -52.62
C ARG F 459 30.57 8.04 -52.61
N ASP F 460 31.55 7.40 -53.26
CA ASP F 460 32.93 7.91 -53.28
C ASP F 460 33.34 8.60 -54.61
N ASN F 461 32.36 9.14 -55.34
CA ASN F 461 32.63 10.10 -56.43
C ASN F 461 32.63 11.53 -55.96
N ALA F 462 32.45 11.72 -54.65
CA ALA F 462 32.61 13.02 -54.04
C ALA F 462 33.19 12.88 -52.62
N LYS F 463 33.79 13.96 -52.12
CA LYS F 463 34.30 14.05 -50.72
C LYS F 463 33.32 14.77 -49.82
N ASP F 464 33.10 14.21 -48.63
CA ASP F 464 32.17 14.81 -47.68
C ASP F 464 32.60 16.22 -47.22
N LEU F 465 33.84 16.36 -46.79
CA LEU F 465 34.38 17.53 -46.06
C LEU F 465 33.73 17.91 -44.69
N GLY F 466 32.74 17.14 -44.23
CA GLY F 466 32.16 17.31 -42.86
C GLY F 466 31.60 18.69 -42.58
N ASN F 467 30.94 19.26 -43.58
CA ASN F 467 30.64 20.69 -43.57
C ASN F 467 29.36 21.06 -44.33
N GLY F 468 28.64 20.05 -44.82
CA GLY F 468 27.39 20.27 -45.55
C GLY F 468 27.57 20.18 -47.05
N CYS F 469 28.81 20.37 -47.50
CA CYS F 469 29.10 20.42 -48.92
C CYS F 469 29.80 19.16 -49.36
N PHE F 470 29.78 18.93 -50.69
CA PHE F 470 30.46 17.80 -51.30
C PHE F 470 31.34 18.26 -52.45
N GLU F 471 32.65 18.03 -52.35
CA GLU F 471 33.54 18.28 -53.48
C GLU F 471 33.54 17.06 -54.42
N PHE F 472 33.02 17.26 -55.63
CA PHE F 472 33.00 16.22 -56.65
C PHE F 472 34.39 15.82 -57.11
N TRP F 473 34.62 14.50 -57.21
CA TRP F 473 35.85 13.98 -57.79
C TRP F 473 35.81 14.03 -59.34
N HIS F 474 34.75 14.62 -59.89
CA HIS F 474 34.62 14.79 -61.32
C HIS F 474 33.94 16.11 -61.66
N LYS F 475 33.78 16.35 -62.96
CA LYS F 475 33.04 17.47 -63.50
C LYS F 475 31.52 17.19 -63.43
N CYS F 476 30.76 18.11 -62.81
CA CYS F 476 29.30 17.97 -62.67
C CYS F 476 28.54 19.16 -63.27
N ASP F 477 28.08 18.96 -64.49
CA ASP F 477 27.31 19.91 -65.30
C ASP F 477 25.98 20.31 -64.69
N ASN F 478 25.33 21.32 -65.25
CA ASN F 478 23.99 21.73 -64.81
C ASN F 478 22.92 20.66 -65.00
N GLU F 479 23.23 19.57 -65.68
CA GLU F 479 22.31 18.45 -65.81
C GLU F 479 22.67 17.34 -64.82
N CYS F 480 23.96 17.23 -64.50
CA CYS F 480 24.43 16.35 -63.44
C CYS F 480 23.87 16.82 -62.10
N ILE F 481 23.83 18.15 -61.89
CA ILE F 481 23.39 18.71 -60.60
C ILE F 481 21.89 18.55 -60.40
N ASN F 482 21.11 18.81 -61.46
CA ASN F 482 19.66 18.60 -61.45
C ASN F 482 19.31 17.11 -61.39
N SER F 483 20.24 16.28 -61.85
CA SER F 483 20.14 14.85 -61.66
C SER F 483 20.25 14.46 -60.16
N VAL F 484 20.92 15.28 -59.36
CA VAL F 484 20.95 15.09 -57.90
C VAL F 484 19.65 15.55 -57.26
N LYS F 485 19.15 16.72 -57.68
CA LYS F 485 17.99 17.34 -57.06
C LYS F 485 16.69 16.54 -57.27
N ASN F 486 16.64 15.69 -58.30
CA ASN F 486 15.50 14.78 -58.50
C ASN F 486 15.80 13.33 -58.05
N GLY F 487 17.03 13.09 -57.60
CA GLY F 487 17.44 11.79 -57.02
C GLY F 487 17.90 10.68 -57.97
N THR F 488 18.33 11.04 -59.18
CA THR F 488 18.70 10.02 -60.24
C THR F 488 20.09 10.09 -60.94
N TYR F 489 21.04 9.13 -60.67
CA TYR F 489 22.39 8.91 -61.45
C TYR F 489 22.91 7.64 -62.23
N ASN F 490 23.64 6.75 -61.51
CA ASN F 490 24.75 5.78 -61.98
C ASN F 490 26.21 6.17 -61.49
N TYR F 491 26.63 5.55 -60.39
CA TYR F 491 27.90 5.85 -59.68
C TYR F 491 29.21 5.42 -60.36
N PRO F 492 29.34 4.14 -60.75
CA PRO F 492 30.66 3.66 -61.23
C PRO F 492 31.37 4.55 -62.28
N LYS F 493 30.59 5.30 -63.07
CA LYS F 493 31.14 6.19 -64.16
C LYS F 493 32.55 6.86 -64.08
N TYR F 494 32.74 7.68 -63.05
CA TYR F 494 33.97 8.50 -62.92
C TYR F 494 34.81 8.21 -61.65
N GLN F 495 34.69 7.03 -61.03
CA GLN F 495 35.50 6.74 -59.84
C GLN F 495 37.03 7.03 -60.01
N GLU F 496 37.53 6.86 -61.23
CA GLU F 496 38.99 6.83 -61.49
C GLU F 496 39.77 8.11 -61.11
N GLU F 497 39.34 9.28 -61.59
CA GLU F 497 40.12 10.54 -61.34
C GLU F 497 40.44 10.71 -59.88
N SER F 498 39.54 10.26 -59.02
CA SER F 498 39.76 10.31 -57.57
C SER F 498 40.98 9.52 -57.07
N ARG F 499 40.94 8.22 -57.31
CA ARG F 499 41.95 7.28 -56.83
C ARG F 499 43.35 7.66 -57.26
N LEU F 500 43.48 8.29 -58.42
CA LEU F 500 44.80 8.66 -58.90
C LEU F 500 45.51 9.63 -57.98
N ASN F 501 44.80 10.64 -57.48
CA ASN F 501 45.43 11.64 -56.63
C ASN F 501 45.94 11.06 -55.32
N ARG F 502 47.16 10.56 -55.38
CA ARG F 502 47.93 10.13 -54.25
C ARG F 502 49.41 10.20 -54.57
C1 NAG G . 29.33 -8.29 9.94
C2 NAG G . 29.27 -7.76 11.40
C3 NAG G . 30.23 -6.59 11.63
C4 NAG G . 31.61 -6.79 11.00
C5 NAG G . 31.59 -7.48 9.64
C6 NAG G . 33.03 -7.88 9.26
C7 NAG G . 27.56 -7.74 13.18
C8 NAG G . 26.21 -7.28 13.69
N2 NAG G . 27.95 -7.37 11.93
O3 NAG G . 30.42 -6.42 13.02
O4 NAG G . 32.19 -5.51 10.85
O5 NAG G . 30.69 -8.60 9.65
O6 NAG G . 33.14 -8.73 8.14
O7 NAG G . 28.24 -8.44 13.92
C1 NAG G . 33.51 -5.44 11.46
C2 NAG G . 34.22 -4.23 10.86
C3 NAG G . 35.57 -4.02 11.54
C4 NAG G . 35.41 -3.96 13.06
C5 NAG G . 34.67 -5.21 13.55
C6 NAG G . 34.37 -5.19 15.06
C7 NAG G . 33.50 -3.83 8.54
C8 NAG G . 33.63 -4.18 7.06
N2 NAG G . 34.29 -4.46 9.42
O3 NAG G . 36.06 -2.78 11.13
O4 NAG G . 36.66 -3.76 13.73
O5 NAG G . 33.44 -5.35 12.87
O6 NAG G . 33.08 -4.70 15.32
O7 NAG G . 32.67 -2.98 8.87
C1 NAG H . 23.42 -44.39 19.93
C2 NAG H . 22.28 -45.13 20.69
C3 NAG H . 22.81 -46.37 21.42
C4 NAG H . 23.80 -47.20 20.60
C5 NAG H . 24.80 -46.28 19.90
C6 NAG H . 25.95 -46.95 19.12
C7 NAG H . 20.21 -44.17 21.70
C8 NAG H . 19.63 -43.32 22.81
N2 NAG H . 21.55 -44.33 21.68
O3 NAG H . 21.63 -47.08 21.75
O4 NAG H . 24.55 -48.09 21.42
O5 NAG H . 24.04 -45.37 19.10
O6 NAG H . 25.61 -47.17 17.78
O7 NAG H . 19.44 -44.66 20.88
C1 NAG H . 24.58 -49.42 20.86
C2 NAG H . 25.70 -50.22 21.55
C3 NAG H . 25.59 -51.74 21.33
C4 NAG H . 24.27 -52.27 20.70
C5 NAG H . 23.26 -51.22 20.21
C6 NAG H . 21.80 -51.72 20.21
C7 NAG H . 27.69 -48.80 21.69
C8 NAG H . 29.01 -48.39 21.08
N2 NAG H . 26.99 -49.76 21.07
O3 NAG H . 25.87 -52.39 22.56
O4 NAG H . 24.59 -53.09 19.59
O5 NAG H . 23.36 -50.07 21.02
O6 NAG H . 21.24 -51.73 21.50
O7 NAG H . 27.29 -48.26 22.71
C1 NAG I . 10.49 -47.61 -8.85
C2 NAG I . 10.17 -47.58 -10.34
C3 NAG I . 11.05 -48.61 -11.07
C4 NAG I . 12.53 -48.59 -10.63
C5 NAG I . 12.66 -48.41 -9.12
C6 NAG I . 14.08 -48.10 -8.64
C7 NAG I . 7.98 -46.99 -11.29
C8 NAG I . 6.53 -47.34 -11.46
N2 NAG I . 8.74 -47.81 -10.56
O3 NAG I . 10.91 -48.41 -12.46
O4 NAG I . 13.20 -49.80 -10.93
O5 NAG I . 11.85 -47.33 -8.72
O6 NAG I . 14.03 -47.16 -7.58
O7 NAG I . 8.43 -45.97 -11.83
C1 NAG I . 13.64 -49.98 -12.30
C2 NAG I . 14.63 -51.16 -12.36
C3 NAG I . 14.96 -51.49 -13.82
C4 NAG I . 13.69 -51.71 -14.63
C5 NAG I . 12.66 -50.57 -14.48
C6 NAG I . 11.29 -51.00 -15.02
C7 NAG I . 16.36 -51.58 -10.57
C8 NAG I . 17.63 -51.09 -9.93
N2 NAG I . 15.86 -50.86 -11.61
O3 NAG I . 15.78 -52.64 -13.95
O4 NAG I . 14.08 -51.83 -15.96
O5 NAG I . 12.51 -50.19 -13.12
O6 NAG I . 10.29 -50.00 -14.85
O7 NAG I . 15.83 -52.58 -10.10
C1 NAG J . -0.43 42.14 -21.45
C2 NAG J . -0.49 43.05 -20.21
C3 NAG J . 0.05 44.44 -20.58
C4 NAG J . 1.43 44.32 -21.21
C5 NAG J . 1.35 43.34 -22.39
C6 NAG J . 2.62 43.23 -23.28
C7 NAG J . -2.20 43.24 -18.38
C8 NAG J . -3.65 43.49 -18.09
N2 NAG J . -1.84 43.24 -19.68
O3 NAG J . 0.10 45.26 -19.45
O4 NAG J . 1.73 45.62 -21.66
O5 NAG J . 0.91 42.06 -21.91
O6 NAG J . 3.30 41.99 -23.21
O7 NAG J . -1.42 43.06 -17.43
C1 NAG J . 3.11 45.98 -21.42
C2 NAG J . 3.51 46.99 -22.51
C3 NAG J . 4.78 47.77 -22.15
C4 NAG J . 4.62 48.39 -20.76
C5 NAG J . 4.27 47.32 -19.71
C6 NAG J . 3.78 47.99 -18.43
C7 NAG J . 2.86 46.38 -24.84
C8 NAG J . 3.32 45.78 -26.15
N2 NAG J . 3.76 46.43 -23.84
O3 NAG J . 5.04 48.70 -23.19
O4 NAG J . 5.82 49.03 -20.38
O5 NAG J . 3.21 46.46 -20.08
O6 NAG J . 2.43 48.36 -18.61
O7 NAG J . 1.69 46.77 -24.74
C1 NAG K . 22.34 -7.97 -8.60
C2 NAG K . 20.95 -8.46 -8.11
C3 NAG K . 20.46 -9.52 -9.10
C4 NAG K . 20.34 -8.86 -10.48
C5 NAG K . 21.73 -8.36 -10.86
C6 NAG K . 21.75 -7.79 -12.29
C7 NAG K . 19.93 -9.10 -5.88
C8 NAG K . 20.24 -9.59 -4.50
N2 NAG K . 20.99 -8.93 -6.71
O3 NAG K . 19.18 -10.00 -8.73
O4 NAG K . 19.78 -9.71 -11.46
O5 NAG K . 22.18 -7.40 -9.90
O6 NAG K . 22.42 -8.68 -13.16
O7 NAG K . 18.76 -8.90 -6.17
C1 NAG L . 28.35 -54.17 5.91
C2 NAG L . 28.23 -54.25 7.45
C3 NAG L . 27.72 -55.61 7.94
C4 NAG L . 26.34 -55.81 7.34
C5 NAG L . 26.53 -55.95 5.83
C6 NAG L . 25.15 -56.11 5.20
C7 NAG L . 29.67 -52.77 8.86
C8 NAG L . 31.00 -52.57 9.55
N2 NAG L . 29.48 -53.91 8.16
O3 NAG L . 27.64 -55.70 9.34
O4 NAG L . 25.67 -56.93 7.92
O5 NAG L . 27.29 -54.87 5.24
O6 NAG L . 25.19 -56.03 3.79
O7 NAG L . 28.84 -51.85 8.97
C1 NAG M . 15.49 -45.94 -28.41
C2 NAG M . 14.09 -46.04 -27.74
C3 NAG M . 13.89 -47.38 -27.01
C4 NAG M . 14.09 -48.51 -28.03
C5 NAG M . 15.56 -48.51 -28.46
C6 NAG M . 15.75 -49.66 -29.49
C7 NAG M . 12.59 -44.66 -26.25
C8 NAG M . 12.47 -43.38 -25.47
N2 NAG M . 13.76 -44.87 -26.91
O3 NAG M . 12.60 -47.51 -26.43
O4 NAG M . 13.68 -49.79 -27.56
O5 NAG M . 16.02 -47.20 -28.89
O6 NAG M . 16.67 -49.45 -30.54
O7 NAG M . 11.64 -45.45 -26.22
C1 NAG N . 17.57 -25.05 -21.45
C2 NAG N . 17.58 -23.52 -21.78
C3 NAG N . 16.25 -22.80 -21.51
C4 NAG N . 15.04 -23.56 -22.04
C5 NAG N . 15.13 -25.06 -21.71
C6 NAG N . 13.98 -25.75 -22.43
C7 NAG N . 19.89 -22.64 -21.60
C8 NAG N . 20.85 -21.83 -20.78
N2 NAG N . 18.64 -22.79 -21.11
O3 NAG N . 16.21 -21.52 -22.09
O4 NAG N . 13.85 -22.98 -21.53
O5 NAG N . 16.42 -25.63 -22.05
O6 NAG N . 14.08 -27.14 -22.31
O7 NAG N . 20.27 -23.11 -22.68
C1 NAG O . 5.08 -29.74 -9.60
C2 NAG O . 4.85 -29.86 -11.12
C3 NAG O . 3.88 -28.83 -11.77
C4 NAG O . 2.66 -28.65 -10.85
C5 NAG O . 3.18 -28.34 -9.44
C6 NAG O . 2.17 -28.04 -8.36
C7 NAG O . 6.16 -30.54 -13.06
C8 NAG O . 7.47 -30.65 -13.79
N2 NAG O . 6.12 -29.96 -11.85
O3 NAG O . 3.46 -29.19 -13.09
O4 NAG O . 1.78 -27.65 -11.28
O5 NAG O . 3.81 -29.51 -9.02
O6 NAG O . 2.68 -26.98 -7.62
O7 NAG O . 5.14 -30.98 -13.61
C1 NAG P . -20.95 11.22 -29.61
C2 NAG P . -21.36 10.53 -30.93
C3 NAG P . -22.47 11.26 -31.75
C4 NAG P . -23.20 12.44 -31.09
C5 NAG P . -22.45 12.95 -29.85
C6 NAG P . -23.13 14.03 -29.02
C7 NAG P . -20.06 9.78 -32.94
C8 NAG P . -18.70 9.52 -33.50
N2 NAG P . -20.13 10.23 -31.68
O3 NAG P . -23.43 10.32 -32.16
O4 NAG P . -23.33 13.49 -32.03
O5 NAG P . -22.19 11.76 -29.14
O6 NAG P . -23.86 13.42 -27.99
O7 NAG P . -21.07 9.57 -33.62
C1 NAG Q . -10.63 14.24 -43.42
C2 NAG Q . -10.72 15.49 -44.29
C3 NAG Q . -12.12 16.11 -44.18
C4 NAG Q . -13.19 15.06 -44.50
C5 NAG Q . -13.02 13.77 -43.70
C6 NAG Q . -13.86 12.66 -44.34
C7 NAG Q . -8.91 17.11 -44.86
C8 NAG Q . -7.77 17.94 -44.36
N2 NAG Q . -9.59 16.37 -43.97
O3 NAG Q . -12.24 17.19 -45.08
O4 NAG Q . -14.50 15.59 -44.34
O5 NAG Q . -11.68 13.31 -43.69
O6 NAG Q . -14.42 11.85 -43.33
O7 NAG Q . -9.19 17.14 -46.05
C1 NAG R . 7.84 -2.02 -11.56
C2 NAG R . 6.85 -2.35 -10.42
C3 NAG R . 6.67 -3.87 -10.12
C4 NAG R . 7.12 -4.86 -11.20
C5 NAG R . 7.92 -4.22 -12.34
C6 NAG R . 7.81 -5.00 -13.65
C7 NAG R . 6.53 -0.62 -8.68
C8 NAG R . 7.05 0.04 -7.43
N2 NAG R . 7.24 -1.63 -9.21
O3 NAG R . 5.32 -4.20 -9.85
O4 NAG R . 7.85 -5.90 -10.58
O5 NAG R . 7.42 -2.93 -12.58
O6 NAG R . 8.12 -6.35 -13.43
O7 NAG R . 5.48 -0.19 -9.18
C1 NAG S . 16.02 25.97 -1.81
C2 NAG S . 17.07 27.09 -1.89
C3 NAG S . 17.94 27.13 -0.62
C4 NAG S . 17.07 27.13 0.65
C5 NAG S . 15.91 26.12 0.54
C6 NAG S . 14.95 26.23 1.73
C7 NAG S . 17.41 27.12 -4.35
C8 NAG S . 18.38 26.95 -5.49
N2 NAG S . 17.89 26.96 -3.11
O3 NAG S . 18.80 28.25 -0.59
O4 NAG S . 17.87 26.85 1.79
O5 NAG S . 15.25 26.39 -0.69
O6 NAG S . 13.77 25.45 1.54
O7 NAG S . 16.23 27.40 -4.57
#